data_4QQY
#
_entry.id   4QQY
#
_cell.length_a   87.206
_cell.length_b   222.607
_cell.length_c   124.847
_cell.angle_alpha   90.000
_cell.angle_beta   104.070
_cell.angle_gamma   90.000
#
_symmetry.space_group_name_H-M   'P 1 21 1'
#
loop_
_entity.id
_entity.type
_entity.pdbx_description
1 polymer 'CRISPR-associated helicase, Cas3 family'
2 polymer 'HD nuclease'
3 non-polymer 'FE (III) ION'
4 non-polymer "ADENOSINE-5'-DIPHOSPHATE"
#
loop_
_entity_poly.entity_id
_entity_poly.type
_entity_poly.pdbx_seq_one_letter_code
_entity_poly.pdbx_strand_id
1 'polypeptide(L)'
;MGSSHHHHHHSSGLVPRGSHMPEHDSTDDKHGIPPLDLRFWAKERGLRGKTYPLVCHSLDAAAAALVLWNEYLSPGLRDT
IASSMETDEEHAGHCIAFWAGLHDIGKLTREFQQQIAIDLSAYPGEELSGEQRSHAAATGKWLPFALPSLGYPNGGLVTG
LVAQMLGGHHGTFHPHPSFQSRNPLAEFGFSSPHWEKQRHALLHAVFDATGRPTPPDMLDGPTASVVCGLVILADWLVSQ
EDFLLERLTSLPADGSASALRAHFETSLRRIPSLLDAAGLRPITVPPATFTESFPHLSKPNGLQASLAKHLPCLCTGPGL
VLITAPMGEGKTEAAYHVADLLGKATGRPGRFLALPTMATADQMHTRLKEYARYRVENTDLPRSSTLALLHSMAWLNPDY
APADLPGVSKVLSNLGHRDPFAATDWLMGRKRGLLAPWAVGTIDQALMAVLRAKHNALRLFGLAGKVVVVDEAHAVDPYM
QVLLEQLLRWLGTLDVPVVLLSATLHHSIANSLVKAYLEGARGRRWNRSEPQPVSEVSYPGWLHVDARIGKVTRSSDVDP
LPIATTPRKPLEVRLVDVPVKEGALNRSTVLAKELTPLVKQGGCAAIICTTVAEAQGVYDLLSQWFATLGEDAPDLYLLH
SRFPNRQRTEITATIVDLFGKEGAQSGRRPTRGAVLVATQVVEQSLDLDVDLMISDLAPVSLLLQRAGRCWRHEHLGIIN
RPQWAKQPELVVLTPEQNGDADRAPWFPRSWTSVYPLALLQRTYTLLRRRNGAPVQIPEDVQQLVDDVYDDDSLAEDLEA
DMERMGEELAQRGLARNAVIPDPDDAEDNLNGLTEFSFDVDEHVLATRFGAGSVRVLCYYVDTAGNRWLDPECTVEFPEQ
GTGREGRFTMADCRDLVARTIPVRMGPWASQLTEDNHPPEAWRESFYLRDLVLIPQRVTDEGAVLPTETGGREWLLDPCK
GLIF
;
A,C,E,G
2 'polydeoxyribonucleotide' (DA)(DA)(DA)(DA)(DA)(DA)(DA)(DA)(DA)(DA)(DA)(DA) B,D,F,H
#
# COMPACT_ATOMS: atom_id res chain seq x y z
N PRO A 34 -51.77 -5.76 -1.98
CA PRO A 34 -52.54 -5.16 -3.08
C PRO A 34 -52.34 -5.96 -4.35
N PRO A 35 -53.43 -6.51 -4.92
CA PRO A 35 -53.31 -7.32 -6.14
C PRO A 35 -52.57 -6.53 -7.22
N LEU A 36 -51.72 -7.20 -8.00
CA LEU A 36 -50.90 -6.44 -8.93
C LEU A 36 -51.66 -6.06 -10.20
N ASP A 37 -51.34 -4.88 -10.70
CA ASP A 37 -51.93 -4.29 -11.90
C ASP A 37 -51.11 -4.64 -13.15
N LEU A 38 -51.78 -5.03 -14.23
CA LEU A 38 -51.09 -5.40 -15.46
C LEU A 38 -50.99 -4.25 -16.47
N ARG A 39 -51.31 -3.04 -16.02
CA ARG A 39 -51.26 -1.92 -16.94
C ARG A 39 -49.83 -1.49 -17.22
N PHE A 40 -48.91 -1.84 -16.31
CA PHE A 40 -47.49 -1.52 -16.45
C PHE A 40 -46.78 -2.43 -17.45
N TRP A 41 -45.97 -1.84 -18.32
CA TRP A 41 -45.42 -2.60 -19.43
C TRP A 41 -43.91 -2.77 -19.35
N ALA A 42 -43.39 -3.66 -20.18
CA ALA A 42 -41.98 -3.87 -20.28
C ALA A 42 -41.49 -3.74 -21.70
N LYS A 43 -42.30 -4.20 -22.63
CA LYS A 43 -41.93 -4.16 -24.03
C LYS A 43 -43.03 -3.53 -24.87
N GLU A 44 -42.64 -2.62 -25.75
CA GLU A 44 -43.60 -1.99 -26.63
C GLU A 44 -43.24 -2.19 -28.08
N ARG A 45 -41.95 -2.03 -28.35
CA ARG A 45 -41.46 -2.02 -29.71
C ARG A 45 -41.63 -3.33 -30.42
N GLY A 46 -42.01 -3.23 -31.68
CA GLY A 46 -42.03 -4.35 -32.56
C GLY A 46 -43.27 -5.19 -32.36
N LEU A 47 -44.13 -4.74 -31.46
CA LEU A 47 -45.30 -5.51 -31.11
C LEU A 47 -46.54 -5.05 -31.84
N ARG A 48 -46.35 -4.08 -32.72
CA ARG A 48 -47.45 -3.59 -33.55
C ARG A 48 -48.66 -3.15 -32.73
N GLY A 49 -48.48 -2.10 -31.94
CA GLY A 49 -49.59 -1.53 -31.19
C GLY A 49 -50.07 -2.34 -30.00
N LYS A 50 -49.35 -3.40 -29.65
CA LYS A 50 -49.67 -4.14 -28.44
C LYS A 50 -48.57 -3.88 -27.41
N THR A 51 -48.85 -4.21 -26.15
CA THR A 51 -47.84 -4.12 -25.08
C THR A 51 -47.74 -5.42 -24.31
N TYR A 52 -46.52 -5.74 -23.85
CA TYR A 52 -46.28 -6.93 -23.01
C TYR A 52 -46.10 -6.45 -21.59
N PRO A 53 -46.80 -7.07 -20.64
CA PRO A 53 -46.78 -6.59 -19.25
C PRO A 53 -45.44 -6.82 -18.52
N LEU A 54 -45.10 -5.87 -17.66
CA LEU A 54 -43.84 -5.92 -16.94
C LEU A 54 -43.71 -7.20 -16.13
N VAL A 55 -44.82 -7.78 -15.71
CA VAL A 55 -44.77 -9.02 -14.93
C VAL A 55 -44.50 -10.18 -15.84
N CYS A 56 -45.08 -10.13 -17.03
CA CYS A 56 -44.92 -11.23 -17.93
C CYS A 56 -43.46 -11.30 -18.38
N HIS A 57 -42.84 -10.14 -18.66
CA HIS A 57 -41.38 -10.13 -18.88
C HIS A 57 -40.67 -10.62 -17.61
N SER A 58 -41.00 -10.02 -16.48
CA SER A 58 -40.34 -10.37 -15.24
C SER A 58 -40.33 -11.84 -14.98
N LEU A 59 -41.44 -12.52 -15.24
CA LEU A 59 -41.51 -13.95 -14.98
C LEU A 59 -40.70 -14.72 -16.00
N ASP A 60 -40.86 -14.34 -17.26
CA ASP A 60 -40.11 -14.93 -18.37
C ASP A 60 -38.61 -14.99 -18.11
N ALA A 61 -38.03 -13.84 -17.76
CA ALA A 61 -36.62 -13.74 -17.39
C ALA A 61 -36.22 -14.67 -16.24
N ALA A 62 -37.11 -14.91 -15.30
CA ALA A 62 -36.81 -15.80 -14.18
C ALA A 62 -36.96 -17.25 -14.61
N ALA A 63 -37.88 -17.47 -15.55
CA ALA A 63 -38.08 -18.79 -16.11
C ALA A 63 -36.84 -19.15 -16.90
N ALA A 64 -36.33 -18.16 -17.61
CA ALA A 64 -35.19 -18.33 -18.51
C ALA A 64 -33.93 -18.67 -17.73
N ALA A 65 -33.72 -17.99 -16.61
CA ALA A 65 -32.48 -18.19 -15.85
C ALA A 65 -32.41 -19.61 -15.27
N LEU A 66 -33.56 -20.06 -14.79
CA LEU A 66 -33.69 -21.36 -14.16
C LEU A 66 -33.29 -22.44 -15.13
N VAL A 67 -33.85 -22.40 -16.33
CA VAL A 67 -33.56 -23.41 -17.35
C VAL A 67 -32.10 -23.35 -17.74
N LEU A 68 -31.60 -22.13 -17.85
CA LEU A 68 -30.22 -21.88 -18.17
C LEU A 68 -29.34 -22.56 -17.12
N TRP A 69 -29.67 -22.29 -15.85
CA TRP A 69 -29.00 -22.90 -14.71
C TRP A 69 -28.95 -24.42 -14.79
N ASN A 70 -30.04 -25.02 -15.25
CA ASN A 70 -30.16 -26.47 -15.33
C ASN A 70 -29.65 -27.11 -16.62
N GLU A 71 -29.85 -26.47 -17.76
CA GLU A 71 -29.52 -27.12 -19.02
C GLU A 71 -28.42 -26.46 -19.85
N TYR A 72 -28.10 -25.21 -19.58
CA TYR A 72 -26.96 -24.61 -20.24
C TYR A 72 -25.69 -24.63 -19.43
N LEU A 73 -25.79 -24.27 -18.17
CA LEU A 73 -24.61 -24.04 -17.36
C LEU A 73 -23.82 -25.30 -17.22
N SER A 74 -22.51 -25.20 -17.28
CA SER A 74 -21.68 -26.35 -17.15
C SER A 74 -21.94 -26.87 -15.77
N PRO A 75 -21.84 -28.26 -15.60
CA PRO A 75 -22.07 -28.70 -14.23
C PRO A 75 -21.08 -28.12 -13.26
N GLY A 76 -19.84 -28.02 -13.66
CA GLY A 76 -18.83 -27.55 -12.75
C GLY A 76 -19.09 -26.14 -12.29
N LEU A 77 -19.52 -25.32 -13.23
CA LEU A 77 -19.82 -23.93 -12.95
C LEU A 77 -20.96 -23.74 -11.98
N ARG A 78 -22.02 -24.51 -12.14
CA ARG A 78 -23.12 -24.54 -11.18
C ARG A 78 -22.52 -24.69 -9.78
N ASP A 79 -21.53 -25.57 -9.71
CA ASP A 79 -20.85 -25.88 -8.47
C ASP A 79 -20.11 -24.67 -7.89
N THR A 80 -19.23 -24.10 -8.73
CA THR A 80 -18.47 -22.89 -8.43
C THR A 80 -19.36 -21.78 -7.84
N ILE A 81 -20.49 -21.54 -8.50
CA ILE A 81 -21.41 -20.48 -8.06
C ILE A 81 -22.11 -20.84 -6.77
N ALA A 82 -22.63 -22.07 -6.72
CA ALA A 82 -23.34 -22.53 -5.54
C ALA A 82 -22.36 -22.61 -4.36
N SER A 83 -21.09 -22.90 -4.65
CA SER A 83 -20.07 -22.85 -3.60
C SER A 83 -19.98 -21.47 -2.98
N SER A 84 -19.89 -20.44 -3.82
CA SER A 84 -19.66 -19.08 -3.34
C SER A 84 -20.77 -18.58 -2.43
N MET A 85 -22.01 -18.98 -2.74
CA MET A 85 -23.15 -18.60 -1.93
C MET A 85 -23.30 -19.56 -0.73
N GLU A 86 -22.49 -20.61 -0.74
CA GLU A 86 -22.53 -21.65 0.27
C GLU A 86 -23.95 -22.15 0.50
N THR A 87 -24.48 -22.86 -0.48
CA THR A 87 -25.81 -23.40 -0.36
C THR A 87 -25.85 -24.52 -1.39
N ASP A 88 -26.86 -25.37 -1.33
CA ASP A 88 -27.05 -26.38 -2.36
C ASP A 88 -27.36 -25.76 -3.74
N GLU A 89 -27.00 -26.48 -4.80
CA GLU A 89 -27.23 -26.01 -6.16
C GLU A 89 -28.69 -25.65 -6.39
N GLU A 90 -29.59 -26.44 -5.84
CA GLU A 90 -31.01 -26.23 -6.11
C GLU A 90 -31.46 -24.88 -5.58
N HIS A 91 -30.98 -24.55 -4.39
CA HIS A 91 -31.30 -23.29 -3.73
C HIS A 91 -30.70 -22.15 -4.50
N ALA A 92 -29.42 -22.31 -4.85
CA ALA A 92 -28.69 -21.31 -5.61
C ALA A 92 -29.38 -21.13 -6.93
N GLY A 93 -29.90 -22.22 -7.46
CA GLY A 93 -30.67 -22.13 -8.69
C GLY A 93 -31.80 -21.14 -8.54
N HIS A 94 -32.62 -21.31 -7.51
CA HIS A 94 -33.84 -20.51 -7.42
C HIS A 94 -33.55 -19.04 -7.08
N CYS A 95 -32.53 -18.83 -6.24
CA CYS A 95 -32.03 -17.49 -5.98
C CYS A 95 -31.79 -16.76 -7.27
N ILE A 96 -30.88 -17.29 -8.09
CA ILE A 96 -30.56 -16.70 -9.37
C ILE A 96 -31.80 -16.46 -10.20
N ALA A 97 -32.66 -17.46 -10.24
CA ALA A 97 -33.92 -17.31 -10.96
C ALA A 97 -34.68 -16.15 -10.35
N PHE A 98 -34.77 -16.12 -9.02
CA PHE A 98 -35.48 -15.06 -8.32
C PHE A 98 -34.93 -13.71 -8.71
N TRP A 99 -33.61 -13.68 -8.92
CA TRP A 99 -32.89 -12.45 -9.19
C TRP A 99 -33.11 -12.01 -10.61
N ALA A 100 -33.10 -12.98 -11.52
CA ALA A 100 -33.52 -12.74 -12.90
C ALA A 100 -34.92 -12.12 -13.02
N GLY A 101 -35.77 -12.36 -12.05
CA GLY A 101 -37.13 -11.89 -12.13
C GLY A 101 -37.16 -10.40 -11.88
N LEU A 102 -36.23 -9.95 -11.06
CA LEU A 102 -36.21 -8.55 -10.63
C LEU A 102 -35.40 -7.65 -11.54
N HIS A 103 -34.84 -8.22 -12.62
CA HIS A 103 -33.92 -7.47 -13.46
C HIS A 103 -34.48 -6.13 -13.98
N ASP A 104 -35.69 -6.14 -14.56
CA ASP A 104 -36.27 -4.93 -15.15
C ASP A 104 -37.26 -4.23 -14.22
N ILE A 105 -37.10 -4.40 -12.90
CA ILE A 105 -38.07 -3.80 -12.00
C ILE A 105 -37.98 -2.28 -12.06
N GLY A 106 -36.78 -1.79 -12.32
CA GLY A 106 -36.59 -0.35 -12.46
C GLY A 106 -37.53 0.31 -13.47
N LYS A 107 -38.17 -0.49 -14.32
CA LYS A 107 -39.11 0.02 -15.31
C LYS A 107 -40.41 0.55 -14.67
N LEU A 108 -40.64 0.21 -13.41
CA LEU A 108 -41.91 0.55 -12.77
C LEU A 108 -41.75 1.89 -12.07
N THR A 109 -41.49 2.90 -12.88
CA THR A 109 -41.33 4.26 -12.44
C THR A 109 -42.14 5.09 -13.42
N ARG A 110 -42.31 6.38 -13.16
CA ARG A 110 -43.02 7.20 -14.14
C ARG A 110 -42.15 7.51 -15.37
N GLU A 111 -40.90 7.91 -15.14
CA GLU A 111 -39.96 8.25 -16.21
C GLU A 111 -39.97 7.23 -17.33
N PHE A 112 -40.20 5.97 -16.97
CA PHE A 112 -40.20 4.90 -17.95
C PHE A 112 -41.58 4.63 -18.50
N GLN A 113 -42.53 4.37 -17.61
CA GLN A 113 -43.87 4.00 -18.02
C GLN A 113 -44.50 4.98 -19.01
N GLN A 114 -44.28 6.28 -18.77
CA GLN A 114 -44.92 7.33 -19.56
C GLN A 114 -44.36 7.49 -20.97
N GLN A 115 -43.34 6.70 -21.29
CA GLN A 115 -42.74 6.72 -22.64
C GLN A 115 -43.80 6.45 -23.73
N ILE A 116 -44.85 5.73 -23.37
CA ILE A 116 -45.96 5.49 -24.29
C ILE A 116 -47.26 5.85 -23.61
N ALA A 117 -48.36 5.82 -24.37
CA ALA A 117 -49.66 6.13 -23.82
C ALA A 117 -50.07 5.09 -22.79
N ILE A 118 -50.59 5.56 -21.66
CA ILE A 118 -50.96 4.69 -20.54
C ILE A 118 -51.70 5.49 -19.46
N ASP A 119 -52.63 4.85 -18.76
CA ASP A 119 -53.48 5.56 -17.83
C ASP A 119 -53.03 5.42 -16.37
N LEU A 120 -52.37 6.45 -15.86
CA LEU A 120 -51.85 6.40 -14.49
C LEU A 120 -52.71 7.22 -13.53
N SER A 121 -53.97 7.43 -13.86
CA SER A 121 -54.81 8.30 -13.03
C SER A 121 -55.00 7.74 -11.63
N ALA A 122 -54.73 6.45 -11.46
CA ALA A 122 -54.84 5.83 -10.15
C ALA A 122 -53.54 5.92 -9.36
N TYR A 123 -52.52 6.50 -9.99
CA TYR A 123 -51.19 6.52 -9.41
C TYR A 123 -50.62 7.93 -9.38
N PRO A 124 -51.12 8.75 -8.45
CA PRO A 124 -50.63 10.12 -8.32
C PRO A 124 -49.33 10.08 -7.54
N GLY A 125 -48.48 11.08 -7.73
CA GLY A 125 -47.24 11.09 -7.01
C GLY A 125 -46.12 10.74 -7.96
N GLU A 126 -44.89 10.77 -7.44
CA GLU A 126 -43.70 10.54 -8.25
C GLU A 126 -43.78 11.29 -9.58
N GLU A 127 -43.72 12.62 -9.50
CA GLU A 127 -43.68 13.43 -10.70
C GLU A 127 -42.25 13.51 -11.21
N LEU A 128 -42.08 13.48 -12.53
CA LEU A 128 -40.76 13.50 -13.19
C LEU A 128 -39.73 14.48 -12.60
N SER A 129 -38.53 13.99 -12.36
CA SER A 129 -37.47 14.82 -11.86
C SER A 129 -36.62 15.38 -12.95
N GLY A 130 -36.65 14.74 -14.10
CA GLY A 130 -35.79 15.15 -15.19
C GLY A 130 -34.38 14.62 -15.08
N GLU A 131 -34.15 13.73 -14.14
CA GLU A 131 -32.89 13.06 -14.06
C GLU A 131 -32.67 12.19 -15.26
N GLN A 132 -33.74 11.61 -15.77
CA GLN A 132 -33.60 10.77 -16.93
C GLN A 132 -32.62 9.68 -16.61
N ARG A 133 -33.09 8.72 -15.83
CA ARG A 133 -32.30 7.68 -15.19
C ARG A 133 -32.68 6.38 -15.84
N SER A 134 -31.71 5.59 -16.26
CA SER A 134 -32.00 4.33 -16.95
C SER A 134 -32.74 3.42 -16.01
N HIS A 135 -33.64 2.62 -16.55
CA HIS A 135 -34.45 1.73 -15.71
C HIS A 135 -33.52 0.80 -14.95
N ALA A 136 -32.43 0.39 -15.59
CA ALA A 136 -31.48 -0.49 -14.95
C ALA A 136 -30.85 0.16 -13.72
N ALA A 137 -30.48 1.43 -13.86
CA ALA A 137 -30.00 2.25 -12.76
C ALA A 137 -31.03 2.29 -11.62
N ALA A 138 -32.29 2.43 -12.01
CA ALA A 138 -33.36 2.48 -11.04
C ALA A 138 -33.48 1.15 -10.31
N THR A 139 -33.24 0.04 -11.01
CA THR A 139 -33.31 -1.27 -10.33
C THR A 139 -32.28 -1.36 -9.21
N GLY A 140 -31.05 -0.95 -9.50
CA GLY A 140 -29.99 -1.00 -8.51
C GLY A 140 -30.18 -0.06 -7.34
N LYS A 141 -31.07 0.92 -7.51
CA LYS A 141 -31.34 1.96 -6.51
C LYS A 141 -32.52 1.59 -5.63
N TRP A 142 -33.39 0.70 -6.14
CA TRP A 142 -34.58 0.28 -5.41
C TRP A 142 -34.37 -0.99 -4.63
N LEU A 143 -33.64 -1.91 -5.21
CA LEU A 143 -33.46 -3.22 -4.60
C LEU A 143 -32.74 -3.25 -3.24
N PRO A 144 -31.79 -2.33 -2.97
CA PRO A 144 -31.09 -2.51 -1.70
C PRO A 144 -31.96 -2.23 -0.49
N PHE A 145 -33.17 -1.75 -0.73
CA PHE A 145 -34.01 -1.25 0.34
C PHE A 145 -35.37 -1.96 0.36
N ALA A 146 -35.66 -2.73 -0.67
CA ALA A 146 -36.86 -3.55 -0.69
C ALA A 146 -36.52 -4.97 -0.33
N LEU A 147 -35.35 -5.42 -0.79
CA LEU A 147 -34.88 -6.78 -0.54
C LEU A 147 -34.95 -7.21 0.92
N PRO A 148 -34.55 -6.34 1.87
CA PRO A 148 -34.60 -6.82 3.26
C PRO A 148 -36.02 -7.09 3.77
N SER A 149 -37.02 -6.57 3.07
CA SER A 149 -38.39 -6.85 3.43
C SER A 149 -38.72 -8.32 3.24
N LEU A 150 -37.84 -9.03 2.54
CA LEU A 150 -37.93 -10.49 2.50
C LEU A 150 -36.61 -11.12 2.97
N GLY A 151 -36.10 -10.64 4.09
CA GLY A 151 -35.04 -11.35 4.76
C GLY A 151 -33.60 -11.05 4.41
N TYR A 152 -33.36 -10.33 3.33
CA TYR A 152 -31.98 -9.95 3.01
C TYR A 152 -31.42 -9.01 4.08
N PRO A 153 -30.12 -9.14 4.40
CA PRO A 153 -29.47 -8.26 5.38
C PRO A 153 -29.42 -6.81 4.93
N ASN A 154 -30.23 -6.00 5.61
CA ASN A 154 -30.23 -4.56 5.46
C ASN A 154 -28.83 -3.97 5.49
N GLY A 155 -28.44 -3.31 4.40
CA GLY A 155 -27.10 -2.74 4.32
C GLY A 155 -26.03 -3.81 4.18
N GLY A 156 -26.46 -5.04 3.92
CA GLY A 156 -25.57 -6.18 3.87
C GLY A 156 -24.97 -6.41 2.49
N LEU A 157 -23.75 -6.91 2.48
CA LEU A 157 -23.02 -7.24 1.25
C LEU A 157 -23.75 -8.08 0.17
N VAL A 158 -24.40 -9.16 0.57
CA VAL A 158 -25.15 -9.97 -0.40
C VAL A 158 -26.21 -9.12 -1.09
N THR A 159 -26.94 -8.35 -0.30
CA THR A 159 -27.92 -7.40 -0.83
C THR A 159 -27.22 -6.37 -1.73
N GLY A 160 -26.19 -5.73 -1.19
CA GLY A 160 -25.38 -4.80 -1.97
C GLY A 160 -24.98 -5.32 -3.34
N LEU A 161 -24.42 -6.52 -3.37
CA LEU A 161 -24.07 -7.15 -4.63
C LEU A 161 -25.25 -7.54 -5.51
N VAL A 162 -26.28 -8.16 -4.96
CA VAL A 162 -27.39 -8.56 -5.79
C VAL A 162 -27.97 -7.37 -6.54
N ALA A 163 -28.07 -6.23 -5.85
CA ALA A 163 -28.67 -5.03 -6.45
C ALA A 163 -27.77 -4.47 -7.52
N GLN A 164 -26.50 -4.36 -7.21
CA GLN A 164 -25.53 -3.85 -8.14
C GLN A 164 -25.49 -4.68 -9.39
N MET A 165 -25.42 -5.99 -9.20
CA MET A 165 -25.32 -6.93 -10.30
C MET A 165 -26.52 -6.85 -11.24
N LEU A 166 -27.72 -6.69 -10.67
CA LEU A 166 -28.94 -6.67 -11.45
C LEU A 166 -28.99 -5.33 -12.19
N GLY A 167 -28.60 -4.29 -11.47
CA GLY A 167 -28.59 -2.94 -12.01
C GLY A 167 -27.66 -2.84 -13.20
N GLY A 168 -26.81 -3.85 -13.37
CA GLY A 168 -25.90 -3.89 -14.49
C GLY A 168 -26.31 -4.80 -15.65
N HIS A 169 -27.61 -5.10 -15.76
CA HIS A 169 -28.06 -6.06 -16.77
C HIS A 169 -28.09 -5.50 -18.17
N HIS A 170 -27.51 -4.31 -18.37
CA HIS A 170 -27.35 -3.76 -19.71
C HIS A 170 -25.87 -3.48 -20.02
N GLY A 171 -25.02 -4.26 -19.38
CA GLY A 171 -23.60 -4.21 -19.67
C GLY A 171 -22.82 -3.07 -19.03
N THR A 172 -23.45 -2.34 -18.11
CA THR A 172 -22.75 -1.30 -17.35
C THR A 172 -23.12 -1.36 -15.89
N PHE A 173 -22.15 -1.61 -15.02
CA PHE A 173 -22.41 -1.55 -13.58
C PHE A 173 -22.53 -0.09 -13.11
N HIS A 174 -22.95 0.11 -11.86
CA HIS A 174 -23.04 1.45 -11.30
C HIS A 174 -22.47 1.42 -9.90
N PRO A 175 -22.22 2.59 -9.30
CA PRO A 175 -21.68 2.54 -7.95
C PRO A 175 -22.76 2.19 -6.95
N HIS A 176 -22.38 1.75 -5.76
CA HIS A 176 -23.39 1.44 -4.74
C HIS A 176 -24.07 2.75 -4.36
N PRO A 177 -25.40 2.72 -4.19
CA PRO A 177 -26.18 3.89 -3.75
C PRO A 177 -25.59 4.56 -2.53
N SER A 178 -25.24 5.85 -2.61
CA SER A 178 -24.88 6.55 -1.38
C SER A 178 -25.98 7.53 -1.00
N PHE A 179 -26.26 7.66 0.29
CA PHE A 179 -27.35 8.50 0.77
C PHE A 179 -27.07 9.06 2.14
N GLN A 180 -27.74 10.16 2.49
CA GLN A 180 -27.45 10.87 3.72
C GLN A 180 -28.61 10.85 4.70
N SER A 181 -29.71 10.16 4.36
CA SER A 181 -30.89 10.22 5.21
C SER A 181 -31.34 8.86 5.72
N ARG A 182 -32.33 8.90 6.61
CA ARG A 182 -32.90 7.68 7.19
C ARG A 182 -34.06 7.18 6.35
N ASN A 183 -34.19 7.72 5.14
CA ASN A 183 -35.21 7.26 4.21
C ASN A 183 -34.63 7.29 2.83
N PRO A 184 -33.70 6.38 2.56
CA PRO A 184 -32.97 6.35 1.28
C PRO A 184 -33.94 6.17 0.13
N LEU A 185 -34.96 5.37 0.35
CA LEU A 185 -35.92 5.07 -0.70
C LEU A 185 -36.52 6.36 -1.22
N ALA A 186 -36.85 7.26 -0.30
CA ALA A 186 -37.43 8.53 -0.69
C ALA A 186 -36.32 9.39 -1.30
N GLU A 187 -35.15 9.27 -0.71
CA GLU A 187 -34.01 10.03 -1.15
C GLU A 187 -33.68 9.70 -2.58
N PHE A 188 -34.11 8.53 -3.04
CA PHE A 188 -33.82 8.09 -4.39
C PHE A 188 -35.01 8.19 -5.34
N GLY A 189 -36.07 8.85 -4.87
CA GLY A 189 -37.13 9.27 -5.74
C GLY A 189 -38.37 8.42 -5.70
N PHE A 190 -38.31 7.29 -5.00
CA PHE A 190 -39.51 6.46 -4.86
C PHE A 190 -40.29 6.93 -3.66
N SER A 191 -41.19 7.86 -3.92
CA SER A 191 -41.78 8.68 -2.85
C SER A 191 -43.27 8.49 -2.75
N SER A 192 -43.86 7.70 -3.65
CA SER A 192 -45.30 7.54 -3.67
C SER A 192 -45.80 6.21 -3.18
N PRO A 193 -46.62 6.23 -2.10
CA PRO A 193 -47.32 5.05 -1.60
C PRO A 193 -47.94 4.26 -2.74
N HIS A 194 -48.63 4.90 -3.67
CA HIS A 194 -49.23 4.16 -4.77
C HIS A 194 -48.22 3.38 -5.58
N TRP A 195 -47.15 4.05 -5.99
CA TRP A 195 -46.18 3.42 -6.88
C TRP A 195 -45.43 2.32 -6.13
N GLU A 196 -44.95 2.69 -4.94
CA GLU A 196 -44.22 1.80 -4.06
C GLU A 196 -44.96 0.50 -3.74
N LYS A 197 -46.30 0.55 -3.78
CA LYS A 197 -47.14 -0.63 -3.62
C LYS A 197 -47.08 -1.52 -4.84
N GLN A 198 -46.92 -0.95 -6.02
CA GLN A 198 -46.91 -1.78 -7.21
C GLN A 198 -45.52 -2.41 -7.51
N ARG A 199 -44.46 -1.71 -7.17
CA ARG A 199 -43.15 -2.34 -7.20
C ARG A 199 -43.12 -3.54 -6.24
N HIS A 200 -43.64 -3.33 -5.04
CA HIS A 200 -43.65 -4.39 -4.05
C HIS A 200 -44.51 -5.58 -4.46
N ALA A 201 -45.59 -5.30 -5.16
CA ALA A 201 -46.43 -6.35 -5.66
C ALA A 201 -45.56 -7.27 -6.52
N LEU A 202 -44.80 -6.64 -7.41
CA LEU A 202 -43.96 -7.35 -8.37
C LEU A 202 -42.76 -8.00 -7.69
N LEU A 203 -42.26 -7.38 -6.63
CA LEU A 203 -41.20 -7.99 -5.86
C LEU A 203 -41.69 -9.33 -5.38
N HIS A 204 -42.92 -9.35 -4.84
CA HIS A 204 -43.49 -10.58 -4.27
C HIS A 204 -44.02 -11.56 -5.33
N ALA A 205 -44.52 -11.05 -6.45
CA ALA A 205 -44.94 -11.95 -7.52
C ALA A 205 -43.81 -12.85 -8.02
N VAL A 206 -42.63 -12.29 -8.26
CA VAL A 206 -41.56 -13.16 -8.72
C VAL A 206 -40.99 -13.98 -7.57
N PHE A 207 -40.99 -13.42 -6.37
CA PHE A 207 -40.54 -14.15 -5.21
C PHE A 207 -41.37 -15.40 -5.09
N ASP A 208 -42.67 -15.25 -5.26
CA ASP A 208 -43.55 -16.38 -5.09
C ASP A 208 -43.37 -17.36 -6.21
N ALA A 209 -43.49 -16.89 -7.45
CA ALA A 209 -43.36 -17.77 -8.61
C ALA A 209 -42.04 -18.56 -8.63
N THR A 210 -41.05 -18.08 -7.90
CA THR A 210 -39.77 -18.76 -7.82
C THR A 210 -39.69 -19.53 -6.52
N GLY A 211 -40.82 -19.61 -5.83
CA GLY A 211 -40.90 -20.39 -4.61
C GLY A 211 -40.11 -19.83 -3.45
N ARG A 212 -40.18 -18.52 -3.27
CA ARG A 212 -39.64 -17.85 -2.09
C ARG A 212 -38.26 -18.27 -1.54
N PRO A 213 -37.22 -18.25 -2.38
CA PRO A 213 -35.92 -18.77 -1.92
C PRO A 213 -35.26 -17.89 -0.85
N THR A 214 -34.66 -18.48 0.17
CA THR A 214 -34.06 -17.65 1.22
C THR A 214 -32.78 -17.03 0.74
N PRO A 215 -32.44 -15.85 1.29
CA PRO A 215 -31.16 -15.16 1.04
C PRO A 215 -29.96 -16.05 1.28
N PRO A 216 -29.09 -16.17 0.28
CA PRO A 216 -27.79 -16.80 0.45
C PRO A 216 -27.01 -16.03 1.49
N ASP A 217 -26.00 -16.65 2.08
CA ASP A 217 -25.24 -15.98 3.11
C ASP A 217 -24.02 -15.29 2.54
N MET A 218 -23.37 -15.92 1.58
CA MET A 218 -22.28 -15.22 0.93
C MET A 218 -22.49 -14.97 -0.54
N LEU A 219 -21.72 -14.03 -1.08
CA LEU A 219 -21.71 -13.74 -2.50
C LEU A 219 -20.54 -12.82 -2.79
N ASP A 220 -19.65 -13.27 -3.66
CA ASP A 220 -18.42 -12.53 -3.95
C ASP A 220 -18.55 -11.78 -5.28
N GLY A 221 -17.75 -10.74 -5.42
CA GLY A 221 -17.72 -9.94 -6.62
C GLY A 221 -17.66 -10.77 -7.88
N PRO A 222 -16.59 -11.56 -8.03
CA PRO A 222 -16.47 -12.34 -9.27
C PRO A 222 -17.65 -13.26 -9.52
N THR A 223 -18.15 -13.98 -8.51
CA THR A 223 -19.29 -14.84 -8.75
C THR A 223 -20.46 -14.02 -9.28
N ALA A 224 -20.74 -12.92 -8.58
CA ALA A 224 -21.84 -12.01 -8.94
C ALA A 224 -21.76 -11.54 -10.39
N SER A 225 -20.55 -11.27 -10.85
CA SER A 225 -20.37 -10.83 -12.21
C SER A 225 -20.81 -11.93 -13.16
N VAL A 226 -20.28 -13.12 -12.96
CA VAL A 226 -20.64 -14.28 -13.79
C VAL A 226 -22.14 -14.58 -13.77
N VAL A 227 -22.75 -14.36 -12.62
CA VAL A 227 -24.20 -14.47 -12.51
C VAL A 227 -24.89 -13.39 -13.33
N CYS A 228 -24.32 -12.18 -13.34
CA CYS A 228 -24.89 -11.08 -14.08
C CYS A 228 -24.96 -11.47 -15.54
N GLY A 229 -23.90 -12.12 -16.04
CA GLY A 229 -23.90 -12.59 -17.41
C GLY A 229 -25.11 -13.47 -17.75
N LEU A 230 -25.28 -14.53 -16.96
CA LEU A 230 -26.45 -15.39 -17.05
C LEU A 230 -27.75 -14.60 -17.11
N VAL A 231 -27.98 -13.77 -16.09
CA VAL A 231 -29.13 -12.88 -16.09
C VAL A 231 -29.25 -12.12 -17.43
N ILE A 232 -28.13 -11.71 -18.01
CA ILE A 232 -28.18 -11.02 -19.31
C ILE A 232 -28.61 -11.97 -20.44
N LEU A 233 -28.01 -13.16 -20.53
CA LEU A 233 -28.48 -14.18 -21.47
C LEU A 233 -29.97 -14.46 -21.29
N ALA A 234 -30.43 -14.46 -20.04
CA ALA A 234 -31.83 -14.72 -19.77
C ALA A 234 -32.72 -13.67 -20.47
N ASP A 235 -32.56 -12.40 -20.08
CA ASP A 235 -33.30 -11.25 -20.68
C ASP A 235 -33.26 -11.29 -22.21
N TRP A 236 -32.09 -11.48 -22.79
CA TRP A 236 -31.93 -11.51 -24.24
C TRP A 236 -32.73 -12.60 -24.89
N LEU A 237 -32.60 -13.81 -24.37
CA LEU A 237 -33.28 -14.99 -24.88
C LEU A 237 -34.78 -14.79 -25.01
N VAL A 238 -35.37 -14.18 -23.98
CA VAL A 238 -36.80 -14.00 -23.89
C VAL A 238 -37.23 -12.61 -24.40
N SER A 239 -36.38 -12.01 -25.22
CA SER A 239 -36.65 -10.71 -25.79
C SER A 239 -36.78 -10.80 -27.30
N GLN A 240 -36.54 -11.99 -27.83
CA GLN A 240 -36.68 -12.23 -29.25
C GLN A 240 -38.12 -11.98 -29.64
N GLU A 241 -38.32 -11.30 -30.77
CA GLU A 241 -39.64 -10.85 -31.17
C GLU A 241 -40.62 -12.01 -31.39
N ASP A 242 -40.12 -13.11 -31.94
CA ASP A 242 -40.94 -14.31 -32.11
C ASP A 242 -41.52 -14.79 -30.79
N PHE A 243 -40.64 -15.04 -29.83
CA PHE A 243 -41.04 -15.53 -28.52
C PHE A 243 -42.05 -14.61 -27.83
N LEU A 244 -41.94 -13.31 -28.08
CA LEU A 244 -42.83 -12.35 -27.45
C LEU A 244 -44.23 -12.50 -28.01
N LEU A 245 -44.31 -12.44 -29.34
CA LEU A 245 -45.55 -12.54 -30.08
C LEU A 245 -46.38 -13.73 -29.60
N GLU A 246 -45.73 -14.86 -29.45
CA GLU A 246 -46.40 -16.05 -28.98
C GLU A 246 -46.98 -15.90 -27.56
N ARG A 247 -46.27 -15.20 -26.67
CA ARG A 247 -46.79 -15.01 -25.32
C ARG A 247 -47.93 -13.98 -25.30
N LEU A 248 -47.95 -13.12 -26.30
CA LEU A 248 -48.97 -12.09 -26.43
C LEU A 248 -50.32 -12.69 -26.68
N THR A 249 -50.33 -13.92 -27.18
CA THR A 249 -51.59 -14.61 -27.37
C THR A 249 -52.12 -15.04 -26.01
N SER A 250 -51.29 -15.72 -25.22
CA SER A 250 -51.75 -16.30 -23.97
C SER A 250 -51.42 -15.45 -22.75
N LEU A 251 -51.70 -14.16 -22.81
CA LEU A 251 -51.42 -13.27 -21.69
C LEU A 251 -52.26 -13.70 -20.49
N PRO A 252 -51.82 -13.35 -19.26
CA PRO A 252 -52.65 -13.70 -18.11
C PRO A 252 -53.87 -12.76 -17.99
N ALA A 253 -54.98 -13.30 -17.49
CA ALA A 253 -56.23 -12.56 -17.43
C ALA A 253 -56.15 -11.38 -16.45
N ASP A 254 -55.25 -11.50 -15.47
CA ASP A 254 -55.20 -10.57 -14.35
C ASP A 254 -54.00 -10.92 -13.48
N GLY A 255 -53.77 -10.14 -12.43
CA GLY A 255 -52.56 -10.26 -11.63
C GLY A 255 -52.58 -11.23 -10.46
N SER A 256 -53.44 -12.25 -10.53
CA SER A 256 -53.57 -13.21 -9.45
C SER A 256 -52.39 -14.15 -9.41
N ALA A 257 -52.07 -14.65 -8.21
CA ALA A 257 -51.05 -15.67 -8.06
C ALA A 257 -51.43 -16.91 -8.88
N SER A 258 -52.73 -17.11 -9.02
CA SER A 258 -53.25 -18.17 -9.86
C SER A 258 -52.76 -17.94 -11.26
N ALA A 259 -53.00 -16.73 -11.78
CA ALA A 259 -52.67 -16.41 -13.16
C ALA A 259 -51.18 -16.31 -13.42
N LEU A 260 -50.43 -15.87 -12.41
CA LEU A 260 -48.99 -15.66 -12.55
C LEU A 260 -48.22 -16.93 -12.33
N ARG A 261 -48.68 -17.79 -11.43
CA ARG A 261 -48.11 -19.13 -11.31
C ARG A 261 -48.23 -19.85 -12.67
N ALA A 262 -49.38 -19.69 -13.31
CA ALA A 262 -49.65 -20.24 -14.64
C ALA A 262 -48.70 -19.73 -15.71
N HIS A 263 -48.47 -18.42 -15.71
CA HIS A 263 -47.65 -17.77 -16.76
C HIS A 263 -46.21 -18.25 -16.73
N PHE A 264 -45.66 -18.27 -15.53
CA PHE A 264 -44.32 -18.74 -15.29
C PHE A 264 -44.13 -20.16 -15.82
N GLU A 265 -44.89 -21.10 -15.25
CA GLU A 265 -44.80 -22.53 -15.60
C GLU A 265 -44.99 -22.80 -17.08
N THR A 266 -45.75 -21.95 -17.76
CA THR A 266 -45.83 -22.04 -19.22
C THR A 266 -44.48 -21.69 -19.85
N SER A 267 -44.00 -20.49 -19.57
CA SER A 267 -42.77 -20.00 -20.16
C SER A 267 -41.65 -20.98 -19.84
N LEU A 268 -41.71 -21.55 -18.64
CA LEU A 268 -40.77 -22.59 -18.26
C LEU A 268 -40.66 -23.72 -19.30
N ARG A 269 -41.78 -24.10 -19.90
CA ARG A 269 -41.79 -25.21 -20.84
C ARG A 269 -41.21 -24.80 -22.17
N ARG A 270 -41.39 -23.53 -22.49
CA ARG A 270 -41.10 -22.99 -23.81
C ARG A 270 -39.63 -22.65 -23.96
N ILE A 271 -38.91 -22.57 -22.85
CA ILE A 271 -37.53 -22.09 -22.91
C ILE A 271 -36.47 -23.07 -23.44
N PRO A 272 -36.59 -24.37 -23.12
CA PRO A 272 -35.55 -25.27 -23.65
C PRO A 272 -35.58 -25.36 -25.17
N SER A 273 -36.73 -25.08 -25.77
CA SER A 273 -36.85 -24.87 -27.21
C SER A 273 -35.80 -23.85 -27.61
N LEU A 274 -36.03 -22.63 -27.14
CA LEU A 274 -35.16 -21.46 -27.32
C LEU A 274 -33.66 -21.74 -27.29
N LEU A 275 -33.26 -22.69 -26.43
CA LEU A 275 -31.85 -23.09 -26.33
C LEU A 275 -31.40 -23.76 -27.61
N ASP A 276 -32.24 -24.63 -28.15
CA ASP A 276 -31.91 -25.38 -29.35
C ASP A 276 -31.81 -24.48 -30.57
N ALA A 277 -32.79 -23.60 -30.75
CA ALA A 277 -32.77 -22.68 -31.87
C ALA A 277 -31.46 -21.90 -31.90
N ALA A 278 -30.87 -21.66 -30.74
CA ALA A 278 -29.67 -20.84 -30.69
C ALA A 278 -28.43 -21.71 -30.83
N GLY A 279 -28.57 -22.98 -30.56
CA GLY A 279 -27.43 -23.87 -30.58
C GLY A 279 -26.60 -23.74 -29.33
N LEU A 280 -27.23 -23.66 -28.17
CA LEU A 280 -26.49 -23.47 -26.94
C LEU A 280 -26.41 -24.76 -26.14
N ARG A 281 -26.83 -25.87 -26.73
CA ARG A 281 -26.78 -27.13 -26.00
C ARG A 281 -25.35 -27.62 -25.91
N PRO A 282 -24.96 -28.10 -24.72
CA PRO A 282 -23.64 -28.63 -24.42
C PRO A 282 -23.05 -29.58 -25.47
N ILE A 283 -21.73 -29.69 -25.48
CA ILE A 283 -21.04 -30.72 -26.24
C ILE A 283 -20.17 -31.50 -25.25
N THR A 284 -20.80 -32.46 -24.58
CA THR A 284 -20.09 -33.35 -23.68
C THR A 284 -19.41 -34.44 -24.51
N VAL A 285 -18.31 -34.99 -24.03
CA VAL A 285 -17.48 -35.88 -24.84
C VAL A 285 -16.84 -36.94 -23.96
N PRO A 286 -17.02 -38.23 -24.33
CA PRO A 286 -16.67 -39.40 -23.52
C PRO A 286 -15.23 -39.36 -23.08
N PRO A 287 -14.92 -39.93 -21.91
CA PRO A 287 -13.50 -40.10 -21.56
C PRO A 287 -12.82 -41.01 -22.58
N ALA A 288 -11.50 -40.97 -22.63
CA ALA A 288 -10.76 -41.73 -23.61
C ALA A 288 -9.30 -41.64 -23.29
N THR A 289 -8.54 -42.65 -23.67
CA THR A 289 -7.12 -42.58 -23.53
C THR A 289 -6.72 -41.80 -24.73
N PHE A 290 -5.43 -41.53 -24.84
CA PHE A 290 -4.92 -40.77 -25.97
C PHE A 290 -5.13 -41.44 -27.32
N THR A 291 -5.07 -42.76 -27.36
CA THR A 291 -5.20 -43.44 -28.64
C THR A 291 -6.65 -43.78 -28.98
N GLU A 292 -7.51 -43.88 -27.97
CA GLU A 292 -8.93 -44.06 -28.24
C GLU A 292 -9.43 -42.79 -28.94
N SER A 293 -8.75 -41.69 -28.66
CA SER A 293 -9.16 -40.37 -29.10
C SER A 293 -8.53 -40.00 -30.42
N PHE A 294 -7.34 -40.51 -30.68
CA PHE A 294 -6.77 -40.35 -32.02
C PHE A 294 -6.39 -41.73 -32.59
N PRO A 295 -7.37 -42.42 -33.18
CA PRO A 295 -7.13 -43.80 -33.63
C PRO A 295 -6.35 -43.81 -34.92
N HIS A 296 -6.32 -42.68 -35.62
CA HIS A 296 -5.59 -42.59 -36.87
C HIS A 296 -4.08 -42.46 -36.63
N LEU A 297 -3.66 -42.42 -35.37
CA LEU A 297 -2.26 -42.24 -35.02
C LEU A 297 -1.63 -43.53 -34.53
N SER A 298 -0.71 -44.05 -35.33
CA SER A 298 -0.01 -45.30 -34.99
C SER A 298 0.90 -45.13 -33.77
N LYS A 299 1.88 -44.23 -33.87
CA LYS A 299 2.91 -44.08 -32.86
C LYS A 299 2.90 -42.68 -32.22
N PRO A 300 2.14 -42.52 -31.13
CA PRO A 300 2.12 -41.25 -30.40
C PRO A 300 3.54 -40.84 -29.99
N ASN A 301 3.88 -39.56 -30.10
CA ASN A 301 5.24 -39.11 -29.82
C ASN A 301 5.57 -38.95 -28.33
N GLY A 302 6.83 -38.61 -28.06
CA GLY A 302 7.31 -38.49 -26.70
C GLY A 302 6.42 -37.59 -25.86
N LEU A 303 6.11 -36.42 -26.41
CA LEU A 303 5.29 -35.40 -25.77
C LEU A 303 3.88 -35.92 -25.50
N GLN A 304 3.26 -36.54 -26.49
CA GLN A 304 1.94 -37.08 -26.27
C GLN A 304 1.98 -38.26 -25.28
N ALA A 305 2.97 -39.15 -25.39
CA ALA A 305 3.08 -40.25 -24.42
C ALA A 305 3.31 -39.71 -23.02
N SER A 306 4.26 -38.78 -22.89
CA SER A 306 4.58 -38.18 -21.61
C SER A 306 3.37 -37.55 -20.98
N LEU A 307 2.61 -36.81 -21.77
CA LEU A 307 1.44 -36.12 -21.25
C LEU A 307 0.39 -37.11 -20.84
N ALA A 308 -0.03 -37.93 -21.80
CA ALA A 308 -1.06 -38.95 -21.58
C ALA A 308 -0.74 -39.86 -20.40
N LYS A 309 0.53 -40.25 -20.26
CA LYS A 309 0.97 -41.06 -19.12
C LYS A 309 0.87 -40.41 -17.73
N HIS A 310 1.65 -39.37 -17.45
CA HIS A 310 1.64 -38.79 -16.09
C HIS A 310 0.52 -37.78 -15.76
N LEU A 311 -0.22 -37.30 -16.76
CA LEU A 311 -1.19 -36.25 -16.47
C LEU A 311 -2.48 -36.61 -15.72
N PRO A 312 -3.14 -37.73 -16.07
CA PRO A 312 -4.43 -37.97 -15.41
C PRO A 312 -4.34 -37.99 -13.88
N CYS A 313 -3.24 -38.52 -13.37
CA CYS A 313 -3.06 -38.64 -11.94
C CYS A 313 -2.97 -37.25 -11.30
N LEU A 314 -2.50 -36.29 -12.08
CA LEU A 314 -2.35 -34.91 -11.62
C LEU A 314 -3.66 -34.14 -11.75
N CYS A 315 -4.36 -34.36 -12.87
CA CYS A 315 -5.56 -33.61 -13.24
C CYS A 315 -6.77 -33.99 -12.42
N THR A 316 -6.90 -33.41 -11.22
CA THR A 316 -7.92 -33.83 -10.28
C THR A 316 -8.83 -32.66 -9.86
N GLY A 317 -9.09 -31.74 -10.79
CA GLY A 317 -9.79 -30.49 -10.52
C GLY A 317 -9.11 -29.30 -11.19
N PRO A 318 -9.40 -28.07 -10.74
CA PRO A 318 -8.87 -26.84 -11.35
C PRO A 318 -7.36 -26.77 -11.33
N GLY A 319 -6.77 -26.49 -12.49
CA GLY A 319 -5.35 -26.37 -12.64
C GLY A 319 -5.01 -25.73 -13.97
N LEU A 320 -3.74 -25.40 -14.17
CA LEU A 320 -3.24 -24.90 -15.44
C LEU A 320 -2.13 -25.83 -15.89
N VAL A 321 -1.87 -25.91 -17.18
CA VAL A 321 -0.86 -26.79 -17.70
C VAL A 321 -0.17 -26.02 -18.78
N LEU A 322 1.16 -26.02 -18.77
CA LEU A 322 1.93 -25.27 -19.75
C LEU A 322 2.77 -26.23 -20.56
N ILE A 323 2.38 -26.48 -21.80
CA ILE A 323 3.22 -27.26 -22.70
C ILE A 323 4.05 -26.31 -23.54
N THR A 324 5.35 -26.58 -23.57
CA THR A 324 6.29 -25.69 -24.23
C THR A 324 7.24 -26.54 -25.06
N ALA A 325 7.03 -26.58 -26.36
CA ALA A 325 7.62 -27.60 -27.21
C ALA A 325 7.74 -27.13 -28.65
N PRO A 326 8.67 -27.72 -29.42
CA PRO A 326 8.90 -27.30 -30.82
C PRO A 326 7.71 -27.60 -31.71
N MET A 327 7.75 -27.06 -32.93
CA MET A 327 6.72 -27.32 -33.92
C MET A 327 6.96 -28.70 -34.54
N GLY A 328 5.91 -29.36 -34.99
CA GLY A 328 6.07 -30.70 -35.52
C GLY A 328 6.21 -31.71 -34.40
N GLU A 329 5.43 -31.52 -33.34
CA GLU A 329 5.47 -32.44 -32.21
C GLU A 329 4.07 -32.82 -31.72
N GLY A 330 3.04 -32.42 -32.47
CA GLY A 330 1.69 -32.80 -32.11
C GLY A 330 1.19 -32.10 -30.87
N LYS A 331 1.55 -30.82 -30.73
CA LYS A 331 1.08 -30.04 -29.59
C LYS A 331 -0.44 -30.01 -29.60
N THR A 332 -1.03 -29.94 -30.80
CA THR A 332 -2.49 -29.84 -30.92
C THR A 332 -3.26 -31.00 -30.30
N GLU A 333 -2.95 -32.21 -30.71
CA GLU A 333 -3.62 -33.39 -30.15
C GLU A 333 -3.30 -33.55 -28.64
N ALA A 334 -2.06 -33.21 -28.27
CA ALA A 334 -1.71 -33.16 -26.88
C ALA A 334 -2.63 -32.17 -26.13
N ALA A 335 -2.99 -31.05 -26.78
CA ALA A 335 -3.80 -30.03 -26.14
C ALA A 335 -5.19 -30.55 -25.87
N TYR A 336 -5.84 -31.01 -26.94
CA TYR A 336 -7.18 -31.59 -26.87
C TYR A 336 -7.19 -32.63 -25.77
N HIS A 337 -6.12 -33.41 -25.66
CA HIS A 337 -6.13 -34.44 -24.66
C HIS A 337 -6.12 -33.87 -23.24
N VAL A 338 -5.09 -33.07 -22.94
CA VAL A 338 -5.00 -32.39 -21.65
C VAL A 338 -6.25 -31.56 -21.35
N ALA A 339 -6.80 -30.92 -22.38
CA ALA A 339 -8.04 -30.18 -22.24
C ALA A 339 -9.11 -31.15 -21.80
N ASP A 340 -9.12 -32.31 -22.44
CA ASP A 340 -10.17 -33.29 -22.22
C ASP A 340 -10.11 -33.83 -20.81
N LEU A 341 -8.90 -34.05 -20.30
CA LEU A 341 -8.76 -34.43 -18.89
C LEU A 341 -9.36 -33.35 -17.97
N LEU A 342 -8.73 -32.17 -17.95
CA LEU A 342 -9.17 -31.06 -17.11
C LEU A 342 -10.66 -30.78 -17.21
N GLY A 343 -11.20 -30.89 -18.42
CA GLY A 343 -12.63 -30.70 -18.61
C GLY A 343 -13.41 -31.62 -17.68
N LYS A 344 -13.12 -32.91 -17.78
CA LYS A 344 -13.80 -33.88 -16.94
C LYS A 344 -13.53 -33.59 -15.46
N ALA A 345 -12.27 -33.38 -15.11
CA ALA A 345 -11.93 -33.04 -13.72
C ALA A 345 -12.74 -31.86 -13.17
N THR A 346 -13.09 -30.91 -14.03
CA THR A 346 -13.70 -29.67 -13.56
C THR A 346 -15.20 -29.54 -13.84
N GLY A 347 -15.82 -30.57 -14.38
CA GLY A 347 -17.23 -30.45 -14.69
C GLY A 347 -17.43 -29.43 -15.79
N ARG A 348 -16.43 -29.28 -16.64
CA ARG A 348 -16.48 -28.25 -17.65
C ARG A 348 -16.26 -28.77 -19.10
N PRO A 349 -17.38 -29.03 -19.81
CA PRO A 349 -17.42 -29.60 -21.15
C PRO A 349 -17.22 -28.56 -22.25
N GLY A 350 -17.04 -27.32 -21.85
CA GLY A 350 -16.94 -26.25 -22.83
C GLY A 350 -15.52 -26.18 -23.31
N ARG A 351 -15.29 -25.47 -24.41
CA ARG A 351 -13.94 -25.28 -24.91
C ARG A 351 -13.83 -23.92 -25.58
N PHE A 352 -12.88 -23.11 -25.14
CA PHE A 352 -12.41 -22.03 -26.00
C PHE A 352 -10.96 -22.25 -26.38
N LEU A 353 -10.68 -22.24 -27.68
CA LEU A 353 -9.29 -22.22 -28.14
C LEU A 353 -8.94 -20.86 -28.69
N ALA A 354 -7.90 -20.25 -28.13
CA ALA A 354 -7.47 -18.95 -28.56
C ALA A 354 -6.28 -19.07 -29.49
N LEU A 355 -6.40 -18.53 -30.68
CA LEU A 355 -5.26 -18.53 -31.59
C LEU A 355 -4.69 -17.13 -31.84
N PRO A 356 -3.48 -17.06 -32.43
CA PRO A 356 -2.90 -15.73 -32.49
C PRO A 356 -3.46 -14.92 -33.63
N THR A 357 -3.96 -15.57 -34.68
CA THR A 357 -4.40 -14.89 -35.89
C THR A 357 -5.77 -15.37 -36.37
N MET A 358 -6.39 -14.58 -37.23
CA MET A 358 -7.68 -14.98 -37.79
C MET A 358 -7.52 -16.28 -38.56
N ALA A 359 -6.44 -16.36 -39.34
CA ALA A 359 -6.16 -17.52 -40.18
C ALA A 359 -6.05 -18.80 -39.38
N THR A 360 -5.07 -18.83 -38.48
CA THR A 360 -4.80 -20.05 -37.71
C THR A 360 -6.02 -20.45 -36.90
N ALA A 361 -6.87 -19.48 -36.57
CA ALA A 361 -8.15 -19.74 -35.92
C ALA A 361 -9.06 -20.42 -36.91
N ASP A 362 -8.97 -20.02 -38.17
CA ASP A 362 -9.79 -20.67 -39.20
C ASP A 362 -9.37 -22.13 -39.28
N GLN A 363 -8.07 -22.38 -39.47
CA GLN A 363 -7.56 -23.72 -39.71
C GLN A 363 -7.93 -24.62 -38.55
N MET A 364 -7.73 -24.11 -37.34
CA MET A 364 -7.96 -24.92 -36.16
C MET A 364 -9.43 -25.23 -35.99
N HIS A 365 -10.27 -24.25 -36.34
CA HIS A 365 -11.72 -24.44 -36.29
C HIS A 365 -12.13 -25.68 -37.09
N THR A 366 -11.45 -25.91 -38.22
CA THR A 366 -11.71 -27.13 -38.97
C THR A 366 -11.32 -28.35 -38.13
N ARG A 367 -10.03 -28.50 -37.83
CA ARG A 367 -9.51 -29.60 -37.02
C ARG A 367 -10.37 -29.93 -35.80
N LEU A 368 -10.60 -28.94 -34.94
CA LEU A 368 -11.41 -29.18 -33.76
C LEU A 368 -12.82 -29.68 -34.09
N LYS A 369 -13.32 -29.34 -35.28
CA LYS A 369 -14.63 -29.82 -35.66
C LYS A 369 -14.58 -31.29 -36.02
N GLU A 370 -13.59 -31.71 -36.81
CA GLU A 370 -13.47 -33.13 -37.11
C GLU A 370 -13.35 -33.84 -35.78
N TYR A 371 -12.40 -33.38 -34.95
CA TYR A 371 -12.25 -33.94 -33.63
C TYR A 371 -13.58 -34.09 -32.90
N ALA A 372 -14.44 -33.09 -33.01
CA ALA A 372 -15.74 -33.18 -32.39
C ALA A 372 -16.56 -34.31 -33.00
N ARG A 373 -16.64 -34.36 -34.33
CA ARG A 373 -17.45 -35.40 -34.99
C ARG A 373 -17.08 -36.80 -34.54
N TYR A 374 -15.80 -37.14 -34.71
CA TYR A 374 -15.28 -38.41 -34.27
C TYR A 374 -15.63 -38.68 -32.78
N ARG A 375 -15.38 -37.69 -31.92
CA ARG A 375 -15.35 -37.94 -30.49
C ARG A 375 -16.71 -38.09 -29.80
N VAL A 376 -17.75 -37.45 -30.33
CA VAL A 376 -19.05 -37.48 -29.68
C VAL A 376 -20.06 -38.35 -30.42
N GLU A 377 -21.00 -38.96 -29.68
CA GLU A 377 -22.07 -39.77 -30.25
C GLU A 377 -23.17 -38.89 -30.85
N PRO A 382 -25.85 -34.45 -31.51
CA PRO A 382 -25.84 -33.01 -31.24
C PRO A 382 -26.86 -32.27 -32.10
N ARG A 383 -26.36 -31.45 -33.03
CA ARG A 383 -27.18 -30.72 -34.01
C ARG A 383 -28.02 -29.61 -33.42
N SER A 384 -27.74 -29.29 -32.16
CA SER A 384 -28.37 -28.19 -31.45
C SER A 384 -27.29 -27.54 -30.60
N SER A 385 -26.07 -27.64 -31.10
CA SER A 385 -24.88 -27.20 -30.42
C SER A 385 -24.01 -26.70 -31.52
N THR A 386 -23.63 -25.42 -31.47
CA THR A 386 -22.73 -24.90 -32.50
C THR A 386 -21.28 -24.84 -32.02
N LEU A 387 -20.36 -25.11 -32.94
CA LEU A 387 -18.94 -24.98 -32.71
C LEU A 387 -18.59 -23.67 -33.40
N ALA A 388 -18.62 -22.59 -32.63
CA ALA A 388 -18.49 -21.24 -33.16
C ALA A 388 -17.07 -20.90 -33.61
N LEU A 389 -16.98 -19.98 -34.57
CA LEU A 389 -15.70 -19.40 -35.00
C LEU A 389 -15.76 -17.94 -34.64
N LEU A 390 -14.76 -17.45 -33.94
CA LEU A 390 -14.89 -16.17 -33.25
C LEU A 390 -13.74 -15.22 -33.59
N HIS A 391 -13.88 -14.48 -34.68
CA HIS A 391 -13.02 -13.34 -34.98
C HIS A 391 -13.80 -12.42 -35.87
N SER A 392 -13.18 -11.34 -36.32
CA SER A 392 -13.94 -10.23 -36.91
C SER A 392 -14.28 -10.45 -38.39
N MET A 393 -13.71 -11.49 -39.00
CA MET A 393 -13.94 -11.76 -40.42
C MET A 393 -14.72 -13.04 -40.56
N ALA A 394 -15.35 -13.48 -39.47
CA ALA A 394 -16.12 -14.72 -39.45
C ALA A 394 -17.39 -14.66 -40.30
N TRP A 395 -17.97 -13.47 -40.43
CA TRP A 395 -19.16 -13.32 -41.23
C TRP A 395 -18.82 -13.51 -42.69
N LEU A 396 -17.70 -12.94 -43.09
CA LEU A 396 -17.28 -12.99 -44.50
C LEU A 396 -16.60 -14.31 -44.88
N ASN A 397 -16.92 -15.36 -44.13
CA ASN A 397 -16.48 -16.71 -44.42
C ASN A 397 -17.73 -17.51 -44.72
N PRO A 398 -17.84 -18.00 -45.96
CA PRO A 398 -19.01 -18.71 -46.50
C PRO A 398 -19.30 -20.04 -45.80
N ASP A 399 -18.24 -20.78 -45.48
CA ASP A 399 -18.35 -22.13 -44.95
C ASP A 399 -18.60 -22.18 -43.46
N TYR A 400 -18.76 -21.00 -42.86
CA TYR A 400 -19.08 -20.91 -41.44
C TYR A 400 -20.49 -20.37 -41.30
N ALA A 401 -20.71 -19.21 -41.90
CA ALA A 401 -21.94 -18.46 -41.72
C ALA A 401 -23.08 -19.15 -42.45
N PRO A 402 -24.33 -18.86 -42.04
CA PRO A 402 -25.51 -19.35 -42.78
C PRO A 402 -25.83 -18.41 -43.94
N ALA A 403 -26.24 -18.96 -45.07
CA ALA A 403 -26.46 -18.12 -46.24
C ALA A 403 -27.81 -17.42 -46.23
N GLY A 416 -34.17 -26.48 -38.31
CA GLY A 416 -34.67 -27.75 -37.81
C GLY A 416 -33.71 -28.90 -38.09
N HIS A 417 -33.57 -29.24 -39.37
CA HIS A 417 -32.62 -30.25 -39.80
C HIS A 417 -31.25 -29.63 -40.08
N ARG A 418 -30.70 -28.98 -39.04
CA ARG A 418 -29.40 -28.31 -39.12
C ARG A 418 -28.26 -29.33 -39.22
N ASP A 419 -27.14 -28.90 -39.78
CA ASP A 419 -25.95 -29.74 -39.79
C ASP A 419 -25.22 -29.66 -38.44
N PRO A 420 -24.60 -30.77 -38.01
CA PRO A 420 -24.05 -30.70 -36.64
C PRO A 420 -22.98 -29.62 -36.51
N PHE A 421 -22.98 -28.97 -35.35
CA PHE A 421 -21.96 -27.97 -35.04
C PHE A 421 -22.05 -26.75 -35.93
N ALA A 422 -23.11 -26.68 -36.72
CA ALA A 422 -23.27 -25.58 -37.65
C ALA A 422 -23.54 -24.33 -36.88
N ALA A 423 -23.09 -23.19 -37.42
CA ALA A 423 -23.37 -21.89 -36.83
C ALA A 423 -24.88 -21.61 -36.81
N THR A 424 -25.28 -20.72 -35.93
CA THR A 424 -26.68 -20.41 -35.77
C THR A 424 -26.85 -18.91 -35.98
N ASP A 425 -28.04 -18.49 -36.39
CA ASP A 425 -28.30 -17.06 -36.56
C ASP A 425 -28.06 -16.31 -35.28
N TRP A 426 -28.65 -16.80 -34.20
CA TRP A 426 -28.50 -16.18 -32.89
C TRP A 426 -27.04 -15.94 -32.49
N LEU A 427 -26.19 -16.93 -32.69
CA LEU A 427 -24.81 -16.83 -32.23
C LEU A 427 -23.95 -16.00 -33.18
N MET A 428 -24.57 -15.44 -34.21
CA MET A 428 -23.82 -14.83 -35.27
C MET A 428 -23.41 -13.38 -34.98
N GLY A 429 -23.61 -12.94 -33.75
CA GLY A 429 -23.21 -11.61 -33.30
C GLY A 429 -24.21 -11.27 -32.22
N ARG A 430 -23.96 -10.26 -31.38
CA ARG A 430 -22.81 -9.38 -31.48
C ARG A 430 -21.84 -9.59 -30.32
N LYS A 431 -22.39 -9.80 -29.13
CA LYS A 431 -21.57 -10.06 -27.95
C LYS A 431 -21.73 -11.50 -27.45
N ARG A 432 -22.17 -12.36 -28.37
CA ARG A 432 -22.69 -13.69 -28.03
C ARG A 432 -21.74 -14.86 -28.21
N GLY A 433 -20.76 -14.75 -29.10
CA GLY A 433 -19.89 -15.87 -29.43
C GLY A 433 -19.41 -16.82 -28.33
N LEU A 434 -18.76 -16.30 -27.29
CA LEU A 434 -18.28 -17.11 -26.17
C LEU A 434 -19.40 -17.84 -25.44
N LEU A 435 -20.64 -17.56 -25.81
CA LEU A 435 -21.74 -18.35 -25.28
C LEU A 435 -21.93 -19.65 -26.05
N ALA A 436 -21.23 -19.81 -27.17
CA ALA A 436 -21.26 -21.07 -27.88
C ALA A 436 -20.61 -22.09 -26.98
N PRO A 437 -21.18 -23.31 -26.92
CA PRO A 437 -20.66 -24.34 -26.02
C PRO A 437 -19.23 -24.70 -26.38
N TRP A 438 -18.91 -24.81 -27.65
CA TRP A 438 -17.52 -24.93 -28.08
C TRP A 438 -17.18 -23.78 -29.00
N ALA A 439 -15.97 -23.23 -28.88
CA ALA A 439 -15.59 -22.17 -29.79
C ALA A 439 -14.07 -22.07 -29.94
N VAL A 440 -13.65 -21.68 -31.14
CA VAL A 440 -12.25 -21.35 -31.39
C VAL A 440 -12.20 -20.00 -32.07
N GLY A 441 -11.25 -19.15 -31.67
CA GLY A 441 -11.21 -17.81 -32.19
C GLY A 441 -9.85 -17.22 -32.01
N THR A 442 -9.73 -15.90 -32.20
CA THR A 442 -8.50 -15.18 -31.92
C THR A 442 -8.37 -14.99 -30.42
N ILE A 443 -7.14 -14.87 -29.94
CA ILE A 443 -6.94 -14.70 -28.51
C ILE A 443 -7.60 -13.39 -28.05
N ASP A 444 -7.76 -12.47 -29.01
CA ASP A 444 -8.31 -11.15 -28.78
C ASP A 444 -9.70 -11.23 -28.30
N GLN A 445 -10.34 -12.38 -28.54
CA GLN A 445 -11.74 -12.53 -28.21
C GLN A 445 -11.94 -12.78 -26.74
N ALA A 446 -10.93 -13.41 -26.14
CA ALA A 446 -10.97 -13.77 -24.72
C ALA A 446 -10.48 -12.62 -23.89
N LEU A 447 -9.42 -11.96 -24.37
CA LEU A 447 -8.90 -10.77 -23.71
C LEU A 447 -9.98 -9.66 -23.52
N MET A 448 -10.94 -9.54 -24.42
CA MET A 448 -12.03 -8.59 -24.21
C MET A 448 -12.80 -8.76 -22.94
N ALA A 449 -12.68 -9.93 -22.34
CA ALA A 449 -13.42 -10.23 -21.13
C ALA A 449 -12.85 -9.40 -20.01
N VAL A 450 -11.53 -9.20 -20.04
CA VAL A 450 -10.84 -8.51 -18.95
C VAL A 450 -10.53 -7.04 -19.24
N LEU A 451 -11.12 -6.48 -20.27
CA LEU A 451 -11.00 -5.09 -20.60
C LEU A 451 -12.21 -4.41 -20.06
N ARG A 452 -12.11 -3.16 -19.64
CA ARG A 452 -13.24 -2.49 -19.07
C ARG A 452 -14.09 -1.92 -20.16
N ALA A 453 -15.13 -2.66 -20.53
CA ALA A 453 -16.00 -2.31 -21.61
C ALA A 453 -17.32 -2.93 -21.34
N LYS A 454 -18.34 -2.55 -22.07
CA LYS A 454 -19.68 -3.02 -21.78
C LYS A 454 -19.79 -4.50 -21.97
N HIS A 455 -20.64 -5.12 -21.18
CA HIS A 455 -20.97 -6.52 -21.35
C HIS A 455 -19.78 -7.51 -21.15
N ASN A 456 -18.65 -7.04 -20.65
CA ASN A 456 -17.57 -7.99 -20.36
C ASN A 456 -17.99 -9.10 -19.40
N ALA A 457 -18.99 -8.84 -18.55
CA ALA A 457 -19.51 -9.90 -17.69
C ALA A 457 -20.18 -10.99 -18.50
N LEU A 458 -20.70 -10.64 -19.68
CA LEU A 458 -21.33 -11.64 -20.51
C LEU A 458 -20.26 -12.60 -20.98
N ARG A 459 -19.14 -12.05 -21.42
CA ARG A 459 -18.07 -12.90 -21.94
C ARG A 459 -17.38 -13.60 -20.80
N LEU A 460 -17.41 -13.04 -19.60
CA LEU A 460 -16.76 -13.68 -18.47
C LEU A 460 -17.55 -14.92 -18.14
N PHE A 461 -18.88 -14.78 -18.20
CA PHE A 461 -19.83 -15.88 -18.07
C PHE A 461 -19.58 -16.90 -19.14
N GLY A 462 -19.52 -16.42 -20.37
CA GLY A 462 -19.16 -17.23 -21.51
C GLY A 462 -18.06 -18.24 -21.20
N LEU A 463 -16.91 -17.75 -20.78
CA LEU A 463 -15.72 -18.55 -20.54
C LEU A 463 -15.79 -19.40 -19.28
N ALA A 464 -16.62 -19.02 -18.33
CA ALA A 464 -16.53 -19.61 -17.00
C ALA A 464 -16.89 -21.10 -16.98
N GLY A 465 -17.59 -21.59 -17.99
CA GLY A 465 -17.90 -23.01 -18.08
C GLY A 465 -17.04 -23.81 -19.05
N LYS A 466 -16.27 -23.08 -19.87
CA LYS A 466 -15.34 -23.62 -20.86
C LYS A 466 -14.05 -24.17 -20.18
N VAL A 467 -13.25 -24.93 -20.93
CA VAL A 467 -11.83 -25.17 -20.60
C VAL A 467 -11.06 -24.33 -21.58
N VAL A 468 -10.33 -23.31 -21.14
CA VAL A 468 -9.71 -22.47 -22.15
C VAL A 468 -8.30 -22.89 -22.50
N VAL A 469 -7.97 -22.72 -23.77
CA VAL A 469 -6.71 -23.18 -24.27
C VAL A 469 -6.18 -22.05 -25.07
N VAL A 470 -4.99 -21.56 -24.73
CA VAL A 470 -4.42 -20.52 -25.57
C VAL A 470 -3.17 -21.06 -26.22
N ASP A 471 -3.15 -21.01 -27.55
CA ASP A 471 -2.01 -21.48 -28.30
C ASP A 471 -1.02 -20.34 -28.44
N GLU A 472 0.18 -20.66 -28.91
CA GLU A 472 1.24 -19.69 -29.17
C GLU A 472 1.33 -18.54 -28.17
N ALA A 473 1.63 -18.86 -26.91
CA ALA A 473 1.84 -17.84 -25.89
C ALA A 473 3.12 -17.03 -26.10
N HIS A 474 4.08 -17.61 -26.83
CA HIS A 474 5.35 -16.96 -27.06
C HIS A 474 5.13 -15.77 -27.95
N ALA A 475 3.96 -15.76 -28.59
CA ALA A 475 3.59 -14.69 -29.51
C ALA A 475 3.06 -13.41 -28.84
N VAL A 476 2.75 -13.46 -27.55
CA VAL A 476 2.09 -12.33 -26.92
C VAL A 476 3.01 -11.23 -26.35
N ASP A 477 2.99 -10.07 -26.99
CA ASP A 477 3.85 -8.95 -26.61
C ASP A 477 3.51 -8.43 -25.20
N PRO A 478 4.36 -7.55 -24.62
CA PRO A 478 4.14 -7.04 -23.26
C PRO A 478 2.76 -6.43 -22.92
N TYR A 479 2.14 -5.70 -23.85
CA TYR A 479 0.81 -5.14 -23.57
C TYR A 479 -0.18 -6.25 -23.44
N MET A 480 -0.17 -7.16 -24.41
CA MET A 480 -1.11 -8.27 -24.41
C MET A 480 -0.89 -9.16 -23.22
N GLN A 481 0.38 -9.36 -22.86
CA GLN A 481 0.70 -10.25 -21.77
C GLN A 481 0.10 -9.82 -20.41
N VAL A 482 -0.19 -8.54 -20.26
CA VAL A 482 -0.81 -8.06 -19.06
C VAL A 482 -2.29 -8.40 -19.07
N LEU A 483 -2.91 -8.33 -20.24
CA LEU A 483 -4.32 -8.69 -20.37
C LEU A 483 -4.45 -10.19 -20.13
N LEU A 484 -3.52 -10.95 -20.69
CA LEU A 484 -3.51 -12.37 -20.46
C LEU A 484 -3.37 -12.66 -18.96
N GLU A 485 -2.48 -11.95 -18.26
CA GLU A 485 -2.33 -12.18 -16.83
C GLU A 485 -3.59 -11.90 -16.03
N GLN A 486 -4.39 -10.95 -16.48
CA GLN A 486 -5.57 -10.56 -15.74
C GLN A 486 -6.73 -11.50 -16.04
N LEU A 487 -6.78 -11.96 -17.29
CA LEU A 487 -7.68 -13.05 -17.68
C LEU A 487 -7.41 -14.35 -16.90
N LEU A 488 -6.15 -14.80 -16.91
CA LEU A 488 -5.72 -15.96 -16.15
C LEU A 488 -6.11 -15.82 -14.69
N ARG A 489 -5.98 -14.60 -14.18
CA ARG A 489 -6.28 -14.37 -12.79
C ARG A 489 -7.78 -14.55 -12.55
N TRP A 490 -8.61 -14.17 -13.52
CA TRP A 490 -10.04 -14.25 -13.33
C TRP A 490 -10.56 -15.63 -13.63
N LEU A 491 -9.92 -16.29 -14.60
CA LEU A 491 -10.22 -17.70 -14.86
C LEU A 491 -9.79 -18.54 -13.66
N GLY A 492 -8.61 -18.23 -13.13
CA GLY A 492 -8.14 -18.84 -11.92
C GLY A 492 -9.17 -18.80 -10.82
N THR A 493 -9.73 -17.63 -10.55
CA THR A 493 -10.65 -17.52 -9.43
C THR A 493 -12.00 -18.14 -9.73
N LEU A 494 -12.27 -18.36 -11.01
CA LEU A 494 -13.58 -18.86 -11.42
C LEU A 494 -13.55 -20.37 -11.64
N ASP A 495 -12.53 -21.02 -11.09
CA ASP A 495 -12.35 -22.48 -11.21
C ASP A 495 -12.19 -23.03 -12.62
N VAL A 496 -11.83 -22.19 -13.58
CA VAL A 496 -11.68 -22.69 -14.93
C VAL A 496 -10.23 -23.10 -15.25
N PRO A 497 -10.06 -24.34 -15.70
CA PRO A 497 -8.75 -24.90 -16.01
C PRO A 497 -8.20 -24.31 -17.31
N VAL A 498 -6.88 -24.33 -17.46
CA VAL A 498 -6.26 -23.66 -18.58
C VAL A 498 -5.19 -24.54 -19.19
N VAL A 499 -5.10 -24.57 -20.52
CA VAL A 499 -3.95 -25.18 -21.17
C VAL A 499 -3.24 -24.12 -21.97
N LEU A 500 -1.97 -23.90 -21.67
CA LEU A 500 -1.13 -22.97 -22.41
C LEU A 500 -0.15 -23.75 -23.29
N LEU A 501 -0.08 -23.44 -24.57
CA LEU A 501 0.85 -24.12 -25.45
C LEU A 501 1.81 -23.10 -25.93
N SER A 502 3.03 -23.48 -26.21
CA SER A 502 4.02 -22.55 -26.68
C SER A 502 5.16 -23.25 -27.34
N ALA A 503 5.99 -22.48 -28.01
CA ALA A 503 7.30 -22.86 -28.42
C ALA A 503 8.02 -22.22 -27.31
N THR A 504 9.33 -22.06 -27.39
CA THR A 504 10.10 -21.64 -26.25
C THR A 504 9.47 -20.42 -25.65
N LEU A 505 9.46 -20.36 -24.33
CA LEU A 505 8.93 -19.23 -23.60
C LEU A 505 9.97 -18.71 -22.63
N HIS A 506 10.22 -17.41 -22.65
CA HIS A 506 11.08 -16.82 -21.63
C HIS A 506 10.53 -17.14 -20.23
N HIS A 507 11.38 -17.66 -19.35
CA HIS A 507 10.95 -18.09 -18.01
C HIS A 507 10.15 -17.03 -17.27
N SER A 508 10.49 -15.77 -17.50
CA SER A 508 9.84 -14.69 -16.78
C SER A 508 8.37 -14.60 -17.17
N ILE A 509 8.08 -14.80 -18.44
CA ILE A 509 6.71 -14.71 -18.89
C ILE A 509 5.96 -15.87 -18.27
N ALA A 510 6.53 -17.07 -18.43
CA ALA A 510 5.92 -18.31 -17.97
C ALA A 510 5.56 -18.20 -16.52
N ASN A 511 6.55 -17.82 -15.71
CA ASN A 511 6.35 -17.50 -14.30
C ASN A 511 5.20 -16.53 -14.04
N SER A 512 5.24 -15.39 -14.73
CA SER A 512 4.21 -14.36 -14.62
C SER A 512 2.81 -14.86 -14.91
N LEU A 513 2.69 -15.72 -15.94
CA LEU A 513 1.40 -16.29 -16.29
C LEU A 513 0.92 -17.29 -15.25
N VAL A 514 1.80 -18.18 -14.80
CA VAL A 514 1.32 -19.14 -13.82
C VAL A 514 1.06 -18.46 -12.49
N LYS A 515 1.84 -17.42 -12.20
CA LYS A 515 1.67 -16.68 -10.96
C LYS A 515 0.31 -16.00 -10.96
N ALA A 516 0.00 -15.41 -12.10
CA ALA A 516 -1.31 -14.82 -12.33
C ALA A 516 -2.42 -15.85 -12.10
N TYR A 517 -2.25 -17.05 -12.61
CA TYR A 517 -3.32 -18.03 -12.47
C TYR A 517 -3.45 -18.46 -11.01
N LEU A 518 -2.31 -18.58 -10.35
CA LEU A 518 -2.28 -18.98 -8.95
C LEU A 518 -2.84 -17.88 -8.07
N GLU A 519 -2.52 -16.63 -8.41
CA GLU A 519 -3.04 -15.51 -7.63
C GLU A 519 -4.55 -15.60 -7.64
N GLY A 520 -5.12 -15.78 -8.82
CA GLY A 520 -6.55 -15.88 -8.95
C GLY A 520 -7.10 -17.08 -8.22
N ALA A 521 -6.39 -18.20 -8.32
CA ALA A 521 -6.87 -19.43 -7.70
C ALA A 521 -7.03 -19.25 -6.22
N ARG A 522 -6.10 -18.54 -5.59
CA ARG A 522 -5.83 -18.67 -4.15
C ARG A 522 -6.31 -17.51 -3.30
N GLY A 523 -6.87 -16.49 -3.93
CA GLY A 523 -7.46 -15.40 -3.19
C GLY A 523 -6.58 -14.20 -2.95
N ARG A 524 -5.28 -14.43 -2.71
CA ARG A 524 -4.39 -13.31 -2.39
C ARG A 524 -3.26 -13.21 -3.39
N ARG A 525 -2.64 -12.04 -3.48
CA ARG A 525 -1.54 -11.83 -4.41
C ARG A 525 -0.19 -12.32 -3.89
N TRP A 526 0.86 -12.04 -4.65
CA TRP A 526 2.16 -12.62 -4.36
C TRP A 526 2.97 -11.74 -3.41
N ASN A 527 3.62 -12.38 -2.44
CA ASN A 527 4.46 -11.68 -1.47
C ASN A 527 5.76 -11.25 -2.12
N ARG A 528 6.48 -10.35 -1.48
CA ARG A 528 7.85 -10.06 -1.90
C ARG A 528 8.74 -11.24 -1.50
N SER A 529 8.47 -11.79 -0.32
CA SER A 529 9.24 -12.88 0.23
C SER A 529 9.04 -14.22 -0.48
N GLU A 530 7.78 -14.54 -0.76
CA GLU A 530 7.39 -15.74 -1.49
C GLU A 530 8.30 -16.09 -2.66
N PRO A 531 8.67 -17.37 -2.77
CA PRO A 531 9.48 -17.79 -3.91
C PRO A 531 8.66 -17.72 -5.20
N GLN A 532 9.34 -17.72 -6.34
CA GLN A 532 8.67 -17.73 -7.63
C GLN A 532 8.25 -19.14 -7.96
N PRO A 533 7.05 -19.29 -8.57
CA PRO A 533 6.50 -20.60 -8.96
C PRO A 533 7.25 -21.24 -10.11
N VAL A 534 7.78 -20.43 -11.02
CA VAL A 534 8.54 -21.00 -12.13
C VAL A 534 9.88 -20.30 -12.32
N SER A 535 10.97 -20.99 -11.99
CA SER A 535 12.26 -20.37 -12.17
C SER A 535 12.93 -20.84 -13.42
N GLU A 536 12.55 -22.00 -13.93
CA GLU A 536 13.20 -22.55 -15.13
C GLU A 536 12.16 -23.16 -16.04
N VAL A 537 12.35 -23.06 -17.36
CA VAL A 537 11.49 -23.83 -18.26
C VAL A 537 12.25 -24.80 -19.19
N SER A 538 11.64 -25.94 -19.48
CA SER A 538 12.22 -26.96 -20.35
C SER A 538 11.59 -26.91 -21.74
N TYR A 539 12.44 -26.91 -22.76
CA TYR A 539 11.99 -27.00 -24.13
C TYR A 539 12.68 -28.18 -24.83
N PRO A 540 11.97 -29.30 -25.00
CA PRO A 540 10.54 -29.52 -24.72
C PRO A 540 10.26 -29.69 -23.24
N GLY A 541 9.02 -29.44 -22.85
CA GLY A 541 8.64 -29.64 -21.48
C GLY A 541 7.18 -29.37 -21.28
N TRP A 542 6.65 -29.89 -20.19
CA TRP A 542 5.31 -29.53 -19.77
C TRP A 542 5.35 -29.32 -18.27
N LEU A 543 4.29 -28.75 -17.75
CA LEU A 543 4.32 -28.32 -16.37
C LEU A 543 2.87 -28.23 -15.96
N HIS A 544 2.59 -28.68 -14.75
CA HIS A 544 1.24 -28.69 -14.26
C HIS A 544 1.14 -27.86 -13.00
N VAL A 545 -0.01 -27.24 -12.78
CA VAL A 545 -0.19 -26.42 -11.59
C VAL A 545 -1.53 -26.74 -10.99
N ASP A 546 -1.55 -27.18 -9.73
CA ASP A 546 -2.82 -27.38 -9.04
C ASP A 546 -3.33 -26.10 -8.44
N ALA A 547 -4.56 -25.73 -8.74
CA ALA A 547 -5.18 -24.60 -8.06
C ALA A 547 -5.32 -24.81 -6.56
N ARG A 548 -5.79 -25.99 -6.16
CA ARG A 548 -6.18 -26.20 -4.77
C ARG A 548 -5.07 -25.98 -3.74
N ILE A 549 -3.86 -26.42 -4.06
CA ILE A 549 -2.76 -26.37 -3.11
C ILE A 549 -1.59 -25.60 -3.71
N GLY A 550 -1.72 -25.22 -4.96
CA GLY A 550 -0.68 -24.41 -5.57
C GLY A 550 0.59 -25.15 -5.89
N LYS A 551 0.58 -26.47 -5.78
CA LYS A 551 1.79 -27.23 -6.07
C LYS A 551 2.04 -27.24 -7.57
N VAL A 552 3.30 -27.06 -7.96
CA VAL A 552 3.72 -27.13 -9.37
C VAL A 552 4.54 -28.37 -9.64
N THR A 553 4.12 -29.15 -10.63
CA THR A 553 4.84 -30.37 -10.99
C THR A 553 5.52 -30.17 -12.33
N ARG A 554 6.82 -29.88 -12.32
CA ARG A 554 7.53 -29.80 -13.58
C ARG A 554 7.56 -31.20 -14.18
N SER A 555 7.57 -31.28 -15.50
CA SER A 555 7.59 -32.58 -16.17
C SER A 555 8.80 -33.38 -15.73
N SER A 556 9.93 -32.69 -15.58
CA SER A 556 11.17 -33.34 -15.20
C SER A 556 11.09 -34.00 -13.80
N ASP A 557 10.15 -33.53 -12.98
CA ASP A 557 10.04 -34.01 -11.61
C ASP A 557 9.57 -35.46 -11.51
N VAL A 558 8.85 -35.91 -12.54
CA VAL A 558 8.33 -37.25 -12.54
C VAL A 558 9.05 -38.16 -13.54
N ASP A 559 10.06 -37.63 -14.25
CA ASP A 559 10.75 -38.41 -15.25
C ASP A 559 12.10 -37.79 -15.66
N PRO A 560 13.20 -38.35 -15.16
CA PRO A 560 14.54 -37.81 -15.39
C PRO A 560 14.91 -37.75 -16.87
N LEU A 561 14.36 -38.62 -17.72
CA LEU A 561 14.67 -38.54 -19.16
C LEU A 561 14.01 -37.32 -19.78
N PRO A 562 14.68 -36.68 -20.76
CA PRO A 562 14.03 -35.60 -21.50
C PRO A 562 12.94 -36.13 -22.42
N ILE A 563 11.97 -35.31 -22.78
CA ILE A 563 10.91 -35.76 -23.66
C ILE A 563 11.44 -35.91 -25.07
N ALA A 564 11.31 -37.11 -25.61
CA ALA A 564 11.76 -37.37 -26.96
C ALA A 564 11.04 -36.50 -28.01
N THR A 565 11.81 -35.74 -28.77
CA THR A 565 11.26 -35.03 -29.93
C THR A 565 11.77 -35.68 -31.20
N THR A 566 11.39 -35.14 -32.35
CA THR A 566 11.97 -35.55 -33.63
C THR A 566 13.45 -35.26 -33.59
N PRO A 567 14.29 -36.26 -33.87
CA PRO A 567 15.71 -35.91 -33.95
C PRO A 567 15.96 -34.95 -35.11
N ARG A 568 16.91 -34.02 -34.98
CA ARG A 568 17.26 -33.15 -36.09
C ARG A 568 18.63 -32.50 -36.02
N LYS A 569 19.28 -32.43 -37.18
CA LYS A 569 20.61 -31.84 -37.33
C LYS A 569 20.65 -30.46 -36.72
N PRO A 570 21.77 -30.10 -36.12
CA PRO A 570 21.87 -28.77 -35.55
C PRO A 570 21.81 -27.72 -36.64
N LEU A 571 21.51 -26.48 -36.27
CA LEU A 571 21.35 -25.39 -37.21
C LEU A 571 22.59 -24.52 -37.30
N GLU A 572 23.25 -24.53 -38.45
CA GLU A 572 24.36 -23.65 -38.68
C GLU A 572 23.84 -22.23 -38.76
N VAL A 573 24.29 -21.36 -37.86
CA VAL A 573 23.96 -19.94 -37.93
C VAL A 573 25.21 -19.10 -38.17
N ARG A 574 25.23 -18.41 -39.31
CA ARG A 574 26.42 -17.74 -39.80
C ARG A 574 26.17 -16.24 -39.95
N LEU A 575 26.84 -15.44 -39.11
CA LEU A 575 26.77 -13.98 -39.21
C LEU A 575 27.57 -13.48 -40.41
N VAL A 576 27.04 -12.48 -41.12
CA VAL A 576 27.67 -11.95 -42.33
C VAL A 576 27.56 -10.41 -42.42
N ASP A 577 28.70 -9.73 -42.54
CA ASP A 577 28.69 -8.28 -42.67
C ASP A 577 28.25 -7.83 -44.05
N VAL A 578 27.65 -6.66 -44.12
CA VAL A 578 27.09 -6.17 -45.36
C VAL A 578 27.18 -4.66 -45.37
N PRO A 579 27.68 -4.09 -46.47
CA PRO A 579 27.94 -2.66 -46.54
C PRO A 579 26.68 -1.81 -46.44
N VAL A 580 26.74 -0.83 -45.56
CA VAL A 580 25.72 0.21 -45.46
C VAL A 580 25.91 1.21 -46.59
N LYS A 581 24.82 1.56 -47.28
CA LYS A 581 24.85 2.65 -48.26
C LYS A 581 23.77 3.68 -48.01
N GLU A 582 24.18 4.83 -47.48
CA GLU A 582 23.24 5.88 -47.08
C GLU A 582 22.28 5.32 -46.05
N GLY A 583 22.84 4.88 -44.93
CA GLY A 583 22.04 4.39 -43.82
C GLY A 583 21.16 3.19 -44.12
N ALA A 584 21.41 2.52 -45.24
CA ALA A 584 20.65 1.34 -45.65
C ALA A 584 21.56 0.15 -45.96
N LEU A 585 20.98 -0.92 -46.49
CA LEU A 585 21.75 -2.12 -46.74
C LEU A 585 21.91 -2.42 -48.22
N ASN A 586 23.11 -2.17 -48.73
CA ASN A 586 23.42 -2.58 -50.09
C ASN A 586 23.74 -4.07 -50.11
N ARG A 587 22.70 -4.88 -50.12
CA ARG A 587 22.88 -6.33 -50.03
C ARG A 587 23.34 -6.92 -51.36
N SER A 588 23.49 -6.07 -52.36
CA SER A 588 23.67 -6.50 -53.76
C SER A 588 24.72 -7.57 -53.95
N THR A 589 25.89 -7.32 -53.34
CA THR A 589 27.00 -8.25 -53.37
C THR A 589 26.68 -9.56 -52.66
N VAL A 590 26.53 -9.50 -51.33
CA VAL A 590 26.35 -10.68 -50.50
C VAL A 590 25.25 -11.64 -50.98
N LEU A 591 24.26 -11.10 -51.68
CA LEU A 591 23.31 -11.95 -52.38
C LEU A 591 23.99 -12.72 -53.51
N ALA A 592 24.90 -12.06 -54.22
CA ALA A 592 25.66 -12.73 -55.28
C ALA A 592 26.39 -13.90 -54.71
N LYS A 593 27.39 -13.59 -53.89
CA LYS A 593 28.21 -14.56 -53.19
C LYS A 593 27.37 -15.73 -52.70
N GLU A 594 26.19 -15.43 -52.16
CA GLU A 594 25.44 -16.41 -51.40
C GLU A 594 24.44 -17.24 -52.21
N LEU A 595 23.86 -16.64 -53.23
CA LEU A 595 22.82 -17.32 -53.98
C LEU A 595 23.35 -18.15 -55.14
N THR A 596 24.65 -17.99 -55.44
CA THR A 596 25.24 -18.57 -56.65
C THR A 596 25.09 -20.09 -56.84
N PRO A 597 25.40 -20.88 -55.79
CA PRO A 597 25.18 -22.33 -55.86
C PRO A 597 23.76 -22.66 -56.29
N LEU A 598 22.79 -22.03 -55.64
CA LEU A 598 21.38 -22.22 -55.94
C LEU A 598 21.03 -22.00 -57.41
N VAL A 599 21.65 -21.00 -58.05
CA VAL A 599 21.35 -20.75 -59.47
C VAL A 599 21.88 -21.87 -60.36
N LYS A 600 23.01 -22.46 -59.95
CA LYS A 600 23.63 -23.55 -60.69
C LYS A 600 23.02 -24.94 -60.40
N GLN A 601 23.13 -25.40 -59.16
CA GLN A 601 22.70 -26.77 -58.85
C GLN A 601 21.26 -26.88 -58.39
N GLY A 602 20.64 -25.75 -58.03
CA GLY A 602 19.24 -25.76 -57.66
C GLY A 602 18.94 -25.74 -56.17
N GLY A 603 17.66 -25.91 -55.82
CA GLY A 603 17.22 -25.89 -54.44
C GLY A 603 16.16 -24.83 -54.13
N CYS A 604 15.97 -24.55 -52.84
CA CYS A 604 14.97 -23.58 -52.37
C CYS A 604 15.55 -22.73 -51.25
N ALA A 605 15.39 -21.41 -51.33
CA ALA A 605 15.89 -20.55 -50.27
C ALA A 605 15.06 -19.29 -50.08
N ALA A 606 15.07 -18.77 -48.85
CA ALA A 606 14.28 -17.62 -48.46
C ALA A 606 15.14 -16.43 -48.01
N ILE A 607 14.74 -15.22 -48.38
CA ILE A 607 15.34 -14.01 -47.81
C ILE A 607 14.30 -13.22 -47.04
N ILE A 608 14.58 -13.00 -45.76
CA ILE A 608 13.64 -12.33 -44.87
C ILE A 608 14.18 -10.95 -44.52
N CYS A 609 13.44 -9.92 -44.90
CA CYS A 609 13.88 -8.56 -44.63
C CYS A 609 13.02 -7.84 -43.61
N THR A 610 13.66 -6.95 -42.86
CA THR A 610 13.03 -6.35 -41.72
C THR A 610 11.81 -5.50 -42.06
N THR A 611 11.82 -4.82 -43.21
CA THR A 611 10.67 -4.01 -43.63
C THR A 611 10.22 -4.30 -45.06
N VAL A 612 9.01 -3.85 -45.39
CA VAL A 612 8.41 -4.13 -46.69
C VAL A 612 9.14 -3.42 -47.80
N ALA A 613 9.56 -2.19 -47.56
CA ALA A 613 10.41 -1.46 -48.51
C ALA A 613 11.57 -2.33 -48.94
N GLU A 614 12.46 -2.62 -47.99
CA GLU A 614 13.61 -3.51 -48.19
C GLU A 614 13.21 -4.82 -48.83
N ALA A 615 12.05 -5.33 -48.44
CA ALA A 615 11.53 -6.56 -49.00
C ALA A 615 11.33 -6.41 -50.51
N GLN A 616 10.86 -5.24 -50.95
CA GLN A 616 10.51 -5.05 -52.34
C GLN A 616 11.77 -4.83 -53.18
N GLY A 617 12.72 -4.10 -52.60
CA GLY A 617 13.96 -3.75 -53.29
C GLY A 617 14.80 -4.97 -53.60
N VAL A 618 14.81 -5.91 -52.67
CA VAL A 618 15.49 -7.18 -52.86
C VAL A 618 14.87 -7.96 -54.04
N TYR A 619 13.55 -8.05 -54.08
CA TYR A 619 12.85 -8.72 -55.18
C TYR A 619 13.14 -8.04 -56.51
N ASP A 620 13.28 -6.72 -56.47
CA ASP A 620 13.68 -6.01 -57.66
C ASP A 620 15.10 -6.37 -58.03
N LEU A 621 15.98 -6.29 -57.04
CA LEU A 621 17.38 -6.49 -57.30
C LEU A 621 17.58 -7.90 -57.78
N LEU A 622 16.85 -8.82 -57.18
CA LEU A 622 16.88 -10.17 -57.64
C LEU A 622 16.34 -10.25 -59.05
N SER A 623 15.30 -9.51 -59.34
CA SER A 623 14.65 -9.67 -60.63
C SER A 623 15.55 -9.30 -61.80
N GLN A 624 16.29 -8.21 -61.68
CA GLN A 624 17.10 -7.75 -62.79
C GLN A 624 18.05 -8.86 -63.10
N TRP A 625 18.59 -9.40 -62.03
CA TRP A 625 19.71 -10.29 -62.05
C TRP A 625 19.28 -11.47 -62.88
N PHE A 626 18.02 -11.81 -62.74
CA PHE A 626 17.44 -13.03 -63.28
C PHE A 626 17.03 -12.92 -64.75
N ALA A 627 17.19 -11.75 -65.36
CA ALA A 627 17.02 -11.64 -66.81
C ALA A 627 18.05 -12.56 -67.45
N THR A 628 19.30 -12.32 -67.11
CA THR A 628 20.43 -13.19 -67.43
C THR A 628 20.19 -14.64 -66.94
N ALA A 633 12.97 -20.55 -62.95
CA ALA A 633 14.31 -21.10 -63.16
C ALA A 633 15.43 -20.02 -63.10
N PRO A 634 15.87 -19.65 -61.87
CA PRO A 634 15.21 -20.06 -60.63
C PRO A 634 14.04 -19.12 -60.33
N ASP A 635 12.95 -19.66 -59.79
CA ASP A 635 11.75 -18.88 -59.56
C ASP A 635 11.97 -17.77 -58.54
N LEU A 636 11.07 -16.79 -58.52
CA LEU A 636 11.17 -15.66 -57.60
C LEU A 636 9.79 -15.28 -57.12
N TYR A 637 9.68 -15.13 -55.80
CA TYR A 637 8.42 -14.73 -55.18
C TYR A 637 8.65 -13.72 -54.07
N LEU A 638 7.61 -12.92 -53.84
CA LEU A 638 7.65 -11.89 -52.83
C LEU A 638 6.39 -11.99 -52.00
N LEU A 639 6.54 -11.95 -50.68
CA LEU A 639 5.40 -11.99 -49.77
C LEU A 639 5.49 -10.98 -48.64
N HIS A 640 4.37 -10.32 -48.34
CA HIS A 640 4.30 -9.42 -47.21
C HIS A 640 2.85 -9.03 -46.93
N SER A 641 2.65 -8.03 -46.08
CA SER A 641 1.32 -7.67 -45.63
C SER A 641 0.50 -6.91 -46.66
N ARG A 642 1.18 -6.16 -47.51
CA ARG A 642 0.53 -5.15 -48.33
C ARG A 642 0.19 -5.67 -49.71
N PHE A 643 -0.59 -6.74 -49.74
CA PHE A 643 -1.11 -7.25 -50.98
C PHE A 643 -2.59 -7.28 -50.84
N PRO A 644 -3.31 -7.14 -51.95
CA PRO A 644 -4.75 -7.34 -51.82
C PRO A 644 -4.98 -8.75 -51.27
N ASN A 645 -6.06 -8.92 -50.50
CA ASN A 645 -6.35 -10.21 -49.91
C ASN A 645 -6.25 -11.31 -50.92
N ARG A 646 -7.16 -11.33 -51.89
CA ARG A 646 -7.23 -12.40 -52.87
C ARG A 646 -5.86 -12.76 -53.37
N GLN A 647 -5.04 -11.74 -53.62
CA GLN A 647 -3.71 -11.97 -54.15
C GLN A 647 -2.79 -12.61 -53.13
N ARG A 648 -2.94 -12.23 -51.86
CA ARG A 648 -2.09 -12.80 -50.81
C ARG A 648 -2.44 -14.27 -50.56
N THR A 649 -3.74 -14.55 -50.51
CA THR A 649 -4.24 -15.89 -50.34
C THR A 649 -3.83 -16.77 -51.52
N GLU A 650 -3.67 -16.17 -52.69
CA GLU A 650 -3.27 -16.94 -53.88
C GLU A 650 -1.78 -17.24 -53.89
N ILE A 651 -0.95 -16.24 -53.59
CA ILE A 651 0.50 -16.41 -53.48
C ILE A 651 0.87 -17.46 -52.43
N THR A 652 0.26 -17.35 -51.25
CA THR A 652 0.60 -18.21 -50.14
C THR A 652 0.32 -19.66 -50.51
N ALA A 653 -0.74 -19.86 -51.28
CA ALA A 653 -1.17 -21.20 -51.62
C ALA A 653 -0.19 -21.87 -52.56
N THR A 654 0.40 -21.07 -53.45
CA THR A 654 1.34 -21.62 -54.42
C THR A 654 2.73 -21.64 -53.82
N ILE A 655 2.92 -20.87 -52.76
CA ILE A 655 4.23 -20.82 -52.11
C ILE A 655 4.42 -22.03 -51.21
N VAL A 656 3.37 -22.40 -50.48
CA VAL A 656 3.46 -23.59 -49.63
C VAL A 656 3.43 -24.80 -50.53
N ASP A 657 2.75 -24.66 -51.67
CA ASP A 657 2.63 -25.81 -52.53
C ASP A 657 3.96 -26.16 -53.18
N LEU A 658 4.83 -25.17 -53.29
CA LEU A 658 6.16 -25.40 -53.80
C LEU A 658 7.08 -25.85 -52.69
N PHE A 659 7.17 -25.04 -51.64
CA PHE A 659 8.19 -25.22 -50.61
C PHE A 659 7.77 -26.08 -49.43
N GLY A 660 6.47 -26.30 -49.31
CA GLY A 660 5.90 -26.97 -48.16
C GLY A 660 6.07 -28.48 -48.16
N LYS A 661 5.05 -29.20 -47.72
CA LYS A 661 5.16 -30.65 -47.56
C LYS A 661 4.32 -31.41 -48.55
N GLU A 662 3.05 -31.01 -48.74
CA GLU A 662 2.20 -31.65 -49.74
C GLU A 662 2.72 -31.37 -51.15
N GLY A 663 3.79 -30.57 -51.23
CA GLY A 663 4.49 -30.38 -52.46
C GLY A 663 5.57 -31.44 -52.60
N ALA A 664 6.37 -31.61 -51.54
CA ALA A 664 7.43 -32.61 -51.54
C ALA A 664 6.86 -34.01 -51.72
N GLN A 665 5.78 -34.31 -51.02
CA GLN A 665 5.14 -35.60 -51.20
C GLN A 665 4.60 -35.74 -52.62
N SER A 666 4.09 -34.64 -53.16
CA SER A 666 3.57 -34.67 -54.52
C SER A 666 4.68 -34.45 -55.57
N GLY A 667 5.92 -34.30 -55.11
CA GLY A 667 7.05 -34.14 -56.01
C GLY A 667 6.95 -32.92 -56.90
N ARG A 668 6.17 -31.93 -56.46
CA ARG A 668 5.96 -30.70 -57.19
C ARG A 668 7.00 -29.65 -56.77
N ARG A 669 7.96 -30.07 -55.98
CA ARG A 669 8.96 -29.20 -55.37
C ARG A 669 10.17 -28.95 -56.27
N PRO A 670 10.42 -27.69 -56.66
CA PRO A 670 11.28 -27.35 -57.79
C PRO A 670 12.77 -27.61 -57.57
N THR A 671 13.60 -27.22 -58.55
CA THR A 671 15.06 -27.29 -58.44
C THR A 671 15.72 -25.89 -58.57
N ALA A 674 15.16 -21.62 -57.06
CA ALA A 674 13.92 -21.06 -56.51
C ALA A 674 14.14 -20.21 -55.25
N VAL A 675 13.68 -18.95 -55.28
CA VAL A 675 13.88 -18.03 -54.16
C VAL A 675 12.59 -17.35 -53.68
N LEU A 676 12.39 -17.32 -52.36
CA LEU A 676 11.33 -16.52 -51.77
C LEU A 676 11.84 -15.34 -50.95
N VAL A 677 11.32 -14.15 -51.26
CA VAL A 677 11.60 -12.97 -50.45
C VAL A 677 10.37 -12.66 -49.62
N ALA A 678 10.55 -12.37 -48.33
CA ALA A 678 9.43 -11.96 -47.51
C ALA A 678 9.85 -11.17 -46.28
N THR A 679 8.85 -10.59 -45.61
CA THR A 679 9.01 -10.00 -44.30
C THR A 679 8.53 -10.98 -43.24
N GLN A 680 8.21 -10.45 -42.06
CA GLN A 680 7.92 -11.33 -40.94
C GLN A 680 6.63 -12.10 -41.06
N VAL A 681 6.02 -12.12 -42.25
CA VAL A 681 4.89 -13.00 -42.47
C VAL A 681 5.37 -14.45 -42.37
N VAL A 682 6.66 -14.62 -42.59
CA VAL A 682 7.26 -15.94 -42.55
C VAL A 682 7.23 -16.48 -41.11
N GLU A 683 7.12 -15.60 -40.14
CA GLU A 683 7.09 -15.99 -38.74
C GLU A 683 5.72 -16.50 -38.35
N GLN A 684 4.70 -16.14 -39.11
CA GLN A 684 3.37 -16.73 -38.91
C GLN A 684 3.37 -18.09 -39.55
N SER A 685 2.40 -18.91 -39.17
CA SER A 685 2.41 -20.29 -39.63
C SER A 685 2.34 -20.35 -41.15
N LEU A 686 3.43 -20.81 -41.74
CA LEU A 686 3.51 -21.13 -43.15
C LEU A 686 4.23 -22.45 -43.25
N ASP A 687 3.63 -23.44 -43.89
CA ASP A 687 4.34 -24.68 -44.15
C ASP A 687 5.41 -24.42 -45.19
N LEU A 688 6.59 -24.05 -44.75
CA LEU A 688 7.71 -23.89 -45.66
C LEU A 688 8.84 -24.78 -45.22
N ASP A 689 9.61 -25.25 -46.19
CA ASP A 689 10.86 -25.93 -45.94
C ASP A 689 11.86 -25.41 -46.96
N VAL A 690 12.78 -24.55 -46.55
CA VAL A 690 13.79 -24.08 -47.48
C VAL A 690 15.13 -24.69 -47.15
N ASP A 691 16.03 -24.68 -48.12
CA ASP A 691 17.37 -25.24 -47.94
C ASP A 691 18.29 -24.23 -47.27
N LEU A 692 18.22 -22.98 -47.73
CA LEU A 692 19.03 -21.92 -47.16
C LEU A 692 18.13 -20.81 -46.65
N MET A 693 18.49 -20.19 -45.53
CA MET A 693 17.78 -18.98 -45.10
C MET A 693 18.69 -17.82 -44.76
N ILE A 694 18.33 -16.66 -45.29
CA ILE A 694 19.06 -15.45 -45.04
C ILE A 694 18.09 -14.46 -44.42
N SER A 695 18.41 -13.97 -43.23
CA SER A 695 17.56 -12.99 -42.58
C SER A 695 18.37 -11.81 -42.10
N ASP A 696 17.72 -10.65 -42.08
CA ASP A 696 18.27 -9.49 -41.39
C ASP A 696 18.27 -9.90 -39.94
N LEU A 697 19.23 -9.42 -39.18
CA LEU A 697 19.28 -9.61 -37.74
C LEU A 697 17.98 -9.18 -37.08
N ALA A 698 17.41 -10.07 -36.27
CA ALA A 698 16.18 -9.81 -35.54
C ALA A 698 16.44 -10.37 -34.15
N PRO A 699 15.51 -10.19 -33.19
CA PRO A 699 15.85 -10.77 -31.88
C PRO A 699 15.89 -12.31 -31.95
N VAL A 700 16.74 -12.95 -31.16
CA VAL A 700 16.99 -14.41 -31.28
C VAL A 700 15.75 -15.27 -31.36
N SER A 701 14.78 -14.92 -30.51
CA SER A 701 13.55 -15.67 -30.45
C SER A 701 12.87 -15.61 -31.81
N LEU A 702 13.04 -14.49 -32.48
CA LEU A 702 12.43 -14.30 -33.77
C LEU A 702 13.30 -14.87 -34.87
N LEU A 703 14.60 -14.87 -34.66
CA LEU A 703 15.49 -15.56 -35.57
C LEU A 703 15.25 -17.08 -35.49
N LEU A 704 15.36 -17.62 -34.29
CA LEU A 704 15.14 -19.04 -34.08
C LEU A 704 13.74 -19.44 -34.52
N GLN A 705 12.79 -18.51 -34.40
CA GLN A 705 11.46 -18.73 -34.92
C GLN A 705 11.57 -18.92 -36.42
N ARG A 706 12.03 -17.87 -37.09
CA ARG A 706 12.29 -17.87 -38.53
C ARG A 706 13.02 -19.13 -39.00
N ALA A 707 14.05 -19.52 -38.27
CA ALA A 707 14.96 -20.57 -38.72
C ALA A 707 14.32 -21.94 -38.72
N GLY A 708 13.20 -22.08 -38.02
CA GLY A 708 12.47 -23.33 -38.02
C GLY A 708 11.94 -23.76 -39.37
N ARG A 709 12.08 -22.89 -40.37
CA ARG A 709 11.69 -23.25 -41.73
C ARG A 709 12.84 -23.91 -42.49
N CYS A 710 14.06 -23.78 -41.99
CA CYS A 710 15.19 -24.52 -42.53
C CYS A 710 15.00 -26.02 -42.36
N TRP A 711 15.05 -26.75 -43.46
CA TRP A 711 15.03 -28.21 -43.45
C TRP A 711 13.97 -28.75 -42.51
N ARG A 712 12.81 -28.13 -42.56
CA ARG A 712 11.70 -28.46 -41.67
C ARG A 712 11.39 -29.95 -41.72
N HIS A 713 11.34 -30.49 -42.93
CA HIS A 713 10.85 -31.85 -43.13
C HIS A 713 11.91 -32.87 -43.50
N GLU A 714 13.15 -32.59 -43.12
CA GLU A 714 14.20 -33.56 -43.33
C GLU A 714 13.87 -34.93 -42.76
N HIS A 715 13.08 -34.97 -41.69
CA HIS A 715 12.81 -36.24 -41.03
C HIS A 715 11.88 -37.13 -41.84
N LEU A 716 11.31 -36.57 -42.89
CA LEU A 716 10.67 -37.36 -43.91
C LEU A 716 11.78 -37.72 -44.87
N GLY A 717 11.87 -38.99 -45.22
CA GLY A 717 12.95 -39.42 -46.10
C GLY A 717 12.92 -38.73 -47.44
N ILE A 718 11.72 -38.33 -47.88
CA ILE A 718 11.46 -37.89 -49.25
C ILE A 718 12.01 -36.53 -49.68
N ILE A 719 13.30 -36.28 -49.52
CA ILE A 719 13.79 -34.95 -49.85
C ILE A 719 15.26 -34.91 -50.28
N ASN A 720 15.54 -34.20 -51.37
CA ASN A 720 16.88 -34.21 -51.95
C ASN A 720 17.56 -32.85 -51.98
N ARG A 721 18.46 -32.63 -51.02
CA ARG A 721 19.09 -31.35 -50.87
C ARG A 721 20.22 -31.16 -51.85
N PRO A 722 20.24 -29.91 -52.49
CA PRO A 722 21.31 -29.79 -53.50
C PRO A 722 22.63 -29.80 -52.83
N GLN A 723 23.65 -30.19 -53.58
CA GLN A 723 24.93 -30.60 -53.06
C GLN A 723 25.54 -29.50 -52.24
N TRP A 724 25.30 -28.25 -52.64
CA TRP A 724 25.85 -27.13 -51.91
C TRP A 724 25.28 -27.08 -50.51
N ALA A 725 24.13 -27.70 -50.33
CA ALA A 725 23.46 -27.66 -49.04
C ALA A 725 24.01 -28.70 -48.08
N LYS A 726 25.22 -28.49 -47.59
CA LYS A 726 25.81 -29.43 -46.64
C LYS A 726 25.14 -29.55 -45.28
N GLN A 727 24.72 -28.45 -44.68
CA GLN A 727 24.02 -28.54 -43.40
C GLN A 727 22.89 -27.50 -43.31
N PRO A 728 21.86 -27.74 -42.44
CA PRO A 728 20.79 -26.74 -42.36
C PRO A 728 21.34 -25.40 -41.88
N GLU A 729 21.15 -24.35 -42.68
CA GLU A 729 21.85 -23.11 -42.41
C GLU A 729 20.99 -21.88 -42.45
N LEU A 730 21.24 -21.00 -41.47
CA LEU A 730 20.61 -19.70 -41.40
C LEU A 730 21.70 -18.65 -41.48
N VAL A 731 21.65 -17.83 -42.52
CA VAL A 731 22.62 -16.77 -42.67
C VAL A 731 22.03 -15.49 -42.09
N VAL A 732 22.80 -14.85 -41.21
CA VAL A 732 22.32 -13.65 -40.52
C VAL A 732 23.06 -12.39 -40.95
N LEU A 733 22.35 -11.52 -41.68
CA LEU A 733 22.94 -10.30 -42.20
C LEU A 733 23.02 -9.20 -41.14
N THR A 734 24.17 -8.59 -40.98
CA THR A 734 24.27 -7.48 -40.05
C THR A 734 25.29 -6.52 -40.59
N PRO A 735 25.02 -5.21 -40.46
CA PRO A 735 25.85 -4.21 -41.13
C PRO A 735 27.26 -4.19 -40.57
N GLU A 736 28.19 -3.69 -41.36
CA GLU A 736 29.56 -3.55 -40.91
C GLU A 736 29.66 -2.26 -40.13
N GLN A 737 30.51 -2.24 -39.10
CA GLN A 737 30.59 -1.10 -38.18
C GLN A 737 31.95 -0.40 -38.23
N ASN A 738 32.24 0.37 -37.17
CA ASN A 738 33.52 1.08 -36.99
C ASN A 738 33.70 1.68 -35.60
N ARG A 743 31.58 2.26 -29.81
CA ARG A 743 31.91 1.01 -29.13
C ARG A 743 30.68 0.14 -28.88
N ALA A 744 29.53 0.57 -29.38
CA ALA A 744 28.29 -0.21 -29.30
C ALA A 744 27.68 -0.32 -30.70
N PRO A 745 27.12 -1.50 -31.03
CA PRO A 745 26.71 -1.88 -32.38
C PRO A 745 25.61 -0.99 -32.95
N TRP A 746 25.84 -0.46 -34.15
CA TRP A 746 24.86 0.38 -34.84
C TRP A 746 23.97 -0.45 -35.77
N PHE A 747 22.73 0.00 -35.95
CA PHE A 747 21.79 -0.65 -36.85
C PHE A 747 20.93 0.39 -37.54
N PRO A 748 20.46 0.09 -38.77
CA PRO A 748 19.59 0.98 -39.53
C PRO A 748 18.46 1.57 -38.70
N ARG A 749 18.16 2.86 -38.92
CA ARG A 749 16.96 3.50 -38.36
C ARG A 749 15.71 2.71 -38.78
N SER A 750 15.73 2.22 -40.01
CA SER A 750 14.66 1.40 -40.55
C SER A 750 14.40 0.18 -39.69
N TRP A 751 15.48 -0.45 -39.21
CA TRP A 751 15.40 -1.64 -38.36
C TRP A 751 15.03 -1.31 -36.91
N THR A 752 15.53 -0.18 -36.43
CA THR A 752 15.44 0.14 -35.01
C THR A 752 14.08 0.68 -34.60
N SER A 753 13.24 0.89 -35.61
CA SER A 753 11.86 1.35 -35.39
C SER A 753 10.84 0.19 -35.33
N VAL A 754 11.20 -0.98 -35.84
CA VAL A 754 10.36 -2.17 -35.70
C VAL A 754 10.79 -3.02 -34.50
N TYR A 755 12.10 -3.23 -34.36
CA TYR A 755 12.66 -3.88 -33.17
C TYR A 755 13.42 -2.85 -32.35
N PRO A 756 13.30 -2.88 -31.00
CA PRO A 756 14.00 -1.89 -30.18
C PRO A 756 15.50 -2.05 -30.40
N LEU A 757 16.25 -0.95 -30.44
CA LEU A 757 17.66 -1.04 -30.83
C LEU A 757 18.47 -2.01 -29.96
N ALA A 758 18.45 -1.80 -28.65
CA ALA A 758 19.23 -2.62 -27.73
C ALA A 758 19.07 -4.13 -27.95
N LEU A 759 17.85 -4.56 -28.22
CA LEU A 759 17.62 -5.97 -28.34
C LEU A 759 18.29 -6.53 -29.58
N LEU A 760 18.33 -5.73 -30.63
CA LEU A 760 19.06 -6.11 -31.83
C LEU A 760 20.56 -6.21 -31.52
N GLN A 761 21.04 -5.32 -30.65
CA GLN A 761 22.41 -5.39 -30.19
C GLN A 761 22.65 -6.68 -29.42
N ARG A 762 21.89 -6.84 -28.34
CA ARG A 762 22.00 -8.00 -27.48
C ARG A 762 21.98 -9.31 -28.26
N THR A 763 21.21 -9.34 -29.35
CA THR A 763 21.15 -10.55 -30.17
C THR A 763 22.45 -10.69 -30.94
N TYR A 764 22.91 -9.60 -31.54
CA TYR A 764 24.18 -9.64 -32.26
C TYR A 764 25.30 -10.00 -31.32
N THR A 765 25.46 -9.19 -30.27
CA THR A 765 26.44 -9.44 -29.23
C THR A 765 26.49 -10.92 -28.85
N LEU A 766 25.31 -11.50 -28.57
CA LEU A 766 25.21 -12.88 -28.13
C LEU A 766 25.56 -13.89 -29.20
N LEU A 767 25.29 -13.55 -30.46
CA LEU A 767 25.52 -14.51 -31.56
C LEU A 767 27.00 -14.61 -31.87
N ARG A 768 27.63 -13.45 -31.94
CA ARG A 768 29.06 -13.29 -32.10
C ARG A 768 29.78 -14.17 -31.09
N ARG A 769 29.37 -14.07 -29.83
CA ARG A 769 30.04 -14.74 -28.71
C ARG A 769 30.24 -16.25 -28.91
N ARG A 770 29.41 -16.87 -29.73
CA ARG A 770 29.46 -18.33 -29.93
C ARG A 770 30.54 -18.82 -30.93
N ASN A 771 31.12 -17.90 -31.69
CA ASN A 771 32.05 -18.24 -32.78
C ASN A 771 31.54 -19.28 -33.79
N GLY A 772 30.58 -18.91 -34.63
CA GLY A 772 30.14 -19.77 -35.71
C GLY A 772 29.43 -21.05 -35.30
N ALA A 773 29.60 -21.44 -34.03
CA ALA A 773 29.04 -22.69 -33.50
C ALA A 773 27.62 -22.93 -33.94
N PRO A 774 27.32 -24.14 -34.42
CA PRO A 774 25.91 -24.43 -34.65
C PRO A 774 25.04 -24.29 -33.39
N VAL A 775 23.73 -24.39 -33.57
CA VAL A 775 22.79 -24.41 -32.48
C VAL A 775 22.20 -25.82 -32.39
N GLN A 776 22.53 -26.54 -31.32
CA GLN A 776 21.94 -27.86 -31.17
C GLN A 776 20.44 -27.64 -30.95
N ILE A 777 19.63 -28.36 -31.70
CA ILE A 777 18.18 -28.20 -31.63
C ILE A 777 17.52 -29.48 -31.14
N PRO A 778 16.73 -29.40 -30.03
CA PRO A 778 16.33 -28.19 -29.31
C PRO A 778 17.13 -27.90 -28.05
N GLU A 779 18.21 -28.62 -27.80
CA GLU A 779 19.04 -28.44 -26.60
C GLU A 779 19.53 -27.00 -26.36
N ASP A 780 19.94 -26.31 -27.43
CA ASP A 780 20.49 -24.96 -27.34
C ASP A 780 19.46 -23.81 -27.27
N VAL A 781 18.22 -24.07 -27.66
CA VAL A 781 17.29 -22.99 -27.93
C VAL A 781 16.86 -22.15 -26.70
N GLN A 782 16.04 -22.73 -25.83
CA GLN A 782 15.50 -22.04 -24.66
C GLN A 782 16.53 -21.20 -23.94
N GLN A 783 17.72 -21.77 -23.82
CA GLN A 783 18.90 -21.09 -23.32
C GLN A 783 19.06 -19.70 -23.89
N LEU A 784 19.07 -19.63 -25.21
CA LEU A 784 19.31 -18.38 -25.93
C LEU A 784 18.18 -17.39 -25.66
N VAL A 785 16.96 -17.89 -25.81
CA VAL A 785 15.77 -17.09 -25.59
C VAL A 785 15.82 -16.45 -24.20
N ASP A 786 16.17 -17.25 -23.21
CA ASP A 786 16.32 -16.74 -21.87
C ASP A 786 17.42 -15.72 -21.81
N ASP A 787 18.54 -16.06 -22.47
CA ASP A 787 19.78 -15.32 -22.29
C ASP A 787 19.81 -13.92 -22.89
N VAL A 788 19.21 -13.73 -24.06
CA VAL A 788 19.22 -12.42 -24.72
C VAL A 788 18.73 -11.30 -23.79
N TYR A 789 17.75 -11.65 -22.95
CA TYR A 789 17.14 -10.73 -22.01
C TYR A 789 17.82 -10.78 -20.65
N ASP A 790 18.50 -11.87 -20.35
CA ASP A 790 18.99 -12.06 -18.98
C ASP A 790 20.44 -11.62 -18.75
N ASP A 791 21.34 -12.02 -19.64
CA ASP A 791 22.74 -11.66 -19.54
C ASP A 791 22.91 -10.19 -19.90
N ASP A 792 23.21 -9.38 -18.89
CA ASP A 792 23.26 -7.94 -19.08
C ASP A 792 24.53 -7.46 -19.76
N SER A 793 25.56 -8.28 -19.68
CA SER A 793 26.83 -7.97 -20.30
C SER A 793 26.67 -7.93 -21.83
N LEU A 794 25.48 -8.32 -22.29
CA LEU A 794 25.17 -8.36 -23.71
C LEU A 794 24.75 -6.99 -24.26
N ALA A 795 24.62 -6.01 -23.38
CA ALA A 795 24.24 -4.67 -23.80
C ALA A 795 25.30 -3.63 -23.49
N GLU A 796 26.00 -3.14 -24.52
CA GLU A 796 27.06 -2.14 -24.30
C GLU A 796 26.53 -0.72 -24.32
N ASP A 797 25.30 -0.56 -24.83
CA ASP A 797 24.67 0.75 -24.95
C ASP A 797 23.63 0.93 -23.85
N LEU A 798 24.03 1.51 -22.73
CA LEU A 798 23.08 1.65 -21.62
C LEU A 798 21.94 2.61 -21.92
N GLU A 799 22.11 3.48 -22.91
CA GLU A 799 21.03 4.39 -23.26
C GLU A 799 20.00 3.68 -24.13
N ALA A 800 20.48 2.73 -24.92
CA ALA A 800 19.60 2.00 -25.81
C ALA A 800 18.87 0.91 -25.03
N ASP A 801 19.55 0.37 -24.03
CA ASP A 801 18.99 -0.71 -23.24
C ASP A 801 17.98 -0.18 -22.24
N MET A 802 18.17 1.06 -21.81
CA MET A 802 17.25 1.68 -20.86
C MET A 802 15.96 2.12 -21.57
N GLU A 803 16.07 2.54 -22.82
CA GLU A 803 14.89 2.98 -23.54
C GLU A 803 14.00 1.79 -23.76
N ARG A 804 14.61 0.69 -24.23
CA ARG A 804 13.94 -0.60 -24.43
C ARG A 804 13.13 -0.95 -23.21
N MET A 805 13.74 -0.82 -22.05
CA MET A 805 13.01 -1.07 -20.81
C MET A 805 11.90 -0.06 -20.61
N GLY A 806 12.15 1.21 -20.86
CA GLY A 806 11.12 2.22 -20.68
C GLY A 806 9.94 1.99 -21.61
N GLU A 807 10.24 1.75 -22.88
CA GLU A 807 9.24 1.38 -23.87
C GLU A 807 8.43 0.19 -23.38
N GLU A 808 9.09 -0.74 -22.70
CA GLU A 808 8.39 -1.96 -22.25
C GLU A 808 7.52 -1.66 -21.06
N LEU A 809 7.98 -0.76 -20.21
CA LEU A 809 7.22 -0.34 -19.05
C LEU A 809 6.00 0.43 -19.52
N ALA A 810 6.15 1.09 -20.68
CA ALA A 810 5.09 1.93 -21.23
C ALA A 810 3.93 1.10 -21.74
N GLN A 811 4.26 -0.10 -22.21
CA GLN A 811 3.27 -1.00 -22.76
C GLN A 811 2.50 -1.69 -21.66
N ARG A 812 3.22 -2.11 -20.62
CA ARG A 812 2.55 -2.73 -19.48
C ARG A 812 1.66 -1.72 -18.76
N GLY A 813 2.10 -0.47 -18.76
CA GLY A 813 1.35 0.59 -18.11
C GLY A 813 0.02 0.88 -18.77
N LEU A 814 0.00 0.94 -20.11
CA LEU A 814 -1.23 1.26 -20.81
C LEU A 814 -2.22 0.15 -20.56
N ALA A 815 -1.71 -1.07 -20.63
CA ALA A 815 -2.49 -2.27 -20.33
C ALA A 815 -3.17 -2.19 -18.97
N ARG A 816 -2.39 -1.96 -17.91
CA ARG A 816 -2.95 -1.93 -16.56
C ARG A 816 -4.08 -0.90 -16.49
N ASN A 817 -3.89 0.19 -17.20
CA ASN A 817 -4.90 1.23 -17.24
C ASN A 817 -6.18 0.68 -17.83
N ALA A 818 -6.02 -0.24 -18.78
CA ALA A 818 -7.10 -0.73 -19.63
C ALA A 818 -7.92 -1.90 -19.08
N VAL A 819 -7.37 -2.67 -18.12
CA VAL A 819 -8.00 -3.90 -17.63
C VAL A 819 -8.87 -3.80 -16.38
N ILE A 820 -9.91 -4.61 -16.31
CA ILE A 820 -10.75 -4.72 -15.11
C ILE A 820 -9.92 -5.01 -13.85
N PRO A 821 -10.48 -4.71 -12.67
CA PRO A 821 -9.77 -4.95 -11.40
C PRO A 821 -9.24 -6.37 -11.22
N ASP A 822 -8.27 -6.54 -10.31
CA ASP A 822 -7.96 -7.85 -9.78
C ASP A 822 -9.25 -8.33 -9.11
N PRO A 823 -9.48 -9.64 -9.06
CA PRO A 823 -10.71 -10.13 -8.40
C PRO A 823 -10.86 -9.67 -6.96
N ASP A 824 -9.78 -9.55 -6.21
CA ASP A 824 -9.89 -9.20 -4.79
C ASP A 824 -10.19 -7.74 -4.59
N ASP A 825 -9.96 -6.95 -5.62
CA ASP A 825 -10.31 -5.53 -5.64
C ASP A 825 -11.78 -5.40 -5.97
N ALA A 826 -12.36 -6.48 -6.47
CA ALA A 826 -13.71 -6.47 -7.00
C ALA A 826 -14.61 -7.27 -6.10
N GLU A 827 -14.06 -7.64 -4.96
CA GLU A 827 -14.73 -8.53 -4.02
C GLU A 827 -16.15 -8.07 -3.63
N ASP A 828 -16.27 -6.82 -3.22
CA ASP A 828 -17.53 -6.29 -2.76
C ASP A 828 -18.08 -5.20 -3.67
N ASN A 829 -17.46 -5.01 -4.82
CA ASN A 829 -17.84 -3.91 -5.67
C ASN A 829 -17.56 -4.23 -7.16
N LEU A 830 -18.62 -4.23 -7.97
CA LEU A 830 -18.50 -4.58 -9.37
C LEU A 830 -18.28 -3.37 -10.28
N ASN A 831 -18.33 -2.16 -9.73
CA ASN A 831 -18.32 -0.99 -10.60
C ASN A 831 -17.01 -0.81 -11.37
N GLY A 832 -15.92 -1.35 -10.84
CA GLY A 832 -14.65 -1.24 -11.51
C GLY A 832 -14.72 -1.86 -12.90
N LEU A 833 -15.54 -2.89 -13.03
CA LEU A 833 -15.54 -3.70 -14.23
C LEU A 833 -15.92 -2.89 -15.48
N THR A 834 -16.69 -1.84 -15.30
CA THR A 834 -17.23 -1.11 -16.44
C THR A 834 -16.87 0.37 -16.40
N GLU A 835 -16.29 0.81 -15.29
CA GLU A 835 -15.86 2.19 -15.12
C GLU A 835 -14.80 2.61 -16.12
N PHE A 836 -15.03 3.73 -16.82
CA PHE A 836 -13.98 4.32 -17.66
C PHE A 836 -14.31 5.74 -18.13
N SER A 837 -13.28 6.59 -18.29
CA SER A 837 -13.46 8.02 -18.61
C SER A 837 -12.64 8.59 -19.78
N PHE A 838 -13.05 9.76 -20.26
CA PHE A 838 -12.47 10.39 -21.46
C PHE A 838 -12.61 9.47 -22.68
N HIS A 843 -14.46 6.33 -28.56
CA HIS A 843 -13.24 5.54 -28.36
C HIS A 843 -13.48 4.14 -27.73
N VAL A 844 -12.72 3.13 -28.18
CA VAL A 844 -12.88 1.73 -27.72
C VAL A 844 -11.54 1.04 -27.38
N LEU A 845 -11.44 0.46 -26.18
CA LEU A 845 -10.15 -0.09 -25.68
C LEU A 845 -9.57 -1.24 -26.48
N ALA A 846 -8.25 -1.28 -26.58
CA ALA A 846 -7.61 -2.22 -27.47
C ALA A 846 -7.07 -3.47 -26.79
N THR A 847 -7.04 -4.57 -27.55
CA THR A 847 -6.48 -5.81 -27.07
C THR A 847 -5.07 -5.94 -27.58
N ARG A 848 -4.63 -5.01 -28.41
CA ARG A 848 -3.23 -5.00 -28.83
C ARG A 848 -2.67 -3.59 -28.89
N PHE A 849 -1.44 -3.45 -28.40
CA PHE A 849 -0.72 -2.17 -28.37
C PHE A 849 -0.37 -1.58 -29.75
N GLY A 850 -0.52 -0.26 -29.90
CA GLY A 850 -0.16 0.37 -31.15
C GLY A 850 -1.22 1.24 -31.82
N ALA A 851 -0.80 1.96 -32.86
CA ALA A 851 -1.68 2.82 -33.63
C ALA A 851 -2.58 2.02 -34.56
N GLY A 852 -2.35 0.72 -34.63
CA GLY A 852 -3.27 -0.15 -35.33
C GLY A 852 -3.11 -0.13 -36.82
N SER A 853 -4.21 -0.42 -37.53
CA SER A 853 -4.18 -0.58 -38.97
C SER A 853 -5.53 -0.22 -39.56
N VAL A 854 -5.55 0.18 -40.83
CA VAL A 854 -6.80 0.46 -41.52
C VAL A 854 -6.79 -0.31 -42.82
N ARG A 855 -7.97 -0.65 -43.33
CA ARG A 855 -8.08 -1.36 -44.60
C ARG A 855 -8.39 -0.40 -45.73
N VAL A 856 -7.49 -0.34 -46.70
CA VAL A 856 -7.68 0.49 -47.86
C VAL A 856 -8.14 -0.33 -49.05
N LEU A 857 -8.69 0.36 -50.05
CA LEU A 857 -9.13 -0.27 -51.28
C LEU A 857 -8.87 0.66 -52.47
N CYS A 858 -7.98 0.24 -53.36
CA CYS A 858 -7.62 1.08 -54.50
C CYS A 858 -8.70 1.10 -55.58
N TYR A 859 -8.98 2.30 -56.08
CA TYR A 859 -9.89 2.50 -57.20
C TYR A 859 -9.17 3.22 -58.33
N TYR A 860 -9.70 3.08 -59.56
CA TYR A 860 -9.00 3.53 -60.76
C TYR A 860 -9.72 4.65 -61.51
N VAL A 861 -8.99 5.73 -61.76
CA VAL A 861 -9.53 6.89 -62.49
C VAL A 861 -8.91 7.10 -63.88
N ASP A 862 -9.76 7.05 -64.91
CA ASP A 862 -9.34 7.27 -66.29
C ASP A 862 -9.25 8.78 -66.59
N THR A 863 -8.90 9.14 -67.82
CA THR A 863 -8.77 10.56 -68.17
C THR A 863 -10.11 11.28 -68.24
N ALA A 864 -10.90 11.21 -67.17
CA ALA A 864 -12.24 11.78 -67.18
C ALA A 864 -12.67 12.56 -65.92
N GLY A 865 -12.63 11.96 -64.72
CA GLY A 865 -12.22 10.59 -64.48
C GLY A 865 -13.35 9.73 -63.96
N ASN A 866 -13.58 8.59 -64.62
CA ASN A 866 -14.57 7.63 -64.17
C ASN A 866 -13.93 6.57 -63.29
N ARG A 867 -14.67 6.07 -62.33
CA ARG A 867 -14.09 5.20 -61.31
C ARG A 867 -14.16 3.71 -61.66
N TRP A 868 -13.00 3.08 -61.63
CA TRP A 868 -12.84 1.68 -62.03
C TRP A 868 -12.10 0.89 -60.94
N LEU A 869 -12.15 -0.44 -61.04
CA LEU A 869 -11.63 -1.31 -59.99
C LEU A 869 -10.42 -2.12 -60.45
N ASP A 870 -9.96 -1.86 -61.66
CA ASP A 870 -8.80 -2.53 -62.22
C ASP A 870 -8.07 -1.51 -63.07
N PRO A 871 -6.79 -1.76 -63.38
CA PRO A 871 -6.08 -0.79 -64.22
C PRO A 871 -6.69 -0.75 -65.61
N GLU A 872 -7.42 -1.80 -65.95
CA GLU A 872 -7.96 -2.00 -67.29
C GLU A 872 -9.28 -1.26 -67.50
N CYS A 873 -9.86 -0.76 -66.42
CA CYS A 873 -11.08 0.01 -66.49
C CYS A 873 -12.22 -0.69 -67.23
N THR A 874 -12.44 -1.97 -66.95
CA THR A 874 -13.61 -2.67 -67.49
C THR A 874 -14.68 -2.93 -66.42
N VAL A 875 -14.24 -3.15 -65.18
CA VAL A 875 -15.14 -3.33 -64.04
C VAL A 875 -15.36 -2.03 -63.28
N GLU A 876 -16.55 -1.45 -63.44
CA GLU A 876 -16.88 -0.16 -62.83
C GLU A 876 -16.72 -0.20 -61.32
N PHE A 877 -16.49 0.97 -60.73
CA PHE A 877 -16.54 1.15 -59.29
C PHE A 877 -18.00 1.17 -58.82
N PRO A 878 -18.43 0.14 -58.10
CA PRO A 878 -19.82 0.07 -57.68
C PRO A 878 -20.22 1.13 -56.66
N GLU A 879 -20.82 2.22 -57.14
CA GLU A 879 -21.34 3.30 -56.30
C GLU A 879 -22.53 2.84 -55.45
N GLN A 880 -23.29 1.91 -56.01
CA GLN A 880 -24.38 1.27 -55.29
C GLN A 880 -24.09 -0.22 -55.36
N GLY A 881 -24.97 -1.05 -54.81
CA GLY A 881 -24.73 -2.48 -54.81
C GLY A 881 -25.93 -3.34 -55.13
N THR A 882 -25.68 -4.56 -55.58
CA THR A 882 -26.75 -5.49 -55.89
C THR A 882 -27.61 -5.78 -54.67
N GLU A 885 -31.11 -4.89 -53.92
CA GLU A 885 -32.09 -3.94 -53.41
C GLU A 885 -31.46 -2.58 -53.09
N GLY A 886 -30.50 -2.17 -53.92
CA GLY A 886 -29.77 -0.94 -53.70
C GLY A 886 -28.64 -1.12 -52.69
N ARG A 887 -28.92 -1.89 -51.64
CA ARG A 887 -27.95 -2.17 -50.59
C ARG A 887 -26.98 -3.26 -51.02
N PHE A 888 -26.09 -3.66 -50.13
CA PHE A 888 -25.09 -4.69 -50.44
C PHE A 888 -25.40 -6.03 -49.79
N THR A 889 -25.40 -7.10 -50.58
CA THR A 889 -25.44 -8.42 -49.99
C THR A 889 -24.10 -8.70 -49.30
N MET A 890 -24.04 -9.73 -48.45
CA MET A 890 -22.78 -10.10 -47.82
C MET A 890 -21.77 -10.50 -48.89
N ALA A 891 -22.26 -11.16 -49.94
CA ALA A 891 -21.39 -11.68 -50.98
C ALA A 891 -20.75 -10.54 -51.80
N ASP A 892 -21.46 -9.42 -51.88
CA ASP A 892 -20.91 -8.21 -52.47
C ASP A 892 -19.70 -7.75 -51.67
N CYS A 893 -19.92 -7.68 -50.35
CA CYS A 893 -18.89 -7.26 -49.41
C CYS A 893 -17.65 -8.12 -49.55
N ARG A 894 -17.83 -9.44 -49.62
CA ARG A 894 -16.72 -10.36 -49.75
C ARG A 894 -15.89 -10.04 -50.98
N ASP A 895 -16.58 -9.68 -52.05
CA ASP A 895 -15.91 -9.32 -53.29
C ASP A 895 -15.06 -8.09 -53.09
N LEU A 896 -15.62 -7.12 -52.37
CA LEU A 896 -14.93 -5.87 -52.10
C LEU A 896 -13.78 -6.07 -51.13
N VAL A 897 -14.07 -6.74 -50.03
CA VAL A 897 -13.09 -6.98 -48.97
C VAL A 897 -11.89 -7.77 -49.47
N ALA A 898 -12.12 -8.72 -50.36
CA ALA A 898 -11.04 -9.52 -50.95
C ALA A 898 -10.04 -8.68 -51.74
N ARG A 899 -10.44 -7.48 -52.13
CA ARG A 899 -9.57 -6.65 -52.90
C ARG A 899 -8.68 -5.84 -51.98
N THR A 900 -9.10 -5.70 -50.72
CA THR A 900 -8.53 -4.71 -49.80
C THR A 900 -7.13 -5.04 -49.29
N ILE A 901 -6.49 -4.04 -48.71
CA ILE A 901 -5.11 -4.13 -48.24
C ILE A 901 -4.94 -3.52 -46.85
N PRO A 902 -4.34 -4.27 -45.91
CA PRO A 902 -4.08 -3.74 -44.56
C PRO A 902 -2.87 -2.78 -44.53
N VAL A 903 -3.08 -1.54 -44.09
CA VAL A 903 -2.04 -0.51 -44.08
C VAL A 903 -1.94 0.21 -42.74
N ARG A 904 -0.76 0.19 -42.12
CA ARG A 904 -0.57 0.77 -40.76
C ARG A 904 -0.83 2.27 -40.66
N MET A 905 -1.57 2.63 -39.61
CA MET A 905 -1.88 4.02 -39.30
C MET A 905 -0.68 4.92 -39.19
N GLY A 906 -0.83 6.15 -39.62
CA GLY A 906 0.24 7.11 -39.52
C GLY A 906 -0.27 8.54 -39.66
N PRO A 907 0.64 9.46 -40.00
CA PRO A 907 0.26 10.86 -40.16
C PRO A 907 -0.66 11.00 -41.36
N TRP A 908 -0.48 10.09 -42.32
CA TRP A 908 -1.20 10.10 -43.58
C TRP A 908 -2.68 10.00 -43.35
N ALA A 909 -3.06 9.28 -42.29
CA ALA A 909 -4.45 9.11 -41.93
C ALA A 909 -5.14 10.45 -41.74
N SER A 910 -4.44 11.39 -41.11
CA SER A 910 -5.02 12.69 -40.79
C SER A 910 -5.39 13.45 -42.06
N GLN A 911 -4.38 13.67 -42.89
CA GLN A 911 -4.56 14.45 -44.10
C GLN A 911 -5.34 13.67 -45.15
N LEU A 912 -6.61 13.39 -44.88
CA LEU A 912 -7.44 12.77 -45.91
C LEU A 912 -8.46 13.75 -46.44
N THR A 913 -9.08 13.39 -47.56
CA THR A 913 -10.12 14.21 -48.17
C THR A 913 -11.38 13.39 -48.42
N GLU A 914 -12.42 14.08 -48.88
CA GLU A 914 -13.71 13.47 -49.18
C GLU A 914 -13.62 12.44 -50.32
N ASP A 915 -12.62 12.59 -51.18
CA ASP A 915 -12.42 11.62 -52.25
C ASP A 915 -11.60 10.41 -51.79
N ASN A 916 -11.32 10.35 -50.50
CA ASN A 916 -10.70 9.17 -49.91
C ASN A 916 -11.74 8.47 -49.08
N HIS A 917 -12.90 9.08 -48.94
CA HIS A 917 -13.93 8.50 -48.09
C HIS A 917 -14.95 7.75 -48.93
N PRO A 918 -15.54 6.68 -48.35
CA PRO A 918 -16.47 5.87 -49.13
C PRO A 918 -17.76 6.60 -49.43
N PRO A 919 -18.36 6.28 -50.59
CA PRO A 919 -19.66 6.83 -51.02
C PRO A 919 -20.73 6.57 -49.98
N GLU A 920 -21.90 7.14 -50.20
CA GLU A 920 -22.88 7.18 -49.14
C GLU A 920 -23.62 5.89 -48.94
N ALA A 921 -23.82 5.16 -50.03
CA ALA A 921 -24.39 3.81 -49.96
C ALA A 921 -23.55 2.95 -49.01
N TRP A 922 -22.23 3.02 -49.19
CA TRP A 922 -21.27 2.19 -48.47
C TRP A 922 -21.36 2.35 -46.96
N ARG A 923 -21.57 3.58 -46.52
CA ARG A 923 -21.59 3.90 -45.09
C ARG A 923 -22.56 3.01 -44.31
N GLU A 924 -23.56 2.50 -45.00
CA GLU A 924 -24.57 1.66 -44.37
C GLU A 924 -24.13 0.20 -44.27
N SER A 925 -22.87 -0.10 -44.61
CA SER A 925 -22.39 -1.49 -44.51
C SER A 925 -21.18 -1.65 -43.58
N PHE A 926 -21.38 -2.49 -42.56
CA PHE A 926 -20.40 -2.73 -41.49
C PHE A 926 -18.98 -2.81 -42.00
N TYR A 927 -18.77 -3.67 -42.99
CA TYR A 927 -17.44 -3.97 -43.46
C TYR A 927 -16.93 -2.90 -44.40
N LEU A 928 -17.85 -2.06 -44.90
CA LEU A 928 -17.49 -1.09 -45.93
C LEU A 928 -17.31 0.35 -45.41
N ARG A 929 -18.20 0.78 -44.53
CA ARG A 929 -18.14 2.12 -43.93
C ARG A 929 -16.73 2.60 -43.60
N ASP A 930 -15.88 1.68 -43.15
CA ASP A 930 -14.61 2.08 -42.56
C ASP A 930 -13.44 1.95 -43.52
N LEU A 931 -13.72 1.58 -44.76
CA LEU A 931 -12.67 1.49 -45.75
C LEU A 931 -12.22 2.87 -46.15
N VAL A 932 -10.93 3.02 -46.37
CA VAL A 932 -10.38 4.25 -46.91
C VAL A 932 -10.06 3.94 -48.36
N LEU A 933 -10.36 4.88 -49.26
CA LEU A 933 -10.13 4.69 -50.70
C LEU A 933 -8.90 5.42 -51.20
N ILE A 934 -8.06 4.71 -51.93
CA ILE A 934 -6.82 5.26 -52.45
C ILE A 934 -6.90 5.32 -53.98
N PRO A 935 -6.89 6.52 -54.54
CA PRO A 935 -7.06 6.67 -55.99
C PRO A 935 -5.81 6.24 -56.74
N GLN A 936 -5.99 5.71 -57.94
CA GLN A 936 -4.85 5.33 -58.76
C GLN A 936 -4.98 5.86 -60.18
N ARG A 937 -4.15 6.83 -60.51
CA ARG A 937 -4.25 7.54 -61.79
C ARG A 937 -3.73 6.74 -62.98
N VAL A 938 -4.66 6.28 -63.83
CA VAL A 938 -4.29 5.52 -65.02
C VAL A 938 -4.40 6.35 -66.34
N THR A 939 -3.41 6.17 -67.22
CA THR A 939 -3.38 6.83 -68.53
C THR A 939 -3.25 5.77 -69.63
N ASP A 940 -3.43 6.19 -70.88
CA ASP A 940 -3.51 5.24 -72.00
C ASP A 940 -2.18 4.67 -72.43
N VAL A 944 -0.85 3.42 -65.25
CA VAL A 944 -1.09 3.61 -63.82
C VAL A 944 0.05 4.36 -63.13
N LEU A 945 -0.21 5.63 -62.77
CA LEU A 945 0.80 6.45 -62.12
C LEU A 945 0.70 6.42 -60.60
N PRO A 946 1.83 6.66 -59.92
CA PRO A 946 1.83 7.01 -58.50
C PRO A 946 0.86 8.16 -58.24
N THR A 947 0.06 8.06 -57.18
CA THR A 947 -0.99 9.04 -56.93
C THR A 947 -0.98 9.59 -55.50
N GLU A 948 -0.87 10.92 -55.38
CA GLU A 948 -0.88 11.55 -54.07
C GLU A 948 -2.22 11.36 -53.39
N THR A 949 -2.15 10.96 -52.13
CA THR A 949 -3.31 10.94 -51.24
C THR A 949 -2.77 10.77 -49.82
N GLY A 950 -3.17 11.66 -48.93
CA GLY A 950 -2.66 11.63 -47.56
C GLY A 950 -1.45 12.51 -47.38
N GLY A 951 -0.57 12.51 -48.37
CA GLY A 951 0.60 13.36 -48.31
C GLY A 951 1.76 12.64 -48.95
N ARG A 952 1.51 11.44 -49.44
CA ARG A 952 2.53 10.67 -50.13
C ARG A 952 1.93 10.05 -51.38
N GLU A 953 2.76 9.41 -52.19
CA GLU A 953 2.30 8.85 -53.46
C GLU A 953 2.13 7.33 -53.40
N TRP A 954 0.92 6.86 -53.70
CA TRP A 954 0.61 5.45 -53.59
C TRP A 954 0.56 4.77 -54.96
N LEU A 955 1.44 3.82 -55.17
CA LEU A 955 1.32 2.98 -56.34
C LEU A 955 1.09 1.53 -55.89
N LEU A 956 0.03 0.91 -56.41
CA LEU A 956 -0.23 -0.50 -56.13
C LEU A 956 0.31 -1.36 -57.27
N ASP A 957 1.61 -1.61 -57.24
CA ASP A 957 2.25 -2.55 -58.16
C ASP A 957 1.54 -3.91 -58.06
N PRO A 958 1.39 -4.59 -59.21
CA PRO A 958 0.71 -5.89 -59.16
C PRO A 958 1.67 -6.99 -58.74
N CYS A 959 2.95 -6.86 -59.08
CA CYS A 959 3.94 -7.86 -58.70
C CYS A 959 4.49 -7.61 -57.30
N LYS A 960 4.60 -6.34 -56.92
CA LYS A 960 5.29 -5.96 -55.68
C LYS A 960 4.38 -5.55 -54.52
N GLY A 961 3.08 -5.46 -54.75
CA GLY A 961 2.15 -5.01 -53.73
C GLY A 961 2.20 -3.49 -53.54
N LEU A 962 1.35 -2.99 -52.65
CA LEU A 962 1.21 -1.54 -52.45
C LEU A 962 2.54 -0.87 -52.16
N ILE A 963 2.75 0.32 -52.73
CA ILE A 963 4.01 1.03 -52.49
C ILE A 963 3.79 2.49 -52.12
N PHE A 964 4.56 2.95 -51.14
CA PHE A 964 4.56 4.35 -50.73
C PHE A 964 5.79 4.68 -49.92
N PRO C 34 19.46 21.49 -23.67
CA PRO C 34 19.54 21.41 -25.13
C PRO C 34 18.89 22.60 -25.85
N PRO C 35 19.38 22.92 -27.05
CA PRO C 35 18.78 24.03 -27.79
C PRO C 35 17.38 23.62 -28.25
N LEU C 36 16.34 24.25 -27.71
CA LEU C 36 14.98 23.81 -27.97
C LEU C 36 14.51 24.06 -29.40
N ASP C 37 13.89 23.04 -29.99
CA ASP C 37 13.52 23.08 -31.40
C ASP C 37 12.15 23.70 -31.63
N LEU C 38 12.09 24.62 -32.59
CA LEU C 38 10.84 25.33 -32.89
C LEU C 38 9.91 24.61 -33.89
N ARG C 39 10.23 23.38 -34.27
CA ARG C 39 9.33 22.66 -35.14
C ARG C 39 8.08 22.23 -34.37
N PHE C 40 8.21 22.06 -33.07
CA PHE C 40 7.08 21.63 -32.27
C PHE C 40 6.00 22.72 -32.16
N TRP C 41 4.87 22.43 -32.79
CA TRP C 41 3.81 23.39 -32.90
C TRP C 41 2.75 23.26 -31.81
N ALA C 42 1.98 24.34 -31.62
CA ALA C 42 0.92 24.39 -30.64
C ALA C 42 -0.40 24.74 -31.27
N LYS C 43 -0.37 25.49 -32.37
CA LYS C 43 -1.58 25.88 -33.09
C LYS C 43 -1.35 25.73 -34.57
N GLU C 44 -2.32 25.21 -35.29
CA GLU C 44 -2.17 25.05 -36.73
C GLU C 44 -3.30 25.62 -37.54
N ARG C 45 -4.52 25.24 -37.18
CA ARG C 45 -5.66 25.61 -37.98
C ARG C 45 -5.96 27.06 -37.90
N GLY C 46 -6.37 27.63 -39.02
CA GLY C 46 -6.73 29.03 -39.10
C GLY C 46 -5.59 29.99 -39.37
N LEU C 47 -4.40 29.49 -39.59
CA LEU C 47 -3.27 30.34 -39.88
C LEU C 47 -3.00 30.29 -41.37
N ARG C 48 -3.91 29.70 -42.13
CA ARG C 48 -3.71 29.60 -43.57
C ARG C 48 -2.49 28.76 -43.95
N GLY C 49 -2.20 27.74 -43.16
CA GLY C 49 -1.21 26.74 -43.55
C GLY C 49 0.18 26.90 -42.97
N LYS C 50 0.35 27.86 -42.07
CA LYS C 50 1.61 27.99 -41.32
C LYS C 50 1.35 27.55 -39.88
N THR C 51 2.41 27.43 -39.07
CA THR C 51 2.23 26.95 -37.70
C THR C 51 2.83 27.83 -36.64
N TYR C 52 2.21 27.83 -35.47
CA TYR C 52 2.68 28.62 -34.33
C TYR C 52 3.43 27.74 -33.33
N PRO C 53 4.73 28.00 -33.13
CA PRO C 53 5.59 27.15 -32.30
C PRO C 53 5.03 26.96 -30.90
N LEU C 54 5.19 25.77 -30.34
CA LEU C 54 4.60 25.47 -29.03
C LEU C 54 5.18 26.35 -27.91
N VAL C 55 6.42 26.77 -28.08
CA VAL C 55 7.11 27.64 -27.14
C VAL C 55 6.42 28.98 -27.07
N CYS C 56 6.13 29.51 -28.24
CA CYS C 56 5.50 30.81 -28.33
C CYS C 56 4.12 30.77 -27.63
N HIS C 57 3.29 29.77 -27.96
CA HIS C 57 1.96 29.66 -27.33
C HIS C 57 2.00 29.58 -25.80
N SER C 58 3.06 28.99 -25.28
CA SER C 58 3.18 28.68 -23.88
C SER C 58 3.56 29.95 -23.17
N LEU C 59 4.53 30.63 -23.77
CA LEU C 59 4.99 31.93 -23.31
C LEU C 59 3.90 32.99 -23.37
N ASP C 60 3.15 33.05 -24.48
CA ASP C 60 1.99 33.96 -24.60
C ASP C 60 1.09 33.79 -23.40
N ALA C 61 0.66 32.56 -23.18
CA ALA C 61 -0.19 32.21 -22.07
C ALA C 61 0.46 32.68 -20.77
N ALA C 62 1.77 32.44 -20.66
CA ALA C 62 2.53 32.75 -19.46
C ALA C 62 2.46 34.24 -19.23
N ALA C 63 2.59 34.96 -20.33
CA ALA C 63 2.47 36.41 -20.38
C ALA C 63 1.07 36.80 -19.95
N ALA C 64 0.07 36.34 -20.69
CA ALA C 64 -1.31 36.67 -20.37
C ALA C 64 -1.70 36.35 -18.92
N ALA C 65 -1.12 35.30 -18.35
CA ALA C 65 -1.47 34.92 -16.98
C ALA C 65 -1.05 36.00 -16.01
N LEU C 66 0.20 36.41 -16.17
CA LEU C 66 0.86 37.40 -15.32
C LEU C 66 0.16 38.74 -15.37
N VAL C 67 -0.16 39.18 -16.60
CA VAL C 67 -0.90 40.41 -16.81
C VAL C 67 -2.29 40.39 -16.16
N LEU C 68 -2.97 39.27 -16.32
CA LEU C 68 -4.25 39.06 -15.65
C LEU C 68 -4.12 39.27 -14.14
N TRP C 69 -3.06 38.70 -13.58
CA TRP C 69 -2.76 38.76 -12.15
C TRP C 69 -2.67 40.20 -11.66
N ASN C 70 -1.88 40.99 -12.38
CA ASN C 70 -1.64 42.39 -12.03
C ASN C 70 -2.85 43.29 -12.27
N GLU C 71 -3.30 43.36 -13.52
CA GLU C 71 -4.39 44.24 -13.91
C GLU C 71 -5.83 43.72 -13.67
N TYR C 72 -6.15 42.53 -14.17
CA TYR C 72 -7.54 42.04 -14.15
C TYR C 72 -8.07 41.55 -12.79
N LEU C 73 -7.25 40.80 -12.06
CA LEU C 73 -7.75 40.17 -10.85
C LEU C 73 -8.06 41.22 -9.80
N SER C 74 -9.21 41.09 -9.17
CA SER C 74 -9.55 41.94 -8.04
C SER C 74 -8.46 41.89 -6.95
N PRO C 75 -8.05 43.06 -6.45
CA PRO C 75 -6.94 43.10 -5.49
C PRO C 75 -7.15 42.19 -4.28
N GLY C 76 -8.34 42.21 -3.70
CA GLY C 76 -8.65 41.34 -2.58
C GLY C 76 -8.53 39.85 -2.91
N LEU C 77 -8.75 39.49 -4.17
CA LEU C 77 -8.63 38.09 -4.61
C LEU C 77 -7.18 37.62 -4.52
N ARG C 78 -6.30 38.26 -5.30
CA ARG C 78 -4.86 38.02 -5.25
C ARG C 78 -4.39 37.76 -3.83
N ASP C 79 -4.97 38.51 -2.88
CA ASP C 79 -4.60 38.36 -1.50
C ASP C 79 -5.01 36.98 -1.03
N THR C 80 -6.25 36.61 -1.32
CA THR C 80 -6.78 35.31 -0.90
C THR C 80 -5.91 34.13 -1.37
N ILE C 81 -5.41 34.26 -2.60
CA ILE C 81 -4.65 33.23 -3.26
C ILE C 81 -3.21 33.10 -2.76
N ALA C 82 -2.50 34.22 -2.75
CA ALA C 82 -1.12 34.25 -2.26
C ALA C 82 -1.09 33.95 -0.78
N SER C 83 -2.23 34.16 -0.11
CA SER C 83 -2.41 33.71 1.26
C SER C 83 -2.38 32.19 1.30
N SER C 84 -3.24 31.57 0.51
CA SER C 84 -3.35 30.12 0.51
C SER C 84 -2.07 29.45 0.06
N MET C 85 -1.17 30.22 -0.55
CA MET C 85 0.14 29.67 -0.87
C MET C 85 1.14 29.97 0.24
N GLU C 86 0.73 30.84 1.16
CA GLU C 86 1.64 31.43 2.12
C GLU C 86 2.84 31.99 1.37
N THR C 87 2.62 33.08 0.67
CA THR C 87 3.67 33.74 -0.08
C THR C 87 3.24 35.19 -0.40
N ASP C 88 4.15 35.95 -1.01
CA ASP C 88 3.86 37.30 -1.47
C ASP C 88 3.39 37.32 -2.92
N GLU C 89 2.56 38.30 -3.24
CA GLU C 89 1.95 38.38 -4.56
C GLU C 89 2.90 38.44 -5.74
N GLU C 90 4.05 39.10 -5.62
CA GLU C 90 5.00 39.07 -6.72
C GLU C 90 5.32 37.61 -7.03
N HIS C 91 5.68 36.89 -5.99
CA HIS C 91 6.05 35.49 -6.13
C HIS C 91 4.88 34.71 -6.68
N ALA C 92 3.76 34.80 -5.97
CA ALA C 92 2.52 34.11 -6.31
C ALA C 92 2.15 34.35 -7.79
N GLY C 93 2.08 35.61 -8.20
CA GLY C 93 1.82 35.90 -9.59
C GLY C 93 2.85 35.31 -10.55
N HIS C 94 4.05 35.03 -10.06
CA HIS C 94 5.10 34.52 -10.93
C HIS C 94 5.04 33.02 -11.07
N CYS C 95 4.52 32.37 -10.03
CA CYS C 95 4.29 30.94 -10.05
C CYS C 95 3.18 30.65 -11.04
N ILE C 96 2.04 31.30 -10.83
CA ILE C 96 0.92 31.18 -11.73
C ILE C 96 1.34 31.52 -13.15
N ALA C 97 2.09 32.59 -13.32
CA ALA C 97 2.56 32.93 -14.66
C ALA C 97 3.33 31.76 -15.27
N PHE C 98 4.11 31.09 -14.41
CA PHE C 98 4.93 29.96 -14.82
C PHE C 98 4.05 28.75 -15.12
N TRP C 99 3.13 28.45 -14.20
CA TRP C 99 2.21 27.32 -14.33
C TRP C 99 1.42 27.38 -15.63
N ALA C 100 0.70 28.47 -15.78
CA ALA C 100 -0.06 28.67 -16.99
C ALA C 100 0.75 28.45 -18.26
N GLY C 101 2.06 28.70 -18.21
CA GLY C 101 2.88 28.61 -19.41
C GLY C 101 3.11 27.18 -19.80
N LEU C 102 2.79 26.29 -18.85
CA LEU C 102 2.99 24.85 -18.99
C LEU C 102 1.75 24.12 -19.49
N HIS C 103 0.60 24.78 -19.37
CA HIS C 103 -0.72 24.27 -19.74
C HIS C 103 -0.79 23.35 -20.96
N ASP C 104 -0.03 23.63 -22.02
CA ASP C 104 -0.11 22.76 -23.20
C ASP C 104 1.19 22.02 -23.41
N ILE C 105 1.88 21.68 -22.34
CA ILE C 105 3.14 21.00 -22.51
C ILE C 105 2.90 19.58 -23.02
N GLY C 106 1.75 19.02 -22.63
CA GLY C 106 1.28 17.75 -23.15
C GLY C 106 1.23 17.67 -24.67
N LYS C 107 1.29 18.80 -25.37
CA LYS C 107 1.28 18.76 -26.83
C LYS C 107 2.62 18.31 -27.41
N LEU C 108 3.61 18.09 -26.56
CA LEU C 108 4.95 17.70 -27.03
C LEU C 108 5.10 16.19 -27.11
N THR C 109 4.08 15.53 -27.65
CA THR C 109 4.05 14.09 -27.73
C THR C 109 4.00 13.81 -29.22
N ARG C 110 4.27 12.57 -29.63
CA ARG C 110 4.23 12.22 -31.06
C ARG C 110 2.79 12.21 -31.55
N GLU C 111 1.92 11.68 -30.68
CA GLU C 111 0.51 11.57 -30.98
C GLU C 111 -0.13 12.92 -31.31
N PHE C 112 0.23 13.97 -30.58
CA PHE C 112 -0.26 15.31 -30.92
C PHE C 112 0.39 15.83 -32.21
N GLN C 113 1.70 16.03 -32.15
CA GLN C 113 2.46 16.66 -33.22
C GLN C 113 2.29 16.03 -34.60
N GLN C 114 1.94 14.76 -34.65
CA GLN C 114 1.81 14.12 -35.94
C GLN C 114 0.48 14.37 -36.63
N GLN C 115 -0.42 15.04 -35.93
CA GLN C 115 -1.68 15.41 -36.54
C GLN C 115 -1.43 16.05 -37.90
N ILE C 116 -0.59 17.08 -37.92
CA ILE C 116 -0.19 17.74 -39.16
C ILE C 116 1.07 17.13 -39.73
N ALA C 117 1.49 17.66 -40.87
CA ALA C 117 2.70 17.22 -41.55
C ALA C 117 3.97 17.81 -40.92
N ILE C 118 4.79 16.96 -40.31
CA ILE C 118 6.00 17.40 -39.59
C ILE C 118 7.17 16.42 -39.74
N ASP C 119 8.39 16.97 -39.77
CA ASP C 119 9.60 16.16 -39.93
C ASP C 119 10.28 15.83 -38.62
N LEU C 120 10.14 14.57 -38.18
CA LEU C 120 10.66 14.17 -36.88
C LEU C 120 11.74 13.12 -37.04
N SER C 121 12.57 13.29 -38.07
CA SER C 121 13.67 12.37 -38.34
C SER C 121 14.61 12.35 -37.13
N ALA C 122 14.73 13.48 -36.45
CA ALA C 122 15.73 13.62 -35.42
C ALA C 122 15.25 13.16 -34.06
N TYR C 123 14.10 12.48 -34.03
CA TYR C 123 13.48 12.15 -32.74
C TYR C 123 12.93 10.74 -32.63
N PRO C 124 13.77 9.71 -32.87
CA PRO C 124 13.23 8.36 -32.87
C PRO C 124 12.79 7.96 -31.46
N GLY C 125 11.99 6.91 -31.35
CA GLY C 125 11.47 6.51 -30.07
C GLY C 125 10.04 6.99 -29.91
N GLU C 126 9.44 6.67 -28.76
CA GLU C 126 8.05 7.02 -28.46
C GLU C 126 7.08 6.79 -29.60
N GLU C 127 6.89 5.53 -29.99
CA GLU C 127 5.92 5.19 -31.04
C GLU C 127 4.50 5.34 -30.53
N LEU C 128 3.59 5.66 -31.45
CA LEU C 128 2.15 5.77 -31.13
C LEU C 128 1.59 4.55 -30.42
N SER C 129 0.94 4.77 -29.28
CA SER C 129 0.38 3.66 -28.52
C SER C 129 -1.01 3.22 -28.99
N GLY C 130 -1.76 4.13 -29.59
CA GLY C 130 -3.14 3.89 -29.92
C GLY C 130 -4.08 4.39 -28.83
N GLU C 131 -3.51 4.92 -27.76
CA GLU C 131 -4.32 5.38 -26.64
C GLU C 131 -5.15 6.60 -26.97
N GLN C 132 -4.61 7.49 -27.81
CA GLN C 132 -5.25 8.77 -28.09
C GLN C 132 -5.41 9.55 -26.81
N ARG C 133 -4.30 9.98 -26.23
CA ARG C 133 -4.34 10.75 -25.00
C ARG C 133 -4.52 12.21 -25.35
N SER C 134 -5.38 12.89 -24.59
CA SER C 134 -5.61 14.31 -24.81
C SER C 134 -4.37 15.02 -24.34
N HIS C 135 -4.03 16.14 -24.97
CA HIS C 135 -2.84 16.86 -24.52
C HIS C 135 -2.98 17.37 -23.09
N ALA C 136 -4.19 17.66 -22.64
CA ALA C 136 -4.33 18.16 -21.29
C ALA C 136 -3.99 17.05 -20.30
N ALA C 137 -4.40 15.83 -20.64
CA ALA C 137 -4.19 14.71 -19.77
C ALA C 137 -2.71 14.40 -19.69
N ALA C 138 -2.03 14.50 -20.84
CA ALA C 138 -0.61 14.26 -20.88
C ALA C 138 0.10 15.30 -20.02
N THR C 139 -0.38 16.55 -20.06
CA THR C 139 0.24 17.57 -19.24
C THR C 139 0.19 17.13 -17.79
N GLY C 140 -0.99 16.72 -17.34
CA GLY C 140 -1.16 16.30 -15.95
C GLY C 140 -0.45 15.00 -15.59
N LYS C 141 0.04 14.29 -16.60
CA LYS C 141 0.73 13.03 -16.37
C LYS C 141 2.25 13.22 -16.41
N TRP C 142 2.73 14.20 -17.17
CA TRP C 142 4.16 14.48 -17.29
C TRP C 142 4.65 15.40 -16.20
N LEU C 143 3.85 16.39 -15.88
CA LEU C 143 4.26 17.39 -14.92
C LEU C 143 4.56 16.89 -13.50
N PRO C 144 3.83 15.87 -13.00
CA PRO C 144 4.07 15.59 -11.58
C PRO C 144 5.42 14.99 -11.35
N PHE C 145 6.09 14.63 -12.44
CA PHE C 145 7.36 13.95 -12.35
C PHE C 145 8.49 14.75 -12.99
N ALA C 146 8.17 15.87 -13.63
CA ALA C 146 9.24 16.79 -14.07
C ALA C 146 9.41 18.02 -13.14
N LEU C 147 8.32 18.46 -12.54
CA LEU C 147 8.37 19.57 -11.59
C LEU C 147 9.38 19.38 -10.47
N PRO C 148 9.56 18.13 -9.98
CA PRO C 148 10.52 18.03 -8.89
C PRO C 148 11.93 18.46 -9.24
N SER C 149 12.36 18.27 -10.48
CA SER C 149 13.67 18.75 -10.89
C SER C 149 13.90 20.25 -10.63
N LEU C 150 12.82 21.04 -10.58
CA LEU C 150 12.97 22.49 -10.44
C LEU C 150 12.95 22.94 -9.00
N GLY C 151 12.44 22.10 -8.11
CA GLY C 151 12.44 22.44 -6.71
C GLY C 151 11.18 21.98 -6.04
N TYR C 152 10.37 21.20 -6.78
CA TYR C 152 9.06 20.83 -6.29
C TYR C 152 9.11 19.51 -5.56
N PRO C 153 8.45 19.43 -4.39
CA PRO C 153 8.42 18.18 -3.63
C PRO C 153 7.80 17.05 -4.42
N ASN C 154 8.63 16.20 -5.03
CA ASN C 154 8.21 14.90 -5.53
C ASN C 154 7.20 14.25 -4.60
N GLY C 155 6.05 13.87 -5.14
CA GLY C 155 5.00 13.27 -4.34
C GLY C 155 4.23 14.30 -3.54
N GLY C 156 4.71 15.54 -3.51
CA GLY C 156 4.13 16.55 -2.64
C GLY C 156 2.79 17.11 -3.10
N LEU C 157 1.96 17.49 -2.13
CA LEU C 157 0.63 18.05 -2.40
C LEU C 157 0.62 19.18 -3.42
N VAL C 158 1.58 20.09 -3.31
CA VAL C 158 1.65 21.20 -4.26
C VAL C 158 1.93 20.72 -5.67
N THR C 159 2.87 19.81 -5.88
CA THR C 159 3.03 19.22 -7.21
C THR C 159 1.78 18.45 -7.63
N GLY C 160 1.12 17.80 -6.66
CA GLY C 160 -0.13 17.13 -6.92
C GLY C 160 -1.12 18.05 -7.60
N LEU C 161 -1.54 19.10 -6.89
CA LEU C 161 -2.56 20.02 -7.37
C LEU C 161 -2.12 20.77 -8.59
N VAL C 162 -0.90 21.29 -8.57
CA VAL C 162 -0.44 22.10 -9.68
C VAL C 162 -0.54 21.36 -10.99
N ALA C 163 -0.12 20.10 -11.04
CA ALA C 163 -0.27 19.38 -12.30
C ALA C 163 -1.70 18.91 -12.57
N GLN C 164 -2.50 18.73 -11.52
CA GLN C 164 -3.87 18.25 -11.71
C GLN C 164 -4.68 19.38 -12.28
N MET C 165 -4.40 20.57 -11.78
CA MET C 165 -5.13 21.76 -12.14
C MET C 165 -4.78 22.04 -13.57
N LEU C 166 -3.48 22.10 -13.84
CA LEU C 166 -3.00 22.34 -15.19
C LEU C 166 -3.52 21.31 -16.21
N GLY C 167 -3.80 20.10 -15.75
CA GLY C 167 -4.20 19.04 -16.65
C GLY C 167 -5.66 19.15 -16.98
N GLY C 168 -6.38 19.95 -16.20
CA GLY C 168 -7.80 20.19 -16.44
C GLY C 168 -8.03 21.55 -17.09
N HIS C 169 -7.02 22.03 -17.82
CA HIS C 169 -7.11 23.31 -18.50
C HIS C 169 -8.05 23.31 -19.70
N HIS C 170 -8.86 22.26 -19.86
CA HIS C 170 -9.95 22.30 -20.83
C HIS C 170 -11.33 21.95 -20.25
N GLY C 171 -11.50 22.10 -18.95
CA GLY C 171 -12.82 21.99 -18.39
C GLY C 171 -13.09 20.71 -17.63
N THR C 172 -12.38 19.63 -17.95
CA THR C 172 -12.52 18.39 -17.19
C THR C 172 -11.22 18.03 -16.49
N PHE C 173 -11.30 17.82 -15.18
CA PHE C 173 -10.15 17.40 -14.38
C PHE C 173 -10.04 15.90 -14.49
N HIS C 174 -8.81 15.40 -14.39
CA HIS C 174 -8.55 13.98 -14.47
C HIS C 174 -8.07 13.49 -13.11
N PRO C 175 -7.95 12.16 -12.92
CA PRO C 175 -7.50 11.83 -11.57
C PRO C 175 -5.99 11.85 -11.47
N HIS C 176 -5.48 12.06 -10.25
CA HIS C 176 -4.06 11.92 -9.97
C HIS C 176 -3.55 10.62 -10.57
N PRO C 177 -2.46 10.70 -11.33
CA PRO C 177 -1.96 9.54 -12.06
C PRO C 177 -1.46 8.49 -11.08
N SER C 178 -1.83 7.22 -11.24
CA SER C 178 -1.25 6.19 -10.38
C SER C 178 -0.35 5.29 -11.24
N PHE C 179 0.69 4.77 -10.63
CA PHE C 179 1.68 3.99 -11.32
C PHE C 179 2.27 2.96 -10.39
N GLN C 180 2.70 1.82 -10.93
CA GLN C 180 3.32 0.79 -10.11
C GLN C 180 4.81 0.72 -10.28
N SER C 181 5.32 1.38 -11.30
CA SER C 181 6.72 1.39 -11.65
C SER C 181 7.50 2.30 -10.74
N ARG C 182 8.80 2.21 -10.80
CA ARG C 182 9.63 3.18 -10.14
C ARG C 182 10.08 4.23 -11.14
N ASN C 183 9.66 4.07 -12.38
CA ASN C 183 9.99 5.01 -13.42
C ASN C 183 8.75 5.35 -14.22
N PRO C 184 7.82 6.15 -13.53
CA PRO C 184 6.58 6.36 -14.28
C PRO C 184 6.75 7.11 -15.55
N LEU C 185 7.56 8.13 -15.53
CA LEU C 185 7.70 8.90 -16.74
C LEU C 185 7.65 7.95 -17.93
N ALA C 186 8.19 6.75 -17.74
CA ALA C 186 8.15 5.73 -18.79
C ALA C 186 6.80 5.01 -18.76
N GLU C 187 6.39 4.61 -17.56
CA GLU C 187 5.10 3.97 -17.40
C GLU C 187 3.98 4.77 -18.09
N PHE C 188 4.21 6.07 -18.30
CA PHE C 188 3.16 6.92 -18.86
C PHE C 188 3.37 7.30 -20.32
N GLY C 189 4.45 6.81 -20.92
CA GLY C 189 4.61 6.90 -22.36
C GLY C 189 5.77 7.78 -22.80
N PHE C 190 6.41 8.41 -21.82
CA PHE C 190 7.48 9.37 -22.07
C PHE C 190 8.86 8.70 -22.02
N SER C 191 9.08 7.80 -22.98
CA SER C 191 10.20 6.89 -22.94
C SER C 191 11.32 7.21 -23.95
N SER C 192 11.33 8.41 -24.52
CA SER C 192 12.41 8.73 -25.47
C SER C 192 13.28 9.84 -24.97
N PRO C 193 14.60 9.59 -24.96
CA PRO C 193 15.59 10.53 -24.46
C PRO C 193 15.43 11.87 -25.18
N HIS C 194 15.21 11.83 -26.48
CA HIS C 194 15.07 13.04 -27.28
C HIS C 194 13.80 13.83 -26.97
N TRP C 195 12.68 13.12 -26.99
CA TRP C 195 11.39 13.76 -26.74
C TRP C 195 11.41 14.34 -25.35
N GLU C 196 12.17 13.68 -24.47
CA GLU C 196 12.22 14.07 -23.08
C GLU C 196 13.12 15.29 -22.92
N LYS C 197 14.01 15.52 -23.88
CA LYS C 197 14.92 16.66 -23.83
C LYS C 197 14.23 17.94 -24.26
N GLN C 198 13.43 17.85 -25.31
CA GLN C 198 12.64 18.99 -25.74
C GLN C 198 11.50 19.33 -24.78
N ARG C 199 10.99 18.33 -24.06
CA ARG C 199 9.99 18.57 -23.02
C ARG C 199 10.64 19.32 -21.86
N HIS C 200 11.91 19.01 -21.57
CA HIS C 200 12.63 19.70 -20.50
C HIS C 200 13.13 21.07 -20.97
N ALA C 201 13.68 21.08 -22.18
CA ALA C 201 14.08 22.32 -22.84
C ALA C 201 12.95 23.33 -22.74
N LEU C 202 11.71 22.86 -22.91
CA LEU C 202 10.54 23.73 -22.85
C LEU C 202 10.14 24.05 -21.43
N LEU C 203 10.20 23.06 -20.55
CA LEU C 203 9.93 23.30 -19.14
C LEU C 203 10.87 24.39 -18.66
N HIS C 204 12.15 24.29 -19.03
CA HIS C 204 13.15 25.26 -18.61
C HIS C 204 13.00 26.66 -19.23
N ALA C 205 12.70 26.70 -20.53
CA ALA C 205 12.40 27.95 -21.19
C ALA C 205 11.40 28.81 -20.40
N VAL C 206 10.21 28.28 -20.12
CA VAL C 206 9.18 29.07 -19.46
C VAL C 206 9.50 29.29 -17.99
N PHE C 207 10.33 28.43 -17.41
CA PHE C 207 10.71 28.60 -16.02
C PHE C 207 11.59 29.84 -15.91
N ASP C 208 12.48 29.97 -16.89
CA ASP C 208 13.33 31.12 -16.96
C ASP C 208 12.51 32.37 -17.16
N ALA C 209 11.79 32.40 -18.28
CA ALA C 209 11.00 33.55 -18.71
C ALA C 209 10.21 34.19 -17.60
N THR C 210 9.55 33.39 -16.75
CA THR C 210 8.75 33.99 -15.68
C THR C 210 9.55 34.15 -14.40
N GLY C 211 10.87 34.13 -14.52
CA GLY C 211 11.78 34.53 -13.46
C GLY C 211 12.12 33.48 -12.44
N ARG C 212 12.20 32.23 -12.89
CA ARG C 212 12.47 31.06 -12.06
C ARG C 212 11.86 31.02 -10.64
N PRO C 213 10.52 31.08 -10.52
CA PRO C 213 9.91 31.17 -9.20
C PRO C 213 9.99 29.89 -8.37
N THR C 214 10.41 30.05 -7.13
CA THR C 214 10.52 28.91 -6.22
C THR C 214 9.11 28.45 -5.86
N PRO C 215 8.90 27.13 -5.69
CA PRO C 215 7.59 26.57 -5.34
C PRO C 215 7.00 27.21 -4.09
N PRO C 216 5.69 27.25 -4.01
CA PRO C 216 5.01 27.70 -2.83
C PRO C 216 5.14 26.61 -1.82
N ASP C 217 5.10 26.95 -0.56
CA ASP C 217 5.03 25.94 0.47
C ASP C 217 3.73 25.22 0.36
N MET C 218 2.69 25.96 0.02
CA MET C 218 1.34 25.47 0.17
C MET C 218 0.45 25.72 -1.04
N LEU C 219 -0.61 24.94 -1.18
CA LEU C 219 -1.68 25.22 -2.11
C LEU C 219 -2.86 24.36 -1.73
N ASP C 220 -4.07 24.74 -2.13
CA ASP C 220 -5.25 23.93 -1.82
C ASP C 220 -6.25 23.80 -2.92
N GLY C 221 -7.17 22.88 -2.74
CA GLY C 221 -8.08 22.53 -3.81
C GLY C 221 -8.80 23.71 -4.42
N PRO C 222 -9.64 24.39 -3.62
CA PRO C 222 -10.38 25.59 -4.02
C PRO C 222 -9.50 26.66 -4.68
N THR C 223 -8.46 27.10 -3.98
CA THR C 223 -7.54 28.05 -4.55
C THR C 223 -7.08 27.58 -5.92
N ALA C 224 -6.78 26.29 -6.03
CA ALA C 224 -6.20 25.74 -7.25
C ALA C 224 -7.21 25.66 -8.39
N SER C 225 -8.50 25.61 -8.05
CA SER C 225 -9.54 25.63 -9.06
C SER C 225 -9.77 27.05 -9.59
N VAL C 226 -9.88 28.01 -8.68
CA VAL C 226 -9.88 29.42 -9.03
C VAL C 226 -8.65 29.77 -9.87
N VAL C 227 -7.49 29.23 -9.51
CA VAL C 227 -6.30 29.45 -10.33
C VAL C 227 -6.43 28.76 -11.69
N CYS C 228 -7.16 27.65 -11.72
CA CYS C 228 -7.48 27.00 -13.00
C CYS C 228 -8.22 27.96 -13.93
N GLY C 229 -9.24 28.63 -13.36
CA GLY C 229 -9.94 29.69 -14.05
C GLY C 229 -8.98 30.65 -14.72
N LEU C 230 -8.03 31.16 -13.93
CA LEU C 230 -7.03 32.08 -14.45
C LEU C 230 -6.33 31.52 -15.70
N VAL C 231 -5.73 30.35 -15.55
CA VAL C 231 -5.00 29.71 -16.64
C VAL C 231 -5.88 29.52 -17.87
N ILE C 232 -7.11 29.07 -17.65
CA ILE C 232 -8.03 28.94 -18.76
C ILE C 232 -8.20 30.27 -19.48
N LEU C 233 -8.58 31.31 -18.72
CA LEU C 233 -8.84 32.61 -19.32
C LEU C 233 -7.63 33.08 -20.14
N ALA C 234 -6.45 32.86 -19.58
CA ALA C 234 -5.22 33.13 -20.27
C ALA C 234 -5.12 32.36 -21.58
N ASP C 235 -5.44 31.06 -21.58
CA ASP C 235 -5.28 30.23 -22.81
C ASP C 235 -6.20 30.74 -23.92
N TRP C 236 -7.34 31.28 -23.49
CA TRP C 236 -8.35 31.78 -24.38
C TRP C 236 -7.92 33.10 -25.00
N LEU C 237 -7.56 34.05 -24.14
CA LEU C 237 -7.13 35.36 -24.61
C LEU C 237 -6.10 35.27 -25.75
N VAL C 238 -5.12 34.36 -25.64
CA VAL C 238 -4.04 34.31 -26.62
C VAL C 238 -4.26 33.32 -27.76
N SER C 239 -5.46 32.74 -27.80
CA SER C 239 -5.78 31.77 -28.85
C SER C 239 -6.55 32.40 -30.00
N GLN C 240 -7.01 33.63 -29.78
CA GLN C 240 -7.66 34.42 -30.80
C GLN C 240 -6.83 34.57 -32.08
N GLU C 241 -7.49 34.47 -33.23
CA GLU C 241 -6.79 34.38 -34.50
C GLU C 241 -6.06 35.65 -34.88
N ASP C 242 -6.60 36.77 -34.47
CA ASP C 242 -5.97 38.03 -34.78
C ASP C 242 -4.67 38.12 -34.01
N PHE C 243 -4.76 37.97 -32.69
CA PHE C 243 -3.57 37.97 -31.86
C PHE C 243 -2.46 37.07 -32.42
N LEU C 244 -2.82 35.83 -32.75
CA LEU C 244 -1.88 34.89 -33.33
C LEU C 244 -1.30 35.37 -34.66
N LEU C 245 -2.16 35.66 -35.64
CA LEU C 245 -1.75 36.08 -36.98
C LEU C 245 -0.78 37.26 -36.92
N GLU C 246 -0.99 38.07 -35.90
CA GLU C 246 -0.13 39.22 -35.68
C GLU C 246 1.22 38.75 -35.18
N ARG C 247 1.22 37.91 -34.14
CA ARG C 247 2.48 37.37 -33.56
C ARG C 247 3.22 36.54 -34.59
N LEU C 248 2.47 36.08 -35.58
CA LEU C 248 2.94 35.14 -36.57
C LEU C 248 3.89 35.79 -37.58
N THR C 249 4.16 37.08 -37.37
CA THR C 249 5.06 37.85 -38.22
C THR C 249 6.31 38.23 -37.47
N SER C 250 6.31 37.97 -36.15
CA SER C 250 7.46 38.23 -35.31
C SER C 250 7.94 36.95 -34.58
N LEU C 251 7.81 35.81 -35.25
CA LEU C 251 8.31 34.55 -34.71
C LEU C 251 9.81 34.61 -34.42
N PRO C 252 10.22 34.28 -33.19
CA PRO C 252 11.63 34.14 -32.82
C PRO C 252 12.41 33.34 -33.86
N ALA C 253 13.70 33.62 -33.96
CA ALA C 253 14.52 33.02 -35.00
C ALA C 253 15.05 31.65 -34.61
N ASP C 254 15.15 31.40 -33.31
CA ASP C 254 15.56 30.10 -32.78
C ASP C 254 15.39 30.05 -31.25
N GLY C 255 15.64 28.89 -30.66
CA GLY C 255 15.32 28.68 -29.25
C GLY C 255 16.19 29.42 -28.25
N SER C 256 17.13 30.21 -28.73
CA SER C 256 18.06 30.91 -27.86
C SER C 256 17.36 31.68 -26.74
N ALA C 257 17.81 31.46 -25.50
CA ALA C 257 17.16 32.04 -24.32
C ALA C 257 16.84 33.51 -24.45
N SER C 258 17.56 34.19 -25.33
CA SER C 258 17.36 35.61 -25.59
C SER C 258 16.21 35.88 -26.58
N ALA C 259 16.22 35.20 -27.72
CA ALA C 259 15.13 35.30 -28.70
C ALA C 259 13.79 35.09 -28.03
N LEU C 260 13.75 34.15 -27.09
CA LEU C 260 12.52 33.80 -26.39
C LEU C 260 12.17 34.87 -25.37
N ARG C 261 13.15 35.67 -24.97
CA ARG C 261 12.83 36.76 -24.08
C ARG C 261 12.17 37.90 -24.87
N ALA C 262 12.66 38.11 -26.09
CA ALA C 262 12.03 39.12 -26.94
C ALA C 262 10.56 38.79 -27.07
N HIS C 263 10.25 37.51 -27.24
CA HIS C 263 8.90 37.06 -27.50
C HIS C 263 8.02 37.12 -26.26
N PHE C 264 8.58 36.82 -25.10
CA PHE C 264 7.78 36.87 -23.90
C PHE C 264 7.49 38.32 -23.59
N GLU C 265 8.49 39.18 -23.78
CA GLU C 265 8.36 40.58 -23.39
C GLU C 265 7.44 41.32 -24.33
N THR C 266 7.51 40.99 -25.61
CA THR C 266 6.60 41.59 -26.58
C THR C 266 5.15 41.18 -26.27
N SER C 267 4.92 39.90 -25.99
CA SER C 267 3.59 39.44 -25.59
C SER C 267 3.15 40.09 -24.28
N LEU C 268 4.03 40.12 -23.31
CA LEU C 268 3.77 40.82 -22.05
C LEU C 268 3.16 42.18 -22.34
N ARG C 269 3.69 42.81 -23.37
CA ARG C 269 3.31 44.16 -23.72
C ARG C 269 1.99 44.20 -24.49
N ARG C 270 1.61 43.07 -25.05
CA ARG C 270 0.49 43.01 -26.00
C ARG C 270 -0.84 42.63 -25.33
N ILE C 271 -0.77 42.02 -24.16
CA ILE C 271 -1.99 41.56 -23.48
C ILE C 271 -2.96 42.66 -23.02
N PRO C 272 -2.44 43.77 -22.45
CA PRO C 272 -3.42 44.72 -21.91
C PRO C 272 -4.35 45.22 -22.99
N SER C 273 -3.84 45.25 -24.22
CA SER C 273 -4.69 45.51 -25.38
C SER C 273 -5.91 44.57 -25.35
N LEU C 274 -5.63 43.27 -25.43
CA LEU C 274 -6.62 42.21 -25.43
C LEU C 274 -7.65 42.31 -24.28
N LEU C 275 -7.22 42.82 -23.14
CA LEU C 275 -8.14 42.99 -22.02
C LEU C 275 -9.16 44.05 -22.36
N ASP C 276 -8.69 45.11 -22.99
CA ASP C 276 -9.54 46.24 -23.30
C ASP C 276 -10.54 45.85 -24.37
N ALA C 277 -10.06 45.05 -25.30
CA ALA C 277 -10.88 44.62 -26.41
C ALA C 277 -12.07 43.81 -25.89
N ALA C 278 -11.91 43.14 -24.75
CA ALA C 278 -12.94 42.25 -24.25
C ALA C 278 -13.75 42.82 -23.08
N GLY C 279 -13.47 44.07 -22.73
CA GLY C 279 -14.23 44.75 -21.70
C GLY C 279 -14.08 44.14 -20.32
N LEU C 280 -12.84 43.81 -19.97
CA LEU C 280 -12.56 43.12 -18.72
C LEU C 280 -12.00 43.99 -17.60
N ARG C 281 -11.82 45.29 -17.88
CA ARG C 281 -11.24 46.23 -16.91
C ARG C 281 -12.16 46.54 -15.76
N PRO C 282 -11.62 46.59 -14.55
CA PRO C 282 -12.44 46.75 -13.34
C PRO C 282 -13.50 47.86 -13.37
N ILE C 283 -14.66 47.66 -12.78
CA ILE C 283 -15.53 48.80 -12.49
C ILE C 283 -15.37 49.30 -11.06
N THR C 284 -14.62 50.38 -10.85
CA THR C 284 -14.34 50.83 -9.48
C THR C 284 -15.21 52.00 -9.01
N VAL C 285 -15.93 51.76 -7.93
CA VAL C 285 -16.86 52.74 -7.41
C VAL C 285 -16.33 53.24 -6.07
N PRO C 286 -16.13 54.56 -5.98
CA PRO C 286 -15.56 55.25 -4.83
C PRO C 286 -16.43 55.11 -3.59
N PRO C 287 -15.81 54.99 -2.41
CA PRO C 287 -16.59 54.87 -1.17
C PRO C 287 -17.55 56.04 -1.07
N ALA C 288 -18.74 55.80 -0.53
CA ALA C 288 -19.75 56.84 -0.44
C ALA C 288 -20.92 56.44 0.44
N THR C 289 -21.27 57.35 1.35
CA THR C 289 -22.43 57.18 2.22
C THR C 289 -23.72 56.94 1.42
N PHE C 290 -24.79 56.50 2.09
CA PHE C 290 -26.02 56.12 1.40
C PHE C 290 -26.65 57.24 0.56
N THR C 291 -26.83 58.39 1.20
CA THR C 291 -27.41 59.57 0.57
C THR C 291 -26.49 60.10 -0.52
N GLU C 292 -25.20 59.99 -0.28
CA GLU C 292 -24.19 60.37 -1.26
C GLU C 292 -24.30 59.51 -2.53
N SER C 293 -24.63 58.23 -2.34
CA SER C 293 -24.69 57.28 -3.44
C SER C 293 -26.03 57.40 -4.18
N PHE C 294 -27.09 57.68 -3.42
CA PHE C 294 -28.39 57.94 -4.01
C PHE C 294 -28.85 59.36 -3.72
N PRO C 295 -28.35 60.34 -4.49
CA PRO C 295 -28.73 61.74 -4.31
C PRO C 295 -30.23 61.94 -4.56
N HIS C 296 -30.77 61.31 -5.62
CA HIS C 296 -32.18 61.46 -5.99
C HIS C 296 -33.15 61.11 -4.86
N LEU C 297 -32.70 60.33 -3.90
CA LEU C 297 -33.57 59.95 -2.81
C LEU C 297 -33.63 61.04 -1.75
N SER C 298 -34.71 61.79 -1.77
CA SER C 298 -34.95 62.85 -0.79
C SER C 298 -34.93 62.27 0.62
N LYS C 299 -35.68 61.19 0.82
CA LYS C 299 -35.77 60.55 2.13
C LYS C 299 -35.22 59.12 2.10
N PRO C 300 -34.27 58.83 2.97
CA PRO C 300 -33.80 57.46 3.17
C PRO C 300 -34.84 56.62 3.89
N ASN C 301 -34.90 55.34 3.55
CA ASN C 301 -35.92 54.45 4.05
C ASN C 301 -35.62 54.25 5.48
N GLY C 302 -36.55 53.67 6.23
CA GLY C 302 -36.22 53.29 7.58
C GLY C 302 -35.14 52.22 7.55
N LEU C 303 -35.31 51.26 6.65
CA LEU C 303 -34.42 50.14 6.58
C LEU C 303 -33.03 50.59 6.20
N GLN C 304 -32.95 51.46 5.22
CA GLN C 304 -31.67 51.88 4.71
C GLN C 304 -30.85 52.62 5.74
N ALA C 305 -31.51 53.43 6.54
CA ALA C 305 -30.78 54.17 7.58
C ALA C 305 -30.11 53.20 8.54
N SER C 306 -30.83 52.14 8.91
CA SER C 306 -30.32 51.13 9.83
C SER C 306 -29.12 50.43 9.26
N LEU C 307 -29.18 50.15 7.95
CA LEU C 307 -28.10 49.50 7.26
C LEU C 307 -26.88 50.41 7.13
N ALA C 308 -27.08 51.59 6.56
CA ALA C 308 -26.00 52.56 6.38
C ALA C 308 -25.35 52.98 7.72
N LYS C 309 -26.12 52.92 8.79
CA LYS C 309 -25.64 53.28 10.12
C LYS C 309 -24.72 52.21 10.71
N HIS C 310 -25.20 50.98 10.86
CA HIS C 310 -24.53 49.97 11.68
C HIS C 310 -23.69 48.91 10.94
N LEU C 311 -23.95 48.71 9.67
CA LEU C 311 -23.10 47.84 8.87
C LEU C 311 -21.63 48.28 8.78
N PRO C 312 -21.34 49.57 8.50
CA PRO C 312 -19.95 49.96 8.28
C PRO C 312 -19.00 49.50 9.37
N CYS C 313 -19.41 49.65 10.62
CA CYS C 313 -18.59 49.19 11.71
C CYS C 313 -18.35 47.69 11.60
N LEU C 314 -19.44 46.93 11.39
CA LEU C 314 -19.37 45.47 11.28
C LEU C 314 -18.54 44.97 10.09
N CYS C 315 -18.63 45.68 8.96
CA CYS C 315 -18.06 45.21 7.71
C CYS C 315 -16.54 45.24 7.63
N THR C 316 -15.90 44.52 8.54
CA THR C 316 -14.45 44.51 8.68
C THR C 316 -13.72 43.73 7.60
N GLY C 317 -14.46 42.86 6.90
CA GLY C 317 -13.88 42.02 5.85
C GLY C 317 -14.94 41.08 5.30
N PRO C 318 -14.52 39.87 4.88
CA PRO C 318 -15.42 38.92 4.21
C PRO C 318 -16.54 38.53 5.14
N GLY C 319 -17.77 38.54 4.64
CA GLY C 319 -18.92 38.20 5.44
C GLY C 319 -20.18 38.18 4.62
N LEU C 320 -21.28 37.80 5.26
CA LEU C 320 -22.56 37.65 4.59
C LEU C 320 -23.59 38.56 5.23
N VAL C 321 -24.53 39.07 4.45
CA VAL C 321 -25.59 39.91 4.98
C VAL C 321 -26.95 39.42 4.48
N LEU C 322 -27.82 39.00 5.40
CA LEU C 322 -29.14 38.53 5.03
C LEU C 322 -30.17 39.59 5.35
N ILE C 323 -30.68 40.26 4.32
CA ILE C 323 -31.71 41.27 4.52
C ILE C 323 -33.06 40.69 4.17
N THR C 324 -33.97 40.65 5.13
CA THR C 324 -35.28 40.08 4.90
C THR C 324 -36.34 41.12 5.19
N ALA C 325 -37.01 41.60 4.14
CA ALA C 325 -37.92 42.73 4.25
C ALA C 325 -39.03 42.63 3.19
N PRO C 326 -40.11 43.41 3.33
CA PRO C 326 -41.18 43.34 2.33
C PRO C 326 -40.83 44.03 1.02
N MET C 327 -41.71 43.86 0.04
CA MET C 327 -41.54 44.47 -1.26
C MET C 327 -41.95 45.94 -1.22
N GLY C 328 -41.08 46.78 -1.76
CA GLY C 328 -41.37 48.19 -1.83
C GLY C 328 -40.43 49.06 -1.02
N GLU C 329 -39.58 48.43 -0.22
CA GLU C 329 -38.77 49.19 0.72
C GLU C 329 -37.31 49.46 0.33
N GLY C 330 -37.04 49.73 -0.94
CA GLY C 330 -35.71 50.14 -1.35
C GLY C 330 -34.61 49.14 -1.05
N LYS C 331 -34.97 47.86 -1.05
CA LYS C 331 -34.02 46.77 -0.87
C LYS C 331 -32.91 46.87 -1.91
N THR C 332 -33.30 47.07 -3.17
CA THR C 332 -32.35 47.15 -4.27
C THR C 332 -31.33 48.21 -3.93
N GLU C 333 -31.84 49.38 -3.56
CA GLU C 333 -31.01 50.53 -3.23
C GLU C 333 -30.12 50.20 -2.03
N ALA C 334 -30.68 49.61 -0.98
CA ALA C 334 -29.89 49.17 0.18
C ALA C 334 -28.80 48.20 -0.27
N ALA C 335 -29.22 47.19 -1.03
CA ALA C 335 -28.31 46.19 -1.60
C ALA C 335 -27.07 46.81 -2.22
N TYR C 336 -27.25 47.69 -3.19
CA TYR C 336 -26.12 48.31 -3.88
C TYR C 336 -25.09 48.86 -2.90
N HIS C 337 -25.58 49.39 -1.79
CA HIS C 337 -24.69 49.99 -0.81
C HIS C 337 -23.95 48.91 -0.02
N VAL C 338 -24.71 47.97 0.53
CA VAL C 338 -24.09 46.86 1.24
C VAL C 338 -23.00 46.21 0.39
N ALA C 339 -23.34 45.95 -0.87
CA ALA C 339 -22.40 45.40 -1.83
C ALA C 339 -21.15 46.23 -1.83
N ASP C 340 -21.32 47.56 -1.76
CA ASP C 340 -20.20 48.47 -1.82
C ASP C 340 -19.36 48.45 -0.57
N LEU C 341 -20.00 48.37 0.58
CA LEU C 341 -19.25 48.34 1.82
C LEU C 341 -18.39 47.11 1.78
N LEU C 342 -19.04 45.96 1.63
CA LEU C 342 -18.39 44.67 1.49
C LEU C 342 -17.36 44.74 0.39
N GLY C 343 -17.73 45.31 -0.75
CA GLY C 343 -16.82 45.51 -1.86
C GLY C 343 -15.46 46.08 -1.44
N LYS C 344 -15.47 47.29 -0.88
CA LYS C 344 -14.27 47.91 -0.35
C LYS C 344 -13.58 47.07 0.73
N ALA C 345 -14.37 46.37 1.54
CA ALA C 345 -13.86 45.62 2.69
C ALA C 345 -13.02 44.38 2.32
N THR C 346 -13.22 43.87 1.11
CA THR C 346 -12.53 42.67 0.68
C THR C 346 -11.82 42.94 -0.63
N GLY C 347 -11.71 44.22 -0.97
CA GLY C 347 -10.95 44.61 -2.13
C GLY C 347 -11.55 44.01 -3.36
N ARG C 348 -12.87 43.91 -3.37
CA ARG C 348 -13.57 43.25 -4.46
C ARG C 348 -14.58 44.15 -5.15
N PRO C 349 -14.14 44.82 -6.21
CA PRO C 349 -14.98 45.74 -6.96
C PRO C 349 -15.91 45.04 -7.93
N GLY C 350 -15.84 43.73 -7.98
CA GLY C 350 -16.64 43.00 -8.93
C GLY C 350 -18.04 42.98 -8.41
N ARG C 351 -18.99 42.71 -9.29
CA ARG C 351 -20.39 42.55 -8.90
C ARG C 351 -21.01 41.43 -9.71
N PHE C 352 -21.73 40.55 -9.02
CA PHE C 352 -22.73 39.73 -9.68
C PHE C 352 -24.00 39.80 -8.89
N LEU C 353 -25.04 40.34 -9.52
CA LEU C 353 -26.39 40.39 -8.93
C LEU C 353 -27.14 39.25 -9.57
N ALA C 354 -27.88 38.50 -8.74
CA ALA C 354 -28.49 37.26 -9.18
C ALA C 354 -30.01 37.31 -9.03
N LEU C 355 -30.73 37.17 -10.13
CA LEU C 355 -32.19 37.32 -10.06
C LEU C 355 -32.99 36.08 -10.44
N PRO C 356 -34.26 36.02 -10.00
CA PRO C 356 -34.99 34.77 -10.16
C PRO C 356 -35.40 34.45 -11.58
N THR C 357 -35.57 35.46 -12.42
CA THR C 357 -36.08 35.24 -13.79
C THR C 357 -35.31 36.05 -14.81
N MET C 358 -35.36 35.65 -16.08
CA MET C 358 -34.63 36.36 -17.13
C MET C 358 -35.07 37.82 -17.16
N ALA C 359 -36.36 38.02 -16.87
CA ALA C 359 -36.98 39.33 -16.93
C ALA C 359 -36.54 40.26 -15.81
N THR C 360 -36.65 39.83 -14.54
CA THR C 360 -36.13 40.64 -13.45
C THR C 360 -34.62 40.82 -13.58
N ALA C 361 -33.98 40.03 -14.39
CA ALA C 361 -32.58 40.27 -14.66
C ALA C 361 -32.43 41.40 -15.67
N ASP C 362 -33.13 41.28 -16.81
CA ASP C 362 -33.28 42.35 -17.81
C ASP C 362 -33.49 43.72 -17.12
N GLN C 363 -34.47 43.78 -16.21
CA GLN C 363 -34.81 45.00 -15.51
C GLN C 363 -33.66 45.51 -14.65
N MET C 364 -33.12 44.63 -13.82
CA MET C 364 -32.09 45.04 -12.87
C MET C 364 -30.78 45.37 -13.55
N HIS C 365 -30.58 44.81 -14.74
CA HIS C 365 -29.40 45.15 -15.53
C HIS C 365 -29.42 46.63 -15.77
N THR C 366 -30.59 47.11 -16.15
CA THR C 366 -30.81 48.52 -16.39
C THR C 366 -30.56 49.41 -15.17
N ARG C 367 -31.20 49.10 -14.05
CA ARG C 367 -31.03 49.87 -12.82
C ARG C 367 -29.57 50.03 -12.44
N LEU C 368 -28.78 48.99 -12.69
CA LEU C 368 -27.40 48.97 -12.23
C LEU C 368 -26.47 49.70 -13.19
N LYS C 369 -26.82 49.67 -14.48
CA LYS C 369 -26.08 50.45 -15.47
C LYS C 369 -26.17 51.94 -15.13
N GLU C 370 -27.38 52.43 -14.87
CA GLU C 370 -27.54 53.83 -14.57
C GLU C 370 -26.81 54.16 -13.27
N TYR C 371 -26.98 53.29 -12.28
CA TYR C 371 -26.33 53.47 -10.99
C TYR C 371 -24.83 53.54 -11.15
N ALA C 372 -24.32 52.82 -12.13
CA ALA C 372 -22.88 52.77 -12.36
C ALA C 372 -22.40 54.05 -13.05
N ARG C 373 -23.10 54.41 -14.14
CA ARG C 373 -22.87 55.64 -14.90
C ARG C 373 -22.74 56.81 -13.94
N TYR C 374 -23.73 56.90 -13.06
CA TYR C 374 -23.74 57.93 -12.05
C TYR C 374 -22.57 57.86 -11.08
N ARG C 375 -22.21 56.66 -10.63
CA ARG C 375 -21.22 56.51 -9.57
C ARG C 375 -19.76 56.37 -9.99
N VAL C 376 -19.51 55.98 -11.23
CA VAL C 376 -18.14 55.92 -11.75
C VAL C 376 -17.58 57.33 -12.04
N GLU C 377 -16.26 57.50 -11.93
CA GLU C 377 -15.60 58.78 -12.19
C GLU C 377 -15.42 59.10 -13.68
N ASN C 378 -15.39 60.39 -14.00
CA ASN C 378 -15.22 60.83 -15.38
C ASN C 378 -13.86 60.42 -15.98
N THR C 379 -12.83 60.39 -15.14
CA THR C 379 -11.48 60.00 -15.56
C THR C 379 -10.95 60.90 -16.69
N ARG C 383 -15.36 52.12 -19.25
CA ARG C 383 -14.53 52.25 -20.46
C ARG C 383 -13.08 51.81 -20.23
N SER C 384 -12.67 50.68 -20.82
CA SER C 384 -13.60 49.84 -21.53
C SER C 384 -13.83 48.59 -20.75
N SER C 385 -14.88 48.58 -19.94
CA SER C 385 -15.24 47.42 -19.18
C SER C 385 -16.72 47.24 -19.26
N THR C 386 -17.20 46.13 -19.78
CA THR C 386 -18.63 45.93 -19.92
C THR C 386 -19.29 45.58 -18.62
N LEU C 387 -20.56 45.82 -18.50
CA LEU C 387 -21.39 45.31 -17.42
C LEU C 387 -22.33 44.41 -18.16
N ALA C 388 -22.43 43.17 -17.69
CA ALA C 388 -22.99 42.09 -18.52
C ALA C 388 -24.36 41.62 -18.08
N LEU C 389 -25.09 41.07 -19.04
CA LEU C 389 -26.40 40.49 -18.81
C LEU C 389 -26.24 39.00 -19.10
N LEU C 390 -26.50 38.17 -18.10
CA LEU C 390 -26.28 36.73 -18.22
C LEU C 390 -27.55 35.91 -18.07
N HIS C 391 -28.07 35.43 -19.19
CA HIS C 391 -29.10 34.39 -19.23
C HIS C 391 -29.23 33.88 -20.65
N SER C 392 -30.07 32.88 -20.84
CA SER C 392 -30.16 32.19 -22.12
C SER C 392 -30.72 33.04 -23.27
N MET C 393 -31.41 34.13 -22.92
CA MET C 393 -32.11 34.95 -23.90
C MET C 393 -31.42 36.30 -24.13
N ALA C 394 -30.25 36.47 -23.55
CA ALA C 394 -29.53 37.73 -23.63
C ALA C 394 -28.98 38.08 -25.03
N TRP C 395 -28.87 37.10 -25.93
CA TRP C 395 -28.48 37.40 -27.31
C TRP C 395 -29.63 38.06 -28.06
N LEU C 396 -30.85 37.66 -27.71
CA LEU C 396 -32.04 38.20 -28.37
C LEU C 396 -32.55 39.39 -27.57
N ASN C 397 -31.70 40.41 -27.48
CA ASN C 397 -32.00 41.65 -26.79
C ASN C 397 -31.21 42.76 -27.44
N PRO C 398 -31.87 43.55 -28.27
CA PRO C 398 -31.28 44.67 -29.00
C PRO C 398 -30.64 45.70 -28.06
N ASP C 399 -31.30 45.96 -26.93
CA ASP C 399 -30.82 46.93 -25.97
C ASP C 399 -29.48 46.57 -25.33
N TYR C 400 -29.11 45.30 -25.41
CA TYR C 400 -27.90 44.77 -24.76
C TYR C 400 -26.84 44.21 -25.69
N ALA C 401 -27.23 43.26 -26.53
CA ALA C 401 -26.30 42.55 -27.38
C ALA C 401 -25.81 43.45 -28.47
N PRO C 402 -24.54 43.31 -28.87
CA PRO C 402 -23.98 44.23 -29.86
C PRO C 402 -24.34 43.83 -31.29
N ALA C 403 -24.00 44.69 -32.24
CA ALA C 403 -24.27 44.41 -33.66
C ALA C 403 -23.23 43.47 -34.25
N ASP C 419 -19.37 53.01 -26.05
CA ASP C 419 -20.14 53.28 -24.83
C ASP C 419 -19.50 52.56 -23.65
N PRO C 420 -19.31 53.28 -22.53
CA PRO C 420 -18.90 52.59 -21.31
C PRO C 420 -19.97 51.59 -20.88
N PHE C 421 -19.54 50.43 -20.39
CA PHE C 421 -20.42 49.37 -19.91
C PHE C 421 -21.14 48.59 -21.04
N ALA C 422 -20.95 49.01 -22.28
CA ALA C 422 -21.54 48.31 -23.42
C ALA C 422 -20.94 46.92 -23.54
N ALA C 423 -21.80 45.94 -23.81
CA ALA C 423 -21.38 44.58 -24.04
C ALA C 423 -20.40 44.51 -25.22
N THR C 424 -19.31 43.76 -25.03
CA THR C 424 -18.38 43.47 -26.11
C THR C 424 -18.71 42.11 -26.73
N ASP C 425 -18.14 41.84 -27.90
CA ASP C 425 -18.29 40.52 -28.50
C ASP C 425 -17.74 39.44 -27.60
N TRP C 426 -16.44 39.53 -27.33
CA TRP C 426 -15.73 38.50 -26.55
C TRP C 426 -16.53 37.96 -25.36
N LEU C 427 -17.14 38.85 -24.57
CA LEU C 427 -17.89 38.41 -23.41
C LEU C 427 -19.20 37.75 -23.77
N MET C 428 -19.63 37.84 -25.02
CA MET C 428 -20.87 37.20 -25.42
C MET C 428 -20.68 35.69 -25.51
N GLY C 429 -19.42 35.26 -25.66
CA GLY C 429 -19.07 33.85 -25.75
C GLY C 429 -19.68 32.89 -24.74
N ARG C 430 -19.73 31.61 -25.14
CA ARG C 430 -20.32 30.42 -24.48
C ARG C 430 -20.30 30.45 -22.92
N LYS C 431 -19.11 30.53 -22.31
CA LYS C 431 -19.00 30.48 -20.85
C LYS C 431 -18.31 31.68 -20.15
N ARG C 432 -18.12 32.77 -20.89
CA ARG C 432 -17.31 33.90 -20.45
C ARG C 432 -18.09 34.89 -19.61
N GLY C 433 -19.41 34.81 -19.72
CA GLY C 433 -20.30 35.75 -19.06
C GLY C 433 -19.86 36.26 -17.71
N LEU C 434 -19.52 35.34 -16.80
CA LEU C 434 -19.19 35.72 -15.44
C LEU C 434 -17.81 36.33 -15.29
N LEU C 435 -17.09 36.45 -16.40
CA LEU C 435 -15.77 37.06 -16.35
C LEU C 435 -15.84 38.57 -16.48
N ALA C 436 -17.01 39.06 -16.85
CA ALA C 436 -17.24 40.49 -16.92
C ALA C 436 -17.14 41.08 -15.52
N PRO C 437 -16.57 42.30 -15.40
CA PRO C 437 -16.32 42.99 -14.12
C PRO C 437 -17.57 43.21 -13.26
N TRP C 438 -18.61 43.78 -13.84
CA TRP C 438 -19.91 43.73 -13.20
C TRP C 438 -20.73 42.88 -14.09
N ALA C 439 -21.79 42.29 -13.54
CA ALA C 439 -22.63 41.42 -14.32
C ALA C 439 -23.85 41.12 -13.50
N VAL C 440 -24.99 41.14 -14.17
CA VAL C 440 -26.24 40.81 -13.54
C VAL C 440 -26.95 39.84 -14.46
N GLY C 441 -27.47 38.76 -13.87
CA GLY C 441 -28.10 37.67 -14.60
C GLY C 441 -28.98 36.83 -13.69
N THR C 442 -29.47 35.71 -14.22
CA THR C 442 -30.30 34.77 -13.43
C THR C 442 -29.45 34.02 -12.45
N ILE C 443 -30.08 33.54 -11.39
CA ILE C 443 -29.35 32.82 -10.36
C ILE C 443 -28.79 31.51 -10.93
N ASP C 444 -29.46 30.94 -11.92
CA ASP C 444 -28.97 29.73 -12.54
C ASP C 444 -27.58 29.88 -13.08
N GLN C 445 -27.24 31.06 -13.56
CA GLN C 445 -25.90 31.24 -14.08
C GLN C 445 -24.81 31.12 -13.00
N ALA C 446 -25.18 31.30 -11.74
CA ALA C 446 -24.21 31.12 -10.67
C ALA C 446 -24.22 29.71 -10.09
N LEU C 447 -25.37 29.02 -10.14
CA LEU C 447 -25.45 27.68 -9.61
C LEU C 447 -24.65 26.71 -10.49
N MET C 448 -24.48 27.08 -11.76
CA MET C 448 -23.67 26.28 -12.68
C MET C 448 -22.21 26.28 -12.27
N ALA C 449 -21.87 27.05 -11.25
CA ALA C 449 -20.49 27.09 -10.79
C ALA C 449 -20.23 25.92 -9.86
N VAL C 450 -21.29 25.28 -9.40
CA VAL C 450 -21.15 24.22 -8.41
C VAL C 450 -21.80 22.91 -8.83
N LEU C 451 -22.33 22.84 -10.05
CA LEU C 451 -22.75 21.58 -10.63
C LEU C 451 -21.46 20.89 -11.10
N ARG C 452 -21.49 19.59 -11.34
CA ARG C 452 -20.34 18.97 -12.00
C ARG C 452 -20.49 19.04 -13.52
N ALA C 453 -19.83 20.02 -14.14
CA ALA C 453 -19.81 20.12 -15.58
C ALA C 453 -18.55 20.86 -15.94
N LYS C 454 -18.29 21.02 -17.24
CA LYS C 454 -17.02 21.58 -17.67
C LYS C 454 -16.88 23.09 -17.41
N HIS C 455 -15.64 23.54 -17.28
CA HIS C 455 -15.31 24.94 -17.01
C HIS C 455 -16.01 25.57 -15.79
N ASN C 456 -16.56 24.77 -14.89
CA ASN C 456 -17.04 25.31 -13.62
C ASN C 456 -15.94 25.99 -12.82
N ALA C 457 -14.70 25.78 -13.22
CA ALA C 457 -13.59 26.42 -12.56
C ALA C 457 -13.43 27.83 -13.12
N LEU C 458 -13.93 28.03 -14.34
CA LEU C 458 -14.07 29.39 -14.86
C LEU C 458 -15.17 30.12 -14.11
N ARG C 459 -16.29 29.46 -13.91
CA ARG C 459 -17.39 30.12 -13.30
C ARG C 459 -16.99 30.49 -11.92
N LEU C 460 -16.29 29.61 -11.26
CA LEU C 460 -15.80 29.86 -9.92
C LEU C 460 -14.80 30.98 -9.89
N PHE C 461 -13.91 30.99 -10.86
CA PHE C 461 -12.93 32.04 -10.94
C PHE C 461 -13.60 33.37 -11.12
N GLY C 462 -14.60 33.45 -11.98
CA GLY C 462 -15.31 34.69 -12.21
C GLY C 462 -16.04 35.23 -11.00
N LEU C 463 -16.69 34.35 -10.26
CA LEU C 463 -17.39 34.71 -9.05
C LEU C 463 -16.43 35.21 -8.01
N ALA C 464 -15.21 34.72 -8.01
CA ALA C 464 -14.26 34.96 -6.94
C ALA C 464 -13.88 36.40 -6.73
N GLY C 465 -13.77 37.11 -7.83
CA GLY C 465 -13.36 38.51 -7.84
C GLY C 465 -14.41 39.47 -7.29
N LYS C 466 -15.61 38.96 -7.08
CA LYS C 466 -16.78 39.80 -6.87
C LYS C 466 -17.42 39.76 -5.50
N VAL C 467 -18.34 40.69 -5.29
CA VAL C 467 -19.33 40.58 -4.24
C VAL C 467 -20.51 40.01 -5.01
N VAL C 468 -21.15 38.98 -4.48
CA VAL C 468 -22.31 38.43 -5.15
C VAL C 468 -23.55 38.69 -4.32
N VAL C 469 -24.66 38.88 -5.02
CA VAL C 469 -25.92 39.32 -4.44
C VAL C 469 -27.00 38.45 -5.01
N VAL C 470 -27.87 37.93 -4.15
CA VAL C 470 -28.97 37.16 -4.69
C VAL C 470 -30.30 37.65 -4.13
N ASP C 471 -31.16 38.07 -5.04
CA ASP C 471 -32.45 38.66 -4.72
C ASP C 471 -33.44 37.52 -4.72
N GLU C 472 -34.58 37.74 -4.10
CA GLU C 472 -35.67 36.75 -4.03
C GLU C 472 -35.16 35.37 -3.59
N ALA C 473 -34.41 35.33 -2.49
CA ALA C 473 -33.95 34.06 -1.93
C ALA C 473 -35.12 33.21 -1.45
N HIS C 474 -36.23 33.85 -1.11
CA HIS C 474 -37.41 33.11 -0.71
C HIS C 474 -37.95 32.25 -1.87
N ALA C 475 -37.64 32.65 -3.09
CA ALA C 475 -38.15 31.97 -4.26
C ALA C 475 -37.31 30.77 -4.72
N VAL C 476 -36.46 30.23 -3.86
CA VAL C 476 -35.67 29.07 -4.26
C VAL C 476 -36.20 27.76 -3.63
N ASP C 477 -36.65 26.84 -4.47
CA ASP C 477 -37.27 25.60 -3.96
C ASP C 477 -36.25 24.68 -3.24
N PRO C 478 -36.69 23.52 -2.72
CA PRO C 478 -35.70 22.58 -2.16
C PRO C 478 -34.48 22.28 -3.06
N TYR C 479 -34.70 21.92 -4.31
CA TYR C 479 -33.59 21.54 -5.17
C TYR C 479 -32.56 22.63 -5.42
N MET C 480 -33.00 23.88 -5.53
CA MET C 480 -32.06 24.94 -5.81
C MET C 480 -31.33 25.30 -4.56
N GLN C 481 -32.02 25.15 -3.44
CA GLN C 481 -31.49 25.51 -2.13
C GLN C 481 -30.16 24.81 -1.95
N VAL C 482 -30.15 23.51 -2.25
CA VAL C 482 -28.98 22.65 -2.12
C VAL C 482 -27.86 23.09 -3.07
N LEU C 483 -28.23 23.60 -4.22
CA LEU C 483 -27.23 24.14 -5.13
C LEU C 483 -26.68 25.44 -4.53
N LEU C 484 -27.60 26.22 -3.95
CA LEU C 484 -27.26 27.52 -3.40
C LEU C 484 -26.33 27.40 -2.18
N GLU C 485 -26.73 26.58 -1.21
CA GLU C 485 -25.92 26.35 -0.02
C GLU C 485 -24.49 25.97 -0.40
N GLN C 486 -24.35 25.17 -1.44
CA GLN C 486 -23.04 24.68 -1.83
C GLN C 486 -22.26 25.78 -2.52
N LEU C 487 -22.99 26.72 -3.13
CA LEU C 487 -22.38 27.92 -3.70
C LEU C 487 -21.90 28.83 -2.60
N LEU C 488 -22.75 29.03 -1.58
CA LEU C 488 -22.45 29.86 -0.42
C LEU C 488 -21.29 29.26 0.36
N ARG C 489 -21.20 27.93 0.30
CA ARG C 489 -20.15 27.19 0.96
C ARG C 489 -18.82 27.48 0.26
N TRP C 490 -18.84 27.52 -1.06
CA TRP C 490 -17.61 27.72 -1.81
C TRP C 490 -17.21 29.20 -1.84
N LEU C 491 -18.21 30.06 -1.99
CA LEU C 491 -18.00 31.50 -1.98
C LEU C 491 -17.40 31.85 -0.64
N GLY C 492 -17.99 31.29 0.41
CA GLY C 492 -17.41 31.35 1.75
C GLY C 492 -15.91 31.09 1.79
N THR C 493 -15.45 29.88 1.46
CA THR C 493 -14.02 29.56 1.54
C THR C 493 -13.11 30.45 0.69
N LEU C 494 -13.66 31.03 -0.38
CA LEU C 494 -12.85 31.77 -1.33
C LEU C 494 -12.75 33.24 -0.96
N ASP C 495 -13.30 33.57 0.22
CA ASP C 495 -13.30 34.93 0.76
C ASP C 495 -14.19 35.91 0.00
N VAL C 496 -15.30 35.45 -0.55
CA VAL C 496 -16.15 36.40 -1.24
C VAL C 496 -17.33 36.75 -0.34
N PRO C 497 -17.65 38.05 -0.26
CA PRO C 497 -18.71 38.51 0.63
C PRO C 497 -20.01 38.41 -0.13
N VAL C 498 -21.13 38.33 0.59
CA VAL C 498 -22.40 37.94 -0.03
C VAL C 498 -23.56 38.71 0.56
N VAL C 499 -24.51 39.09 -0.31
CA VAL C 499 -25.75 39.70 0.13
C VAL C 499 -26.95 38.87 -0.32
N LEU C 500 -27.79 38.49 0.62
CA LEU C 500 -28.96 37.73 0.32
C LEU C 500 -30.08 38.63 0.64
N LEU C 501 -31.01 38.81 -0.30
CA LEU C 501 -32.11 39.72 -0.14
C LEU C 501 -33.34 38.88 -0.25
N SER C 502 -34.33 39.12 0.58
CA SER C 502 -35.55 38.33 0.53
C SER C 502 -36.76 38.98 1.17
N ALA C 503 -37.91 38.37 0.97
CA ALA C 503 -39.12 38.79 1.63
C ALA C 503 -39.19 37.59 2.53
N THR C 504 -40.32 37.29 3.14
CA THR C 504 -40.34 36.32 4.21
C THR C 504 -39.49 35.15 3.81
N LEU C 505 -38.66 34.68 4.73
CA LEU C 505 -37.89 33.47 4.56
C LEU C 505 -38.11 32.56 5.76
N HIS C 506 -38.36 31.29 5.52
CA HIS C 506 -38.58 30.38 6.61
C HIS C 506 -37.32 30.22 7.44
N HIS C 507 -37.47 30.20 8.75
CA HIS C 507 -36.29 30.20 9.63
C HIS C 507 -35.32 29.05 9.38
N SER C 508 -35.85 27.91 8.95
CA SER C 508 -35.01 26.77 8.66
C SER C 508 -34.08 27.12 7.49
N ILE C 509 -34.62 27.86 6.53
CA ILE C 509 -33.92 28.16 5.30
C ILE C 509 -32.87 29.21 5.55
N ALA C 510 -33.22 30.22 6.34
CA ALA C 510 -32.29 31.26 6.72
C ALA C 510 -31.09 30.62 7.40
N ASN C 511 -31.41 29.71 8.31
CA ASN C 511 -30.41 28.93 9.02
C ASN C 511 -29.45 28.19 8.10
N SER C 512 -30.01 27.38 7.20
CA SER C 512 -29.21 26.53 6.33
C SER C 512 -28.28 27.35 5.46
N LEU C 513 -28.83 28.44 4.91
CA LEU C 513 -28.05 29.34 4.08
C LEU C 513 -26.83 29.86 4.83
N VAL C 514 -27.03 30.64 5.88
CA VAL C 514 -25.87 31.20 6.58
C VAL C 514 -25.00 30.11 7.18
N LYS C 515 -25.62 29.03 7.65
CA LYS C 515 -24.87 27.88 8.14
C LYS C 515 -23.83 27.51 7.09
N ALA C 516 -24.31 27.29 5.87
CA ALA C 516 -23.47 26.89 4.77
C ALA C 516 -22.35 27.90 4.54
N TYR C 517 -22.68 29.19 4.62
CA TYR C 517 -21.64 30.18 4.37
C TYR C 517 -20.53 30.05 5.43
N LEU C 518 -20.94 29.79 6.66
CA LEU C 518 -19.99 29.69 7.75
C LEU C 518 -19.10 28.46 7.58
N GLU C 519 -19.72 27.32 7.27
CA GLU C 519 -19.00 26.07 6.99
C GLU C 519 -17.89 26.33 5.99
N GLY C 520 -18.19 27.12 4.96
CA GLY C 520 -17.19 27.48 3.98
C GLY C 520 -16.04 28.28 4.57
N ALA C 521 -16.39 29.38 5.22
CA ALA C 521 -15.43 30.30 5.82
C ALA C 521 -14.41 29.61 6.70
N ARG C 522 -14.91 28.75 7.59
CA ARG C 522 -14.08 28.09 8.59
C ARG C 522 -13.44 26.80 8.11
N GLY C 523 -14.09 26.10 7.18
CA GLY C 523 -13.50 24.91 6.61
C GLY C 523 -13.79 23.64 7.39
N ARG C 524 -14.93 23.63 8.05
CA ARG C 524 -15.46 22.46 8.74
C ARG C 524 -16.99 22.54 8.70
N ARG C 525 -17.63 21.49 8.21
CA ARG C 525 -19.09 21.43 8.17
C ARG C 525 -19.64 21.58 9.57
N TRP C 526 -20.96 21.62 9.70
CA TRP C 526 -21.53 21.76 11.02
C TRP C 526 -21.70 20.42 11.72
N ASN C 527 -21.61 20.45 13.04
CA ASN C 527 -21.86 19.27 13.87
C ASN C 527 -23.35 19.02 14.12
N ARG C 528 -23.65 17.95 14.85
CA ARG C 528 -25.01 17.60 15.17
C ARG C 528 -25.28 18.16 16.56
N SER C 529 -24.20 18.60 17.21
CA SER C 529 -24.25 19.09 18.57
C SER C 529 -24.06 20.58 18.62
N GLU C 530 -23.62 21.16 17.51
CA GLU C 530 -23.34 22.59 17.46
C GLU C 530 -24.63 23.41 17.44
N PRO C 531 -24.73 24.46 18.29
CA PRO C 531 -25.96 25.27 18.39
C PRO C 531 -26.24 26.04 17.12
N GLN C 532 -27.40 25.81 16.49
CA GLN C 532 -27.78 26.43 15.24
C GLN C 532 -27.55 27.95 15.17
N PRO C 533 -26.88 28.41 14.11
CA PRO C 533 -26.47 29.80 13.98
C PRO C 533 -27.64 30.74 13.79
N VAL C 534 -28.79 30.23 13.34
CA VAL C 534 -30.00 31.05 13.22
C VAL C 534 -31.27 30.31 13.66
N SER C 535 -31.78 30.69 14.83
CA SER C 535 -32.98 30.06 15.38
C SER C 535 -34.25 30.89 15.20
N GLU C 536 -34.11 32.15 14.74
CA GLU C 536 -35.26 33.02 14.46
C GLU C 536 -34.93 34.10 13.41
N VAL C 537 -35.85 34.36 12.49
CA VAL C 537 -35.65 35.47 11.54
C VAL C 537 -36.72 36.55 11.66
N SER C 538 -36.30 37.80 11.54
CA SER C 538 -37.16 38.95 11.75
C SER C 538 -37.58 39.57 10.42
N TYR C 539 -38.86 39.91 10.31
CA TYR C 539 -39.38 40.45 9.05
C TYR C 539 -40.22 41.71 9.24
N PRO C 540 -39.67 42.88 8.91
CA PRO C 540 -38.34 43.05 8.33
C PRO C 540 -37.21 42.88 9.33
N GLY C 541 -35.98 43.00 8.85
CA GLY C 541 -34.82 42.85 9.70
C GLY C 541 -33.65 42.47 8.84
N TRP C 542 -32.45 42.83 9.26
CA TRP C 542 -31.27 42.39 8.56
C TRP C 542 -30.43 41.59 9.53
N LEU C 543 -29.23 41.25 9.12
CA LEU C 543 -28.42 40.25 9.83
C LEU C 543 -27.02 40.23 9.23
N HIS C 544 -26.02 40.08 10.07
CA HIS C 544 -24.65 40.03 9.58
C HIS C 544 -23.94 38.77 10.02
N VAL C 545 -23.11 38.24 9.15
CA VAL C 545 -22.31 37.09 9.48
C VAL C 545 -20.87 37.42 9.15
N ASP C 546 -19.97 37.18 10.09
CA ASP C 546 -18.55 37.42 9.84
C ASP C 546 -17.75 36.11 9.72
N ALA C 547 -16.80 36.08 8.79
CA ALA C 547 -15.99 34.89 8.55
C ALA C 547 -14.90 34.68 9.59
N ARG C 548 -14.20 35.76 9.94
CA ARG C 548 -13.11 35.73 10.93
C ARG C 548 -13.40 34.87 12.17
N ILE C 549 -14.51 35.14 12.84
CA ILE C 549 -14.85 34.36 14.03
C ILE C 549 -16.14 33.61 13.85
N GLY C 550 -16.88 33.94 12.81
CA GLY C 550 -18.15 33.28 12.62
C GLY C 550 -19.12 33.68 13.70
N LYS C 551 -19.34 34.98 13.82
CA LYS C 551 -20.27 35.48 14.81
C LYS C 551 -21.45 36.12 14.10
N VAL C 552 -22.64 35.86 14.60
CA VAL C 552 -23.84 36.33 13.92
C VAL C 552 -24.48 37.47 14.69
N THR C 553 -24.58 38.62 14.01
CA THR C 553 -25.15 39.82 14.61
C THR C 553 -26.51 40.10 14.00
N ARG C 554 -27.56 39.95 14.80
CA ARG C 554 -28.88 40.36 14.37
C ARG C 554 -28.95 41.87 14.43
N SER C 555 -29.90 42.47 13.71
CA SER C 555 -30.02 43.91 13.71
C SER C 555 -30.57 44.41 15.04
N SER C 556 -31.42 43.61 15.67
CA SER C 556 -31.96 43.94 16.99
C SER C 556 -30.87 44.01 18.05
N ASP C 557 -29.72 43.38 17.78
CA ASP C 557 -28.59 43.49 18.68
C ASP C 557 -28.00 44.86 18.60
N VAL C 558 -28.35 45.61 17.56
CA VAL C 558 -27.70 46.90 17.33
C VAL C 558 -28.66 48.10 17.23
N ASP C 559 -29.82 47.89 16.62
CA ASP C 559 -30.85 48.90 16.67
C ASP C 559 -31.75 48.59 17.85
N PRO C 560 -31.85 49.50 18.81
CA PRO C 560 -32.69 49.30 19.99
C PRO C 560 -34.17 49.32 19.63
N LEU C 561 -34.52 50.02 18.55
CA LEU C 561 -35.91 50.11 18.11
C LEU C 561 -36.18 49.16 16.95
N PRO C 562 -37.44 49.27 16.35
CA PRO C 562 -37.65 48.33 15.24
C PRO C 562 -37.47 49.01 13.89
N ILE C 563 -37.37 48.21 12.84
CA ILE C 563 -37.20 48.73 11.49
C ILE C 563 -38.54 49.29 11.03
N ALA C 564 -38.50 50.46 10.41
CA ALA C 564 -39.72 51.15 9.98
C ALA C 564 -40.07 50.87 8.51
N THR C 565 -41.28 50.42 8.27
CA THR C 565 -41.73 50.19 6.91
C THR C 565 -43.00 50.98 6.60
N THR C 566 -43.37 51.00 5.32
CA THR C 566 -44.62 51.62 4.89
C THR C 566 -45.77 51.10 5.75
N PRO C 567 -46.65 52.01 6.17
CA PRO C 567 -47.78 51.55 6.99
C PRO C 567 -48.79 50.91 6.06
N ARG C 568 -49.36 49.77 6.46
CA ARG C 568 -50.39 49.15 5.65
C ARG C 568 -51.54 48.62 6.47
N LYS C 569 -52.74 49.01 6.07
CA LYS C 569 -53.95 48.47 6.64
C LYS C 569 -53.89 46.96 6.46
N PRO C 570 -54.12 46.22 7.54
CA PRO C 570 -54.13 44.75 7.53
C PRO C 570 -54.88 44.12 6.35
N LEU C 571 -54.40 42.97 5.88
CA LEU C 571 -55.07 42.25 4.82
C LEU C 571 -56.19 41.44 5.42
N GLU C 572 -57.29 41.35 4.71
CA GLU C 572 -58.44 40.58 5.18
C GLU C 572 -58.58 39.34 4.34
N VAL C 573 -58.77 38.19 5.00
CA VAL C 573 -58.79 36.91 4.31
C VAL C 573 -60.07 36.12 4.54
N ARG C 574 -60.77 35.75 3.47
CA ARG C 574 -62.09 35.14 3.62
C ARG C 574 -62.23 33.80 2.92
N LEU C 575 -62.09 32.70 3.65
CA LEU C 575 -62.28 31.36 3.08
C LEU C 575 -63.70 31.19 2.56
N VAL C 576 -63.84 30.83 1.30
CA VAL C 576 -65.16 30.66 0.69
C VAL C 576 -65.32 29.29 0.06
N ASP C 577 -66.26 28.50 0.58
CA ASP C 577 -66.58 27.19 0.00
C ASP C 577 -67.27 27.25 -1.37
N VAL C 578 -66.79 26.38 -2.25
CA VAL C 578 -67.19 26.39 -3.64
C VAL C 578 -67.57 24.95 -3.98
N PRO C 579 -68.68 24.77 -4.70
CA PRO C 579 -69.15 23.42 -5.03
C PRO C 579 -68.19 22.72 -5.99
N VAL C 580 -68.27 21.40 -6.06
CA VAL C 580 -67.40 20.59 -6.90
C VAL C 580 -68.21 19.75 -7.88
N LYS C 581 -68.05 20.02 -9.16
CA LYS C 581 -68.73 19.20 -10.15
C LYS C 581 -67.72 18.36 -10.90
N GLU C 582 -67.89 17.04 -10.83
CA GLU C 582 -67.04 16.08 -11.52
C GLU C 582 -65.56 16.25 -11.20
N GLY C 583 -65.25 16.29 -9.91
CA GLY C 583 -63.87 16.28 -9.46
C GLY C 583 -63.18 17.63 -9.41
N ALA C 584 -63.70 18.61 -10.15
CA ALA C 584 -63.14 19.96 -10.18
C ALA C 584 -64.17 21.05 -9.79
N LEU C 585 -63.66 22.23 -9.46
CA LEU C 585 -64.46 23.35 -8.93
C LEU C 585 -65.45 23.99 -9.88
N ASN C 586 -66.62 24.33 -9.36
CA ASN C 586 -67.58 25.13 -10.10
C ASN C 586 -67.64 26.54 -9.51
N ARG C 587 -66.78 27.42 -10.00
CA ARG C 587 -66.71 28.78 -9.49
C ARG C 587 -67.90 29.65 -9.89
N SER C 588 -68.70 29.20 -10.86
CA SER C 588 -69.74 30.01 -11.53
C SER C 588 -70.56 30.94 -10.62
N THR C 589 -71.17 30.36 -9.59
CA THR C 589 -71.93 31.13 -8.62
C THR C 589 -71.06 32.14 -7.88
N VAL C 590 -70.05 31.62 -7.17
CA VAL C 590 -69.16 32.40 -6.33
C VAL C 590 -68.55 33.61 -7.03
N LEU C 591 -68.34 33.48 -8.33
CA LEU C 591 -67.83 34.59 -9.12
C LEU C 591 -68.87 35.71 -9.25
N ALA C 592 -70.10 35.34 -9.59
CA ALA C 592 -71.19 36.29 -9.64
C ALA C 592 -71.29 37.07 -8.34
N LYS C 593 -71.44 36.35 -7.23
CA LYS C 593 -71.55 36.94 -5.89
C LYS C 593 -70.47 37.98 -5.51
N GLU C 594 -69.21 37.67 -5.77
CA GLU C 594 -68.11 38.57 -5.35
C GLU C 594 -67.76 39.67 -6.36
N LEU C 595 -68.17 39.46 -7.62
CA LEU C 595 -67.85 40.37 -8.71
C LEU C 595 -69.01 41.26 -9.06
N THR C 596 -70.21 40.94 -8.55
CA THR C 596 -71.37 41.81 -8.78
C THR C 596 -71.09 43.27 -8.41
N PRO C 597 -70.53 43.54 -7.21
CA PRO C 597 -70.20 44.93 -6.90
C PRO C 597 -69.25 45.59 -7.91
N LEU C 598 -68.58 44.81 -8.72
CA LEU C 598 -67.67 45.36 -9.70
C LEU C 598 -68.40 45.77 -10.99
N VAL C 599 -69.25 44.89 -11.49
CA VAL C 599 -70.00 45.15 -12.71
C VAL C 599 -70.95 46.32 -12.52
N LYS C 600 -71.19 46.69 -11.26
CA LYS C 600 -72.09 47.80 -10.94
C LYS C 600 -71.33 49.11 -10.73
N GLN C 601 -70.62 49.20 -9.61
CA GLN C 601 -69.95 50.44 -9.23
C GLN C 601 -68.56 50.64 -9.86
N GLY C 602 -67.98 49.55 -10.37
CA GLY C 602 -66.64 49.58 -10.95
C GLY C 602 -65.55 49.08 -10.02
N GLY C 603 -64.31 49.03 -10.53
CA GLY C 603 -63.17 48.63 -9.74
C GLY C 603 -62.25 47.63 -10.40
N CYS C 604 -61.07 47.44 -9.81
CA CYS C 604 -60.06 46.52 -10.34
C CYS C 604 -59.92 45.26 -9.48
N ALA C 605 -60.28 44.11 -10.07
CA ALA C 605 -60.13 42.83 -9.37
C ALA C 605 -59.28 41.86 -10.15
N ALA C 606 -58.87 40.79 -9.49
CA ALA C 606 -58.02 39.79 -10.12
C ALA C 606 -58.37 38.40 -9.64
N ILE C 607 -58.57 37.47 -10.58
CA ILE C 607 -58.82 36.08 -10.26
C ILE C 607 -57.58 35.18 -10.54
N ILE C 608 -56.98 34.63 -9.49
CA ILE C 608 -55.79 33.80 -9.65
C ILE C 608 -56.10 32.32 -9.50
N CYS C 609 -55.73 31.56 -10.53
CA CYS C 609 -56.07 30.14 -10.59
C CYS C 609 -54.84 29.23 -10.66
N THR C 610 -55.03 28.05 -10.07
CA THR C 610 -53.96 27.08 -9.85
C THR C 610 -53.40 26.45 -11.13
N THR C 611 -54.28 26.20 -12.10
CA THR C 611 -53.87 25.61 -13.38
C THR C 611 -54.27 26.48 -14.57
N VAL C 612 -53.58 26.30 -15.70
CA VAL C 612 -53.80 27.11 -16.88
C VAL C 612 -55.18 26.85 -17.46
N ALA C 613 -55.50 25.58 -17.74
CA ALA C 613 -56.82 25.24 -18.28
C ALA C 613 -57.96 25.69 -17.36
N GLU C 614 -57.72 25.74 -16.05
CA GLU C 614 -58.69 26.30 -15.11
C GLU C 614 -58.95 27.78 -15.41
N ALA C 615 -57.95 28.62 -15.16
CA ALA C 615 -58.02 30.05 -15.46
C ALA C 615 -58.42 30.34 -16.91
N GLN C 616 -58.37 29.32 -17.76
CA GLN C 616 -58.81 29.47 -19.13
C GLN C 616 -60.32 29.43 -19.17
N GLY C 617 -60.91 28.61 -18.30
CA GLY C 617 -62.35 28.48 -18.25
C GLY C 617 -63.01 29.67 -17.56
N VAL C 618 -62.35 30.17 -16.52
CA VAL C 618 -62.86 31.30 -15.76
C VAL C 618 -62.99 32.52 -16.66
N TYR C 619 -62.12 32.62 -17.66
CA TYR C 619 -62.20 33.67 -18.67
C TYR C 619 -63.33 33.39 -19.65
N ASP C 620 -63.51 32.14 -20.03
CA ASP C 620 -64.65 31.75 -20.85
C ASP C 620 -65.94 32.14 -20.15
N LEU C 621 -66.02 31.80 -18.86
CA LEU C 621 -67.22 32.05 -18.10
C LEU C 621 -67.52 33.54 -18.07
N LEU C 622 -66.55 34.33 -17.61
CA LEU C 622 -66.74 35.76 -17.56
C LEU C 622 -67.01 36.36 -18.93
N SER C 623 -66.40 35.80 -19.97
CA SER C 623 -66.54 36.33 -21.33
C SER C 623 -68.00 36.41 -21.76
N GLN C 624 -68.80 35.44 -21.32
CA GLN C 624 -70.23 35.40 -21.62
C GLN C 624 -71.03 36.27 -20.67
N TRP C 625 -70.66 36.24 -19.38
CA TRP C 625 -71.37 37.02 -18.37
C TRP C 625 -71.29 38.48 -18.74
N PHE C 626 -70.21 38.85 -19.40
CA PHE C 626 -70.06 40.19 -19.88
C PHE C 626 -70.63 40.30 -21.27
N ALA C 627 -70.94 39.17 -21.88
CA ALA C 627 -71.51 39.21 -23.21
C ALA C 627 -72.86 39.88 -23.14
N THR C 628 -73.61 39.53 -22.12
CA THR C 628 -74.95 40.04 -21.99
C THR C 628 -74.98 41.54 -21.78
N LEU C 629 -74.06 42.02 -20.98
CA LEU C 629 -74.15 43.34 -20.38
C LEU C 629 -73.97 44.51 -21.31
N GLY C 630 -73.56 44.26 -22.54
CA GLY C 630 -73.31 45.35 -23.46
C GLY C 630 -72.19 46.14 -22.84
N GLU C 631 -72.38 47.42 -22.58
CA GLU C 631 -71.36 48.19 -21.91
C GLU C 631 -71.86 48.65 -20.55
N ASP C 632 -71.16 48.34 -19.47
CA ASP C 632 -70.00 47.47 -19.43
C ASP C 632 -70.45 46.36 -18.49
N ALA C 633 -70.18 45.11 -18.85
CA ALA C 633 -69.12 44.75 -19.78
C ALA C 633 -67.78 45.24 -19.29
N PRO C 634 -67.47 44.91 -17.96
CA PRO C 634 -66.15 45.36 -17.54
C PRO C 634 -65.14 44.66 -18.39
N ASP C 635 -63.99 45.26 -18.56
CA ASP C 635 -62.95 44.70 -19.40
C ASP C 635 -62.37 43.44 -18.77
N LEU C 636 -61.98 42.50 -19.61
CA LEU C 636 -61.51 41.20 -19.19
C LEU C 636 -60.12 40.92 -19.71
N TYR C 637 -59.24 40.45 -18.86
CA TYR C 637 -57.91 40.09 -19.28
C TYR C 637 -57.52 38.71 -18.78
N LEU C 638 -56.64 38.03 -19.49
CA LEU C 638 -56.19 36.71 -19.11
C LEU C 638 -54.68 36.63 -19.23
N LEU C 639 -54.02 35.90 -18.36
CA LEU C 639 -52.57 35.85 -18.47
C LEU C 639 -51.98 34.61 -17.84
N HIS C 640 -51.29 33.84 -18.66
CA HIS C 640 -50.56 32.68 -18.17
C HIS C 640 -49.30 32.43 -18.98
N SER C 641 -48.68 31.29 -18.74
CA SER C 641 -47.41 30.99 -19.36
C SER C 641 -47.63 30.63 -20.80
N ARG C 642 -48.80 30.11 -21.13
CA ARG C 642 -48.96 29.56 -22.48
C ARG C 642 -49.35 30.54 -23.62
N PHE C 643 -48.60 31.64 -23.73
CA PHE C 643 -48.78 32.59 -24.83
C PHE C 643 -47.52 32.71 -25.70
N PRO C 644 -47.69 33.07 -26.98
CA PRO C 644 -46.48 33.43 -27.70
C PRO C 644 -45.83 34.61 -27.00
N ASN C 645 -44.51 34.68 -27.01
CA ASN C 645 -43.79 35.70 -26.26
C ASN C 645 -44.25 37.11 -26.56
N ARG C 646 -44.43 37.42 -27.84
CA ARG C 646 -44.81 38.77 -28.22
C ARG C 646 -46.08 39.13 -27.48
N GLN C 647 -47.10 38.30 -27.71
CA GLN C 647 -48.41 38.46 -27.08
C GLN C 647 -48.30 38.62 -25.57
N ARG C 648 -47.55 37.73 -24.93
CA ARG C 648 -47.36 37.82 -23.50
C ARG C 648 -46.79 39.16 -23.08
N THR C 649 -45.78 39.65 -23.78
CA THR C 649 -45.19 40.92 -23.37
C THR C 649 -46.23 42.03 -23.53
N GLU C 650 -47.03 41.95 -24.60
CA GLU C 650 -48.17 42.86 -24.82
C GLU C 650 -49.17 42.86 -23.67
N ILE C 651 -49.83 41.72 -23.47
CA ILE C 651 -50.82 41.57 -22.42
C ILE C 651 -50.30 42.00 -21.07
N THR C 652 -49.05 41.67 -20.80
CA THR C 652 -48.39 42.10 -19.59
C THR C 652 -48.36 43.63 -19.53
N ALA C 653 -47.87 44.23 -20.61
CA ALA C 653 -47.69 45.68 -20.67
C ALA C 653 -48.99 46.41 -20.42
N THR C 654 -50.05 45.99 -21.09
CA THR C 654 -51.34 46.66 -20.92
C THR C 654 -51.81 46.56 -19.47
N ILE C 655 -51.70 45.36 -18.92
CA ILE C 655 -52.18 45.08 -17.59
C ILE C 655 -51.48 45.93 -16.55
N VAL C 656 -50.16 46.01 -16.65
CA VAL C 656 -49.38 46.74 -15.68
C VAL C 656 -49.39 48.24 -15.94
N ASP C 657 -50.19 48.66 -16.91
CA ASP C 657 -50.46 50.09 -17.09
C ASP C 657 -51.76 50.48 -16.39
N LEU C 658 -52.84 49.78 -16.72
CA LEU C 658 -54.13 49.97 -16.06
C LEU C 658 -53.99 49.93 -14.55
N PHE C 659 -53.55 48.77 -14.06
CA PHE C 659 -53.50 48.51 -12.63
C PHE C 659 -52.15 48.92 -12.04
N GLY C 660 -51.22 49.29 -12.90
CA GLY C 660 -49.88 49.68 -12.48
C GLY C 660 -49.83 50.95 -11.67
N LYS C 661 -48.63 51.40 -11.32
CA LYS C 661 -48.48 52.66 -10.58
C LYS C 661 -48.64 53.88 -11.48
N GLU C 662 -47.88 53.91 -12.55
CA GLU C 662 -47.87 55.05 -13.44
C GLU C 662 -49.23 55.19 -14.13
N GLY C 663 -50.06 54.16 -14.02
CA GLY C 663 -51.39 54.24 -14.56
C GLY C 663 -52.33 55.06 -13.68
N ALA C 664 -52.18 54.91 -12.36
CA ALA C 664 -52.96 55.67 -11.41
C ALA C 664 -52.55 57.15 -11.47
N GLN C 665 -51.24 57.38 -11.44
CA GLN C 665 -50.61 58.70 -11.60
C GLN C 665 -51.11 59.46 -12.84
N SER C 666 -51.06 58.77 -13.97
CA SER C 666 -51.46 59.34 -15.26
C SER C 666 -52.95 59.12 -15.51
N GLY C 667 -53.70 58.94 -14.42
CA GLY C 667 -55.12 58.74 -14.49
C GLY C 667 -55.59 57.77 -15.56
N ARG C 668 -54.81 56.71 -15.80
CA ARG C 668 -55.16 55.71 -16.80
C ARG C 668 -55.86 54.51 -16.16
N ARG C 669 -55.94 54.52 -14.84
CA ARG C 669 -56.59 53.44 -14.10
C ARG C 669 -58.09 53.49 -14.35
N PRO C 670 -58.64 52.38 -14.89
CA PRO C 670 -60.00 52.41 -15.42
C PRO C 670 -61.04 52.73 -14.36
N THR C 671 -61.84 53.76 -14.64
CA THR C 671 -62.96 54.12 -13.81
C THR C 671 -63.96 52.97 -13.86
N ARG C 672 -64.20 52.48 -15.08
CA ARG C 672 -65.03 51.31 -15.24
C ARG C 672 -64.31 50.12 -14.64
N GLY C 673 -65.09 49.18 -14.11
CA GLY C 673 -64.55 47.93 -13.62
C GLY C 673 -63.67 47.19 -14.60
N ALA C 674 -62.77 46.38 -14.04
CA ALA C 674 -61.84 45.56 -14.82
C ALA C 674 -61.41 44.33 -14.02
N VAL C 675 -61.38 43.18 -14.68
CA VAL C 675 -60.97 41.95 -14.02
C VAL C 675 -59.90 41.25 -14.84
N LEU C 676 -58.83 40.87 -14.15
CA LEU C 676 -57.75 40.08 -14.73
C LEU C 676 -57.84 38.65 -14.23
N VAL C 677 -57.70 37.69 -15.14
CA VAL C 677 -57.64 36.29 -14.74
C VAL C 677 -56.24 35.73 -15.00
N ALA C 678 -55.57 35.27 -13.95
CA ALA C 678 -54.20 34.78 -14.11
C ALA C 678 -53.87 33.45 -13.41
N THR C 679 -52.77 32.84 -13.84
CA THR C 679 -52.15 31.72 -13.15
C THR C 679 -51.08 32.34 -12.25
N GLN C 680 -50.11 31.54 -11.82
CA GLN C 680 -49.15 32.06 -10.84
C GLN C 680 -48.10 32.99 -11.43
N VAL C 681 -48.30 33.37 -12.69
CA VAL C 681 -47.49 34.41 -13.31
C VAL C 681 -47.62 35.68 -12.49
N VAL C 682 -48.71 35.74 -11.72
CA VAL C 682 -49.03 36.90 -10.90
C VAL C 682 -48.17 36.95 -9.62
N GLU C 683 -47.34 35.93 -9.44
CA GLU C 683 -46.49 35.85 -8.25
C GLU C 683 -45.12 36.46 -8.47
N GLN C 684 -44.81 36.85 -9.71
CA GLN C 684 -43.46 37.34 -10.02
C GLN C 684 -43.39 38.74 -10.60
N SER C 685 -43.28 39.72 -9.72
CA SER C 685 -43.01 41.11 -10.09
C SER C 685 -43.83 41.64 -11.27
N LEU C 686 -45.13 41.75 -11.07
CA LEU C 686 -45.97 42.53 -11.96
C LEU C 686 -46.44 43.69 -11.12
N ASP C 687 -46.11 44.91 -11.56
CA ASP C 687 -46.52 46.09 -10.81
C ASP C 687 -48.02 46.22 -10.84
N LEU C 688 -48.72 45.54 -9.93
CA LEU C 688 -50.18 45.62 -9.92
C LEU C 688 -50.72 46.11 -8.60
N ASP C 689 -51.85 46.81 -8.68
CA ASP C 689 -52.66 47.11 -7.52
C ASP C 689 -54.11 46.79 -7.85
N VAL C 690 -54.66 45.77 -7.20
CA VAL C 690 -56.08 45.43 -7.39
C VAL C 690 -56.90 45.77 -6.14
N ASP C 691 -58.15 46.16 -6.36
CA ASP C 691 -59.01 46.56 -5.27
C ASP C 691 -59.50 45.30 -4.58
N LEU C 692 -59.76 44.29 -5.39
CA LEU C 692 -60.17 42.98 -4.89
C LEU C 692 -59.32 41.87 -5.49
N MET C 693 -58.84 40.92 -4.67
CA MET C 693 -58.23 39.71 -5.24
C MET C 693 -58.86 38.39 -4.77
N ILE C 694 -59.15 37.52 -5.75
CA ILE C 694 -59.72 36.20 -5.48
C ILE C 694 -58.77 35.12 -6.02
N SER C 695 -58.31 34.21 -5.15
CA SER C 695 -57.27 33.26 -5.52
C SER C 695 -57.64 31.86 -5.06
N ASP C 696 -57.39 30.83 -5.87
CA ASP C 696 -57.59 29.44 -5.42
C ASP C 696 -56.66 29.22 -4.24
N LEU C 697 -56.82 28.11 -3.54
CA LEU C 697 -55.93 27.88 -2.40
C LEU C 697 -54.50 27.68 -2.88
N ALA C 698 -53.54 27.94 -1.99
CA ALA C 698 -52.13 27.72 -2.26
C ALA C 698 -51.39 27.72 -0.94
N PRO C 699 -50.12 27.29 -0.91
CA PRO C 699 -49.45 27.35 0.40
C PRO C 699 -49.27 28.80 0.87
N VAL C 700 -49.69 29.11 2.09
CA VAL C 700 -49.77 30.48 2.60
C VAL C 700 -48.70 31.43 2.09
N SER C 701 -47.47 30.93 1.99
CA SER C 701 -46.37 31.77 1.59
C SER C 701 -46.72 32.44 0.26
N LEU C 702 -47.24 31.63 -0.66
CA LEU C 702 -47.60 32.11 -1.98
C LEU C 702 -48.85 32.97 -1.98
N LEU C 703 -49.85 32.55 -1.20
CA LEU C 703 -51.07 33.33 -1.04
C LEU C 703 -50.79 34.74 -0.52
N LEU C 704 -49.73 34.87 0.29
CA LEU C 704 -49.34 36.14 0.90
C LEU C 704 -48.59 37.06 -0.06
N GLN C 705 -48.07 36.48 -1.12
CA GLN C 705 -47.37 37.24 -2.15
C GLN C 705 -48.29 37.51 -3.34
N ARG C 706 -49.23 36.60 -3.55
CA ARG C 706 -50.35 36.89 -4.41
C ARG C 706 -51.02 38.15 -3.87
N ALA C 707 -51.22 38.22 -2.57
CA ALA C 707 -51.91 39.33 -1.93
C ALA C 707 -51.09 40.62 -1.78
N GLY C 708 -49.83 40.61 -2.21
CA GLY C 708 -49.05 41.82 -2.15
C GLY C 708 -49.54 42.86 -3.13
N ARG C 709 -50.21 42.38 -4.14
CA ARG C 709 -50.87 43.21 -5.13
C ARG C 709 -52.01 44.00 -4.58
N CYS C 710 -52.82 43.40 -3.71
CA CYS C 710 -54.03 44.05 -3.30
C CYS C 710 -53.67 45.33 -2.64
N TRP C 711 -54.25 46.42 -3.12
CA TRP C 711 -54.08 47.68 -2.45
C TRP C 711 -52.61 47.96 -2.24
N ARG C 712 -51.78 47.62 -3.22
CA ARG C 712 -50.35 47.80 -3.05
C ARG C 712 -50.01 49.26 -2.92
N HIS C 713 -50.63 50.08 -3.75
CA HIS C 713 -50.19 51.47 -3.89
C HIS C 713 -50.97 52.50 -3.09
N GLU C 714 -51.75 52.03 -2.14
CA GLU C 714 -52.64 52.89 -1.44
C GLU C 714 -51.88 54.00 -0.76
N HIS C 715 -50.74 53.72 -0.19
CA HIS C 715 -50.07 54.70 0.64
C HIS C 715 -49.73 55.90 -0.19
N LEU C 716 -49.68 55.71 -1.48
CA LEU C 716 -49.56 56.82 -2.38
C LEU C 716 -50.78 57.70 -2.24
N GLY C 717 -51.91 57.09 -1.94
CA GLY C 717 -53.15 57.83 -1.77
C GLY C 717 -53.56 58.56 -3.02
N ILE C 718 -53.28 57.94 -4.14
CA ILE C 718 -53.55 58.52 -5.44
C ILE C 718 -54.67 57.78 -6.17
N ILE C 719 -55.43 56.99 -5.42
CA ILE C 719 -56.42 56.06 -5.99
C ILE C 719 -57.71 56.09 -5.18
N ASN C 720 -58.84 56.38 -5.81
CA ASN C 720 -60.12 56.22 -5.12
C ASN C 720 -60.65 54.82 -5.36
N ARG C 721 -60.74 54.04 -4.29
CA ARG C 721 -61.34 52.71 -4.37
C ARG C 721 -62.83 52.89 -4.54
N PRO C 722 -63.51 51.89 -5.15
CA PRO C 722 -64.96 51.98 -5.27
C PRO C 722 -65.61 51.92 -3.90
N GLN C 723 -66.93 52.01 -3.87
CA GLN C 723 -67.63 52.00 -2.61
C GLN C 723 -67.50 50.64 -1.94
N TRP C 724 -67.82 49.58 -2.67
CA TRP C 724 -67.81 48.20 -2.13
C TRP C 724 -66.45 47.75 -1.60
N ALA C 725 -65.39 48.36 -2.12
CA ALA C 725 -64.04 48.03 -1.71
C ALA C 725 -63.69 48.73 -0.41
N LYS C 726 -64.21 48.21 0.70
CA LYS C 726 -63.94 48.82 1.99
C LYS C 726 -62.51 48.54 2.42
N GLN C 727 -62.13 47.27 2.32
CA GLN C 727 -60.83 46.83 2.82
C GLN C 727 -60.07 45.98 1.81
N PRO C 728 -58.72 45.96 1.94
CA PRO C 728 -57.94 45.05 1.09
C PRO C 728 -58.28 43.59 1.46
N GLU C 729 -59.05 42.95 0.61
CA GLU C 729 -59.58 41.63 0.93
C GLU C 729 -59.03 40.61 -0.05
N LEU C 730 -58.51 39.53 0.49
CA LEU C 730 -58.17 38.34 -0.29
C LEU C 730 -59.27 37.31 -0.09
N VAL C 731 -59.95 36.96 -1.18
CA VAL C 731 -60.96 35.93 -1.09
C VAL C 731 -60.33 34.62 -1.54
N VAL C 732 -60.37 33.63 -0.66
CA VAL C 732 -59.73 32.36 -0.97
C VAL C 732 -60.75 31.27 -1.28
N LEU C 733 -60.66 30.70 -2.47
CA LEU C 733 -61.52 29.59 -2.82
C LEU C 733 -60.93 28.28 -2.32
N THR C 734 -61.79 27.45 -1.74
CA THR C 734 -61.43 26.11 -1.26
C THR C 734 -62.69 25.26 -1.41
N PRO C 735 -62.54 23.97 -1.70
CA PRO C 735 -63.76 23.23 -2.04
C PRO C 735 -64.55 22.84 -0.81
N GLU C 736 -65.85 22.62 -0.99
CA GLU C 736 -66.69 22.15 0.11
C GLU C 736 -66.51 20.64 0.29
N GLN C 737 -66.42 20.20 1.55
CA GLN C 737 -66.04 18.82 1.86
C GLN C 737 -67.19 17.81 1.98
N ASN C 738 -66.82 16.54 2.21
CA ASN C 738 -67.75 15.41 2.34
C ASN C 738 -68.86 15.38 1.27
N ALA C 744 -59.46 15.38 7.64
CA ALA C 744 -58.60 15.22 6.46
C ALA C 744 -59.19 15.90 5.21
N PRO C 745 -58.86 17.18 5.00
CA PRO C 745 -59.37 17.99 3.88
C PRO C 745 -59.05 17.36 2.51
N TRP C 746 -59.69 17.87 1.46
CA TRP C 746 -59.56 17.33 0.10
C TRP C 746 -59.43 18.45 -0.92
N PHE C 747 -58.58 18.26 -1.92
CA PHE C 747 -58.45 19.25 -2.98
C PHE C 747 -58.38 18.57 -4.35
N PRO C 748 -58.70 19.31 -5.43
CA PRO C 748 -58.74 18.73 -6.78
C PRO C 748 -57.39 18.17 -7.20
N ARG C 749 -57.42 17.17 -8.07
CA ARG C 749 -56.20 16.53 -8.51
C ARG C 749 -55.27 17.56 -9.15
N SER C 750 -55.85 18.43 -9.96
CA SER C 750 -55.08 19.48 -10.59
C SER C 750 -54.36 20.39 -9.61
N TRP C 751 -54.78 20.39 -8.34
CA TRP C 751 -54.10 21.22 -7.34
C TRP C 751 -53.02 20.46 -6.59
N THR C 752 -53.26 19.18 -6.38
CA THR C 752 -52.32 18.35 -5.67
C THR C 752 -51.19 17.95 -6.60
N SER C 753 -51.43 18.11 -7.91
CA SER C 753 -50.39 17.92 -8.91
C SER C 753 -49.38 19.03 -8.86
N VAL C 754 -49.81 20.24 -8.53
CA VAL C 754 -48.87 21.34 -8.51
C VAL C 754 -48.38 21.65 -7.10
N TYR C 755 -49.28 21.66 -6.12
CA TYR C 755 -48.87 21.85 -4.73
C TYR C 755 -49.12 20.58 -3.96
N PRO C 756 -48.18 20.21 -3.08
CA PRO C 756 -48.30 18.96 -2.31
C PRO C 756 -49.59 18.94 -1.53
N LEU C 757 -50.36 17.88 -1.67
CA LEU C 757 -51.62 17.77 -0.97
C LEU C 757 -51.51 18.19 0.50
N ALA C 758 -50.50 17.66 1.19
CA ALA C 758 -50.30 17.97 2.58
C ALA C 758 -50.21 19.47 2.84
N LEU C 759 -49.54 20.17 1.92
CA LEU C 759 -49.23 21.59 2.10
C LEU C 759 -50.45 22.49 1.91
N LEU C 760 -51.35 22.06 1.03
CA LEU C 760 -52.64 22.72 0.91
C LEU C 760 -53.39 22.56 2.23
N GLN C 761 -53.51 21.30 2.66
CA GLN C 761 -54.23 20.93 3.88
C GLN C 761 -53.68 21.68 5.09
N ARG C 762 -52.37 21.86 5.13
CA ARG C 762 -51.75 22.55 6.24
C ARG C 762 -52.04 24.04 6.17
N THR C 763 -52.30 24.55 4.96
CA THR C 763 -52.55 25.98 4.78
C THR C 763 -54.00 26.28 5.15
N TYR C 764 -54.91 25.55 4.52
CA TYR C 764 -56.33 25.57 4.86
C TYR C 764 -56.60 25.59 6.36
N THR C 765 -55.98 24.66 7.09
CA THR C 765 -56.16 24.58 8.53
C THR C 765 -55.65 25.84 9.21
N LEU C 766 -54.47 26.29 8.81
CA LEU C 766 -53.85 27.47 9.40
C LEU C 766 -54.78 28.68 9.33
N LEU C 767 -55.50 28.80 8.22
CA LEU C 767 -56.39 29.94 8.01
C LEU C 767 -57.73 29.85 8.75
N ARG C 768 -58.31 28.63 8.81
CA ARG C 768 -59.60 28.43 9.48
C ARG C 768 -59.43 28.50 10.99
N ARG C 769 -58.31 27.97 11.47
CA ARG C 769 -57.91 28.08 12.86
C ARG C 769 -57.98 29.51 13.39
N ARG C 770 -57.72 30.46 12.49
CA ARG C 770 -57.67 31.89 12.83
C ARG C 770 -59.03 32.54 12.87
N ASN C 771 -60.02 31.85 12.34
CA ASN C 771 -61.38 32.32 12.46
C ASN C 771 -61.59 33.75 12.00
N GLY C 772 -61.15 34.04 10.80
CA GLY C 772 -61.58 35.22 10.07
C GLY C 772 -60.83 36.49 10.38
N ALA C 773 -59.84 36.41 11.24
CA ALA C 773 -59.09 37.59 11.60
C ALA C 773 -58.36 38.10 10.41
N PRO C 774 -58.25 39.49 10.36
CA PRO C 774 -57.43 39.97 9.24
C PRO C 774 -56.00 39.71 9.58
N VAL C 775 -55.12 39.80 8.59
CA VAL C 775 -53.70 39.53 8.79
C VAL C 775 -52.89 40.81 8.79
N GLN C 776 -52.40 41.18 9.96
CA GLN C 776 -51.58 42.38 10.10
C GLN C 776 -50.40 42.34 9.17
N ILE C 777 -50.05 43.48 8.59
CA ILE C 777 -48.90 43.52 7.70
C ILE C 777 -47.96 44.64 8.13
N PRO C 778 -46.66 44.33 8.25
CA PRO C 778 -46.04 43.01 8.04
C PRO C 778 -45.90 42.16 9.31
N GLU C 779 -46.57 42.56 10.37
CA GLU C 779 -46.35 41.96 11.68
C GLU C 779 -46.67 40.46 11.77
N ASP C 780 -47.65 39.99 10.99
CA ASP C 780 -48.13 38.61 11.11
C ASP C 780 -47.55 37.66 10.09
N VAL C 781 -46.89 38.22 9.07
CA VAL C 781 -46.47 37.46 7.92
C VAL C 781 -45.39 36.42 8.23
N GLN C 782 -44.28 36.88 8.82
CA GLN C 782 -43.16 36.02 9.15
C GLN C 782 -43.62 34.88 10.03
N GLN C 783 -44.61 35.17 10.88
CA GLN C 783 -45.19 34.16 11.76
C GLN C 783 -45.88 33.04 11.00
N LEU C 784 -46.64 33.40 9.99
CA LEU C 784 -47.42 32.42 9.27
C LEU C 784 -46.56 31.61 8.32
N VAL C 785 -45.55 32.25 7.74
CA VAL C 785 -44.64 31.53 6.84
C VAL C 785 -43.93 30.40 7.59
N ASP C 786 -43.46 30.71 8.79
CA ASP C 786 -42.81 29.71 9.62
C ASP C 786 -43.77 28.59 10.03
N ASP C 787 -44.98 28.96 10.43
CA ASP C 787 -45.86 28.00 11.12
C ASP C 787 -46.59 26.96 10.27
N VAL C 788 -46.64 27.14 8.97
CA VAL C 788 -47.37 26.19 8.15
C VAL C 788 -46.56 24.89 8.06
N TYR C 789 -45.26 25.00 8.28
CA TYR C 789 -44.41 23.82 8.32
C TYR C 789 -44.22 23.34 9.75
N ASP C 790 -43.83 24.27 10.61
CA ASP C 790 -43.45 23.95 11.98
C ASP C 790 -44.52 23.27 12.84
N ASP C 791 -45.71 23.83 12.92
CA ASP C 791 -46.76 23.23 13.75
C ASP C 791 -47.27 21.92 13.15
N ASP C 792 -46.89 20.80 13.79
CA ASP C 792 -47.37 19.48 13.37
C ASP C 792 -48.89 19.36 13.33
N SER C 793 -49.55 20.04 14.27
CA SER C 793 -51.00 19.88 14.44
C SER C 793 -51.83 20.30 13.22
N LEU C 794 -51.17 20.90 12.23
CA LEU C 794 -51.85 21.30 10.99
C LEU C 794 -52.10 20.10 10.10
N ALA C 795 -51.22 19.12 10.18
CA ALA C 795 -51.32 17.95 9.34
C ALA C 795 -52.15 16.85 9.99
N GLU C 796 -53.45 16.81 9.71
CA GLU C 796 -54.29 15.73 10.22
C GLU C 796 -54.21 14.49 9.34
N ASP C 797 -53.99 14.68 8.05
CA ASP C 797 -53.69 13.55 7.20
C ASP C 797 -52.19 13.31 7.30
N LEU C 798 -51.79 12.11 7.72
CA LEU C 798 -50.38 11.84 7.98
C LEU C 798 -49.70 11.19 6.79
N GLU C 799 -50.40 10.29 6.12
CA GLU C 799 -49.88 9.65 4.92
C GLU C 799 -49.57 10.73 3.89
N ALA C 800 -50.42 11.75 3.87
CA ALA C 800 -50.23 12.86 2.95
C ALA C 800 -49.03 13.68 3.38
N ASP C 801 -48.92 13.96 4.67
CA ASP C 801 -47.83 14.81 5.13
C ASP C 801 -46.50 14.11 5.06
N MET C 802 -46.52 12.81 4.82
CA MET C 802 -45.29 12.08 4.75
C MET C 802 -44.87 11.93 3.31
N GLU C 803 -45.85 11.88 2.40
CA GLU C 803 -45.52 11.98 1.00
C GLU C 803 -44.81 13.30 0.80
N ARG C 804 -45.40 14.36 1.35
CA ARG C 804 -44.84 15.71 1.22
C ARG C 804 -43.38 15.73 1.62
N MET C 805 -43.06 15.11 2.74
CA MET C 805 -41.70 15.17 3.23
C MET C 805 -40.76 14.34 2.37
N GLY C 806 -41.29 13.30 1.76
CA GLY C 806 -40.48 12.37 0.99
C GLY C 806 -40.11 12.96 -0.36
N GLU C 807 -41.10 13.60 -0.97
CA GLU C 807 -40.89 14.33 -2.21
C GLU C 807 -39.80 15.42 -2.05
N GLU C 808 -39.77 16.08 -0.90
CA GLU C 808 -38.73 17.04 -0.60
C GLU C 808 -37.35 16.39 -0.55
N LEU C 809 -37.26 15.27 0.17
CA LEU C 809 -36.01 14.49 0.27
C LEU C 809 -35.51 14.06 -1.10
N ALA C 810 -36.41 13.53 -1.93
CA ALA C 810 -36.14 13.28 -3.34
C ALA C 810 -35.42 14.45 -3.97
N GLN C 811 -36.10 15.60 -4.01
CA GLN C 811 -35.50 16.82 -4.56
C GLN C 811 -34.16 17.21 -3.94
N ARG C 812 -34.08 17.32 -2.62
CA ARG C 812 -32.81 17.71 -2.02
C ARG C 812 -31.72 16.66 -2.28
N GLY C 813 -32.13 15.42 -2.50
CA GLY C 813 -31.20 14.33 -2.70
C GLY C 813 -30.57 14.42 -4.06
N LEU C 814 -31.42 14.65 -5.05
CA LEU C 814 -31.03 14.74 -6.46
C LEU C 814 -29.98 15.82 -6.69
N ALA C 815 -30.15 16.91 -5.96
CA ALA C 815 -29.21 18.01 -5.99
C ALA C 815 -27.87 17.65 -5.36
N ARG C 816 -27.88 16.94 -4.24
CA ARG C 816 -26.62 16.49 -3.67
C ARG C 816 -25.84 15.69 -4.70
N ASN C 817 -26.54 14.93 -5.53
CA ASN C 817 -25.84 14.15 -6.53
C ASN C 817 -25.32 14.95 -7.73
N ALA C 818 -25.80 16.19 -7.86
CA ALA C 818 -25.45 17.03 -9.00
C ALA C 818 -24.30 17.99 -8.73
N VAL C 819 -24.13 18.37 -7.48
CA VAL C 819 -23.18 19.43 -7.14
C VAL C 819 -21.75 18.96 -7.10
N ILE C 820 -20.84 19.89 -6.90
CA ILE C 820 -19.45 19.53 -6.76
C ILE C 820 -19.24 19.03 -5.33
N PRO C 821 -18.04 18.54 -5.02
CA PRO C 821 -17.74 18.20 -3.64
C PRO C 821 -17.83 19.40 -2.72
N ASP C 822 -17.92 19.18 -1.41
CA ASP C 822 -17.63 20.26 -0.48
C ASP C 822 -16.20 20.73 -0.69
N PRO C 823 -15.91 21.96 -0.26
CA PRO C 823 -14.52 22.43 -0.37
C PRO C 823 -13.53 21.58 0.43
N ASP C 824 -13.89 21.10 1.62
CA ASP C 824 -12.94 20.31 2.41
C ASP C 824 -12.63 19.00 1.71
N ASP C 825 -13.62 18.40 1.05
CA ASP C 825 -13.39 17.13 0.39
C ASP C 825 -12.64 17.32 -0.88
N ALA C 826 -12.53 18.57 -1.32
CA ALA C 826 -11.79 18.87 -2.53
C ALA C 826 -10.46 19.49 -2.20
N GLU C 827 -10.02 19.30 -0.96
CA GLU C 827 -8.77 19.86 -0.45
C GLU C 827 -7.48 19.47 -1.21
N ASP C 828 -7.29 18.19 -1.51
CA ASP C 828 -6.12 17.80 -2.28
C ASP C 828 -6.47 17.14 -3.62
N ASN C 829 -7.75 17.06 -3.92
CA ASN C 829 -8.11 16.47 -5.18
C ASN C 829 -9.24 17.21 -5.86
N LEU C 830 -8.96 17.69 -7.07
CA LEU C 830 -9.90 18.46 -7.87
C LEU C 830 -10.70 17.57 -8.80
N ASN C 831 -10.35 16.29 -8.90
CA ASN C 831 -10.97 15.44 -9.91
C ASN C 831 -12.47 15.35 -9.78
N GLY C 832 -12.95 15.53 -8.56
CA GLY C 832 -14.35 15.29 -8.27
C GLY C 832 -15.24 16.43 -8.71
N LEU C 833 -14.61 17.51 -9.14
CA LEU C 833 -15.36 18.69 -9.56
C LEU C 833 -16.04 18.46 -10.90
N THR C 834 -15.50 17.63 -11.74
CA THR C 834 -16.05 17.59 -13.06
C THR C 834 -16.25 16.19 -13.58
N GLU C 835 -16.58 15.29 -12.68
CA GLU C 835 -16.72 13.91 -13.04
C GLU C 835 -18.13 13.49 -12.84
N PHE C 836 -18.72 12.86 -13.83
CA PHE C 836 -20.05 12.35 -13.69
C PHE C 836 -20.27 11.31 -14.76
N SER C 837 -21.24 10.43 -14.57
CA SER C 837 -21.66 9.52 -15.62
C SER C 837 -23.12 9.17 -15.54
N VAL C 844 -26.97 16.27 -19.68
CA VAL C 844 -26.88 17.65 -19.17
C VAL C 844 -27.44 17.73 -17.74
N LEU C 845 -27.01 18.74 -16.97
CA LEU C 845 -27.34 18.80 -15.54
C LEU C 845 -28.07 20.07 -15.11
N ALA C 846 -29.20 19.89 -14.40
CA ALA C 846 -30.12 20.98 -14.17
C ALA C 846 -29.72 21.95 -13.07
N THR C 847 -30.18 23.19 -13.21
CA THR C 847 -30.18 24.09 -12.07
C THR C 847 -31.57 24.07 -11.43
N ARG C 848 -32.54 23.46 -12.11
CA ARG C 848 -33.91 23.38 -11.57
C ARG C 848 -34.51 21.98 -11.65
N PHE C 849 -35.11 21.55 -10.56
CA PHE C 849 -35.72 20.22 -10.48
C PHE C 849 -36.93 20.12 -11.35
N GLY C 850 -37.20 18.93 -11.84
CA GLY C 850 -38.42 18.67 -12.59
C GLY C 850 -38.13 18.40 -14.05
N ALA C 851 -39.18 18.18 -14.84
CA ALA C 851 -38.99 17.77 -16.22
C ALA C 851 -38.61 18.93 -17.14
N GLY C 852 -38.90 20.16 -16.70
CA GLY C 852 -38.62 21.33 -17.52
C GLY C 852 -39.62 21.56 -18.66
N SER C 853 -39.32 22.51 -19.54
CA SER C 853 -40.18 22.81 -20.69
C SER C 853 -39.44 22.94 -22.00
N VAL C 854 -40.19 22.90 -23.10
CA VAL C 854 -39.66 23.10 -24.42
C VAL C 854 -40.38 24.26 -25.07
N ARG C 855 -39.81 24.83 -26.14
CA ARG C 855 -40.51 25.88 -26.85
C ARG C 855 -41.12 25.31 -28.12
N VAL C 856 -42.42 25.49 -28.27
CA VAL C 856 -43.13 25.09 -29.46
C VAL C 856 -43.26 26.30 -30.39
N LEU C 857 -43.33 26.04 -31.68
CA LEU C 857 -43.67 27.04 -32.68
C LEU C 857 -44.83 26.57 -33.53
N CYS C 858 -45.98 27.21 -33.42
CA CYS C 858 -47.13 26.83 -34.24
C CYS C 858 -47.00 27.28 -35.69
N TYR C 859 -47.07 26.34 -36.62
CA TYR C 859 -47.13 26.74 -38.02
C TYR C 859 -48.50 26.36 -38.58
N TYR C 860 -48.92 27.07 -39.63
CA TYR C 860 -50.24 26.84 -40.21
C TYR C 860 -50.11 26.14 -41.55
N VAL C 861 -51.00 25.19 -41.81
CA VAL C 861 -50.84 24.36 -43.00
C VAL C 861 -52.14 24.20 -43.80
N ASP C 862 -52.04 24.55 -45.09
CA ASP C 862 -53.16 24.52 -46.02
C ASP C 862 -53.18 23.19 -46.77
N THR C 863 -54.36 22.80 -47.25
CA THR C 863 -54.59 21.48 -47.85
C THR C 863 -53.64 21.15 -48.99
N ALA C 864 -52.87 22.13 -49.44
CA ALA C 864 -51.81 21.85 -50.39
C ALA C 864 -50.51 21.53 -49.65
N GLY C 865 -50.58 21.46 -48.33
CA GLY C 865 -49.43 21.05 -47.56
C GLY C 865 -48.41 22.12 -47.27
N ASN C 866 -48.51 23.26 -47.96
CA ASN C 866 -47.62 24.40 -47.70
C ASN C 866 -47.71 24.99 -46.28
N ARG C 867 -46.69 25.72 -45.85
CA ARG C 867 -46.65 26.12 -44.45
C ARG C 867 -46.46 27.62 -44.22
N TRP C 868 -47.08 28.12 -43.14
CA TRP C 868 -47.23 29.55 -42.93
C TRP C 868 -47.09 29.92 -41.45
N LEU C 869 -46.69 31.15 -41.15
CA LEU C 869 -46.58 31.56 -39.75
C LEU C 869 -47.91 32.08 -39.22
N ASP C 870 -48.80 32.47 -40.14
CA ASP C 870 -50.11 33.03 -39.76
C ASP C 870 -51.23 32.17 -40.30
N PRO C 871 -52.35 32.10 -39.57
CA PRO C 871 -53.52 31.35 -40.02
C PRO C 871 -53.99 31.83 -41.38
N GLU C 872 -53.68 33.08 -41.72
CA GLU C 872 -54.10 33.68 -42.98
C GLU C 872 -53.24 33.21 -44.12
N CYS C 873 -52.23 32.41 -43.80
CA CYS C 873 -51.41 31.77 -44.80
C CYS C 873 -50.91 32.70 -45.87
N THR C 874 -50.16 33.71 -45.44
CA THR C 874 -49.65 34.73 -46.35
C THR C 874 -48.20 35.08 -46.05
N VAL C 875 -47.67 34.51 -44.96
CA VAL C 875 -46.24 34.61 -44.65
C VAL C 875 -45.62 33.23 -44.67
N GLU C 876 -44.90 32.90 -45.73
CA GLU C 876 -44.45 31.53 -45.82
C GLU C 876 -43.44 31.20 -44.73
N PHE C 877 -43.48 29.95 -44.32
CA PHE C 877 -42.54 29.40 -43.37
C PHE C 877 -41.14 29.58 -43.90
N PRO C 878 -40.23 30.12 -43.07
CA PRO C 878 -38.82 30.38 -43.39
C PRO C 878 -37.95 29.12 -43.49
N GLU C 879 -37.54 28.77 -44.69
CA GLU C 879 -36.64 27.63 -44.85
C GLU C 879 -35.18 28.07 -44.68
N GLN C 880 -34.97 29.37 -44.59
CA GLN C 880 -33.62 29.91 -44.52
C GLN C 880 -33.65 31.37 -44.02
N GLY C 881 -32.52 31.81 -43.51
CA GLY C 881 -32.44 33.11 -42.87
C GLY C 881 -31.97 34.13 -43.87
N THR C 882 -31.87 35.37 -43.39
CA THR C 882 -31.66 36.51 -44.27
C THR C 882 -30.28 37.12 -44.09
N GLY C 883 -29.41 36.38 -43.44
CA GLY C 883 -28.02 36.79 -43.30
C GLY C 883 -27.25 36.41 -44.54
N ARG C 884 -25.97 36.77 -44.56
CA ARG C 884 -25.15 36.48 -45.71
C ARG C 884 -25.21 34.99 -45.90
N GLU C 885 -25.40 34.59 -47.15
CA GLU C 885 -25.48 33.17 -47.54
C GLU C 885 -26.67 32.44 -46.92
N GLY C 886 -27.61 33.18 -46.35
CA GLY C 886 -28.87 32.59 -45.95
C GLY C 886 -28.73 31.87 -44.63
N ARG C 887 -27.75 32.29 -43.84
CA ARG C 887 -27.69 31.80 -42.48
C ARG C 887 -28.71 32.58 -41.68
N PHE C 888 -29.03 32.11 -40.48
CA PHE C 888 -29.94 32.81 -39.61
C PHE C 888 -29.15 33.77 -38.75
N THR C 889 -29.71 34.94 -38.51
CA THR C 889 -29.01 35.95 -37.75
C THR C 889 -29.73 36.08 -36.43
N MET C 890 -29.08 36.72 -35.47
CA MET C 890 -29.70 36.94 -34.17
C MET C 890 -30.95 37.77 -34.34
N ALA C 891 -30.97 38.57 -35.39
CA ALA C 891 -32.15 39.34 -35.73
C ALA C 891 -33.24 38.39 -36.17
N ASP C 892 -32.88 37.44 -37.02
CA ASP C 892 -33.82 36.44 -37.48
C ASP C 892 -34.37 35.61 -36.35
N CYS C 893 -33.48 35.21 -35.45
CA CYS C 893 -33.88 34.32 -34.38
C CYS C 893 -34.72 35.09 -33.38
N ARG C 894 -34.34 36.34 -33.13
CA ARG C 894 -35.11 37.19 -32.25
C ARG C 894 -36.56 37.20 -32.71
N ASP C 895 -36.74 37.33 -34.03
CA ASP C 895 -38.05 37.29 -34.67
C ASP C 895 -38.79 35.97 -34.44
N LEU C 896 -38.09 34.85 -34.63
CA LEU C 896 -38.76 33.56 -34.49
C LEU C 896 -39.10 33.22 -33.05
N VAL C 897 -38.14 33.41 -32.16
CA VAL C 897 -38.31 33.05 -30.75
C VAL C 897 -39.47 33.78 -30.16
N ALA C 898 -39.81 34.92 -30.78
CA ALA C 898 -40.90 35.78 -30.33
C ALA C 898 -42.27 35.18 -30.56
N ARG C 899 -42.37 34.25 -31.51
CA ARG C 899 -43.62 33.55 -31.74
C ARG C 899 -43.75 32.30 -30.87
N THR C 900 -42.62 31.70 -30.50
CA THR C 900 -42.61 30.42 -29.78
C THR C 900 -43.26 30.45 -28.41
N ILE C 901 -43.90 29.34 -28.07
CA ILE C 901 -44.57 29.19 -26.78
C ILE C 901 -43.87 28.13 -25.91
N PRO C 902 -43.77 28.37 -24.59
CA PRO C 902 -43.14 27.34 -23.77
C PRO C 902 -44.15 26.37 -23.17
N VAL C 903 -44.08 25.12 -23.61
CA VAL C 903 -44.97 24.07 -23.14
C VAL C 903 -44.22 23.06 -22.26
N ARG C 904 -44.87 22.61 -21.19
CA ARG C 904 -44.25 21.70 -20.24
C ARG C 904 -43.99 20.33 -20.80
N MET C 905 -42.84 19.78 -20.46
CA MET C 905 -42.46 18.47 -20.92
C MET C 905 -43.40 17.42 -20.32
N GLY C 906 -43.69 16.40 -21.10
CA GLY C 906 -44.65 15.37 -20.72
C GLY C 906 -44.64 14.24 -21.73
N PRO C 907 -45.58 13.30 -21.59
CA PRO C 907 -45.59 12.16 -22.51
C PRO C 907 -45.61 12.56 -23.97
N TRP C 908 -46.42 13.57 -24.32
CA TRP C 908 -46.59 14.04 -25.71
C TRP C 908 -45.32 14.17 -26.50
N ALA C 909 -44.30 14.69 -25.85
CA ALA C 909 -42.98 14.92 -26.44
C ALA C 909 -42.29 13.63 -26.90
N SER C 910 -42.70 12.51 -26.31
CA SER C 910 -42.15 11.20 -26.66
C SER C 910 -42.76 10.71 -27.96
N GLN C 911 -43.83 11.34 -28.36
CA GLN C 911 -44.58 10.87 -29.50
C GLN C 911 -44.49 11.79 -30.69
N LEU C 912 -43.30 12.32 -30.95
CA LEU C 912 -43.15 13.31 -31.99
C LEU C 912 -42.84 12.70 -33.35
N THR C 913 -43.72 12.96 -34.31
CA THR C 913 -43.53 12.51 -35.69
C THR C 913 -42.70 13.47 -36.53
N GLU C 914 -42.52 13.12 -37.80
CA GLU C 914 -41.55 13.77 -38.68
C GLU C 914 -41.81 15.25 -38.91
N ASP C 915 -43.07 15.65 -38.88
CA ASP C 915 -43.40 17.05 -39.11
C ASP C 915 -43.57 17.86 -37.82
N ASN C 916 -42.74 17.57 -36.84
CA ASN C 916 -42.58 18.42 -35.68
C ASN C 916 -41.09 18.71 -35.61
N HIS C 917 -40.42 18.50 -36.72
CA HIS C 917 -38.98 18.64 -36.76
C HIS C 917 -38.54 19.78 -37.65
N PRO C 918 -37.83 20.75 -37.05
CA PRO C 918 -37.25 21.90 -37.74
C PRO C 918 -36.50 21.49 -38.98
N PRO C 919 -36.59 22.31 -40.03
CA PRO C 919 -35.81 22.16 -41.27
C PRO C 919 -34.33 22.12 -40.95
N GLU C 920 -33.54 21.45 -41.78
CA GLU C 920 -32.09 21.32 -41.55
C GLU C 920 -31.34 22.65 -41.39
N ALA C 921 -31.80 23.69 -42.09
CA ALA C 921 -31.22 25.01 -41.96
C ALA C 921 -31.28 25.49 -40.51
N TRP C 922 -32.34 25.12 -39.81
CA TRP C 922 -32.51 25.57 -38.45
C TRP C 922 -31.58 24.84 -37.49
N ARG C 923 -31.24 23.61 -37.85
CA ARG C 923 -30.43 22.75 -36.98
C ARG C 923 -29.04 23.37 -36.74
N GLU C 924 -28.72 24.33 -37.60
CA GLU C 924 -27.47 25.04 -37.52
C GLU C 924 -27.54 26.22 -36.57
N SER C 925 -28.67 26.44 -35.94
CA SER C 925 -28.79 27.60 -35.08
C SER C 925 -29.17 27.22 -33.68
N PHE C 926 -28.40 27.66 -32.71
CA PHE C 926 -28.58 27.22 -31.35
C PHE C 926 -29.95 27.61 -30.91
N TYR C 927 -30.39 28.79 -31.26
CA TYR C 927 -31.71 29.24 -30.87
C TYR C 927 -32.87 28.47 -31.47
N LEU C 928 -32.75 28.08 -32.72
CA LEU C 928 -33.85 27.52 -33.48
C LEU C 928 -33.84 26.03 -33.40
N ARG C 929 -32.67 25.50 -33.08
CA ARG C 929 -32.38 24.07 -33.14
C ARG C 929 -33.39 23.15 -32.44
N ASP C 930 -33.85 23.54 -31.26
CA ASP C 930 -34.64 22.62 -30.45
C ASP C 930 -36.11 22.94 -30.47
N LEU C 931 -36.52 23.81 -31.38
CA LEU C 931 -37.91 24.18 -31.43
C LEU C 931 -38.71 22.96 -31.83
N VAL C 932 -39.87 22.77 -31.21
CA VAL C 932 -40.78 21.72 -31.63
C VAL C 932 -41.92 22.34 -32.43
N LEU C 933 -42.16 21.83 -33.63
CA LEU C 933 -43.16 22.39 -34.52
C LEU C 933 -44.57 21.87 -34.28
N ILE C 934 -45.49 22.79 -34.06
CA ILE C 934 -46.87 22.42 -33.80
C ILE C 934 -47.71 22.82 -34.98
N PRO C 935 -48.03 21.86 -35.86
CA PRO C 935 -48.89 22.14 -37.02
C PRO C 935 -50.31 22.51 -36.62
N GLN C 936 -51.00 23.22 -37.50
CA GLN C 936 -52.38 23.62 -37.30
C GLN C 936 -53.07 23.63 -38.65
N ARG C 937 -53.92 22.65 -38.89
CA ARG C 937 -54.58 22.57 -40.19
C ARG C 937 -55.58 23.70 -40.38
N VAL C 938 -55.56 24.26 -41.58
CA VAL C 938 -56.46 25.34 -41.91
C VAL C 938 -57.22 25.01 -43.18
N THR C 939 -58.54 24.91 -43.03
CA THR C 939 -59.45 24.53 -44.09
C THR C 939 -59.38 25.55 -45.20
N ASP C 940 -60.04 25.25 -46.32
CA ASP C 940 -60.01 26.17 -47.46
C ASP C 940 -60.84 27.42 -47.20
N GLU C 941 -61.96 27.27 -46.50
CA GLU C 941 -62.71 28.44 -46.06
C GLU C 941 -62.00 29.11 -44.88
N GLY C 942 -60.79 28.66 -44.59
CA GLY C 942 -59.86 29.35 -43.70
C GLY C 942 -60.11 29.29 -42.20
N ALA C 943 -60.71 28.21 -41.73
CA ALA C 943 -60.87 28.02 -40.30
C ALA C 943 -59.78 27.07 -39.80
N VAL C 944 -59.26 27.37 -38.61
CA VAL C 944 -58.20 26.58 -38.00
C VAL C 944 -58.77 25.50 -37.09
N LEU C 945 -58.34 24.27 -37.33
CA LEU C 945 -58.81 23.12 -36.61
C LEU C 945 -57.84 22.80 -35.49
N PRO C 946 -58.32 22.18 -34.40
CA PRO C 946 -57.36 21.59 -33.48
C PRO C 946 -56.69 20.45 -34.21
N THR C 947 -55.40 20.32 -34.01
CA THR C 947 -54.58 19.41 -34.78
C THR C 947 -53.84 18.45 -33.85
N GLU C 948 -53.92 17.16 -34.16
CA GLU C 948 -53.25 16.15 -33.37
C GLU C 948 -51.75 16.23 -33.61
N THR C 949 -51.01 16.45 -32.52
CA THR C 949 -49.56 16.33 -32.56
C THR C 949 -49.07 15.61 -31.29
N GLY C 950 -48.38 14.50 -31.49
CA GLY C 950 -47.83 13.74 -30.39
C GLY C 950 -48.80 13.24 -29.32
N GLY C 951 -50.01 12.90 -29.74
CA GLY C 951 -50.93 12.23 -28.86
C GLY C 951 -52.11 13.05 -28.40
N ARG C 952 -52.00 14.36 -28.48
CA ARG C 952 -53.12 15.19 -28.07
C ARG C 952 -53.49 16.22 -29.11
N GLU C 953 -54.46 17.07 -28.78
CA GLU C 953 -54.88 18.04 -29.75
C GLU C 953 -54.57 19.46 -29.35
N TRP C 954 -53.95 20.17 -30.28
CA TRP C 954 -53.47 21.51 -30.01
C TRP C 954 -54.28 22.51 -30.79
N LEU C 955 -54.49 23.68 -30.19
CA LEU C 955 -55.18 24.77 -30.83
C LEU C 955 -54.73 26.08 -30.21
N LEU C 956 -54.07 26.92 -31.00
CA LEU C 956 -53.64 28.22 -30.53
C LEU C 956 -54.78 29.22 -30.68
N ASP C 957 -55.59 29.37 -29.65
CA ASP C 957 -56.68 30.32 -29.75
C ASP C 957 -56.18 31.71 -29.38
N PRO C 958 -56.29 32.66 -30.30
CA PRO C 958 -55.73 34.01 -30.16
C PRO C 958 -56.04 34.69 -28.84
N CYS C 959 -57.18 34.41 -28.24
CA CYS C 959 -57.53 35.05 -26.98
C CYS C 959 -57.14 34.25 -25.73
N LYS C 960 -57.22 32.93 -25.80
CA LYS C 960 -56.87 32.12 -24.63
C LYS C 960 -55.47 31.49 -24.68
N GLY C 961 -54.79 31.61 -25.81
CA GLY C 961 -53.46 31.06 -25.93
C GLY C 961 -53.49 29.64 -26.47
N LEU C 962 -52.48 28.86 -26.10
CA LEU C 962 -52.36 27.49 -26.57
C LEU C 962 -53.29 26.63 -25.72
N ILE C 963 -53.87 25.60 -26.33
CA ILE C 963 -54.85 24.75 -25.65
C ILE C 963 -54.71 23.28 -26.05
N PHE C 964 -54.38 22.41 -25.09
CA PHE C 964 -54.20 20.97 -25.38
C PHE C 964 -54.85 20.00 -24.38
N PRO E 34 17.81 -48.12 8.47
CA PRO E 34 18.78 -48.59 9.46
C PRO E 34 18.11 -48.72 10.81
N PRO E 35 18.35 -49.83 11.54
CA PRO E 35 17.85 -49.91 12.91
C PRO E 35 18.31 -48.68 13.66
N LEU E 36 17.41 -48.02 14.39
CA LEU E 36 17.82 -46.74 14.94
C LEU E 36 18.59 -46.89 16.24
N ASP E 37 19.63 -46.09 16.38
CA ASP E 37 20.52 -46.14 17.53
C ASP E 37 19.91 -45.32 18.66
N LEU E 38 19.88 -45.90 19.86
CA LEU E 38 19.32 -45.24 21.06
C LEU E 38 20.34 -44.40 21.84
N ARG E 39 21.59 -44.39 21.41
CA ARG E 39 22.61 -43.65 22.14
C ARG E 39 22.31 -42.15 22.10
N PHE E 40 21.72 -41.73 20.98
CA PHE E 40 21.31 -40.36 20.76
C PHE E 40 20.29 -39.95 21.79
N TRP E 41 20.66 -38.96 22.61
CA TRP E 41 19.88 -38.60 23.79
C TRP E 41 19.07 -37.33 23.64
N ALA E 42 18.10 -37.14 24.53
CA ALA E 42 17.25 -35.94 24.50
C ALA E 42 17.38 -35.17 25.80
N LYS E 43 17.62 -35.90 26.90
CA LYS E 43 17.77 -35.32 28.23
C LYS E 43 18.81 -36.07 29.05
N GLU E 44 19.55 -35.35 29.88
CA GLU E 44 20.49 -35.98 30.81
C GLU E 44 20.57 -35.23 32.14
N ARG E 45 20.31 -33.93 32.09
CA ARG E 45 20.51 -33.07 33.25
C ARG E 45 19.37 -33.23 34.28
N GLY E 46 19.71 -33.30 35.55
CA GLY E 46 18.73 -33.36 36.62
C GLY E 46 18.22 -34.76 36.84
N LEU E 47 18.68 -35.65 35.98
CA LEU E 47 18.31 -37.04 35.96
C LEU E 47 19.29 -37.79 36.81
N ARG E 48 19.23 -39.11 36.75
CA ARG E 48 20.00 -39.95 37.63
C ARG E 48 21.15 -40.61 36.91
N GLY E 49 21.61 -39.98 35.84
CA GLY E 49 22.82 -40.40 35.17
C GLY E 49 22.66 -41.33 34.01
N LYS E 50 21.44 -41.70 33.72
CA LYS E 50 21.17 -42.41 32.49
C LYS E 50 20.50 -41.37 31.66
N THR E 51 20.88 -41.30 30.40
CA THR E 51 20.27 -40.34 29.51
C THR E 51 19.01 -40.93 28.89
N TYR E 52 18.07 -40.06 28.50
CA TYR E 52 16.81 -40.46 27.88
C TYR E 52 16.93 -40.49 26.37
N PRO E 53 16.71 -41.65 25.75
CA PRO E 53 16.79 -41.76 24.29
C PRO E 53 15.92 -40.73 23.57
N LEU E 54 16.52 -40.06 22.60
CA LEU E 54 15.84 -39.01 21.84
C LEU E 54 14.53 -39.49 21.20
N VAL E 55 14.49 -40.77 20.83
CA VAL E 55 13.26 -41.35 20.30
C VAL E 55 12.17 -41.45 21.34
N CYS E 56 12.57 -41.67 22.60
CA CYS E 56 11.59 -41.80 23.68
C CYS E 56 10.98 -40.46 24.03
N HIS E 57 11.81 -39.42 24.13
CA HIS E 57 11.27 -38.06 24.31
C HIS E 57 10.39 -37.68 23.13
N SER E 58 10.84 -38.01 21.93
CA SER E 58 10.07 -37.72 20.74
C SER E 58 8.68 -38.32 20.78
N LEU E 59 8.62 -39.63 21.04
CA LEU E 59 7.34 -40.32 21.14
C LEU E 59 6.48 -39.79 22.26
N ASP E 60 7.08 -39.65 23.46
CA ASP E 60 6.36 -39.11 24.61
C ASP E 60 5.62 -37.84 24.19
N ALA E 61 6.34 -36.97 23.49
CA ALA E 61 5.82 -35.70 23.01
C ALA E 61 4.62 -35.98 22.13
N ALA E 62 4.83 -36.85 21.13
CA ALA E 62 3.81 -37.19 20.15
C ALA E 62 2.57 -37.72 20.85
N ALA E 63 2.81 -38.59 21.81
CA ALA E 63 1.75 -39.19 22.61
C ALA E 63 0.99 -38.10 23.37
N ALA E 64 1.75 -37.21 23.99
CA ALA E 64 1.17 -36.13 24.77
C ALA E 64 0.28 -35.24 23.91
N ALA E 65 0.74 -34.96 22.69
CA ALA E 65 0.00 -34.15 21.73
C ALA E 65 -1.35 -34.73 21.36
N LEU E 66 -1.36 -36.04 21.09
CA LEU E 66 -2.57 -36.77 20.77
C LEU E 66 -3.60 -36.79 21.92
N VAL E 67 -3.16 -37.13 23.12
CA VAL E 67 -4.04 -37.14 24.28
C VAL E 67 -4.63 -35.74 24.45
N LEU E 68 -3.74 -34.74 24.37
CA LEU E 68 -4.09 -33.34 24.49
C LEU E 68 -5.18 -33.04 23.47
N TRP E 69 -4.96 -33.49 22.25
CA TRP E 69 -5.88 -33.24 21.17
C TRP E 69 -7.25 -33.78 21.51
N ASN E 70 -7.26 -34.96 22.14
CA ASN E 70 -8.51 -35.65 22.42
C ASN E 70 -9.16 -35.28 23.73
N GLU E 71 -8.37 -34.87 24.71
CA GLU E 71 -8.90 -34.64 26.04
C GLU E 71 -8.76 -33.24 26.56
N TYR E 72 -7.76 -32.51 26.10
CA TYR E 72 -7.59 -31.14 26.61
C TYR E 72 -8.35 -30.11 25.79
N LEU E 73 -8.21 -30.15 24.47
CA LEU E 73 -8.76 -29.09 23.60
C LEU E 73 -10.28 -28.98 23.59
N SER E 74 -10.80 -27.75 23.61
CA SER E 74 -12.21 -27.52 23.31
C SER E 74 -12.55 -28.17 22.00
N PRO E 75 -13.69 -28.85 21.93
CA PRO E 75 -14.19 -29.47 20.72
C PRO E 75 -14.23 -28.45 19.58
N GLY E 76 -14.78 -27.27 19.85
CA GLY E 76 -14.82 -26.22 18.84
C GLY E 76 -13.44 -25.85 18.32
N LEU E 77 -12.41 -26.10 19.12
CA LEU E 77 -11.09 -25.68 18.73
C LEU E 77 -10.53 -26.74 17.80
N ARG E 78 -10.87 -27.99 18.06
CA ARG E 78 -10.48 -29.09 17.18
C ARG E 78 -11.08 -28.81 15.81
N ASP E 79 -12.26 -28.23 15.83
CA ASP E 79 -12.96 -27.96 14.62
C ASP E 79 -12.21 -26.87 13.85
N THR E 80 -12.06 -25.70 14.45
CA THR E 80 -11.22 -24.64 13.90
C THR E 80 -9.91 -25.16 13.31
N ILE E 81 -9.20 -26.03 14.02
CA ILE E 81 -7.90 -26.45 13.53
C ILE E 81 -8.02 -27.43 12.37
N ALA E 82 -9.03 -28.29 12.40
CA ALA E 82 -9.10 -29.35 11.40
C ALA E 82 -9.65 -28.79 10.09
N SER E 83 -10.51 -27.77 10.19
CA SER E 83 -11.12 -27.20 9.01
C SER E 83 -10.08 -26.40 8.30
N SER E 84 -9.09 -25.91 9.04
CA SER E 84 -8.08 -25.06 8.47
C SER E 84 -7.08 -25.88 7.68
N MET E 85 -7.09 -27.19 7.92
CA MET E 85 -6.23 -28.10 7.18
C MET E 85 -7.08 -28.89 6.21
N GLU E 86 -8.36 -28.52 6.13
CA GLU E 86 -9.36 -29.20 5.31
C GLU E 86 -9.26 -30.74 5.34
N THR E 87 -9.11 -31.27 6.54
CA THR E 87 -9.18 -32.70 6.79
C THR E 87 -10.07 -32.92 7.99
N ASP E 88 -10.24 -34.16 8.40
CA ASP E 88 -11.15 -34.48 9.47
C ASP E 88 -10.34 -34.48 10.74
N GLU E 89 -11.03 -34.39 11.88
CA GLU E 89 -10.39 -34.19 13.16
C GLU E 89 -9.46 -35.31 13.48
N GLU E 90 -9.86 -36.51 13.05
CA GLU E 90 -9.15 -37.71 13.42
C GLU E 90 -7.79 -37.73 12.76
N HIS E 91 -7.74 -37.21 11.54
CA HIS E 91 -6.50 -37.21 10.80
C HIS E 91 -5.59 -36.09 11.23
N ALA E 92 -6.16 -34.91 11.41
CA ALA E 92 -5.39 -33.77 11.88
C ALA E 92 -4.74 -34.04 13.26
N GLY E 93 -5.51 -34.63 14.16
CA GLY E 93 -4.98 -35.11 15.43
C GLY E 93 -3.68 -35.86 15.19
N HIS E 94 -3.69 -36.82 14.28
CA HIS E 94 -2.47 -37.56 14.00
C HIS E 94 -1.38 -36.75 13.30
N CYS E 95 -1.78 -35.92 12.33
CA CYS E 95 -0.90 -34.88 11.80
C CYS E 95 -0.22 -34.12 12.92
N ILE E 96 -1.03 -33.57 13.80
CA ILE E 96 -0.50 -32.84 14.94
C ILE E 96 0.30 -33.76 15.84
N ALA E 97 -0.19 -34.96 16.05
CA ALA E 97 0.51 -35.88 16.93
C ALA E 97 1.86 -36.23 16.32
N PHE E 98 1.90 -36.35 15.01
CA PHE E 98 3.12 -36.63 14.28
C PHE E 98 4.07 -35.44 14.40
N TRP E 99 3.59 -34.24 14.08
CA TRP E 99 4.42 -33.04 14.09
C TRP E 99 5.11 -32.84 15.43
N ALA E 100 4.31 -32.83 16.49
CA ALA E 100 4.81 -32.74 17.86
C ALA E 100 5.96 -33.73 18.14
N GLY E 101 5.88 -34.94 17.59
CA GLY E 101 6.92 -35.94 17.82
C GLY E 101 8.26 -35.53 17.24
N LEU E 102 8.23 -34.60 16.30
CA LEU E 102 9.42 -34.21 15.57
C LEU E 102 10.11 -32.98 16.14
N HIS E 103 9.48 -32.35 17.12
CA HIS E 103 9.94 -31.08 17.68
C HIS E 103 11.45 -31.09 17.99
N ASP E 104 11.94 -32.08 18.72
CA ASP E 104 13.33 -32.03 19.15
C ASP E 104 14.30 -32.67 18.16
N ILE E 105 13.88 -32.91 16.93
CA ILE E 105 14.75 -33.62 16.00
C ILE E 105 16.10 -32.94 15.75
N GLY E 106 16.11 -31.61 15.79
CA GLY E 106 17.33 -30.84 15.64
C GLY E 106 18.39 -31.20 16.68
N LYS E 107 18.00 -32.01 17.66
CA LYS E 107 18.91 -32.41 18.71
C LYS E 107 19.87 -33.48 18.21
N LEU E 108 19.46 -34.18 17.16
CA LEU E 108 20.33 -35.19 16.55
C LEU E 108 21.33 -34.54 15.58
N THR E 109 22.30 -33.87 16.18
CA THR E 109 23.39 -33.19 15.51
C THR E 109 24.62 -33.36 16.39
N ARG E 110 25.83 -33.26 15.82
CA ARG E 110 27.04 -33.49 16.63
C ARG E 110 27.20 -32.47 17.74
N GLU E 111 26.92 -31.20 17.44
CA GLU E 111 27.17 -30.17 18.45
C GLU E 111 26.23 -30.31 19.63
N PHE E 112 24.99 -30.72 19.39
CA PHE E 112 24.09 -30.93 20.52
C PHE E 112 24.53 -32.13 21.31
N GLN E 113 24.69 -33.23 20.57
CA GLN E 113 24.97 -34.52 21.17
C GLN E 113 26.27 -34.58 21.97
N GLN E 114 27.31 -33.85 21.56
CA GLN E 114 28.58 -33.91 22.27
C GLN E 114 28.68 -33.06 23.53
N GLN E 115 27.56 -32.50 23.99
CA GLN E 115 27.56 -31.78 25.26
C GLN E 115 27.86 -32.71 26.43
N ILE E 116 27.69 -34.00 26.21
CA ILE E 116 28.11 -34.98 27.18
C ILE E 116 28.98 -36.04 26.52
N ALA E 117 29.51 -36.93 27.36
CA ALA E 117 30.27 -38.08 26.89
C ALA E 117 29.35 -39.02 26.13
N ILE E 118 29.77 -39.40 24.93
CA ILE E 118 28.99 -40.30 24.10
C ILE E 118 29.86 -40.90 22.96
N ASP E 119 29.80 -42.22 22.78
CA ASP E 119 30.70 -42.91 21.85
C ASP E 119 30.26 -42.63 20.43
N LEU E 120 30.94 -41.72 19.75
CA LEU E 120 30.48 -41.28 18.43
C LEU E 120 31.33 -41.81 17.28
N SER E 121 32.06 -42.88 17.56
CA SER E 121 32.98 -43.47 16.59
C SER E 121 32.32 -43.95 15.30
N ALA E 122 31.07 -44.38 15.36
CA ALA E 122 30.44 -44.93 14.15
C ALA E 122 29.83 -43.81 13.33
N TYR E 123 30.03 -42.58 13.79
CA TYR E 123 29.37 -41.45 13.17
C TYR E 123 30.38 -40.40 12.81
N PRO E 124 31.23 -40.72 11.82
CA PRO E 124 32.21 -39.74 11.37
C PRO E 124 31.54 -38.70 10.49
N GLY E 125 32.16 -37.53 10.44
CA GLY E 125 31.62 -36.44 9.65
C GLY E 125 30.82 -35.47 10.50
N GLU E 126 30.42 -34.37 9.87
CA GLU E 126 29.70 -33.31 10.55
C GLU E 126 30.46 -32.84 11.77
N GLU E 127 31.63 -32.25 11.55
CA GLU E 127 32.40 -31.64 12.63
C GLU E 127 31.76 -30.33 13.04
N LEU E 128 32.00 -29.92 14.29
CA LEU E 128 31.38 -28.72 14.85
C LEU E 128 31.67 -27.57 13.94
N SER E 129 30.64 -26.83 13.54
CA SER E 129 30.83 -25.64 12.72
C SER E 129 31.25 -24.46 13.56
N GLY E 130 30.86 -24.47 14.83
CA GLY E 130 31.13 -23.34 15.70
C GLY E 130 29.93 -22.42 15.74
N GLU E 131 28.99 -22.60 14.82
CA GLU E 131 27.78 -21.77 14.70
C GLU E 131 27.01 -21.65 16.00
N GLN E 132 27.15 -22.64 16.90
CA GLN E 132 26.44 -22.64 18.18
C GLN E 132 24.96 -22.37 17.92
N ARG E 133 24.31 -23.34 17.32
CA ARG E 133 23.03 -23.13 16.69
C ARG E 133 22.10 -23.86 17.60
N SER E 134 20.92 -23.30 17.88
CA SER E 134 20.00 -23.94 18.82
C SER E 134 19.37 -25.20 18.21
N HIS E 135 18.94 -26.14 19.05
CA HIS E 135 18.37 -27.40 18.53
C HIS E 135 17.07 -27.16 17.80
N ALA E 136 16.27 -26.23 18.29
CA ALA E 136 15.01 -25.91 17.64
C ALA E 136 15.28 -25.25 16.30
N ALA E 137 16.31 -24.41 16.24
CA ALA E 137 16.74 -23.84 14.98
C ALA E 137 17.03 -24.93 13.93
N ALA E 138 17.77 -25.97 14.34
CA ALA E 138 18.08 -27.08 13.44
C ALA E 138 16.82 -27.79 12.97
N THR E 139 15.92 -28.12 13.91
CA THR E 139 14.66 -28.72 13.53
C THR E 139 14.00 -27.95 12.39
N GLY E 140 13.89 -26.65 12.53
CA GLY E 140 13.26 -25.85 11.49
C GLY E 140 13.99 -25.81 10.16
N LYS E 141 15.27 -26.17 10.21
CA LYS E 141 16.19 -26.04 9.09
C LYS E 141 16.33 -27.39 8.36
N TRP E 142 16.07 -28.48 9.06
CA TRP E 142 16.16 -29.82 8.48
C TRP E 142 14.82 -30.23 7.85
N LEU E 143 13.78 -30.21 8.67
CA LEU E 143 12.44 -30.60 8.25
C LEU E 143 11.95 -30.12 6.89
N PRO E 144 12.35 -28.92 6.43
CA PRO E 144 11.84 -28.55 5.10
C PRO E 144 12.26 -29.49 3.96
N PHE E 145 13.45 -30.07 4.09
CA PHE E 145 14.04 -30.86 3.03
C PHE E 145 14.08 -32.34 3.36
N ALA E 146 13.30 -32.77 4.35
CA ALA E 146 13.25 -34.17 4.68
C ALA E 146 11.79 -34.58 4.77
N LEU E 147 10.95 -33.60 5.10
CA LEU E 147 9.52 -33.81 5.08
C LEU E 147 8.94 -34.25 3.74
N PRO E 148 9.48 -33.77 2.58
CA PRO E 148 8.86 -34.21 1.34
C PRO E 148 9.11 -35.68 1.06
N SER E 149 10.14 -36.25 1.68
CA SER E 149 10.39 -37.67 1.52
C SER E 149 9.21 -38.47 2.04
N LEU E 150 8.37 -37.85 2.85
CA LEU E 150 7.16 -38.51 3.31
C LEU E 150 6.01 -37.90 2.57
N GLY E 151 6.33 -37.29 1.44
CA GLY E 151 5.30 -36.80 0.53
C GLY E 151 4.67 -35.48 0.88
N TYR E 152 5.41 -34.59 1.51
CA TYR E 152 4.95 -33.24 1.71
C TYR E 152 5.40 -32.45 0.49
N PRO E 153 4.62 -31.48 0.03
CA PRO E 153 5.00 -30.77 -1.19
C PRO E 153 6.33 -30.02 -1.02
N ASN E 154 7.30 -30.30 -1.90
CA ASN E 154 8.62 -29.74 -1.77
C ASN E 154 8.64 -28.24 -2.02
N GLY E 155 9.02 -27.46 -1.03
CA GLY E 155 8.98 -26.01 -1.14
C GLY E 155 7.57 -25.50 -0.95
N GLY E 156 6.67 -26.40 -0.57
CA GLY E 156 5.28 -26.04 -0.36
C GLY E 156 5.12 -25.10 0.81
N LEU E 157 3.92 -24.59 0.98
CA LEU E 157 3.62 -23.75 2.14
C LEU E 157 3.46 -24.59 3.38
N VAL E 158 2.56 -25.57 3.34
CA VAL E 158 2.39 -26.47 4.48
C VAL E 158 3.74 -26.95 4.95
N THR E 159 4.56 -27.44 4.03
CA THR E 159 5.85 -27.97 4.43
C THR E 159 6.66 -26.91 5.14
N GLY E 160 6.67 -25.68 4.63
CA GLY E 160 7.44 -24.64 5.27
C GLY E 160 6.84 -24.21 6.60
N LEU E 161 5.52 -24.25 6.70
CA LEU E 161 4.86 -23.79 7.91
C LEU E 161 5.04 -24.82 8.98
N VAL E 162 5.00 -26.08 8.62
CA VAL E 162 5.19 -27.11 9.63
C VAL E 162 6.56 -26.94 10.24
N ALA E 163 7.57 -26.84 9.39
CA ALA E 163 8.92 -26.72 9.90
C ALA E 163 9.13 -25.42 10.70
N GLN E 164 8.62 -24.30 10.21
CA GLN E 164 8.84 -23.03 10.91
C GLN E 164 8.27 -23.10 12.31
N MET E 165 7.09 -23.72 12.44
CA MET E 165 6.34 -23.79 13.70
C MET E 165 6.96 -24.75 14.73
N LEU E 166 7.23 -25.98 14.32
CA LEU E 166 8.00 -26.90 15.13
C LEU E 166 9.32 -26.25 15.49
N GLY E 167 9.85 -25.47 14.57
CA GLY E 167 11.15 -24.84 14.75
C GLY E 167 11.14 -23.84 15.88
N GLY E 168 9.99 -23.26 16.18
CA GLY E 168 9.92 -22.28 17.23
C GLY E 168 9.33 -22.83 18.50
N HIS E 169 9.48 -24.13 18.72
CA HIS E 169 8.85 -24.80 19.86
C HIS E 169 9.44 -24.40 21.21
N HIS E 170 10.48 -23.57 21.20
CA HIS E 170 11.00 -23.01 22.44
C HIS E 170 10.67 -21.52 22.67
N GLY E 171 9.63 -21.04 22.03
CA GLY E 171 9.17 -19.70 22.31
C GLY E 171 9.59 -18.65 21.30
N THR E 172 10.53 -18.97 20.42
CA THR E 172 11.00 -18.00 19.43
C THR E 172 10.96 -18.59 18.03
N PHE E 173 10.20 -17.96 17.12
CA PHE E 173 10.15 -18.42 15.73
C PHE E 173 11.36 -17.93 14.94
N HIS E 174 11.76 -18.66 13.91
CA HIS E 174 12.87 -18.23 13.08
C HIS E 174 12.41 -17.99 11.64
N PRO E 175 13.24 -17.31 10.81
CA PRO E 175 12.83 -17.14 9.41
C PRO E 175 12.87 -18.44 8.61
N HIS E 176 12.09 -18.50 7.53
CA HIS E 176 12.17 -19.60 6.60
C HIS E 176 13.57 -19.67 6.04
N PRO E 177 14.18 -20.85 6.09
CA PRO E 177 15.55 -21.14 5.69
C PRO E 177 15.87 -20.60 4.31
N SER E 178 16.88 -19.76 4.18
CA SER E 178 17.27 -19.23 2.88
C SER E 178 18.54 -19.90 2.36
N PHE E 179 18.51 -20.37 1.12
CA PHE E 179 19.68 -21.05 0.54
C PHE E 179 19.89 -20.77 -0.95
N GLN E 180 21.10 -21.05 -1.44
CA GLN E 180 21.51 -20.70 -2.80
C GLN E 180 21.89 -21.91 -3.66
N SER E 181 22.45 -22.94 -3.04
CA SER E 181 22.87 -24.15 -3.75
C SER E 181 21.69 -25.09 -3.94
N ARG E 182 21.84 -26.15 -4.74
CA ARG E 182 20.74 -27.08 -4.89
C ARG E 182 20.90 -28.30 -3.99
N ASN E 183 21.48 -28.07 -2.84
CA ASN E 183 21.58 -29.11 -1.84
C ASN E 183 21.52 -28.43 -0.50
N PRO E 184 20.30 -28.16 -0.03
CA PRO E 184 20.02 -27.50 1.25
C PRO E 184 20.54 -28.27 2.45
N LEU E 185 20.28 -29.56 2.51
CA LEU E 185 20.71 -30.34 3.66
C LEU E 185 22.19 -30.08 3.93
N ALA E 186 23.01 -30.17 2.90
CA ALA E 186 24.43 -30.06 3.11
C ALA E 186 24.80 -28.60 3.34
N GLU E 187 24.07 -27.69 2.68
CA GLU E 187 24.36 -26.26 2.81
C GLU E 187 24.14 -25.82 4.25
N PHE E 188 23.21 -26.50 4.91
CA PHE E 188 22.86 -26.17 6.28
C PHE E 188 23.59 -27.04 7.32
N GLY E 189 24.58 -27.80 6.89
CA GLY E 189 25.46 -28.51 7.81
C GLY E 189 25.16 -29.98 8.03
N PHE E 190 24.08 -30.45 7.43
CA PHE E 190 23.77 -31.85 7.54
C PHE E 190 24.48 -32.62 6.41
N SER E 191 25.80 -32.72 6.47
CA SER E 191 26.59 -33.29 5.36
C SER E 191 26.84 -34.81 5.42
N SER E 192 27.09 -35.34 6.61
CA SER E 192 27.35 -36.78 6.81
C SER E 192 26.16 -37.66 6.52
N PRO E 193 26.38 -38.68 5.69
CA PRO E 193 25.35 -39.67 5.36
C PRO E 193 25.03 -40.52 6.58
N HIS E 194 26.00 -40.68 7.48
CA HIS E 194 25.79 -41.41 8.72
C HIS E 194 24.79 -40.70 9.64
N TRP E 195 25.00 -39.41 9.86
CA TRP E 195 24.08 -38.64 10.70
C TRP E 195 22.71 -38.52 10.01
N GLU E 196 22.74 -38.30 8.71
CA GLU E 196 21.51 -38.09 7.95
C GLU E 196 20.61 -39.34 7.97
N LYS E 197 21.25 -40.51 8.03
CA LYS E 197 20.52 -41.76 8.13
C LYS E 197 19.83 -41.93 9.48
N GLN E 198 20.52 -41.58 10.56
CA GLN E 198 19.87 -41.66 11.87
C GLN E 198 18.77 -40.61 12.06
N ARG E 199 18.89 -39.47 11.40
CA ARG E 199 17.81 -38.50 11.44
C ARG E 199 16.59 -39.08 10.75
N HIS E 200 16.79 -39.69 9.59
CA HIS E 200 15.68 -40.37 8.91
C HIS E 200 15.13 -41.60 9.66
N ALA E 201 15.98 -42.29 10.41
CA ALA E 201 15.49 -43.41 11.18
C ALA E 201 14.50 -42.86 12.19
N LEU E 202 14.82 -41.70 12.75
CA LEU E 202 13.98 -41.14 13.81
C LEU E 202 12.70 -40.53 13.24
N LEU E 203 12.85 -39.79 12.14
CA LEU E 203 11.73 -39.23 11.38
C LEU E 203 10.70 -40.30 11.07
N HIS E 204 11.16 -41.41 10.49
CA HIS E 204 10.27 -42.52 10.15
C HIS E 204 9.72 -43.26 11.37
N ALA E 205 10.53 -43.41 12.41
CA ALA E 205 10.12 -44.08 13.64
C ALA E 205 8.86 -43.49 14.22
N VAL E 206 8.84 -42.18 14.38
CA VAL E 206 7.66 -41.54 14.96
C VAL E 206 6.51 -41.44 13.95
N PHE E 207 6.84 -41.17 12.70
CA PHE E 207 5.82 -41.14 11.65
C PHE E 207 5.03 -42.43 11.65
N ASP E 208 5.73 -43.55 11.91
CA ASP E 208 5.10 -44.85 12.00
C ASP E 208 4.18 -44.83 13.20
N ALA E 209 4.77 -44.71 14.38
CA ALA E 209 4.01 -44.72 15.63
C ALA E 209 2.76 -43.84 15.64
N THR E 210 2.77 -42.74 14.89
CA THR E 210 1.56 -41.92 14.80
C THR E 210 0.68 -42.36 13.66
N GLY E 211 1.00 -43.50 13.05
CA GLY E 211 0.17 -44.09 12.02
C GLY E 211 0.28 -43.46 10.65
N ARG E 212 1.51 -43.23 10.21
CA ARG E 212 1.80 -42.63 8.91
C ARG E 212 0.77 -41.62 8.36
N PRO E 213 0.52 -40.50 9.08
CA PRO E 213 -0.51 -39.58 8.56
C PRO E 213 -0.18 -38.85 7.25
N THR E 214 -1.17 -38.80 6.35
CA THR E 214 -1.04 -38.12 5.05
C THR E 214 -0.96 -36.61 5.27
N PRO E 215 -0.03 -35.92 4.59
CA PRO E 215 0.15 -34.48 4.76
C PRO E 215 -1.12 -33.68 4.53
N PRO E 216 -1.43 -32.75 5.43
CA PRO E 216 -2.62 -31.91 5.29
C PRO E 216 -2.57 -31.18 3.96
N ASP E 217 -3.70 -30.92 3.33
CA ASP E 217 -3.64 -30.24 2.04
C ASP E 217 -3.22 -28.80 2.21
N MET E 218 -3.44 -28.26 3.39
CA MET E 218 -3.50 -26.82 3.53
C MET E 218 -3.27 -26.44 4.98
N LEU E 219 -2.61 -25.31 5.23
CA LEU E 219 -2.36 -24.86 6.60
C LEU E 219 -1.97 -23.38 6.65
N ASP E 220 -2.80 -22.54 7.26
CA ASP E 220 -2.49 -21.12 7.35
C ASP E 220 -1.72 -20.80 8.62
N GLY E 221 -1.08 -19.63 8.61
CA GLY E 221 -0.20 -19.19 9.68
C GLY E 221 -0.78 -19.26 11.08
N PRO E 222 -1.80 -18.44 11.36
CA PRO E 222 -2.43 -18.38 12.69
C PRO E 222 -2.77 -19.76 13.24
N THR E 223 -3.37 -20.61 12.43
CA THR E 223 -3.67 -21.96 12.87
C THR E 223 -2.40 -22.68 13.34
N ALA E 224 -1.32 -22.56 12.57
CA ALA E 224 -0.07 -23.19 12.97
C ALA E 224 0.48 -22.58 14.25
N SER E 225 0.26 -21.29 14.48
CA SER E 225 0.77 -20.69 15.70
C SER E 225 0.05 -21.25 16.97
N VAL E 226 -1.29 -21.37 16.88
CA VAL E 226 -2.06 -22.10 17.88
C VAL E 226 -1.55 -23.55 18.03
N VAL E 227 -1.28 -24.22 16.91
CA VAL E 227 -0.75 -25.56 16.99
C VAL E 227 0.62 -25.59 17.67
N CYS E 228 1.44 -24.58 17.41
CA CYS E 228 2.74 -24.47 18.05
C CYS E 228 2.56 -24.52 19.57
N GLY E 229 1.55 -23.81 20.08
CA GLY E 229 1.31 -23.81 21.51
C GLY E 229 1.10 -25.23 22.00
N LEU E 230 0.33 -25.98 21.24
CA LEU E 230 0.00 -27.34 21.63
C LEU E 230 1.27 -28.15 21.78
N VAL E 231 2.14 -28.10 20.78
CA VAL E 231 3.41 -28.85 20.82
C VAL E 231 4.24 -28.42 22.02
N ILE E 232 4.26 -27.13 22.29
CA ILE E 232 4.95 -26.62 23.48
C ILE E 232 4.35 -27.25 24.77
N LEU E 233 3.03 -27.21 24.91
CA LEU E 233 2.39 -27.81 26.08
C LEU E 233 2.70 -29.29 26.16
N ALA E 234 2.70 -29.96 25.02
CA ALA E 234 3.08 -31.34 24.97
C ALA E 234 4.56 -31.52 25.35
N ASP E 235 5.45 -30.63 24.89
CA ASP E 235 6.86 -30.78 25.29
C ASP E 235 6.98 -30.64 26.80
N TRP E 236 6.30 -29.65 27.35
CA TRP E 236 6.43 -29.35 28.78
C TRP E 236 5.89 -30.45 29.65
N LEU E 237 4.78 -31.02 29.24
CA LEU E 237 4.10 -32.02 30.04
C LEU E 237 4.95 -33.28 30.20
N VAL E 238 5.53 -33.80 29.12
CA VAL E 238 6.40 -34.98 29.28
C VAL E 238 7.82 -34.65 29.77
N SER E 239 8.08 -33.37 30.07
CA SER E 239 9.43 -32.98 30.45
C SER E 239 9.59 -32.95 31.95
N GLN E 240 8.48 -33.11 32.65
CA GLN E 240 8.51 -33.20 34.08
C GLN E 240 9.35 -34.39 34.51
N GLU E 241 10.19 -34.16 35.53
CA GLU E 241 11.19 -35.11 35.92
C GLU E 241 10.62 -36.32 36.63
N ASP E 242 9.49 -36.16 37.30
CA ASP E 242 8.85 -37.34 37.86
C ASP E 242 8.45 -38.28 36.73
N PHE E 243 7.77 -37.75 35.71
CA PHE E 243 7.33 -38.54 34.57
C PHE E 243 8.49 -39.19 33.82
N LEU E 244 9.49 -38.37 33.47
CA LEU E 244 10.71 -38.85 32.86
C LEU E 244 11.28 -40.06 33.60
N LEU E 245 11.38 -39.94 34.91
CA LEU E 245 11.96 -40.99 35.73
C LEU E 245 11.19 -42.30 35.65
N GLU E 246 9.86 -42.22 35.56
CA GLU E 246 9.08 -43.43 35.40
C GLU E 246 9.42 -44.12 34.09
N ARG E 247 9.81 -43.36 33.08
CA ARG E 247 10.01 -43.99 31.80
C ARG E 247 11.46 -44.44 31.69
N LEU E 248 12.28 -43.87 32.56
CA LEU E 248 13.72 -44.16 32.57
C LEU E 248 13.99 -45.53 33.23
N THR E 249 12.96 -46.12 33.85
CA THR E 249 13.07 -47.45 34.42
C THR E 249 12.81 -48.54 33.37
N SER E 250 12.44 -48.12 32.17
CA SER E 250 11.93 -49.05 31.17
C SER E 250 12.16 -48.58 29.74
N LEU E 251 13.41 -48.29 29.39
CA LEU E 251 13.70 -47.87 28.03
C LEU E 251 13.50 -49.04 27.08
N PRO E 252 13.14 -48.77 25.83
CA PRO E 252 13.15 -49.81 24.79
C PRO E 252 14.47 -50.58 24.79
N ALA E 253 14.39 -51.88 24.55
CA ALA E 253 15.54 -52.77 24.50
C ALA E 253 16.37 -52.44 23.27
N ASP E 254 15.69 -51.94 22.25
CA ASP E 254 16.33 -51.54 21.00
C ASP E 254 15.40 -50.59 20.25
N GLY E 255 15.79 -50.18 19.05
CA GLY E 255 14.98 -49.27 18.25
C GLY E 255 14.09 -50.00 17.25
N SER E 256 13.84 -51.29 17.48
CA SER E 256 12.94 -52.04 16.60
C SER E 256 11.54 -51.49 16.74
N ALA E 257 10.80 -51.52 15.64
CA ALA E 257 9.46 -50.95 15.58
C ALA E 257 8.65 -51.30 16.82
N SER E 258 8.56 -52.60 17.10
CA SER E 258 7.80 -53.12 18.23
C SER E 258 8.21 -52.53 19.58
N ALA E 259 9.52 -52.35 19.76
CA ALA E 259 10.02 -51.81 21.01
C ALA E 259 9.47 -50.41 21.19
N LEU E 260 9.53 -49.65 20.11
CA LEU E 260 9.12 -48.26 20.12
C LEU E 260 7.60 -48.13 20.25
N ARG E 261 6.90 -48.95 19.47
CA ARG E 261 5.46 -49.02 19.53
C ARG E 261 4.98 -49.26 20.97
N ALA E 262 5.69 -50.13 21.71
CA ALA E 262 5.37 -50.39 23.11
C ALA E 262 5.55 -49.11 23.91
N HIS E 263 6.67 -48.44 23.66
CA HIS E 263 6.93 -47.18 24.32
C HIS E 263 5.80 -46.17 24.15
N PHE E 264 5.49 -45.84 22.89
CA PHE E 264 4.47 -44.84 22.57
C PHE E 264 3.18 -45.14 23.28
N GLU E 265 2.82 -46.41 23.27
CA GLU E 265 1.51 -46.82 23.75
C GLU E 265 1.40 -46.78 25.25
N THR E 266 2.56 -46.91 25.88
CA THR E 266 2.65 -46.92 27.33
C THR E 266 2.59 -45.48 27.80
N SER E 267 3.37 -44.62 27.17
CA SER E 267 3.33 -43.19 27.48
C SER E 267 1.89 -42.71 27.38
N LEU E 268 1.30 -42.94 26.21
CA LEU E 268 -0.08 -42.61 25.95
C LEU E 268 -1.03 -42.90 27.12
N ARG E 269 -0.79 -43.99 27.83
CA ARG E 269 -1.64 -44.33 28.96
C ARG E 269 -1.36 -43.45 30.15
N ARG E 270 -0.17 -42.86 30.20
CA ARG E 270 0.28 -42.10 31.39
C ARG E 270 -0.11 -40.62 31.37
N ILE E 271 -0.35 -40.10 30.18
CA ILE E 271 -0.58 -38.67 30.02
C ILE E 271 -1.93 -38.17 30.57
N PRO E 272 -2.96 -39.03 30.61
CA PRO E 272 -4.15 -38.47 31.27
C PRO E 272 -3.93 -38.11 32.75
N SER E 273 -3.04 -38.82 33.43
CA SER E 273 -2.79 -38.52 34.83
C SER E 273 -1.99 -37.22 34.96
N LEU E 274 -1.01 -37.03 34.06
CA LEU E 274 -0.36 -35.73 33.84
C LEU E 274 -1.37 -34.57 33.72
N LEU E 275 -2.40 -34.74 32.88
CA LEU E 275 -3.43 -33.74 32.74
C LEU E 275 -4.17 -33.52 34.03
N ASP E 276 -4.50 -34.62 34.70
CA ASP E 276 -5.21 -34.57 35.97
C ASP E 276 -4.40 -33.79 37.01
N ALA E 277 -3.10 -34.06 37.07
CA ALA E 277 -2.23 -33.42 38.05
C ALA E 277 -2.11 -31.92 37.85
N ALA E 278 -1.97 -31.51 36.59
CA ALA E 278 -1.74 -30.11 36.28
C ALA E 278 -3.03 -29.31 36.39
N GLY E 279 -4.16 -30.02 36.42
CA GLY E 279 -5.47 -29.41 36.57
C GLY E 279 -6.01 -28.79 35.29
N LEU E 280 -5.79 -29.50 34.19
CA LEU E 280 -6.11 -28.99 32.88
C LEU E 280 -7.42 -29.55 32.31
N ARG E 281 -8.13 -30.36 33.09
CA ARG E 281 -9.40 -30.91 32.62
C ARG E 281 -10.50 -29.86 32.32
N PRO E 282 -11.36 -30.11 31.33
CA PRO E 282 -12.31 -29.08 30.93
C PRO E 282 -13.29 -28.82 32.03
N ILE E 283 -13.83 -27.60 32.12
CA ILE E 283 -14.93 -27.35 33.02
C ILE E 283 -16.17 -27.21 32.19
N THR E 284 -17.11 -28.14 32.31
CA THR E 284 -18.32 -28.02 31.48
C THR E 284 -19.62 -27.72 32.22
N VAL E 285 -20.32 -26.72 31.73
CA VAL E 285 -21.51 -26.26 32.39
C VAL E 285 -22.72 -26.46 31.49
N PRO E 286 -23.78 -27.10 32.02
CA PRO E 286 -24.91 -27.54 31.21
C PRO E 286 -25.69 -26.36 30.70
N PRO E 287 -26.30 -26.48 29.52
CA PRO E 287 -27.04 -25.35 28.96
C PRO E 287 -28.23 -25.03 29.83
N ALA E 288 -28.42 -23.76 30.16
CA ALA E 288 -29.48 -23.39 31.08
C ALA E 288 -30.25 -22.20 30.55
N THR E 289 -31.44 -21.96 31.08
CA THR E 289 -32.08 -20.68 30.84
C THR E 289 -31.43 -19.72 31.82
N PHE E 290 -31.78 -18.44 31.74
CA PHE E 290 -31.16 -17.46 32.63
C PHE E 290 -31.63 -17.65 34.06
N THR E 291 -32.93 -17.87 34.23
CA THR E 291 -33.49 -18.20 35.53
C THR E 291 -32.88 -19.47 36.10
N GLU E 292 -32.74 -20.49 35.24
CA GLU E 292 -32.15 -21.76 35.64
C GLU E 292 -30.76 -21.62 36.21
N SER E 293 -30.00 -20.69 35.65
CA SER E 293 -28.58 -20.56 35.97
C SER E 293 -28.36 -19.57 37.09
N PHE E 294 -29.41 -18.88 37.48
CA PHE E 294 -29.37 -18.05 38.66
C PHE E 294 -30.71 -18.20 39.39
N PRO E 295 -30.80 -19.25 40.22
CA PRO E 295 -32.03 -19.55 40.95
C PRO E 295 -32.23 -18.52 42.08
N HIS E 296 -31.22 -18.35 42.91
CA HIS E 296 -31.22 -17.40 44.02
C HIS E 296 -31.60 -15.97 43.61
N LEU E 297 -31.53 -15.70 42.31
CA LEU E 297 -31.67 -14.34 41.83
C LEU E 297 -32.97 -14.15 41.11
N SER E 298 -33.99 -13.69 41.85
CA SER E 298 -35.32 -13.54 41.27
C SER E 298 -35.51 -12.19 40.59
N LYS E 299 -36.37 -12.19 39.57
CA LYS E 299 -36.64 -11.00 38.75
C LYS E 299 -35.45 -10.48 37.95
N PRO E 300 -34.99 -11.25 36.96
CA PRO E 300 -33.98 -10.73 36.04
C PRO E 300 -34.43 -9.38 35.52
N ASN E 301 -33.54 -8.41 35.55
CA ASN E 301 -33.90 -7.03 35.24
C ASN E 301 -34.04 -6.78 33.75
N GLY E 302 -34.37 -5.53 33.40
CA GLY E 302 -34.61 -5.15 32.02
C GLY E 302 -33.58 -5.63 31.03
N LEU E 303 -32.32 -5.32 31.30
CA LEU E 303 -31.19 -5.70 30.46
C LEU E 303 -31.02 -7.22 30.43
N GLN E 304 -31.11 -7.88 31.59
CA GLN E 304 -30.97 -9.32 31.61
C GLN E 304 -32.05 -10.03 30.76
N ALA E 305 -33.31 -9.66 30.97
CA ALA E 305 -34.41 -10.23 30.17
C ALA E 305 -34.17 -9.99 28.68
N SER E 306 -33.66 -8.81 28.35
CA SER E 306 -33.46 -8.45 26.97
C SER E 306 -32.48 -9.40 26.31
N LEU E 307 -31.33 -9.56 26.94
CA LEU E 307 -30.29 -10.43 26.42
C LEU E 307 -30.78 -11.86 26.39
N ALA E 308 -31.51 -12.25 27.43
CA ALA E 308 -31.92 -13.63 27.58
C ALA E 308 -32.85 -14.04 26.46
N LYS E 309 -33.81 -13.17 26.18
CA LYS E 309 -34.85 -13.36 25.17
C LYS E 309 -34.35 -13.46 23.74
N HIS E 310 -33.66 -12.42 23.29
CA HIS E 310 -33.28 -12.26 21.89
C HIS E 310 -32.00 -13.02 21.47
N LEU E 311 -31.00 -13.00 22.33
CA LEU E 311 -29.66 -13.52 22.00
C LEU E 311 -29.51 -14.94 21.48
N PRO E 312 -30.18 -15.93 22.12
CA PRO E 312 -29.96 -17.32 21.69
C PRO E 312 -30.14 -17.54 20.20
N CYS E 313 -31.10 -16.83 19.61
CA CYS E 313 -31.42 -17.05 18.20
C CYS E 313 -30.38 -16.42 17.32
N LEU E 314 -29.76 -15.34 17.80
CA LEU E 314 -28.66 -14.72 17.09
C LEU E 314 -27.38 -15.52 17.26
N CYS E 315 -27.30 -16.30 18.34
CA CYS E 315 -26.06 -16.93 18.80
C CYS E 315 -25.75 -18.29 18.17
N THR E 316 -25.48 -18.29 16.88
CA THR E 316 -25.54 -19.51 16.09
C THR E 316 -24.16 -19.99 15.70
N GLY E 317 -23.14 -19.57 16.48
CA GLY E 317 -21.72 -19.76 16.17
C GLY E 317 -20.90 -18.52 16.55
N PRO E 318 -19.61 -18.48 16.18
CA PRO E 318 -18.68 -17.41 16.53
C PRO E 318 -19.19 -15.97 16.29
N GLY E 319 -19.05 -15.11 17.29
CA GLY E 319 -19.48 -13.72 17.21
C GLY E 319 -19.10 -12.88 18.43
N LEU E 320 -19.30 -11.58 18.33
CA LEU E 320 -18.98 -10.64 19.39
C LEU E 320 -20.27 -10.10 19.91
N VAL E 321 -20.40 -9.99 21.22
CA VAL E 321 -21.53 -9.23 21.76
C VAL E 321 -20.99 -8.10 22.61
N LEU E 322 -21.46 -6.89 22.36
CA LEU E 322 -20.98 -5.74 23.12
C LEU E 322 -22.10 -5.20 23.95
N ILE E 323 -21.94 -5.29 25.27
CA ILE E 323 -22.98 -4.79 26.15
C ILE E 323 -22.49 -3.52 26.78
N THR E 324 -23.32 -2.50 26.71
CA THR E 324 -22.91 -1.20 27.14
C THR E 324 -24.04 -0.63 27.99
N ALA E 325 -23.91 -0.83 29.30
CA ALA E 325 -24.94 -0.49 30.30
C ALA E 325 -24.28 0.22 31.51
N PRO E 326 -25.08 0.84 32.39
CA PRO E 326 -24.55 1.55 33.55
C PRO E 326 -24.30 0.63 34.74
N MET E 327 -23.81 1.18 35.85
CA MET E 327 -23.66 0.40 37.07
C MET E 327 -25.00 0.02 37.65
N GLY E 328 -25.01 -1.05 38.43
CA GLY E 328 -26.21 -1.45 39.15
C GLY E 328 -27.27 -2.11 38.30
N GLU E 329 -26.84 -2.70 37.19
CA GLU E 329 -27.79 -3.33 36.27
C GLU E 329 -27.48 -4.78 35.99
N GLY E 330 -26.75 -5.40 36.91
CA GLY E 330 -26.43 -6.81 36.82
C GLY E 330 -25.71 -7.23 35.56
N LYS E 331 -24.90 -6.34 34.99
CA LYS E 331 -24.07 -6.67 33.82
C LYS E 331 -23.34 -8.00 33.96
N THR E 332 -22.85 -8.31 35.16
CA THR E 332 -22.03 -9.50 35.34
C THR E 332 -22.80 -10.77 35.08
N GLU E 333 -23.92 -10.90 35.79
CA GLU E 333 -24.80 -12.04 35.66
C GLU E 333 -25.22 -12.16 34.20
N ALA E 334 -25.46 -11.02 33.56
CA ALA E 334 -25.81 -10.98 32.15
C ALA E 334 -24.68 -11.59 31.33
N ALA E 335 -23.46 -11.10 31.57
CA ALA E 335 -22.29 -11.57 30.85
C ALA E 335 -22.13 -13.08 30.95
N TYR E 336 -22.28 -13.65 32.14
CA TYR E 336 -22.09 -15.09 32.32
C TYR E 336 -23.02 -15.85 31.40
N HIS E 337 -24.22 -15.30 31.24
CA HIS E 337 -25.25 -16.00 30.49
C HIS E 337 -24.99 -15.98 28.97
N VAL E 338 -24.78 -14.78 28.42
CA VAL E 338 -24.33 -14.64 27.05
C VAL E 338 -23.06 -15.45 26.79
N ALA E 339 -22.16 -15.44 27.77
CA ALA E 339 -20.90 -16.17 27.62
C ALA E 339 -21.18 -17.64 27.40
N ASP E 340 -22.27 -18.11 27.99
CA ASP E 340 -22.61 -19.53 27.96
C ASP E 340 -23.25 -19.91 26.63
N LEU E 341 -24.10 -19.02 26.12
CA LEU E 341 -24.69 -19.21 24.81
C LEU E 341 -23.63 -19.27 23.71
N LEU E 342 -22.77 -18.26 23.65
CA LEU E 342 -21.65 -18.29 22.72
C LEU E 342 -20.79 -19.53 22.98
N GLY E 343 -20.75 -19.94 24.24
CA GLY E 343 -20.06 -21.15 24.63
C GLY E 343 -20.54 -22.43 23.95
N LYS E 344 -21.82 -22.76 24.10
CA LYS E 344 -22.37 -23.94 23.46
C LYS E 344 -22.25 -23.80 21.94
N ALA E 345 -22.45 -22.58 21.45
CA ALA E 345 -22.45 -22.31 20.02
C ALA E 345 -21.11 -22.55 19.32
N THR E 346 -20.01 -22.45 20.04
CA THR E 346 -18.71 -22.65 19.43
C THR E 346 -17.98 -23.82 20.06
N GLY E 347 -18.69 -24.62 20.86
CA GLY E 347 -18.07 -25.77 21.49
C GLY E 347 -16.85 -25.41 22.29
N ARG E 348 -16.91 -24.22 22.90
CA ARG E 348 -15.81 -23.68 23.67
C ARG E 348 -16.20 -23.52 25.12
N PRO E 349 -15.97 -24.57 25.91
CA PRO E 349 -16.33 -24.57 27.33
C PRO E 349 -15.43 -23.67 28.12
N GLY E 350 -14.21 -23.43 27.65
CA GLY E 350 -13.24 -22.66 28.43
C GLY E 350 -13.64 -21.22 28.64
N ARG E 351 -13.03 -20.59 29.63
CA ARG E 351 -13.38 -19.21 29.92
C ARG E 351 -12.16 -18.41 30.30
N PHE E 352 -12.21 -17.11 30.04
CA PHE E 352 -11.24 -16.14 30.57
C PHE E 352 -11.86 -14.76 30.72
N LEU E 353 -11.96 -14.26 31.95
CA LEU E 353 -12.59 -12.97 32.19
C LEU E 353 -11.51 -11.97 32.40
N ALA E 354 -11.48 -10.94 31.55
CA ALA E 354 -10.46 -9.92 31.66
C ALA E 354 -11.00 -8.77 32.46
N LEU E 355 -10.29 -8.40 33.51
CA LEU E 355 -10.69 -7.25 34.31
C LEU E 355 -9.68 -6.08 34.32
N PRO E 356 -10.12 -4.89 34.72
CA PRO E 356 -9.20 -3.81 34.47
C PRO E 356 -8.12 -3.72 35.54
N THR E 357 -8.34 -4.30 36.71
CA THR E 357 -7.40 -4.19 37.83
C THR E 357 -7.25 -5.52 38.60
N MET E 358 -6.16 -5.67 39.34
CA MET E 358 -5.92 -6.89 40.12
C MET E 358 -7.00 -7.12 41.16
N ALA E 359 -7.41 -6.04 41.81
CA ALA E 359 -8.43 -6.11 42.83
C ALA E 359 -9.72 -6.68 42.28
N THR E 360 -10.23 -6.03 41.22
CA THR E 360 -11.44 -6.48 40.55
C THR E 360 -11.30 -7.91 40.03
N ALA E 361 -10.09 -8.28 39.62
CA ALA E 361 -9.81 -9.65 39.19
C ALA E 361 -10.03 -10.60 40.36
N ASP E 362 -9.49 -10.23 41.52
CA ASP E 362 -9.71 -11.00 42.75
C ASP E 362 -11.20 -11.23 43.11
N GLN E 363 -12.06 -10.25 42.92
CA GLN E 363 -13.45 -10.41 43.30
C GLN E 363 -14.22 -11.24 42.30
N MET E 364 -13.91 -11.02 41.02
CA MET E 364 -14.60 -11.73 39.96
C MET E 364 -14.21 -13.19 40.05
N HIS E 365 -12.95 -13.43 40.37
CA HIS E 365 -12.49 -14.78 40.55
C HIS E 365 -13.38 -15.47 41.57
N THR E 366 -13.65 -14.77 42.68
CA THR E 366 -14.48 -15.33 43.75
C THR E 366 -15.86 -15.76 43.22
N ARG E 367 -16.57 -14.83 42.55
CA ARG E 367 -17.91 -15.08 41.99
C ARG E 367 -17.93 -16.15 40.92
N LEU E 368 -16.89 -16.22 40.08
CA LEU E 368 -16.94 -17.20 39.01
C LEU E 368 -16.70 -18.59 39.54
N LYS E 369 -15.90 -18.67 40.61
CA LYS E 369 -15.67 -19.93 41.29
C LYS E 369 -16.97 -20.34 41.97
N GLU E 370 -17.76 -19.37 42.41
CA GLU E 370 -19.02 -19.64 43.05
C GLU E 370 -20.02 -20.11 42.01
N TYR E 371 -20.14 -19.35 40.92
CA TYR E 371 -20.95 -19.72 39.78
C TYR E 371 -20.69 -21.17 39.36
N ALA E 372 -19.41 -21.49 39.15
CA ALA E 372 -19.00 -22.79 38.69
C ALA E 372 -19.55 -23.89 39.59
N ARG E 373 -19.52 -23.67 40.89
CA ARG E 373 -19.98 -24.65 41.88
C ARG E 373 -21.42 -25.09 41.68
N TYR E 374 -22.34 -24.14 41.62
CA TYR E 374 -23.71 -24.55 41.50
C TYR E 374 -24.14 -24.66 40.06
N ARG E 375 -23.17 -24.79 39.17
CA ARG E 375 -23.51 -24.90 37.76
C ARG E 375 -22.89 -26.14 37.19
N VAL E 376 -21.63 -26.37 37.51
CA VAL E 376 -20.94 -27.58 37.07
C VAL E 376 -21.77 -28.77 37.52
N GLU E 377 -21.91 -29.78 36.67
CA GLU E 377 -22.66 -30.96 37.06
C GLU E 377 -21.73 -31.88 37.84
N ASN E 378 -22.02 -32.01 39.13
CA ASN E 378 -21.08 -32.57 40.10
C ASN E 378 -20.33 -33.85 39.75
N THR E 379 -19.12 -33.90 40.27
CA THR E 379 -18.28 -35.09 40.34
C THR E 379 -18.40 -36.02 39.13
N ARG E 383 -12.86 -33.23 38.54
CA ARG E 383 -12.48 -33.30 39.95
C ARG E 383 -11.06 -32.79 40.20
N SER E 384 -10.23 -32.79 39.14
CA SER E 384 -9.04 -31.94 39.12
C SER E 384 -8.98 -31.11 37.85
N SER E 385 -9.54 -29.90 37.95
CA SER E 385 -9.51 -28.94 36.86
C SER E 385 -9.66 -27.52 37.40
N THR E 386 -8.53 -26.81 37.48
CA THR E 386 -8.50 -25.56 38.22
C THR E 386 -9.06 -24.33 37.53
N LEU E 387 -9.48 -23.38 38.33
CA LEU E 387 -10.00 -22.12 37.85
C LEU E 387 -9.02 -21.04 38.32
N ALA E 388 -8.07 -20.71 37.44
CA ALA E 388 -6.92 -19.91 37.79
C ALA E 388 -7.20 -18.43 37.93
N LEU E 389 -6.43 -17.80 38.82
CA LEU E 389 -6.41 -16.36 39.01
C LEU E 389 -5.15 -15.82 38.36
N LEU E 390 -5.31 -14.96 37.36
CA LEU E 390 -4.15 -14.53 36.58
C LEU E 390 -3.75 -13.05 36.73
N HIS E 391 -2.86 -12.76 37.68
CA HIS E 391 -2.12 -11.49 37.70
C HIS E 391 -0.83 -11.61 38.53
N SER E 392 -0.16 -10.51 38.79
CA SER E 392 1.19 -10.61 39.35
C SER E 392 1.29 -10.61 40.89
N MET E 393 0.16 -10.45 41.57
CA MET E 393 0.12 -10.52 43.01
C MET E 393 -0.73 -11.72 43.37
N ALA E 394 -0.89 -12.63 42.41
CA ALA E 394 -1.67 -13.83 42.64
C ALA E 394 -0.96 -14.68 43.66
N TRP E 395 0.34 -14.94 43.43
CA TRP E 395 1.15 -15.77 44.30
C TRP E 395 1.03 -15.39 45.77
N LEU E 396 0.91 -14.09 46.02
CA LEU E 396 0.86 -13.61 47.39
C LEU E 396 -0.57 -13.47 47.84
N ASN E 397 -1.49 -14.01 47.05
CA ASN E 397 -2.86 -14.10 47.52
C ASN E 397 -2.89 -15.33 48.39
N PRO E 398 -3.12 -15.13 49.69
CA PRO E 398 -3.07 -16.22 50.70
C PRO E 398 -4.13 -17.27 50.41
N ASP E 399 -5.25 -16.83 49.83
CA ASP E 399 -6.44 -17.66 49.63
C ASP E 399 -6.50 -18.38 48.30
N TYR E 400 -5.47 -18.21 47.47
CA TYR E 400 -5.49 -18.84 46.15
C TYR E 400 -4.29 -19.74 45.97
N ALA E 401 -3.11 -19.22 46.27
CA ALA E 401 -1.88 -19.98 46.02
C ALA E 401 -1.69 -21.10 47.04
N PRO E 402 -1.15 -22.24 46.59
CA PRO E 402 -1.12 -23.40 47.50
C PRO E 402 -0.02 -23.28 48.56
N ALA E 403 0.16 -24.32 49.38
CA ALA E 403 1.15 -24.32 50.46
C ALA E 403 2.56 -24.08 49.95
N ASP E 419 -10.97 -29.52 47.38
CA ASP E 419 -11.81 -28.66 46.54
C ASP E 419 -11.30 -28.65 45.10
N PRO E 420 -12.23 -28.75 44.12
CA PRO E 420 -11.82 -28.62 42.71
C PRO E 420 -11.79 -27.15 42.44
N PHE E 421 -11.28 -26.75 41.28
CA PHE E 421 -11.05 -25.34 40.93
C PHE E 421 -9.89 -24.76 41.71
N ALA E 422 -9.42 -25.51 42.71
CA ALA E 422 -8.30 -25.13 43.51
C ALA E 422 -7.07 -25.06 42.62
N ALA E 423 -6.18 -24.12 42.90
CA ALA E 423 -4.98 -23.95 42.09
C ALA E 423 -4.13 -25.22 42.06
N THR E 424 -3.09 -25.21 41.25
CA THR E 424 -2.26 -26.37 41.04
C THR E 424 -0.84 -25.84 40.93
N ASP E 425 0.13 -26.57 41.49
CA ASP E 425 1.52 -26.15 41.37
C ASP E 425 1.93 -25.90 39.93
N TRP E 426 1.60 -26.85 39.07
CA TRP E 426 1.86 -26.70 37.65
C TRP E 426 1.35 -25.35 37.12
N LEU E 427 0.08 -25.06 37.37
CA LEU E 427 -0.55 -23.87 36.79
C LEU E 427 -0.02 -22.59 37.39
N MET E 428 0.83 -22.73 38.38
CA MET E 428 1.35 -21.58 39.09
C MET E 428 2.65 -21.22 38.42
N GLY E 429 2.99 -22.05 37.43
CA GLY E 429 4.21 -21.89 36.67
C GLY E 429 4.27 -20.58 35.91
N ARG E 430 5.43 -20.34 35.32
CA ARG E 430 5.77 -19.07 34.71
C ARG E 430 4.80 -18.59 33.61
N LYS E 431 4.56 -19.40 32.58
CA LYS E 431 3.72 -18.91 31.48
C LYS E 431 2.43 -19.69 31.23
N ARG E 432 1.91 -20.39 32.22
CA ARG E 432 0.85 -21.37 31.97
C ARG E 432 -0.54 -20.94 32.38
N GLY E 433 -0.66 -19.77 32.98
CA GLY E 433 -1.94 -19.31 33.48
C GLY E 433 -3.10 -19.44 32.52
N LEU E 434 -2.95 -18.98 31.28
CA LEU E 434 -4.03 -19.05 30.30
C LEU E 434 -4.30 -20.45 29.78
N LEU E 435 -3.61 -21.45 30.32
CA LEU E 435 -3.82 -22.82 29.92
C LEU E 435 -4.85 -23.48 30.83
N ALA E 436 -5.17 -22.77 31.90
CA ALA E 436 -6.20 -23.19 32.82
C ALA E 436 -7.49 -23.19 32.03
N PRO E 437 -8.35 -24.20 32.28
CA PRO E 437 -9.67 -24.32 31.66
C PRO E 437 -10.55 -23.06 31.81
N TRP E 438 -10.75 -22.59 33.03
CA TRP E 438 -11.33 -21.26 33.24
C TRP E 438 -10.28 -20.44 33.93
N ALA E 439 -10.18 -19.17 33.57
CA ALA E 439 -9.25 -18.29 34.26
C ALA E 439 -9.90 -16.95 34.38
N VAL E 440 -9.70 -16.27 35.51
CA VAL E 440 -9.96 -14.83 35.52
C VAL E 440 -8.69 -14.08 35.90
N GLY E 441 -8.47 -12.94 35.27
CA GLY E 441 -7.25 -12.19 35.47
C GLY E 441 -7.33 -10.79 34.89
N THR E 442 -6.21 -10.06 34.94
CA THR E 442 -6.20 -8.71 34.37
C THR E 442 -6.22 -8.80 32.87
N ILE E 443 -6.83 -7.80 32.25
CA ILE E 443 -6.84 -7.71 30.79
C ILE E 443 -5.40 -7.83 30.26
N ASP E 444 -4.44 -7.27 31.01
CA ASP E 444 -3.05 -7.31 30.62
C ASP E 444 -2.61 -8.68 30.20
N GLN E 445 -3.03 -9.69 30.94
CA GLN E 445 -2.61 -11.07 30.70
C GLN E 445 -2.95 -11.57 29.30
N ALA E 446 -4.04 -11.06 28.72
CA ALA E 446 -4.51 -11.50 27.40
C ALA E 446 -3.84 -10.71 26.29
N LEU E 447 -3.64 -9.41 26.52
CA LEU E 447 -2.94 -8.58 25.56
C LEU E 447 -1.51 -9.09 25.40
N MET E 448 -1.01 -9.79 26.43
CA MET E 448 0.34 -10.37 26.38
C MET E 448 0.46 -11.35 25.22
N ALA E 449 -0.67 -11.84 24.75
CA ALA E 449 -0.71 -12.78 23.64
C ALA E 449 -0.46 -12.14 22.27
N VAL E 450 -0.71 -10.83 22.14
CA VAL E 450 -0.49 -10.16 20.85
C VAL E 450 0.72 -9.23 20.80
N LEU E 451 1.52 -9.24 21.88
CA LEU E 451 2.78 -8.53 21.93
C LEU E 451 3.85 -9.41 21.32
N ARG E 452 4.89 -8.82 20.74
CA ARG E 452 6.02 -9.58 20.20
C ARG E 452 6.93 -10.09 21.30
N ALA E 453 6.51 -11.14 21.98
CA ALA E 453 7.21 -11.64 23.17
C ALA E 453 7.47 -13.12 22.98
N LYS E 454 8.41 -13.70 23.73
CA LYS E 454 8.58 -15.14 23.69
C LYS E 454 7.32 -15.83 24.19
N HIS E 455 7.01 -16.96 23.60
CA HIS E 455 5.88 -17.80 24.01
C HIS E 455 4.51 -17.18 23.86
N ASN E 456 4.38 -16.10 23.11
CA ASN E 456 3.05 -15.62 22.82
C ASN E 456 2.20 -16.75 22.24
N ALA E 457 2.80 -17.62 21.43
CA ALA E 457 2.02 -18.71 20.83
C ALA E 457 1.39 -19.65 21.86
N LEU E 458 1.98 -19.81 23.03
CA LEU E 458 1.31 -20.52 24.12
C LEU E 458 0.15 -19.68 24.63
N ARG E 459 0.35 -18.38 24.82
CA ARG E 459 -0.74 -17.53 25.31
C ARG E 459 -1.92 -17.58 24.38
N LEU E 460 -1.64 -17.63 23.09
CA LEU E 460 -2.67 -17.60 22.07
C LEU E 460 -3.49 -18.88 22.18
N PHE E 461 -2.80 -20.02 22.08
CA PHE E 461 -3.39 -21.36 22.27
C PHE E 461 -4.29 -21.46 23.48
N GLY E 462 -3.81 -20.96 24.60
CA GLY E 462 -4.54 -21.07 25.85
C GLY E 462 -5.89 -20.45 25.65
N LEU E 463 -5.87 -19.24 25.14
CA LEU E 463 -7.05 -18.46 24.82
C LEU E 463 -7.94 -19.14 23.79
N ALA E 464 -7.34 -19.81 22.81
CA ALA E 464 -8.05 -20.27 21.61
C ALA E 464 -9.32 -21.08 21.86
N GLY E 465 -9.34 -21.83 22.96
CA GLY E 465 -10.47 -22.68 23.29
C GLY E 465 -11.48 -22.08 24.26
N LYS E 466 -11.30 -20.81 24.61
CA LYS E 466 -12.20 -20.19 25.56
C LYS E 466 -13.12 -19.21 24.88
N VAL E 467 -14.16 -18.80 25.59
CA VAL E 467 -14.94 -17.63 25.22
C VAL E 467 -14.32 -16.52 26.03
N VAL E 468 -13.72 -15.53 25.41
CA VAL E 468 -13.08 -14.51 26.23
C VAL E 468 -14.06 -13.38 26.50
N VAL E 469 -14.06 -12.92 27.74
CA VAL E 469 -14.96 -11.88 28.19
C VAL E 469 -14.15 -10.74 28.72
N VAL E 470 -14.24 -9.57 28.11
CA VAL E 470 -13.51 -8.47 28.71
C VAL E 470 -14.44 -7.40 29.23
N ASP E 471 -14.21 -7.00 30.48
CA ASP E 471 -15.07 -6.05 31.17
C ASP E 471 -14.46 -4.64 31.22
N GLU E 472 -15.33 -3.64 31.34
CA GLU E 472 -14.95 -2.23 31.38
C GLU E 472 -14.01 -1.92 30.24
N ALA E 473 -14.51 -2.07 29.01
CA ALA E 473 -13.70 -1.75 27.84
C ALA E 473 -13.59 -0.26 27.76
N HIS E 474 -14.52 0.43 28.40
CA HIS E 474 -14.57 1.88 28.35
C HIS E 474 -13.32 2.50 28.95
N ALA E 475 -12.56 1.71 29.71
CA ALA E 475 -11.34 2.20 30.33
C ALA E 475 -10.05 1.64 29.71
N VAL E 476 -10.01 1.45 28.41
CA VAL E 476 -8.74 1.12 27.81
C VAL E 476 -8.23 2.31 26.99
N ASP E 477 -7.10 2.89 27.41
CA ASP E 477 -6.51 4.07 26.76
C ASP E 477 -6.14 3.75 25.31
N PRO E 478 -5.76 4.77 24.50
CA PRO E 478 -5.44 4.47 23.09
C PRO E 478 -4.34 3.43 22.88
N TYR E 479 -3.37 3.37 23.78
CA TYR E 479 -2.33 2.38 23.67
C TYR E 479 -2.89 0.99 23.84
N MET E 480 -3.60 0.77 24.94
CA MET E 480 -4.17 -0.54 25.24
C MET E 480 -5.21 -0.89 24.20
N GLN E 481 -5.89 0.13 23.72
CA GLN E 481 -6.90 -0.03 22.71
C GLN E 481 -6.37 -0.64 21.41
N VAL E 482 -5.20 -0.22 20.97
CA VAL E 482 -4.61 -0.83 19.78
C VAL E 482 -4.31 -2.32 20.02
N LEU E 483 -3.78 -2.64 21.19
CA LEU E 483 -3.45 -4.01 21.55
C LEU E 483 -4.72 -4.83 21.58
N LEU E 484 -5.75 -4.29 22.25
CA LEU E 484 -7.07 -4.90 22.30
C LEU E 484 -7.55 -5.21 20.92
N GLU E 485 -7.40 -4.26 20.02
CA GLU E 485 -7.84 -4.45 18.66
C GLU E 485 -7.08 -5.58 18.00
N GLN E 486 -5.79 -5.69 18.27
CA GLN E 486 -5.01 -6.73 17.63
C GLN E 486 -5.35 -8.11 18.18
N LEU E 487 -5.67 -8.20 19.47
CA LEU E 487 -6.17 -9.44 20.07
C LEU E 487 -7.46 -9.83 19.42
N LEU E 488 -8.40 -8.90 19.42
CA LEU E 488 -9.71 -9.13 18.83
C LEU E 488 -9.62 -9.64 17.41
N ARG E 489 -8.67 -9.09 16.64
CA ARG E 489 -8.45 -9.51 15.27
C ARG E 489 -7.99 -10.95 15.24
N TRP E 490 -7.10 -11.29 16.15
CA TRP E 490 -6.56 -12.63 16.20
C TRP E 490 -7.64 -13.61 16.67
N LEU E 491 -8.37 -13.25 17.73
CA LEU E 491 -9.41 -14.14 18.24
C LEU E 491 -10.45 -14.49 17.19
N GLY E 492 -10.79 -13.50 16.36
CA GLY E 492 -11.82 -13.67 15.35
C GLY E 492 -11.41 -14.72 14.33
N THR E 493 -10.13 -14.72 13.95
CA THR E 493 -9.60 -15.67 12.99
C THR E 493 -9.76 -17.06 13.57
N LEU E 494 -9.45 -17.19 14.85
CA LEU E 494 -9.40 -18.48 15.49
C LEU E 494 -10.77 -18.95 15.94
N ASP E 495 -11.80 -18.22 15.55
CA ASP E 495 -13.17 -18.58 15.90
C ASP E 495 -13.46 -18.57 17.38
N VAL E 496 -12.80 -17.71 18.15
CA VAL E 496 -13.23 -17.58 19.53
C VAL E 496 -14.31 -16.50 19.65
N PRO E 497 -15.37 -16.80 20.42
CA PRO E 497 -16.41 -15.78 20.67
C PRO E 497 -15.96 -14.87 21.80
N VAL E 498 -16.52 -13.67 21.82
CA VAL E 498 -16.03 -12.63 22.67
C VAL E 498 -17.21 -11.87 23.19
N VAL E 499 -17.26 -11.64 24.49
CA VAL E 499 -18.26 -10.72 25.06
C VAL E 499 -17.55 -9.46 25.54
N LEU E 500 -18.09 -8.29 25.20
CA LEU E 500 -17.51 -7.02 25.63
C LEU E 500 -18.45 -6.27 26.56
N LEU E 501 -18.06 -6.11 27.81
CA LEU E 501 -18.90 -5.43 28.77
C LEU E 501 -18.34 -4.06 28.99
N SER E 502 -19.20 -3.07 29.08
CA SER E 502 -18.73 -1.71 29.27
C SER E 502 -19.78 -0.80 29.79
N ALA E 503 -19.37 0.40 30.15
CA ALA E 503 -20.29 1.44 30.52
C ALA E 503 -20.14 2.32 29.33
N THR E 504 -20.52 3.57 29.40
CA THR E 504 -20.62 4.39 28.21
C THR E 504 -19.36 4.18 27.45
N LEU E 505 -19.46 3.94 26.17
CA LEU E 505 -18.29 3.77 25.34
C LEU E 505 -18.41 4.68 24.16
N HIS E 506 -17.35 5.40 23.82
CA HIS E 506 -17.42 6.31 22.71
C HIS E 506 -17.63 5.51 21.47
N HIS E 507 -18.51 5.95 20.61
CA HIS E 507 -18.86 5.11 19.46
C HIS E 507 -17.68 4.72 18.57
N SER E 508 -16.71 5.61 18.43
CA SER E 508 -15.56 5.35 17.57
C SER E 508 -14.70 4.18 18.05
N ILE E 509 -14.67 3.99 19.37
CA ILE E 509 -14.00 2.86 19.94
C ILE E 509 -14.78 1.59 19.67
N ALA E 510 -16.06 1.57 20.01
CA ALA E 510 -16.90 0.39 19.78
C ALA E 510 -16.71 -0.02 18.34
N ASN E 511 -16.84 0.97 17.47
CA ASN E 511 -16.65 0.75 16.05
C ASN E 511 -15.27 0.19 15.75
N SER E 512 -14.22 0.74 16.35
CA SER E 512 -12.85 0.28 16.14
C SER E 512 -12.70 -1.17 16.54
N LEU E 513 -13.40 -1.53 17.61
CA LEU E 513 -13.26 -2.85 18.20
C LEU E 513 -13.96 -3.89 17.35
N VAL E 514 -15.26 -3.69 17.09
CA VAL E 514 -15.95 -4.72 16.34
C VAL E 514 -15.39 -4.80 14.92
N LYS E 515 -15.06 -3.66 14.31
CA LYS E 515 -14.37 -3.67 13.02
C LYS E 515 -13.13 -4.58 13.07
N ALA E 516 -12.33 -4.47 14.11
CA ALA E 516 -11.15 -5.32 14.21
C ALA E 516 -11.54 -6.79 14.30
N TYR E 517 -12.57 -7.10 15.08
CA TYR E 517 -13.00 -8.47 15.21
C TYR E 517 -13.42 -8.99 13.84
N LEU E 518 -14.22 -8.22 13.10
CA LEU E 518 -14.73 -8.69 11.82
C LEU E 518 -13.60 -8.87 10.84
N GLU E 519 -12.57 -8.04 10.98
CA GLU E 519 -11.44 -8.06 10.09
C GLU E 519 -10.83 -9.45 10.12
N GLY E 520 -10.71 -10.02 11.33
CA GLY E 520 -10.13 -11.34 11.51
C GLY E 520 -11.08 -12.49 11.19
N ALA E 521 -12.37 -12.27 11.42
CA ALA E 521 -13.36 -13.26 11.07
C ALA E 521 -13.39 -13.46 9.57
N ARG E 522 -13.16 -12.38 8.82
CA ARG E 522 -13.39 -12.39 7.37
C ARG E 522 -12.15 -12.37 6.52
N GLY E 523 -10.97 -12.44 7.15
CA GLY E 523 -9.74 -12.56 6.40
C GLY E 523 -9.16 -11.28 5.81
N ARG E 524 -9.97 -10.25 5.66
CA ARG E 524 -9.46 -9.02 5.04
C ARG E 524 -9.68 -7.80 5.90
N ARG E 525 -8.76 -6.85 5.79
CA ARG E 525 -8.92 -5.58 6.48
C ARG E 525 -10.02 -4.79 5.79
N TRP E 526 -10.22 -3.57 6.23
CA TRP E 526 -11.32 -2.76 5.72
C TRP E 526 -10.90 -1.79 4.60
N ASN E 527 -11.77 -1.64 3.60
CA ASN E 527 -11.60 -0.60 2.59
C ASN E 527 -12.17 0.69 3.16
N ARG E 528 -11.62 1.82 2.75
CA ARG E 528 -12.14 3.11 3.17
C ARG E 528 -13.60 3.30 2.72
N SER E 529 -13.93 2.69 1.60
CA SER E 529 -15.24 2.82 0.97
C SER E 529 -16.35 2.15 1.78
N GLU E 530 -16.02 0.99 2.35
CA GLU E 530 -16.91 0.23 3.23
C GLU E 530 -17.61 1.09 4.30
N PRO E 531 -18.90 0.81 4.56
CA PRO E 531 -19.60 1.55 5.62
C PRO E 531 -19.26 0.99 7.01
N GLN E 532 -19.02 1.85 7.99
CA GLN E 532 -18.61 1.41 9.32
C GLN E 532 -19.68 0.56 10.04
N PRO E 533 -19.24 -0.48 10.78
CA PRO E 533 -20.16 -1.48 11.34
C PRO E 533 -20.79 -1.04 12.66
N VAL E 534 -20.30 0.03 13.26
CA VAL E 534 -21.01 0.64 14.38
C VAL E 534 -21.00 2.14 14.27
N SER E 535 -22.17 2.72 14.04
CA SER E 535 -22.26 4.18 13.98
C SER E 535 -22.73 4.76 15.31
N GLU E 536 -23.62 4.06 15.99
CA GLU E 536 -24.17 4.51 17.28
C GLU E 536 -24.13 3.43 18.35
N VAL E 537 -23.83 3.84 19.58
CA VAL E 537 -24.04 2.96 20.71
C VAL E 537 -25.21 3.51 21.52
N SER E 538 -26.06 2.62 22.00
CA SER E 538 -27.19 2.99 22.81
C SER E 538 -26.86 2.56 24.22
N TYR E 539 -27.08 3.46 25.17
CA TYR E 539 -26.73 3.22 26.57
C TYR E 539 -27.94 3.45 27.47
N PRO E 540 -28.45 2.38 28.09
CA PRO E 540 -28.00 1.01 27.97
C PRO E 540 -28.43 0.44 26.64
N GLY E 541 -27.85 -0.69 26.24
CA GLY E 541 -28.17 -1.32 24.98
C GLY E 541 -27.13 -2.38 24.71
N TRP E 542 -27.39 -3.25 23.76
CA TRP E 542 -26.39 -4.22 23.38
C TRP E 542 -26.39 -4.38 21.90
N LEU E 543 -25.69 -5.39 21.43
CA LEU E 543 -25.34 -5.45 20.03
C LEU E 543 -24.66 -6.76 19.84
N HIS E 544 -25.02 -7.47 18.79
CA HIS E 544 -24.43 -8.74 18.52
C HIS E 544 -23.77 -8.72 17.17
N VAL E 545 -22.60 -9.34 17.04
CA VAL E 545 -21.97 -9.44 15.73
C VAL E 545 -21.88 -10.88 15.30
N ASP E 546 -22.55 -11.26 14.22
CA ASP E 546 -22.41 -12.59 13.65
C ASP E 546 -21.12 -12.67 12.83
N ALA E 547 -20.19 -13.54 13.21
CA ALA E 547 -18.85 -13.53 12.59
C ALA E 547 -18.86 -14.09 11.18
N ARG E 548 -19.79 -14.99 10.91
CA ARG E 548 -19.87 -15.65 9.61
C ARG E 548 -20.33 -14.69 8.52
N ILE E 549 -21.16 -13.70 8.85
CA ILE E 549 -21.76 -12.90 7.81
C ILE E 549 -21.72 -11.38 8.05
N GLY E 550 -21.01 -10.94 9.08
CA GLY E 550 -20.92 -9.52 9.37
C GLY E 550 -22.17 -8.85 9.90
N LYS E 551 -23.22 -9.60 10.17
CA LYS E 551 -24.50 -8.98 10.47
C LYS E 551 -24.52 -8.38 11.85
N VAL E 552 -24.42 -7.06 11.92
CA VAL E 552 -24.53 -6.37 13.20
C VAL E 552 -25.96 -6.06 13.58
N THR E 553 -26.34 -6.53 14.75
CA THR E 553 -27.73 -6.58 15.16
C THR E 553 -27.95 -5.84 16.46
N ARG E 554 -28.38 -4.59 16.38
CA ARG E 554 -28.50 -3.77 17.57
C ARG E 554 -29.64 -4.27 18.39
N SER E 555 -29.60 -3.94 19.67
CA SER E 555 -30.71 -4.20 20.58
C SER E 555 -31.88 -3.36 20.10
N SER E 556 -31.58 -2.18 19.58
CA SER E 556 -32.56 -1.25 19.02
C SER E 556 -33.46 -1.89 17.97
N ASP E 557 -32.91 -2.85 17.23
CA ASP E 557 -33.61 -3.52 16.15
C ASP E 557 -34.51 -4.68 16.59
N VAL E 558 -34.02 -5.56 17.44
CA VAL E 558 -34.83 -6.71 17.85
C VAL E 558 -36.08 -6.29 18.57
N ASP E 559 -35.96 -5.30 19.42
CA ASP E 559 -37.10 -4.75 20.11
C ASP E 559 -36.85 -3.27 20.19
N PRO E 560 -37.94 -2.42 20.00
CA PRO E 560 -37.59 -1.00 19.97
C PRO E 560 -37.79 -0.29 21.29
N LEU E 561 -38.32 -0.96 22.29
CA LEU E 561 -38.51 -0.32 23.56
C LEU E 561 -37.16 -0.19 24.20
N PRO E 562 -36.91 0.94 24.82
CA PRO E 562 -35.66 1.12 25.56
C PRO E 562 -35.54 0.11 26.68
N ILE E 563 -34.30 -0.26 27.00
CA ILE E 563 -34.03 -1.28 27.99
C ILE E 563 -34.17 -0.75 29.39
N ALA E 564 -35.07 -1.32 30.16
CA ALA E 564 -35.30 -0.83 31.51
C ALA E 564 -34.04 -0.85 32.38
N THR E 565 -33.80 0.25 33.05
CA THR E 565 -32.78 0.26 34.08
C THR E 565 -33.39 0.86 35.33
N THR E 566 -32.66 0.80 36.45
CA THR E 566 -33.05 1.54 37.63
C THR E 566 -33.39 2.97 37.25
N PRO E 567 -34.54 3.48 37.73
CA PRO E 567 -34.83 4.92 37.58
C PRO E 567 -33.97 5.79 38.53
N ARG E 568 -33.46 6.91 38.04
CA ARG E 568 -32.56 7.74 38.84
C ARG E 568 -32.83 9.23 38.69
N LYS E 569 -32.98 9.92 39.82
CA LYS E 569 -33.09 11.37 39.83
C LYS E 569 -31.94 12.01 39.02
N PRO E 570 -32.29 12.91 38.09
CA PRO E 570 -31.28 13.56 37.25
C PRO E 570 -30.18 14.21 38.07
N LEU E 571 -29.00 14.28 37.48
CA LEU E 571 -27.82 14.74 38.18
C LEU E 571 -27.60 16.23 37.98
N GLU E 572 -27.74 16.98 39.06
CA GLU E 572 -27.45 18.40 39.03
C GLU E 572 -25.95 18.59 38.95
N VAL E 573 -25.45 19.15 37.86
CA VAL E 573 -24.02 19.49 37.83
C VAL E 573 -23.84 20.98 37.84
N ARG E 574 -22.94 21.44 38.69
CA ARG E 574 -22.82 22.87 38.96
C ARG E 574 -21.39 23.36 38.76
N LEU E 575 -21.15 24.06 37.65
CA LEU E 575 -19.88 24.73 37.46
C LEU E 575 -19.71 25.88 38.47
N VAL E 576 -18.53 25.97 39.06
CA VAL E 576 -18.23 26.93 40.12
C VAL E 576 -16.76 27.36 40.10
N ASP E 577 -16.49 28.66 39.97
CA ASP E 577 -15.11 29.13 39.87
C ASP E 577 -14.34 29.14 41.18
N VAL E 578 -13.04 28.98 41.09
CA VAL E 578 -12.16 29.01 42.25
C VAL E 578 -10.94 29.87 41.94
N PRO E 579 -10.54 30.73 42.88
CA PRO E 579 -9.35 31.56 42.72
C PRO E 579 -8.08 30.75 42.52
N VAL E 580 -7.12 31.32 41.81
CA VAL E 580 -5.82 30.70 41.55
C VAL E 580 -4.70 31.41 42.27
N LYS E 581 -3.96 30.68 43.09
CA LYS E 581 -2.86 31.28 43.85
C LYS E 581 -1.50 30.64 43.52
N GLU E 582 -0.74 31.33 42.68
CA GLU E 582 0.56 30.86 42.20
C GLU E 582 0.43 29.63 41.31
N GLY E 583 -0.71 29.55 40.63
CA GLY E 583 -0.96 28.49 39.66
C GLY E 583 -1.72 27.29 40.21
N ALA E 584 -2.47 27.50 41.30
CA ALA E 584 -3.17 26.42 42.00
C ALA E 584 -4.47 26.94 42.60
N LEU E 585 -5.49 26.09 42.67
CA LEU E 585 -6.80 26.54 43.13
C LEU E 585 -6.82 26.71 44.62
N ASN E 586 -7.22 27.89 45.08
CA ASN E 586 -7.38 28.10 46.50
C ASN E 586 -8.77 27.69 46.95
N ARG E 587 -8.90 26.45 47.41
CA ARG E 587 -10.21 25.88 47.64
C ARG E 587 -10.81 26.39 48.93
N SER E 588 -9.97 27.04 49.73
CA SER E 588 -10.32 27.44 51.10
C SER E 588 -11.69 28.08 51.26
N THR E 589 -12.04 28.95 50.33
CA THR E 589 -13.30 29.68 50.39
C THR E 589 -14.46 28.89 49.80
N VAL E 590 -14.16 28.09 48.78
CA VAL E 590 -15.19 27.30 48.12
C VAL E 590 -15.59 26.08 48.95
N LEU E 591 -14.63 25.53 49.69
CA LEU E 591 -14.92 24.39 50.55
C LEU E 591 -15.82 24.79 51.69
N ALA E 592 -15.55 25.97 52.24
CA ALA E 592 -16.28 26.42 53.41
C ALA E 592 -17.73 26.75 53.07
N LYS E 593 -17.96 27.46 51.97
CA LYS E 593 -19.32 27.71 51.52
C LYS E 593 -20.04 26.38 51.31
N GLU E 594 -19.38 25.49 50.56
CA GLU E 594 -19.98 24.26 50.09
C GLU E 594 -20.21 23.18 51.15
N LEU E 595 -19.36 23.17 52.17
CA LEU E 595 -19.41 22.13 53.21
C LEU E 595 -20.23 22.49 54.45
N THR E 596 -20.49 23.79 54.64
CA THR E 596 -21.21 24.29 55.81
C THR E 596 -22.46 23.47 56.17
N PRO E 597 -23.45 23.36 55.25
CA PRO E 597 -24.65 22.58 55.55
C PRO E 597 -24.36 21.18 56.08
N LEU E 598 -23.26 20.59 55.63
CA LEU E 598 -22.90 19.29 56.15
C LEU E 598 -22.45 19.39 57.61
N VAL E 599 -21.63 20.38 57.91
CA VAL E 599 -21.09 20.49 59.26
C VAL E 599 -22.17 20.87 60.25
N LYS E 600 -23.17 21.63 59.80
CA LYS E 600 -24.26 22.05 60.66
C LYS E 600 -25.14 20.86 60.97
N GLN E 601 -25.74 20.30 59.94
CA GLN E 601 -26.64 19.16 60.13
C GLN E 601 -25.85 17.85 60.04
N GLY E 602 -25.52 17.44 58.82
CA GLY E 602 -24.84 16.18 58.57
C GLY E 602 -24.82 15.77 57.10
N GLY E 603 -24.63 14.48 56.86
CA GLY E 603 -24.48 13.97 55.51
C GLY E 603 -23.07 13.44 55.23
N CYS E 604 -22.88 12.97 54.00
CA CYS E 604 -21.58 12.48 53.55
C CYS E 604 -21.22 13.12 52.22
N ALA E 605 -19.98 13.58 52.08
CA ALA E 605 -19.55 14.20 50.85
C ALA E 605 -18.16 13.76 50.43
N ALA E 606 -17.82 14.00 49.17
CA ALA E 606 -16.50 13.66 48.67
C ALA E 606 -15.89 14.80 47.89
N ILE E 607 -14.66 15.15 48.25
CA ILE E 607 -13.86 16.07 47.45
C ILE E 607 -12.89 15.25 46.64
N ILE E 608 -12.92 15.40 45.32
CA ILE E 608 -12.05 14.61 44.46
C ILE E 608 -11.02 15.52 43.84
N CYS E 609 -9.75 15.31 44.19
CA CYS E 609 -8.67 16.17 43.70
C CYS E 609 -7.94 15.55 42.53
N THR E 610 -7.33 16.38 41.69
CA THR E 610 -6.65 15.89 40.51
C THR E 610 -5.31 15.18 40.79
N THR E 611 -4.55 15.69 41.76
CA THR E 611 -3.27 15.07 42.11
C THR E 611 -3.24 14.69 43.56
N VAL E 612 -2.21 13.95 43.93
CA VAL E 612 -2.07 13.48 45.30
C VAL E 612 -1.83 14.67 46.20
N ALA E 613 -0.92 15.54 45.78
CA ALA E 613 -0.57 16.71 46.58
C ALA E 613 -1.81 17.52 46.92
N GLU E 614 -2.61 17.84 45.90
CA GLU E 614 -3.82 18.61 46.13
C GLU E 614 -4.69 17.90 47.16
N ALA E 615 -4.81 16.58 47.04
CA ALA E 615 -5.65 15.81 47.95
C ALA E 615 -5.15 15.90 49.38
N GLN E 616 -3.84 15.91 49.55
CA GLN E 616 -3.23 15.96 50.88
C GLN E 616 -3.42 17.32 51.50
N GLY E 617 -3.12 18.36 50.72
CA GLY E 617 -3.39 19.73 51.15
C GLY E 617 -4.84 19.98 51.55
N VAL E 618 -5.78 19.54 50.72
CA VAL E 618 -7.20 19.65 51.03
C VAL E 618 -7.52 18.90 52.32
N TYR E 619 -6.81 17.80 52.58
CA TYR E 619 -7.02 17.05 53.83
C TYR E 619 -6.64 17.94 54.98
N ASP E 620 -5.38 18.36 54.99
CA ASP E 620 -4.86 19.27 56.00
C ASP E 620 -5.80 20.42 56.33
N LEU E 621 -6.09 21.23 55.32
CA LEU E 621 -7.02 22.35 55.42
C LEU E 621 -8.34 21.95 56.10
N LEU E 622 -8.93 20.86 55.65
CA LEU E 622 -10.17 20.42 56.26
C LEU E 622 -9.91 20.02 57.70
N SER E 623 -8.75 19.40 57.94
CA SER E 623 -8.51 18.81 59.26
C SER E 623 -8.38 19.89 60.30
N GLN E 624 -7.88 21.04 59.87
CA GLN E 624 -7.67 22.18 60.74
C GLN E 624 -8.99 22.85 61.07
N TRP E 625 -9.79 23.12 60.04
CA TRP E 625 -11.13 23.65 60.21
C TRP E 625 -11.91 22.75 61.17
N PHE E 626 -11.78 21.44 61.00
CA PHE E 626 -12.59 20.51 61.76
C PHE E 626 -12.14 20.40 63.20
N ALA E 627 -10.86 20.71 63.43
CA ALA E 627 -10.28 20.71 64.76
C ALA E 627 -11.05 21.66 65.68
N THR E 628 -11.27 22.88 65.18
CA THR E 628 -11.90 23.92 65.97
C THR E 628 -13.30 23.52 66.43
N LEU E 629 -14.10 22.92 65.55
CA LEU E 629 -15.44 22.49 65.93
C LEU E 629 -15.46 21.45 67.04
N GLY E 630 -14.31 20.82 67.27
CA GLY E 630 -14.18 19.83 68.31
C GLY E 630 -15.07 18.61 68.15
N GLU E 631 -16.15 18.57 68.92
CA GLU E 631 -16.93 17.34 69.06
C GLU E 631 -18.07 17.18 68.07
N ASP E 632 -18.55 18.31 67.54
CA ASP E 632 -19.56 18.29 66.48
C ASP E 632 -18.91 18.20 65.09
N ALA E 633 -17.59 18.02 65.06
CA ALA E 633 -16.85 17.91 63.80
C ALA E 633 -17.27 16.67 63.03
N PRO E 634 -17.37 16.82 61.69
CA PRO E 634 -17.60 15.65 60.84
C PRO E 634 -16.32 14.83 60.84
N ASP E 635 -16.41 13.56 60.49
CA ASP E 635 -15.20 12.76 60.36
C ASP E 635 -14.48 13.15 59.07
N LEU E 636 -13.28 12.62 58.88
CA LEU E 636 -12.51 13.04 57.73
C LEU E 636 -11.54 11.95 57.28
N TYR E 637 -11.77 11.41 56.09
CA TYR E 637 -10.90 10.37 55.57
C TYR E 637 -10.25 10.86 54.29
N LEU E 638 -9.11 10.27 53.98
CA LEU E 638 -8.36 10.59 52.77
C LEU E 638 -7.93 9.30 52.08
N LEU E 639 -8.10 9.21 50.76
CA LEU E 639 -7.71 8.00 50.02
C LEU E 639 -6.98 8.27 48.69
N HIS E 640 -5.83 7.61 48.50
CA HIS E 640 -5.12 7.66 47.23
C HIS E 640 -4.09 6.53 47.05
N SER E 641 -3.53 6.45 45.85
CA SER E 641 -2.57 5.41 45.52
C SER E 641 -1.41 5.28 46.50
N ARG E 642 -0.95 6.40 47.07
CA ARG E 642 0.32 6.42 47.79
C ARG E 642 0.23 6.14 49.28
N PHE E 643 -0.24 4.94 49.62
CA PHE E 643 -0.26 4.45 51.00
C PHE E 643 0.38 3.06 51.06
N PRO E 644 0.94 2.70 52.21
CA PRO E 644 1.28 1.28 52.36
C PRO E 644 0.03 0.44 52.07
N ASN E 645 0.17 -0.63 51.30
CA ASN E 645 -0.97 -1.47 50.91
C ASN E 645 -1.90 -1.81 52.04
N ARG E 646 -1.37 -2.50 53.05
CA ARG E 646 -2.12 -2.83 54.25
C ARG E 646 -3.01 -1.68 54.67
N GLN E 647 -2.42 -0.49 54.81
CA GLN E 647 -3.18 0.67 55.24
C GLN E 647 -4.30 0.99 54.25
N ARG E 648 -3.99 0.96 52.96
CA ARG E 648 -4.99 1.32 51.97
C ARG E 648 -6.18 0.38 52.03
N THR E 649 -5.90 -0.91 52.10
CA THR E 649 -6.98 -1.88 52.19
C THR E 649 -7.83 -1.57 53.39
N GLU E 650 -7.15 -1.19 54.47
CA GLU E 650 -7.80 -0.90 55.73
C GLU E 650 -8.70 0.32 55.57
N ILE E 651 -8.12 1.43 55.12
CA ILE E 651 -8.86 2.66 54.84
C ILE E 651 -10.09 2.43 53.95
N THR E 652 -9.86 1.80 52.79
CA THR E 652 -10.95 1.46 51.87
C THR E 652 -12.02 0.64 52.53
N ALA E 653 -11.58 -0.44 53.17
CA ALA E 653 -12.48 -1.33 53.91
C ALA E 653 -13.44 -0.51 54.69
N THR E 654 -12.95 0.22 55.70
CA THR E 654 -13.83 1.03 56.54
C THR E 654 -14.51 2.19 55.79
N ILE E 655 -13.93 2.64 54.69
CA ILE E 655 -14.59 3.70 53.94
C ILE E 655 -15.86 3.22 53.24
N VAL E 656 -15.91 1.95 52.86
CA VAL E 656 -17.12 1.44 52.21
C VAL E 656 -18.16 0.97 53.22
N ASP E 657 -17.71 0.57 54.40
CA ASP E 657 -18.61 0.10 55.43
C ASP E 657 -19.43 1.28 55.95
N LEU E 658 -18.91 2.48 55.72
CA LEU E 658 -19.60 3.71 56.05
C LEU E 658 -20.51 4.15 54.89
N PHE E 659 -19.92 4.35 53.71
CA PHE E 659 -20.68 4.98 52.64
C PHE E 659 -21.38 4.02 51.69
N GLY E 660 -21.15 2.72 51.83
CA GLY E 660 -21.63 1.77 50.84
C GLY E 660 -22.95 1.11 51.19
N LYS E 661 -23.36 0.17 50.35
CA LYS E 661 -24.66 -0.50 50.50
C LYS E 661 -24.82 -1.19 51.85
N GLU E 662 -23.92 -2.13 52.15
CA GLU E 662 -23.96 -2.87 53.40
C GLU E 662 -24.10 -1.89 54.54
N GLY E 663 -23.20 -0.92 54.59
CA GLY E 663 -23.21 0.04 55.68
C GLY E 663 -24.50 0.79 55.89
N ALA E 664 -25.46 0.61 55.00
CA ALA E 664 -26.72 1.33 55.08
C ALA E 664 -27.87 0.40 55.46
N GLN E 665 -27.66 -0.91 55.27
CA GLN E 665 -28.62 -1.93 55.69
C GLN E 665 -28.22 -2.47 57.06
N SER E 666 -27.50 -1.64 57.81
CA SER E 666 -26.98 -2.00 59.12
C SER E 666 -27.05 -0.76 59.98
N GLY E 667 -27.42 0.36 59.37
CA GLY E 667 -27.51 1.62 60.07
C GLY E 667 -26.16 2.17 60.48
N ARG E 668 -25.09 1.61 59.93
CA ARG E 668 -23.73 2.03 60.27
C ARG E 668 -23.38 3.37 59.60
N ARG E 669 -24.24 3.81 58.69
CA ARG E 669 -24.02 5.07 57.96
C ARG E 669 -23.97 6.26 58.89
N PRO E 670 -22.83 6.94 58.95
CA PRO E 670 -22.66 8.13 59.77
C PRO E 670 -23.80 9.15 59.58
N THR E 671 -24.54 9.38 60.65
CA THR E 671 -25.55 10.43 60.71
C THR E 671 -24.83 11.75 60.99
N ARG E 672 -23.76 11.67 61.78
CA ARG E 672 -22.85 12.79 61.96
C ARG E 672 -22.13 13.01 60.64
N GLY E 673 -21.92 14.27 60.27
CA GLY E 673 -21.18 14.59 59.06
C GLY E 673 -19.94 13.74 58.85
N ALA E 674 -19.64 13.45 57.59
CA ALA E 674 -18.45 12.71 57.24
C ALA E 674 -17.97 13.14 55.85
N VAL E 675 -16.65 13.24 55.68
CA VAL E 675 -16.08 13.76 54.43
C VAL E 675 -14.87 12.97 53.91
N LEU E 676 -14.96 12.53 52.66
CA LEU E 676 -13.84 11.82 52.04
C LEU E 676 -13.15 12.74 51.04
N VAL E 677 -11.84 12.89 51.21
CA VAL E 677 -11.02 13.54 50.21
C VAL E 677 -10.30 12.40 49.48
N ALA E 678 -10.20 12.49 48.15
CA ALA E 678 -9.64 11.40 47.37
C ALA E 678 -9.21 11.82 45.96
N THR E 679 -8.38 10.99 45.34
CA THR E 679 -7.99 11.17 43.94
C THR E 679 -8.80 10.22 43.06
N GLN E 680 -8.32 9.96 41.86
CA GLN E 680 -9.07 9.10 40.92
C GLN E 680 -9.23 7.63 41.35
N VAL E 681 -8.74 7.26 42.53
CA VAL E 681 -8.98 5.91 43.02
C VAL E 681 -10.47 5.63 43.12
N VAL E 682 -11.26 6.70 43.14
CA VAL E 682 -12.70 6.60 43.29
C VAL E 682 -13.35 6.29 41.95
N GLU E 683 -12.60 6.45 40.86
CA GLU E 683 -13.08 6.05 39.54
C GLU E 683 -13.05 4.55 39.42
N GLN E 684 -12.26 3.91 40.30
CA GLN E 684 -12.19 2.46 40.40
C GLN E 684 -13.38 1.89 41.14
N SER E 685 -13.46 0.57 41.22
CA SER E 685 -14.63 -0.04 41.85
C SER E 685 -14.57 0.18 43.37
N LEU E 686 -15.62 0.80 43.90
CA LEU E 686 -15.64 1.28 45.27
C LEU E 686 -17.06 1.59 45.66
N ASP E 687 -17.66 0.71 46.47
CA ASP E 687 -19.03 0.96 46.89
C ASP E 687 -19.12 2.22 47.74
N LEU E 688 -19.42 3.35 47.10
CA LEU E 688 -19.71 4.58 47.83
C LEU E 688 -21.03 5.17 47.38
N ASP E 689 -21.87 5.57 48.34
CA ASP E 689 -22.98 6.45 48.06
C ASP E 689 -22.76 7.68 48.90
N VAL E 690 -22.47 8.81 48.26
CA VAL E 690 -22.39 10.07 48.97
C VAL E 690 -23.56 10.96 48.63
N ASP E 691 -23.83 11.92 49.51
CA ASP E 691 -24.93 12.85 49.37
C ASP E 691 -24.54 13.99 48.48
N LEU E 692 -23.31 14.47 48.63
CA LEU E 692 -22.81 15.52 47.76
C LEU E 692 -21.43 15.13 47.28
N MET E 693 -21.09 15.49 46.05
CA MET E 693 -19.73 15.24 45.60
C MET E 693 -19.10 16.44 44.99
N ILE E 694 -17.84 16.65 45.32
CA ILE E 694 -17.12 17.78 44.78
C ILE E 694 -15.86 17.32 44.08
N SER E 695 -15.81 17.52 42.77
CA SER E 695 -14.64 17.19 41.99
C SER E 695 -14.12 18.36 41.15
N ASP E 696 -12.82 18.34 40.90
CA ASP E 696 -12.21 19.22 39.92
C ASP E 696 -12.72 18.85 38.56
N LEU E 697 -12.62 19.80 37.64
CA LEU E 697 -12.92 19.49 36.26
C LEU E 697 -12.00 18.35 35.86
N ALA E 698 -12.59 17.31 35.27
CA ALA E 698 -11.86 16.26 34.56
C ALA E 698 -12.69 15.92 33.29
N PRO E 699 -12.16 15.10 32.38
CA PRO E 699 -12.97 14.86 31.17
C PRO E 699 -14.33 14.24 31.47
N VAL E 700 -15.39 14.63 30.75
CA VAL E 700 -16.77 14.30 31.16
C VAL E 700 -17.08 12.86 31.45
N SER E 701 -16.48 11.98 30.67
CA SER E 701 -16.69 10.57 30.90
C SER E 701 -16.24 10.23 32.32
N LEU E 702 -15.06 10.73 32.69
CA LEU E 702 -14.56 10.53 34.03
C LEU E 702 -15.37 11.28 35.08
N LEU E 703 -15.78 12.49 34.74
CA LEU E 703 -16.66 13.27 35.60
C LEU E 703 -17.97 12.48 35.89
N LEU E 704 -18.59 12.00 34.81
CA LEU E 704 -19.81 11.21 34.93
C LEU E 704 -19.55 9.97 35.77
N GLN E 705 -18.36 9.40 35.64
CA GLN E 705 -18.07 8.12 36.28
C GLN E 705 -17.94 8.28 37.77
N ARG E 706 -17.08 9.23 38.17
CA ARG E 706 -16.97 9.74 39.54
C ARG E 706 -18.34 10.06 40.11
N ALA E 707 -19.22 10.61 39.29
CA ALA E 707 -20.51 11.06 39.77
C ALA E 707 -21.48 9.91 40.00
N GLY E 708 -21.13 8.71 39.52
CA GLY E 708 -21.98 7.56 39.69
C GLY E 708 -22.18 7.25 41.16
N ARG E 709 -21.31 7.80 41.98
CA ARG E 709 -21.36 7.59 43.41
C ARG E 709 -22.46 8.42 44.07
N CYS E 710 -22.89 9.51 43.42
CA CYS E 710 -23.92 10.40 43.95
C CYS E 710 -25.30 9.77 44.08
N TRP E 711 -25.76 9.59 45.32
CA TRP E 711 -27.07 9.00 45.61
C TRP E 711 -27.21 7.63 44.95
N ARG E 712 -26.07 6.96 44.83
CA ARG E 712 -25.98 5.65 44.19
C ARG E 712 -27.10 4.75 44.64
N HIS E 713 -27.21 4.55 45.95
CA HIS E 713 -28.14 3.59 46.50
C HIS E 713 -29.47 4.22 46.85
N GLU E 714 -29.92 5.15 46.02
CA GLU E 714 -31.18 5.81 46.28
C GLU E 714 -32.33 4.84 46.26
N HIS E 715 -32.31 3.88 45.37
CA HIS E 715 -33.47 3.04 45.16
C HIS E 715 -33.88 2.28 46.40
N LEU E 716 -32.92 1.86 47.19
CA LEU E 716 -33.23 1.22 48.44
C LEU E 716 -33.93 2.28 49.25
N GLY E 717 -34.86 1.87 50.10
CA GLY E 717 -35.59 2.78 50.97
C GLY E 717 -34.80 3.55 52.02
N ILE E 718 -33.73 2.95 52.49
CA ILE E 718 -33.04 3.29 53.72
C ILE E 718 -32.35 4.64 53.97
N ILE E 719 -31.60 5.16 53.02
CA ILE E 719 -30.77 6.34 53.30
C ILE E 719 -31.58 7.61 53.57
N ASN E 720 -31.42 8.14 54.77
CA ASN E 720 -32.04 9.40 55.17
C ASN E 720 -31.13 10.57 54.82
N ARG E 721 -31.46 11.28 53.75
CA ARG E 721 -30.59 12.35 53.29
C ARG E 721 -30.93 13.67 53.96
N PRO E 722 -29.90 14.36 54.45
CA PRO E 722 -30.04 15.70 55.06
C PRO E 722 -30.75 16.67 54.12
N GLN E 723 -31.35 17.70 54.70
CA GLN E 723 -32.31 18.53 54.01
C GLN E 723 -31.64 19.50 53.06
N TRP E 724 -30.36 19.77 53.30
CA TRP E 724 -29.61 20.62 52.37
C TRP E 724 -29.37 19.89 51.05
N ALA E 725 -29.59 18.58 51.08
CA ALA E 725 -29.39 17.72 49.92
C ALA E 725 -30.73 17.43 49.25
N LYS E 726 -31.12 18.31 48.33
CA LYS E 726 -32.41 18.17 47.68
C LYS E 726 -32.35 17.20 46.51
N GLN E 727 -31.26 17.26 45.75
CA GLN E 727 -31.09 16.41 44.60
C GLN E 727 -29.69 15.83 44.60
N PRO E 728 -29.45 14.81 43.78
CA PRO E 728 -28.04 14.45 43.66
C PRO E 728 -27.33 15.56 42.89
N GLU E 729 -26.17 15.98 43.37
CA GLU E 729 -25.52 17.10 42.74
C GLU E 729 -24.00 16.99 42.66
N LEU E 730 -23.47 17.18 41.46
CA LEU E 730 -22.03 17.18 41.26
C LEU E 730 -21.55 18.63 41.22
N VAL E 731 -20.54 18.94 42.03
CA VAL E 731 -19.98 20.29 42.02
C VAL E 731 -18.63 20.28 41.32
N VAL E 732 -18.56 20.90 40.16
CA VAL E 732 -17.34 20.83 39.36
C VAL E 732 -16.48 22.10 39.50
N LEU E 733 -15.30 21.95 40.10
CA LEU E 733 -14.47 23.12 40.38
C LEU E 733 -13.51 23.43 39.24
N THR E 734 -13.79 24.51 38.52
CA THR E 734 -12.89 25.05 37.51
C THR E 734 -12.25 26.36 37.98
N PRO E 735 -11.05 26.69 37.47
CA PRO E 735 -10.40 27.96 37.81
C PRO E 735 -11.16 29.18 37.28
N GLU E 736 -10.78 30.35 37.80
CA GLU E 736 -11.30 31.62 37.31
C GLU E 736 -10.33 32.23 36.29
N GLN E 737 -10.86 32.80 35.20
CA GLN E 737 -10.02 33.23 34.09
C GLN E 737 -9.90 34.76 33.97
N ASN E 738 -9.03 35.23 33.08
CA ASN E 738 -9.03 36.67 32.75
C ASN E 738 -9.49 36.93 31.32
N ARG E 743 -7.95 33.82 25.40
CA ARG E 743 -9.39 33.89 25.58
C ARG E 743 -10.00 32.47 25.54
N ALA E 744 -9.12 31.46 25.56
CA ALA E 744 -9.52 30.06 25.75
C ALA E 744 -9.03 29.65 27.14
N PRO E 745 -9.76 28.75 27.81
CA PRO E 745 -9.54 28.47 29.25
C PRO E 745 -8.13 28.03 29.62
N TRP E 746 -7.72 28.31 30.86
CA TRP E 746 -6.40 27.95 31.37
C TRP E 746 -6.62 27.02 32.53
N PHE E 747 -5.73 26.03 32.73
CA PHE E 747 -5.86 25.18 33.91
C PHE E 747 -4.54 25.00 34.65
N PRO E 748 -4.61 24.63 35.94
CA PRO E 748 -3.36 24.45 36.67
C PRO E 748 -2.47 23.46 35.93
N ARG E 749 -1.17 23.65 36.03
CA ARG E 749 -0.24 22.81 35.33
C ARG E 749 -0.31 21.38 35.87
N SER E 750 -0.65 21.26 37.14
CA SER E 750 -0.79 19.96 37.78
C SER E 750 -1.93 19.15 37.14
N TRP E 751 -2.86 19.86 36.51
CA TRP E 751 -3.98 19.21 35.87
C TRP E 751 -3.65 18.82 34.43
N THR E 752 -3.09 19.75 33.67
CA THR E 752 -2.75 19.49 32.29
C THR E 752 -1.60 18.52 32.19
N SER E 753 -1.15 18.06 33.34
CA SER E 753 -0.09 17.09 33.44
C SER E 753 -0.65 15.70 33.65
N VAL E 754 -1.94 15.60 33.95
CA VAL E 754 -2.59 14.30 34.06
C VAL E 754 -3.70 14.15 33.03
N TYR E 755 -4.26 15.29 32.60
CA TYR E 755 -5.22 15.26 31.51
C TYR E 755 -4.84 16.27 30.46
N PRO E 756 -4.97 15.92 29.17
CA PRO E 756 -4.68 16.85 28.07
C PRO E 756 -5.33 18.17 28.33
N LEU E 757 -4.62 19.26 28.06
CA LEU E 757 -5.23 20.56 28.22
C LEU E 757 -6.53 20.62 27.41
N ALA E 758 -6.44 20.29 26.11
CA ALA E 758 -7.58 20.37 25.19
C ALA E 758 -8.83 19.70 25.73
N LEU E 759 -8.68 18.47 26.18
CA LEU E 759 -9.79 17.72 26.76
C LEU E 759 -10.48 18.43 27.94
N LEU E 760 -9.67 18.99 28.84
CA LEU E 760 -10.20 19.82 29.92
C LEU E 760 -11.03 20.94 29.32
N GLN E 761 -10.35 21.80 28.57
CA GLN E 761 -10.97 22.85 27.81
C GLN E 761 -12.31 22.42 27.20
N ARG E 762 -12.28 21.34 26.42
CA ARG E 762 -13.48 20.86 25.75
C ARG E 762 -14.62 20.55 26.72
N THR E 763 -14.29 20.05 27.90
CA THR E 763 -15.31 19.66 28.86
C THR E 763 -15.98 20.90 29.44
N TYR E 764 -15.16 21.90 29.78
CA TYR E 764 -15.66 23.14 30.34
C TYR E 764 -16.66 23.78 29.42
N THR E 765 -16.26 23.92 28.16
CA THR E 765 -17.10 24.50 27.11
C THR E 765 -18.43 23.75 26.96
N LEU E 766 -18.34 22.43 26.94
CA LEU E 766 -19.52 21.56 26.88
C LEU E 766 -20.46 21.74 28.08
N LEU E 767 -19.87 21.93 29.26
CA LEU E 767 -20.63 22.14 30.49
C LEU E 767 -21.19 23.56 30.67
N ARG E 768 -20.47 24.57 30.18
CA ARG E 768 -21.01 25.92 30.15
C ARG E 768 -22.19 25.90 29.21
N ARG E 769 -22.01 25.23 28.09
CA ARG E 769 -23.02 25.24 27.06
C ARG E 769 -24.35 24.72 27.59
N ARG E 770 -24.32 23.77 28.52
CA ARG E 770 -25.55 23.18 29.02
C ARG E 770 -26.35 24.10 29.95
N ASN E 771 -25.71 25.17 30.42
CA ASN E 771 -26.38 26.18 31.24
C ASN E 771 -27.14 25.65 32.46
N GLY E 772 -26.42 25.21 33.48
CA GLY E 772 -27.04 24.74 34.72
C GLY E 772 -27.99 23.56 34.62
N ALA E 773 -28.47 23.26 33.42
CA ALA E 773 -29.36 22.13 33.22
C ALA E 773 -28.73 20.84 33.76
N PRO E 774 -29.53 20.05 34.50
CA PRO E 774 -29.09 18.80 35.12
C PRO E 774 -28.91 17.75 34.04
N VAL E 775 -28.41 16.58 34.43
CA VAL E 775 -28.16 15.50 33.47
C VAL E 775 -29.12 14.32 33.66
N GLN E 776 -29.89 14.01 32.62
CA GLN E 776 -30.74 12.83 32.65
C GLN E 776 -29.89 11.57 32.78
N ILE E 777 -30.27 10.70 33.69
CA ILE E 777 -29.56 9.42 33.83
C ILE E 777 -30.42 8.21 33.49
N PRO E 778 -30.00 7.44 32.49
CA PRO E 778 -28.82 7.56 31.61
C PRO E 778 -29.05 8.24 30.25
N GLU E 779 -30.19 8.91 30.06
CA GLU E 779 -30.56 9.46 28.75
C GLU E 779 -29.55 10.44 28.15
N ASP E 780 -29.05 11.35 28.97
CA ASP E 780 -28.14 12.39 28.47
C ASP E 780 -26.68 11.93 28.41
N VAL E 781 -26.35 10.86 29.11
CA VAL E 781 -24.96 10.47 29.35
C VAL E 781 -24.09 10.20 28.11
N GLN E 782 -24.46 9.17 27.35
CA GLN E 782 -23.69 8.71 26.18
C GLN E 782 -23.42 9.83 25.19
N GLN E 783 -24.36 10.76 25.05
CA GLN E 783 -24.22 11.88 24.14
C GLN E 783 -23.09 12.79 24.57
N LEU E 784 -23.07 13.16 25.85
CA LEU E 784 -22.01 14.00 26.38
C LEU E 784 -20.68 13.38 26.04
N VAL E 785 -20.64 12.06 26.19
CA VAL E 785 -19.43 11.29 25.97
C VAL E 785 -19.01 11.31 24.51
N ASP E 786 -19.97 11.33 23.60
CA ASP E 786 -19.64 11.32 22.17
C ASP E 786 -19.27 12.73 21.75
N ASP E 787 -20.13 13.67 22.14
CA ASP E 787 -19.98 15.08 21.78
C ASP E 787 -18.66 15.69 22.21
N VAL E 788 -18.16 15.34 23.39
CA VAL E 788 -16.95 15.97 23.93
C VAL E 788 -15.75 15.80 22.99
N TYR E 789 -15.78 14.75 22.18
CA TYR E 789 -14.75 14.54 21.17
C TYR E 789 -15.22 14.94 19.78
N ASP E 790 -16.43 14.51 19.43
CA ASP E 790 -17.01 14.73 18.10
C ASP E 790 -17.23 16.20 17.70
N ASP E 791 -17.73 17.02 18.63
CA ASP E 791 -18.02 18.43 18.36
C ASP E 791 -16.77 19.31 18.40
N ASP E 792 -16.25 19.70 17.25
CA ASP E 792 -14.98 20.44 17.21
C ASP E 792 -15.13 21.89 17.64
N SER E 793 -16.36 22.33 17.80
CA SER E 793 -16.61 23.71 18.14
C SER E 793 -16.30 23.97 19.60
N LEU E 794 -15.94 22.91 20.33
CA LEU E 794 -15.64 23.03 21.76
C LEU E 794 -14.18 23.35 21.98
N ALA E 795 -13.34 22.95 21.02
CA ALA E 795 -11.91 23.21 21.10
C ALA E 795 -11.56 24.62 20.61
N GLU E 796 -11.72 25.60 21.51
CA GLU E 796 -11.42 26.99 21.23
C GLU E 796 -9.93 27.23 20.97
N ASP E 797 -9.09 26.58 21.78
CA ASP E 797 -7.64 26.61 21.61
C ASP E 797 -7.26 25.55 20.59
N LEU E 798 -6.86 25.97 19.39
CA LEU E 798 -6.59 25.00 18.35
C LEU E 798 -5.27 24.31 18.59
N GLU E 799 -4.26 25.10 18.94
CA GLU E 799 -2.92 24.60 19.15
C GLU E 799 -2.98 23.43 20.13
N ALA E 800 -3.55 23.70 21.30
CA ALA E 800 -3.73 22.69 22.34
C ALA E 800 -4.36 21.42 21.80
N ASP E 801 -5.41 21.53 21.04
CA ASP E 801 -6.10 20.36 20.52
C ASP E 801 -5.14 19.66 19.61
N MET E 802 -4.55 20.39 18.70
CA MET E 802 -3.64 19.79 17.74
C MET E 802 -2.63 18.88 18.43
N GLU E 803 -2.15 19.32 19.58
CA GLU E 803 -1.23 18.54 20.35
C GLU E 803 -1.89 17.30 20.95
N ARG E 804 -3.07 17.47 21.53
CA ARG E 804 -3.80 16.36 22.12
C ARG E 804 -3.91 15.22 21.12
N MET E 805 -4.43 15.53 19.95
CA MET E 805 -4.53 14.53 18.90
C MET E 805 -3.17 13.96 18.59
N GLY E 806 -2.15 14.76 18.81
CA GLY E 806 -0.81 14.35 18.45
C GLY E 806 -0.31 13.34 19.46
N GLU E 807 -0.60 13.60 20.73
CA GLU E 807 -0.17 12.72 21.81
C GLU E 807 -0.84 11.38 21.65
N GLU E 808 -2.09 11.39 21.20
CA GLU E 808 -2.86 10.18 21.03
C GLU E 808 -2.32 9.37 19.87
N LEU E 809 -1.76 10.07 18.89
CA LEU E 809 -1.21 9.40 17.75
C LEU E 809 0.08 8.71 18.13
N ALA E 810 0.74 9.26 19.14
CA ALA E 810 2.01 8.70 19.59
C ALA E 810 1.72 7.42 20.29
N GLN E 811 0.66 7.45 21.09
CA GLN E 811 0.25 6.29 21.85
C GLN E 811 -0.12 5.14 20.94
N ARG E 812 -0.97 5.39 19.95
CA ARG E 812 -1.36 4.32 19.05
C ARG E 812 -0.13 3.83 18.31
N GLY E 813 0.78 4.75 18.06
CA GLY E 813 1.94 4.45 17.26
C GLY E 813 2.82 3.48 17.98
N LEU E 814 3.09 3.77 19.24
CA LEU E 814 3.97 2.91 20.01
C LEU E 814 3.38 1.50 20.09
N ALA E 815 2.06 1.42 20.14
CA ALA E 815 1.36 0.17 20.27
C ALA E 815 1.52 -0.65 19.02
N ARG E 816 1.32 -0.02 17.86
CA ARG E 816 1.39 -0.74 16.59
C ARG E 816 2.75 -1.42 16.47
N ASN E 817 3.77 -0.70 16.93
CA ASN E 817 5.14 -1.22 17.04
C ASN E 817 5.29 -2.48 17.87
N ALA E 818 4.60 -2.53 18.99
CA ALA E 818 4.77 -3.62 19.93
C ALA E 818 4.07 -4.91 19.49
N VAL E 819 3.06 -4.79 18.62
CA VAL E 819 2.16 -5.91 18.44
C VAL E 819 2.56 -6.84 17.32
N ILE E 820 1.96 -8.02 17.35
CA ILE E 820 2.24 -9.04 16.38
C ILE E 820 1.60 -8.63 15.06
N PRO E 821 1.97 -9.29 13.96
CA PRO E 821 1.34 -9.08 12.66
C PRO E 821 -0.17 -9.29 12.64
N ASP E 822 -0.88 -8.51 11.83
CA ASP E 822 -2.26 -8.80 11.47
C ASP E 822 -2.34 -10.18 10.84
N PRO E 823 -3.25 -11.03 11.30
CA PRO E 823 -3.28 -12.44 10.91
C PRO E 823 -3.00 -12.69 9.42
N ASP E 824 -3.54 -11.87 8.53
CA ASP E 824 -3.29 -12.09 7.11
C ASP E 824 -1.85 -11.89 6.74
N ASP E 825 -1.14 -11.01 7.45
CA ASP E 825 0.30 -10.87 7.24
C ASP E 825 1.06 -12.04 7.81
N ALA E 826 0.45 -12.76 8.71
CA ALA E 826 1.10 -13.92 9.26
C ALA E 826 0.65 -15.19 8.54
N GLU E 827 -0.10 -15.04 7.44
CA GLU E 827 -0.62 -16.18 6.68
C GLU E 827 0.42 -17.25 6.31
N ASP E 828 1.55 -16.86 5.72
CA ASP E 828 2.58 -17.85 5.32
C ASP E 828 3.89 -17.76 6.09
N ASN E 829 3.91 -16.96 7.14
CA ASN E 829 5.15 -16.68 7.85
C ASN E 829 4.91 -16.32 9.32
N LEU E 830 5.61 -17.00 10.21
CA LEU E 830 5.35 -16.86 11.64
C LEU E 830 6.42 -16.01 12.29
N ASN E 831 7.49 -15.72 11.57
CA ASN E 831 8.60 -15.01 12.17
C ASN E 831 8.21 -13.68 12.81
N GLY E 832 7.23 -13.00 12.22
CA GLY E 832 6.79 -11.71 12.72
C GLY E 832 6.34 -11.74 14.16
N LEU E 833 5.91 -12.92 14.60
CA LEU E 833 5.27 -13.04 15.91
C LEU E 833 6.23 -12.78 17.07
N THR E 834 7.54 -12.79 16.81
CA THR E 834 8.54 -12.84 17.88
C THR E 834 9.76 -12.02 17.57
N GLU E 835 9.74 -11.33 16.43
CA GLU E 835 10.82 -10.47 15.96
C GLU E 835 10.92 -9.22 16.80
N PHE E 836 12.04 -8.98 17.45
CA PHE E 836 12.24 -7.69 18.13
C PHE E 836 13.69 -7.36 18.31
N VAL E 844 11.40 -5.73 28.14
CA VAL E 844 10.09 -6.26 27.74
C VAL E 844 9.12 -5.17 27.19
N LEU E 845 8.42 -5.48 26.11
CA LEU E 845 7.35 -4.60 25.64
C LEU E 845 6.22 -4.52 26.70
N ALA E 846 5.51 -3.39 26.72
CA ALA E 846 4.56 -3.15 27.80
C ALA E 846 3.13 -3.35 27.35
N THR E 847 2.29 -3.83 28.26
CA THR E 847 0.85 -3.89 28.02
C THR E 847 0.16 -2.54 28.25
N ARG E 848 0.82 -1.60 28.94
CA ARG E 848 0.27 -0.26 29.16
C ARG E 848 1.29 0.83 28.88
N PHE E 849 0.83 1.90 28.21
CA PHE E 849 1.67 3.05 27.87
C PHE E 849 2.05 3.86 29.11
N GLY E 850 3.23 4.48 29.05
CA GLY E 850 3.70 5.32 30.15
C GLY E 850 4.99 4.87 30.83
N ALA E 851 5.31 5.45 31.97
CA ALA E 851 6.61 5.18 32.58
C ALA E 851 6.53 4.15 33.69
N GLY E 852 5.34 3.93 34.22
CA GLY E 852 5.19 2.86 35.18
C GLY E 852 5.41 3.20 36.63
N SER E 853 5.36 2.19 37.46
CA SER E 853 5.50 2.38 38.88
C SER E 853 6.54 1.42 39.40
N VAL E 854 7.35 1.87 40.35
CA VAL E 854 8.15 0.93 41.11
C VAL E 854 7.53 0.92 42.48
N ARG E 855 7.74 -0.16 43.22
CA ARG E 855 7.19 -0.25 44.57
C ARG E 855 8.29 0.10 45.55
N VAL E 856 8.01 1.03 46.46
CA VAL E 856 9.00 1.36 47.47
C VAL E 856 8.59 0.78 48.81
N LEU E 857 9.57 0.67 49.70
CA LEU E 857 9.36 0.27 51.08
C LEU E 857 10.12 1.29 51.89
N CYS E 858 9.45 1.90 52.85
CA CYS E 858 10.16 2.76 53.77
C CYS E 858 10.73 1.98 54.93
N TYR E 859 12.02 2.18 55.19
CA TYR E 859 12.66 1.71 56.41
C TYR E 859 13.07 2.90 57.28
N TYR E 860 13.15 2.70 58.58
CA TYR E 860 13.44 3.78 59.51
C TYR E 860 14.82 3.65 60.17
N VAL E 861 15.57 4.76 60.23
CA VAL E 861 16.89 4.73 60.89
C VAL E 861 17.17 5.84 61.93
N ASP E 862 17.65 5.43 63.11
CA ASP E 862 18.11 6.36 64.14
C ASP E 862 19.56 6.78 63.90
N THR E 863 20.21 7.32 64.94
CA THR E 863 21.57 7.84 64.84
C THR E 863 22.62 6.74 64.93
N ALA E 864 22.21 5.58 65.43
CA ALA E 864 23.08 4.42 65.61
C ALA E 864 24.04 4.05 64.44
N GLY E 865 23.56 4.03 63.19
CA GLY E 865 22.16 4.12 62.83
C GLY E 865 21.64 2.74 62.52
N ASN E 866 20.54 2.36 63.17
CA ASN E 866 19.95 1.04 62.95
C ASN E 866 18.57 1.02 62.26
N ARG E 867 18.26 -0.12 61.65
CA ARG E 867 17.22 -0.25 60.62
C ARG E 867 15.90 -0.79 61.12
N TRP E 868 14.83 -0.03 61.00
CA TRP E 868 13.52 -0.50 61.47
C TRP E 868 12.37 -0.31 60.49
N LEU E 869 11.48 -1.30 60.46
CA LEU E 869 10.30 -1.25 59.62
C LEU E 869 9.22 -0.33 60.17
N ASP E 870 9.47 0.35 61.29
CA ASP E 870 8.42 1.15 61.92
C ASP E 870 8.91 2.47 62.52
N PRO E 871 7.99 3.41 62.80
CA PRO E 871 8.43 4.71 63.34
C PRO E 871 8.96 4.63 64.77
N GLU E 872 8.40 3.70 65.53
CA GLU E 872 8.77 3.48 66.92
C GLU E 872 10.10 2.71 67.07
N CYS E 873 10.65 2.25 65.96
CA CYS E 873 11.90 1.47 65.91
C CYS E 873 11.92 0.21 66.73
N THR E 874 10.76 -0.42 66.94
CA THR E 874 10.74 -1.71 67.63
C THR E 874 11.14 -2.82 66.67
N VAL E 875 10.28 -3.06 65.69
CA VAL E 875 10.54 -4.06 64.65
C VAL E 875 11.83 -3.78 63.90
N GLU E 876 12.79 -4.71 63.96
CA GLU E 876 14.03 -4.51 63.22
C GLU E 876 13.90 -5.02 61.79
N PHE E 877 14.63 -4.35 60.91
CA PHE E 877 14.65 -4.62 59.49
C PHE E 877 15.24 -5.99 59.24
N PRO E 878 14.54 -6.84 58.47
CA PRO E 878 14.99 -8.22 58.27
C PRO E 878 16.00 -8.36 57.14
N GLU E 879 17.25 -8.65 57.50
CA GLU E 879 18.31 -8.82 56.52
C GLU E 879 18.19 -10.18 55.87
N GLN E 880 17.56 -11.11 56.56
CA GLN E 880 17.35 -12.46 56.05
C GLN E 880 15.99 -12.98 56.46
N GLY E 881 15.53 -14.01 55.77
CA GLY E 881 14.18 -14.51 55.97
C GLY E 881 14.00 -15.35 57.22
N THR E 882 13.14 -16.35 57.11
CA THR E 882 12.88 -17.24 58.23
C THR E 882 12.94 -18.68 57.75
N GLY E 883 13.92 -19.42 58.28
CA GLY E 883 14.09 -20.82 57.95
C GLY E 883 15.01 -21.02 56.75
N ARG E 884 15.77 -22.10 56.80
CA ARG E 884 16.53 -22.56 55.64
C ARG E 884 17.48 -21.47 55.12
N GLU E 885 18.57 -21.27 55.86
CA GLU E 885 19.63 -20.34 55.48
C GLU E 885 19.17 -18.87 55.63
N GLY E 886 17.90 -18.70 55.96
CA GLY E 886 17.33 -17.36 56.06
C GLY E 886 16.78 -16.98 54.71
N ARG E 887 16.46 -18.00 53.91
CA ARG E 887 15.73 -17.81 52.68
C ARG E 887 14.34 -17.31 53.07
N PHE E 888 13.77 -16.45 52.22
CA PHE E 888 12.49 -15.80 52.50
C PHE E 888 11.32 -16.70 52.17
N THR E 889 10.35 -16.77 53.08
CA THR E 889 9.17 -17.56 52.81
C THR E 889 8.23 -16.79 51.88
N MET E 890 7.20 -17.46 51.37
CA MET E 890 6.16 -16.75 50.67
C MET E 890 5.54 -15.86 51.72
N ALA E 891 5.23 -16.46 52.86
CA ALA E 891 4.69 -15.76 54.02
C ALA E 891 5.44 -14.49 54.35
N ASP E 892 6.76 -14.59 54.44
CA ASP E 892 7.55 -13.42 54.76
C ASP E 892 7.31 -12.34 53.73
N CYS E 893 7.26 -12.73 52.46
CA CYS E 893 7.08 -11.78 51.37
C CYS E 893 5.79 -10.98 51.52
N ARG E 894 4.70 -11.65 51.87
CA ARG E 894 3.42 -10.97 52.03
C ARG E 894 3.54 -9.91 53.10
N ASP E 895 4.26 -10.24 54.17
CA ASP E 895 4.45 -9.35 55.32
C ASP E 895 5.18 -8.11 54.90
N LEU E 896 6.21 -8.31 54.08
CA LEU E 896 6.98 -7.20 53.60
C LEU E 896 6.12 -6.40 52.67
N VAL E 897 5.76 -7.00 51.54
CA VAL E 897 4.99 -6.30 50.51
C VAL E 897 3.83 -5.44 51.05
N ALA E 898 3.11 -5.97 52.04
CA ALA E 898 1.97 -5.25 52.63
C ALA E 898 2.32 -3.86 53.15
N ARG E 899 3.62 -3.59 53.27
CA ARG E 899 4.10 -2.30 53.74
C ARG E 899 4.55 -1.45 52.58
N THR E 900 4.65 -2.04 51.40
CA THR E 900 5.14 -1.30 50.24
C THR E 900 4.15 -0.24 49.78
N ILE E 901 4.64 0.65 48.94
CA ILE E 901 3.79 1.60 48.29
C ILE E 901 4.28 1.89 46.87
N PRO E 902 3.33 1.94 45.92
CA PRO E 902 3.65 2.18 44.50
C PRO E 902 3.91 3.65 44.25
N VAL E 903 4.96 3.96 43.49
CA VAL E 903 5.28 5.35 43.17
C VAL E 903 5.55 5.51 41.69
N ARG E 904 5.02 6.57 41.07
CA ARG E 904 5.21 6.78 39.64
C ARG E 904 6.67 6.96 39.32
N MET E 905 7.10 6.29 38.26
CA MET E 905 8.47 6.33 37.82
C MET E 905 8.85 7.71 37.36
N GLY E 906 9.96 8.22 37.88
CA GLY E 906 10.40 9.55 37.52
C GLY E 906 11.91 9.68 37.47
N PRO E 907 12.41 10.91 37.57
CA PRO E 907 13.83 11.23 37.49
C PRO E 907 14.58 10.77 38.73
N TRP E 908 13.93 10.85 39.90
CA TRP E 908 14.50 10.38 41.15
C TRP E 908 15.00 8.95 41.07
N ALA E 909 14.62 8.25 40.00
CA ALA E 909 15.00 6.85 39.85
C ALA E 909 16.36 6.75 39.21
N SER E 910 16.67 7.70 38.34
CA SER E 910 17.96 7.74 37.67
C SER E 910 19.02 8.04 38.71
N GLN E 911 18.64 8.89 39.66
CA GLN E 911 19.57 9.33 40.69
C GLN E 911 19.36 8.63 42.02
N LEU E 912 19.32 7.30 41.99
CA LEU E 912 19.22 6.56 43.22
C LEU E 912 20.62 6.40 43.80
N THR E 913 20.69 6.32 45.13
CA THR E 913 21.95 6.02 45.80
C THR E 913 21.96 4.55 46.15
N GLU E 914 23.03 4.09 46.79
CA GLU E 914 23.13 2.68 47.18
C GLU E 914 22.38 2.42 48.48
N ASP E 915 21.95 3.48 49.13
CA ASP E 915 21.13 3.36 50.33
C ASP E 915 19.67 3.04 50.00
N ASN E 916 19.40 2.76 48.73
CA ASN E 916 18.03 2.53 48.32
C ASN E 916 17.78 1.12 47.80
N HIS E 917 18.86 0.33 47.69
CA HIS E 917 18.73 -1.04 47.19
C HIS E 917 18.80 -2.07 48.32
N PRO E 918 18.12 -3.22 48.14
CA PRO E 918 17.98 -4.19 49.22
C PRO E 918 19.19 -5.11 49.35
N PRO E 919 19.46 -5.61 50.57
CA PRO E 919 20.60 -6.49 50.83
C PRO E 919 20.58 -7.70 49.92
N GLU E 920 21.76 -8.22 49.61
CA GLU E 920 21.91 -9.29 48.64
C GLU E 920 20.96 -10.45 48.91
N ALA E 921 20.78 -10.73 50.19
CA ALA E 921 19.86 -11.78 50.67
C ALA E 921 18.45 -11.65 50.09
N TRP E 922 18.11 -10.45 49.62
CA TRP E 922 16.80 -10.21 49.04
C TRP E 922 16.73 -10.61 47.57
N ARG E 923 17.80 -10.37 46.82
CA ARG E 923 17.75 -10.53 45.36
C ARG E 923 17.37 -11.95 44.89
N GLU E 924 17.48 -12.94 45.79
CA GLU E 924 17.14 -14.33 45.47
C GLU E 924 15.63 -14.57 45.39
N SER E 925 14.85 -13.59 45.84
CA SER E 925 13.40 -13.65 45.78
C SER E 925 12.87 -12.86 44.60
N PHE E 926 12.01 -13.48 43.79
CA PHE E 926 11.35 -12.78 42.68
C PHE E 926 10.70 -11.50 43.18
N TYR E 927 9.91 -11.63 44.22
CA TYR E 927 9.08 -10.57 44.72
C TYR E 927 9.73 -9.34 45.29
N LEU E 928 10.77 -9.51 46.10
CA LEU E 928 11.37 -8.36 46.76
C LEU E 928 12.62 -7.91 46.08
N ARG E 929 12.96 -8.56 44.99
CA ARG E 929 14.20 -8.31 44.32
C ARG E 929 14.29 -6.88 43.84
N ASP E 930 13.22 -6.35 43.29
CA ASP E 930 13.25 -5.05 42.65
C ASP E 930 12.68 -3.90 43.48
N LEU E 931 12.45 -4.12 44.75
CA LEU E 931 11.94 -3.08 45.61
C LEU E 931 12.93 -1.96 45.76
N VAL E 932 12.45 -0.75 45.92
CA VAL E 932 13.29 0.40 46.23
C VAL E 932 13.08 0.81 47.68
N LEU E 933 14.17 1.06 48.41
CA LEU E 933 14.10 1.38 49.84
C LEU E 933 14.18 2.89 50.10
N ILE E 934 13.28 3.37 50.97
CA ILE E 934 13.20 4.80 51.27
C ILE E 934 13.53 5.12 52.73
N PRO E 935 14.70 5.74 52.96
CA PRO E 935 15.13 6.17 54.30
C PRO E 935 14.21 7.18 54.93
N GLN E 936 13.91 6.94 56.20
CA GLN E 936 13.24 7.93 57.01
C GLN E 936 14.07 8.16 58.27
N ARG E 937 14.45 9.41 58.51
CA ARG E 937 15.28 9.76 59.66
C ARG E 937 14.40 9.95 60.87
N VAL E 938 14.44 8.97 61.77
CA VAL E 938 13.79 9.13 63.05
C VAL E 938 14.87 9.61 64.03
N THR E 939 14.51 10.60 64.84
CA THR E 939 15.42 11.16 65.83
C THR E 939 15.16 10.49 67.18
N ASP E 940 16.18 10.41 68.04
CA ASP E 940 16.05 9.70 69.32
C ASP E 940 14.99 10.31 70.24
N GLU E 941 14.45 11.45 69.82
CA GLU E 941 13.31 12.10 70.47
C GLU E 941 12.01 11.46 70.00
N GLY E 942 12.12 10.64 68.95
CA GLY E 942 11.00 9.87 68.41
C GLY E 942 10.32 10.43 67.16
N ALA E 943 10.91 11.45 66.55
CA ALA E 943 10.27 12.13 65.42
C ALA E 943 10.85 11.70 64.07
N VAL E 944 9.97 11.46 63.11
CA VAL E 944 10.39 11.13 61.76
C VAL E 944 10.52 12.39 60.92
N LEU E 945 11.66 12.54 60.28
CA LEU E 945 11.87 13.75 59.50
C LEU E 945 12.15 13.46 58.01
N PRO E 946 11.60 14.30 57.12
CA PRO E 946 11.70 14.24 55.66
C PRO E 946 13.13 14.04 55.19
N THR E 947 13.38 12.94 54.50
CA THR E 947 14.74 12.51 54.16
C THR E 947 14.97 12.44 52.66
N GLU E 948 16.17 12.83 52.26
CA GLU E 948 16.49 12.96 50.85
C GLU E 948 16.79 11.62 50.20
N THR E 949 16.30 11.44 48.99
CA THR E 949 16.64 10.29 48.15
C THR E 949 16.18 10.55 46.73
N GLY E 950 17.09 10.40 45.78
CA GLY E 950 16.78 10.63 44.38
C GLY E 950 16.71 12.10 44.03
N GLY E 951 17.16 12.96 44.93
CA GLY E 951 17.11 14.37 44.67
C GLY E 951 15.81 15.04 45.07
N ARG E 952 15.06 14.40 45.96
CA ARG E 952 13.97 15.09 46.66
C ARG E 952 13.79 14.56 48.06
N GLU E 953 12.87 15.14 48.82
CA GLU E 953 12.71 14.72 50.21
C GLU E 953 11.38 14.02 50.46
N TRP E 954 11.46 12.83 51.07
CA TRP E 954 10.33 11.93 51.21
C TRP E 954 9.90 11.82 52.65
N LEU E 955 8.63 12.11 52.91
CA LEU E 955 8.14 11.88 54.26
C LEU E 955 6.89 11.03 54.23
N LEU E 956 6.88 9.96 55.02
CA LEU E 956 5.76 9.05 55.06
C LEU E 956 4.88 9.38 56.26
N ASP E 957 4.01 10.36 56.08
CA ASP E 957 3.10 10.75 57.15
C ASP E 957 2.05 9.67 57.28
N PRO E 958 1.75 9.23 58.51
CA PRO E 958 0.89 8.06 58.71
C PRO E 958 -0.57 8.33 58.38
N CYS E 959 -0.99 9.58 58.29
CA CYS E 959 -2.37 9.80 57.89
C CYS E 959 -2.53 10.44 56.50
N LYS E 960 -1.42 10.67 55.80
CA LYS E 960 -1.47 11.18 54.42
C LYS E 960 -0.62 10.38 53.42
N GLY E 961 0.00 9.31 53.89
CA GLY E 961 0.80 8.47 53.03
C GLY E 961 2.11 9.16 52.67
N LEU E 962 2.71 8.72 51.58
CA LEU E 962 4.01 9.24 51.18
C LEU E 962 3.86 10.68 50.78
N ILE E 963 4.84 11.50 51.14
CA ILE E 963 4.80 12.91 50.77
C ILE E 963 6.10 13.29 50.09
N PHE E 964 5.97 13.87 48.91
CA PHE E 964 7.10 14.46 48.22
C PHE E 964 6.70 15.48 47.16
N PRO G 34 13.10 31.18 17.31
CA PRO G 34 13.31 30.69 18.68
C PRO G 34 14.78 30.53 19.07
N PRO G 35 15.26 31.31 20.07
CA PRO G 35 16.61 31.24 20.64
C PRO G 35 16.95 29.92 21.40
N LEU G 36 18.05 29.30 20.96
CA LEU G 36 18.47 27.98 21.40
C LEU G 36 18.75 27.91 22.90
N ASP G 37 17.88 27.21 23.62
CA ASP G 37 18.09 27.00 25.05
C ASP G 37 19.28 26.07 25.25
N LEU G 38 20.22 26.47 26.10
CA LEU G 38 21.42 25.66 26.31
C LEU G 38 21.28 24.74 27.51
N ARG G 39 20.10 24.71 28.14
CA ARG G 39 19.91 23.83 29.30
C ARG G 39 20.18 22.37 28.94
N PHE G 40 19.89 22.03 27.69
CA PHE G 40 19.92 20.66 27.19
C PHE G 40 21.32 20.18 26.95
N TRP G 41 21.71 19.18 27.75
CA TRP G 41 23.07 18.68 27.78
C TRP G 41 23.25 17.44 26.95
N ALA G 42 24.49 17.21 26.52
CA ALA G 42 24.88 16.08 25.72
C ALA G 42 25.83 15.19 26.49
N LYS G 43 26.54 15.76 27.44
CA LYS G 43 27.49 15.00 28.24
C LYS G 43 27.44 15.36 29.71
N GLU G 44 27.43 14.39 30.59
CA GLU G 44 27.53 14.65 32.00
C GLU G 44 28.60 13.81 32.73
N ARG G 45 28.88 12.64 32.21
CA ARG G 45 29.77 11.70 32.87
C ARG G 45 31.17 12.19 32.82
N GLY G 46 31.89 12.02 33.90
CA GLY G 46 33.30 12.34 33.91
C GLY G 46 33.59 13.82 34.04
N LEU G 47 32.55 14.60 34.27
CA LEU G 47 32.67 16.04 34.24
C LEU G 47 32.59 16.78 35.56
N ARG G 48 32.67 16.05 36.66
CA ARG G 48 32.77 16.69 37.96
C ARG G 48 31.62 17.61 38.32
N GLY G 49 30.41 17.22 37.99
CA GLY G 49 29.25 18.03 38.34
C GLY G 49 28.86 19.00 37.25
N LYS G 50 29.57 18.92 36.13
CA LYS G 50 29.34 19.84 35.02
C LYS G 50 28.60 19.16 33.85
N THR G 51 27.72 19.90 33.17
CA THR G 51 26.97 19.37 32.04
C THR G 51 27.27 20.09 30.72
N TYR G 52 28.00 19.42 29.85
CA TYR G 52 28.34 19.93 28.52
C TYR G 52 27.08 20.04 27.64
N PRO G 53 26.82 21.22 27.07
CA PRO G 53 25.56 21.41 26.34
C PRO G 53 25.51 20.69 24.99
N LEU G 54 24.29 20.39 24.57
CA LEU G 54 24.06 19.55 23.41
C LEU G 54 24.62 20.21 22.15
N VAL G 55 24.53 21.53 22.09
CA VAL G 55 24.90 22.28 20.89
C VAL G 55 26.39 22.25 20.66
N CYS G 56 27.13 22.42 21.76
CA CYS G 56 28.58 22.42 21.72
C CYS G 56 29.08 21.11 21.17
N HIS G 57 28.58 20.01 21.73
CA HIS G 57 28.94 18.70 21.22
C HIS G 57 28.55 18.54 19.73
N SER G 58 27.34 18.97 19.36
CA SER G 58 26.93 18.88 17.97
C SER G 58 27.92 19.63 17.11
N LEU G 59 28.22 20.85 17.53
CA LEU G 59 29.19 21.71 16.83
C LEU G 59 30.61 21.16 16.88
N ASP G 60 31.00 20.57 18.02
CA ASP G 60 32.32 19.97 18.13
C ASP G 60 32.56 18.86 17.12
N ALA G 61 31.53 18.08 16.81
CA ALA G 61 31.71 16.93 15.91
C ALA G 61 31.57 17.30 14.45
N ALA G 62 30.74 18.31 14.20
CA ALA G 62 30.69 18.94 12.89
C ALA G 62 32.10 19.46 12.54
N ALA G 63 32.71 20.19 13.48
CA ALA G 63 34.08 20.63 13.32
C ALA G 63 35.00 19.45 13.01
N ALA G 64 34.94 18.41 13.84
CA ALA G 64 35.83 17.26 13.71
C ALA G 64 35.72 16.58 12.35
N ALA G 65 34.50 16.46 11.84
CA ALA G 65 34.24 15.80 10.57
C ALA G 65 34.86 16.56 9.40
N LEU G 66 34.72 17.88 9.44
CA LEU G 66 35.32 18.76 8.45
C LEU G 66 36.86 18.62 8.42
N VAL G 67 37.49 18.74 9.60
CA VAL G 67 38.93 18.50 9.73
C VAL G 67 39.34 17.11 9.26
N LEU G 68 38.57 16.09 9.66
CA LEU G 68 38.82 14.74 9.19
C LEU G 68 38.79 14.70 7.66
N TRP G 69 37.86 15.47 7.09
CA TRP G 69 37.64 15.49 5.66
C TRP G 69 38.90 15.90 4.91
N ASN G 70 39.50 17.04 5.30
CA ASN G 70 40.72 17.55 4.65
C ASN G 70 42.05 16.95 5.14
N GLU G 71 42.25 16.90 6.45
CA GLU G 71 43.53 16.53 7.03
C GLU G 71 43.77 15.05 7.24
N TYR G 72 42.72 14.25 7.33
CA TYR G 72 42.91 12.84 7.66
C TYR G 72 42.64 11.88 6.52
N LEU G 73 41.55 12.09 5.80
CA LEU G 73 41.15 11.18 4.75
C LEU G 73 42.16 11.11 3.63
N SER G 74 42.30 9.95 3.02
CA SER G 74 43.00 9.88 1.74
C SER G 74 42.28 10.79 0.75
N PRO G 75 43.03 11.45 -0.15
CA PRO G 75 42.38 12.23 -1.21
C PRO G 75 41.50 11.33 -2.07
N GLY G 76 42.04 10.19 -2.48
CA GLY G 76 41.32 9.20 -3.27
C GLY G 76 39.94 8.83 -2.75
N LEU G 77 39.81 8.77 -1.42
CA LEU G 77 38.52 8.52 -0.76
C LEU G 77 37.59 9.71 -0.91
N ARG G 78 38.12 10.91 -0.66
CA ARG G 78 37.38 12.15 -0.84
C ARG G 78 36.82 12.27 -2.25
N ASP G 79 37.66 11.89 -3.21
CA ASP G 79 37.27 11.75 -4.60
C ASP G 79 36.07 10.81 -4.68
N THR G 80 36.26 9.60 -4.18
CA THR G 80 35.24 8.55 -4.18
C THR G 80 33.91 8.98 -3.54
N ILE G 81 33.97 9.44 -2.29
CA ILE G 81 32.78 9.93 -1.60
C ILE G 81 32.06 11.00 -2.41
N ALA G 82 32.79 12.03 -2.84
CA ALA G 82 32.19 13.14 -3.58
C ALA G 82 31.74 12.75 -5.00
N SER G 83 32.45 11.82 -5.63
CA SER G 83 32.04 11.39 -6.95
C SER G 83 30.84 10.48 -6.92
N SER G 84 30.43 10.08 -5.73
CA SER G 84 29.24 9.25 -5.59
C SER G 84 28.09 10.05 -4.99
N MET G 85 28.35 11.32 -4.71
CA MET G 85 27.32 12.22 -4.27
C MET G 85 27.00 13.18 -5.41
N GLU G 86 27.63 12.91 -6.56
CA GLU G 86 27.58 13.81 -7.70
C GLU G 86 27.77 15.27 -7.28
N THR G 87 28.99 15.59 -6.86
CA THR G 87 29.32 16.94 -6.39
C THR G 87 30.81 17.07 -6.14
N ASP G 88 31.21 18.26 -5.68
CA ASP G 88 32.63 18.60 -5.51
C ASP G 88 33.10 18.38 -4.07
N GLU G 89 34.41 18.21 -3.87
CA GLU G 89 34.96 17.88 -2.56
C GLU G 89 34.71 18.93 -1.47
N GLU G 90 34.57 20.20 -1.86
CA GLU G 90 34.34 21.22 -0.85
C GLU G 90 32.91 21.14 -0.39
N HIS G 91 32.02 20.83 -1.34
CA HIS G 91 30.60 20.76 -1.03
C HIS G 91 30.36 19.54 -0.19
N ALA G 92 30.75 18.37 -0.72
CA ALA G 92 30.61 17.09 -0.03
C ALA G 92 31.04 17.24 1.40
N GLY G 93 32.33 17.54 1.57
CA GLY G 93 32.90 17.81 2.89
C GLY G 93 31.98 18.61 3.81
N HIS G 94 31.41 19.69 3.29
CA HIS G 94 30.50 20.46 4.10
C HIS G 94 29.21 19.73 4.49
N CYS G 95 28.67 18.88 3.62
CA CYS G 95 27.46 18.16 4.04
C CYS G 95 27.83 17.08 5.03
N ILE G 96 28.95 16.41 4.81
CA ILE G 96 29.36 15.39 5.75
C ILE G 96 29.52 16.07 7.09
N ALA G 97 30.19 17.21 7.09
CA ALA G 97 30.30 18.04 8.30
C ALA G 97 28.95 18.42 8.91
N PHE G 98 27.99 18.81 8.08
CA PHE G 98 26.65 19.17 8.55
C PHE G 98 25.95 17.96 9.16
N TRP G 99 26.21 16.80 8.57
CA TRP G 99 25.58 15.58 9.01
C TRP G 99 26.09 15.20 10.39
N ALA G 100 27.41 15.15 10.56
CA ALA G 100 28.02 14.80 11.85
C ALA G 100 27.45 15.60 12.99
N GLY G 101 27.28 16.90 12.80
CA GLY G 101 26.70 17.74 13.83
C GLY G 101 25.32 17.27 14.30
N LEU G 102 24.60 16.63 13.40
CA LEU G 102 23.25 16.21 13.72
C LEU G 102 23.18 14.92 14.53
N HIS G 103 24.33 14.24 14.65
CA HIS G 103 24.38 12.88 15.19
C HIS G 103 23.69 12.64 16.54
N ASP G 104 23.72 13.60 17.45
CA ASP G 104 23.09 13.32 18.74
C ASP G 104 21.78 14.06 18.96
N ILE G 105 21.12 14.50 17.88
CA ILE G 105 19.94 15.33 18.04
C ILE G 105 18.80 14.57 18.70
N GLY G 106 18.85 13.24 18.59
CA GLY G 106 17.87 12.38 19.23
C GLY G 106 17.97 12.40 20.74
N LYS G 107 19.03 13.02 21.27
CA LYS G 107 19.16 13.32 22.72
C LYS G 107 18.28 14.49 23.18
N LEU G 108 17.63 15.19 22.24
CA LEU G 108 16.80 16.33 22.61
C LEU G 108 15.37 15.88 22.91
N THR G 109 15.27 14.78 23.64
CA THR G 109 14.00 14.20 24.05
C THR G 109 13.94 14.26 25.57
N ARG G 110 12.78 14.00 26.15
CA ARG G 110 12.69 14.03 27.59
C ARG G 110 13.34 12.82 28.25
N GLU G 111 13.14 11.64 27.67
CA GLU G 111 13.67 10.40 28.21
C GLU G 111 15.16 10.51 28.43
N PHE G 112 15.85 11.15 27.50
CA PHE G 112 17.29 11.33 27.65
C PHE G 112 17.60 12.42 28.66
N GLN G 113 17.03 13.60 28.44
CA GLN G 113 17.34 14.75 29.25
C GLN G 113 17.09 14.54 30.74
N GLN G 114 16.13 13.69 31.08
CA GLN G 114 15.75 13.52 32.48
C GLN G 114 16.60 12.52 33.28
N GLN G 115 17.75 12.11 32.76
CA GLN G 115 18.60 11.18 33.51
C GLN G 115 19.32 11.92 34.63
N ILE G 116 19.49 13.22 34.46
CA ILE G 116 20.06 14.05 35.50
C ILE G 116 19.10 15.18 35.84
N ALA G 117 19.49 15.99 36.83
CA ALA G 117 18.71 17.15 37.21
C ALA G 117 18.69 18.16 36.07
N ILE G 118 17.49 18.57 35.68
CA ILE G 118 17.32 19.57 34.64
C ILE G 118 15.96 20.20 34.86
N ASP G 119 15.87 21.50 34.67
CA ASP G 119 14.65 22.21 35.02
C ASP G 119 13.81 22.36 33.77
N LEU G 120 12.85 21.46 33.59
CA LEU G 120 12.07 21.48 32.35
C LEU G 120 10.69 21.99 32.65
N SER G 121 10.63 23.04 33.44
CA SER G 121 9.37 23.66 33.79
C SER G 121 8.81 24.36 32.57
N ALA G 122 9.70 24.87 31.73
CA ALA G 122 9.28 25.65 30.57
C ALA G 122 8.95 24.77 29.36
N TYR G 123 8.93 23.46 29.55
CA TYR G 123 8.81 22.55 28.41
C TYR G 123 7.84 21.39 28.70
N PRO G 124 6.55 21.71 28.90
CA PRO G 124 5.58 20.67 29.22
C PRO G 124 5.29 19.84 27.99
N GLY G 125 4.47 18.80 28.15
CA GLY G 125 4.13 17.92 27.05
C GLY G 125 5.24 16.93 26.74
N GLU G 126 4.96 15.99 25.83
CA GLU G 126 5.87 14.86 25.56
C GLU G 126 6.22 14.08 26.86
N GLU G 127 5.24 13.45 27.48
CA GLU G 127 5.51 12.69 28.71
C GLU G 127 6.20 11.39 28.34
N LEU G 128 6.92 10.80 29.29
CA LEU G 128 7.68 9.57 29.04
C LEU G 128 6.86 8.44 28.41
N SER G 129 7.37 7.85 27.33
CA SER G 129 6.64 6.82 26.60
C SER G 129 6.66 5.47 27.30
N GLY G 130 7.74 5.21 28.01
CA GLY G 130 8.03 3.91 28.56
C GLY G 130 8.82 3.12 27.54
N GLU G 131 9.07 3.73 26.39
CA GLU G 131 9.65 3.02 25.25
C GLU G 131 11.06 2.54 25.51
N GLN G 132 11.79 3.26 26.36
CA GLN G 132 13.21 2.96 26.55
C GLN G 132 13.89 2.92 25.16
N ARG G 133 14.01 4.09 24.53
CA ARG G 133 14.48 4.16 23.14
C ARG G 133 15.82 4.84 23.09
N SER G 134 16.76 4.30 22.31
CA SER G 134 18.09 4.85 22.33
C SER G 134 18.09 6.20 21.65
N HIS G 135 18.99 7.10 22.07
CA HIS G 135 19.06 8.43 21.46
C HIS G 135 19.42 8.33 20.01
N ALA G 136 20.16 7.27 19.66
CA ALA G 136 20.54 7.09 18.28
C ALA G 136 19.30 6.76 17.45
N ALA G 137 18.50 5.82 17.95
CA ALA G 137 17.19 5.52 17.40
C ALA G 137 16.37 6.78 17.12
N ALA G 138 16.18 7.60 18.15
CA ALA G 138 15.48 8.86 18.01
C ALA G 138 16.10 9.76 16.94
N THR G 139 17.43 9.74 16.84
CA THR G 139 18.08 10.61 15.88
C THR G 139 17.58 10.21 14.52
N GLY G 140 17.52 8.90 14.26
CA GLY G 140 17.16 8.41 12.94
C GLY G 140 15.67 8.46 12.66
N LYS G 141 14.89 8.67 13.71
CA LYS G 141 13.45 8.62 13.62
C LYS G 141 12.94 10.05 13.41
N TRP G 142 13.71 11.04 13.90
CA TRP G 142 13.31 12.43 13.75
C TRP G 142 13.79 13.08 12.43
N LEU G 143 15.05 12.83 12.09
CA LEU G 143 15.66 13.45 10.92
C LEU G 143 14.99 13.21 9.53
N PRO G 144 14.22 12.11 9.35
CA PRO G 144 13.65 12.03 7.99
C PRO G 144 12.51 13.00 7.73
N PHE G 145 12.17 13.80 8.75
CA PHE G 145 11.02 14.67 8.66
C PHE G 145 11.44 16.10 8.90
N ALA G 146 12.55 16.28 9.58
CA ALA G 146 13.06 17.64 9.78
C ALA G 146 13.85 18.09 8.55
N LEU G 147 14.71 17.21 8.06
CA LEU G 147 15.52 17.45 6.87
C LEU G 147 14.85 18.14 5.66
N PRO G 148 13.64 17.70 5.27
CA PRO G 148 13.03 18.34 4.10
C PRO G 148 12.72 19.83 4.28
N SER G 149 12.43 20.29 5.50
CA SER G 149 12.30 21.72 5.75
C SER G 149 13.55 22.51 5.33
N LEU G 150 14.60 21.79 4.95
CA LEU G 150 15.84 22.42 4.54
C LEU G 150 16.08 22.15 3.07
N GLY G 151 15.12 21.51 2.42
CA GLY G 151 15.25 21.20 1.00
C GLY G 151 15.73 19.80 0.71
N TYR G 152 15.67 18.94 1.72
CA TYR G 152 15.99 17.54 1.48
C TYR G 152 14.75 16.88 0.88
N PRO G 153 14.92 16.14 -0.23
CA PRO G 153 13.80 15.49 -0.92
C PRO G 153 12.95 14.70 0.02
N ASN G 154 11.79 15.21 0.41
CA ASN G 154 10.95 14.49 1.33
C ASN G 154 10.58 13.10 0.82
N GLY G 155 10.96 12.08 1.58
CA GLY G 155 10.73 10.70 1.20
C GLY G 155 11.85 10.17 0.36
N GLY G 156 12.78 11.04 0.01
CA GLY G 156 13.85 10.68 -0.89
C GLY G 156 14.78 9.63 -0.31
N LEU G 157 15.50 8.93 -1.18
CA LEU G 157 16.43 7.94 -0.72
C LEU G 157 17.64 8.63 -0.08
N VAL G 158 18.08 9.74 -0.63
CA VAL G 158 19.17 10.51 -0.03
C VAL G 158 18.80 10.94 1.39
N THR G 159 17.57 11.38 1.56
CA THR G 159 17.11 11.85 2.86
C THR G 159 17.07 10.65 3.77
N GLY G 160 16.43 9.58 3.33
CA GLY G 160 16.39 8.34 4.11
C GLY G 160 17.74 7.78 4.55
N LEU G 161 18.70 7.74 3.65
CA LEU G 161 20.06 7.31 3.97
C LEU G 161 20.81 8.17 5.00
N VAL G 162 20.81 9.47 4.81
CA VAL G 162 21.48 10.35 5.75
C VAL G 162 20.88 10.16 7.12
N ALA G 163 19.55 10.05 7.18
CA ALA G 163 18.88 9.85 8.46
C ALA G 163 19.20 8.48 9.09
N GLN G 164 19.38 7.47 8.25
CA GLN G 164 19.57 6.11 8.73
C GLN G 164 21.01 5.90 9.16
N MET G 165 21.93 6.30 8.29
CA MET G 165 23.35 6.32 8.60
C MET G 165 23.62 7.01 9.92
N LEU G 166 23.01 8.15 10.15
CA LEU G 166 23.28 8.90 11.38
C LEU G 166 22.72 8.20 12.60
N GLY G 167 21.57 7.57 12.45
CA GLY G 167 21.02 6.79 13.54
C GLY G 167 21.82 5.52 13.85
N GLY G 168 22.76 5.18 12.98
CA GLY G 168 23.66 4.06 13.20
C GLY G 168 25.03 4.50 13.68
N HIS G 169 25.06 5.69 14.27
CA HIS G 169 26.32 6.28 14.68
C HIS G 169 26.88 5.61 15.93
N HIS G 170 26.18 4.62 16.43
CA HIS G 170 26.69 3.85 17.56
C HIS G 170 26.94 2.39 17.22
N GLY G 171 27.12 2.08 15.94
CA GLY G 171 27.49 0.73 15.54
C GLY G 171 26.35 -0.10 15.01
N THR G 172 25.14 0.26 15.41
CA THR G 172 23.94 -0.50 15.09
C THR G 172 23.04 0.37 14.24
N PHE G 173 22.82 -0.06 12.99
CA PHE G 173 21.84 0.58 12.10
C PHE G 173 20.41 0.15 12.51
N HIS G 174 19.42 0.98 12.17
CA HIS G 174 18.03 0.60 12.37
C HIS G 174 17.31 0.62 11.05
N PRO G 175 16.17 -0.09 10.96
CA PRO G 175 15.33 -0.08 9.77
C PRO G 175 14.79 1.32 9.50
N HIS G 176 14.62 1.66 8.23
CA HIS G 176 13.90 2.87 7.87
C HIS G 176 12.57 2.89 8.59
N PRO G 177 12.22 4.04 9.18
CA PRO G 177 10.99 4.19 9.97
C PRO G 177 9.71 4.06 9.13
N SER G 178 8.73 3.35 9.69
CA SER G 178 7.45 3.14 9.04
C SER G 178 6.34 3.74 9.89
N PHE G 179 5.36 4.37 9.24
CA PHE G 179 4.28 5.04 9.95
C PHE G 179 3.07 4.92 9.08
N GLN G 180 1.90 5.25 9.63
CA GLN G 180 0.65 5.09 8.92
C GLN G 180 -0.14 6.39 8.72
N SER G 181 0.26 7.44 9.43
CA SER G 181 -0.48 8.68 9.39
C SER G 181 0.16 9.74 8.52
N ARG G 182 -0.55 10.85 8.32
CA ARG G 182 0.00 11.97 7.57
C ARG G 182 0.81 12.88 8.51
N ASN G 183 1.13 12.37 9.69
CA ASN G 183 1.82 13.13 10.73
C ASN G 183 2.77 12.20 11.50
N PRO G 184 3.88 11.82 10.86
CA PRO G 184 4.75 10.78 11.42
C PRO G 184 5.43 11.25 12.70
N LEU G 185 5.94 12.48 12.70
CA LEU G 185 6.67 13.04 13.83
C LEU G 185 5.95 12.79 15.15
N ALA G 186 4.64 12.97 15.16
CA ALA G 186 3.86 12.71 16.37
C ALA G 186 3.78 11.20 16.59
N GLU G 187 3.66 10.45 15.51
CA GLU G 187 3.53 9.00 15.59
C GLU G 187 4.74 8.36 16.25
N PHE G 188 5.88 9.04 16.14
CA PHE G 188 7.14 8.62 16.76
C PHE G 188 7.41 9.38 18.06
N GLY G 189 6.38 10.05 18.56
CA GLY G 189 6.41 10.60 19.90
C GLY G 189 6.94 12.01 20.00
N PHE G 190 7.21 12.65 18.88
CA PHE G 190 7.67 14.03 18.93
C PHE G 190 6.46 14.92 18.88
N SER G 191 5.82 15.14 20.02
CA SER G 191 4.51 15.76 20.02
C SER G 191 4.41 17.15 20.67
N SER G 192 5.38 17.54 21.48
CA SER G 192 5.35 18.89 22.06
C SER G 192 5.97 19.87 21.11
N PRO G 193 5.26 20.97 20.84
CA PRO G 193 5.80 22.09 20.06
C PRO G 193 6.99 22.70 20.80
N HIS G 194 6.83 22.79 22.12
CA HIS G 194 7.87 23.27 23.01
C HIS G 194 9.17 22.48 22.90
N TRP G 195 9.07 21.21 22.59
CA TRP G 195 10.28 20.45 22.39
C TRP G 195 10.64 20.49 20.92
N GLU G 196 9.62 20.50 20.09
CA GLU G 196 9.82 20.49 18.66
C GLU G 196 10.63 21.69 18.24
N LYS G 197 10.42 22.80 18.93
CA LYS G 197 11.07 24.06 18.60
C LYS G 197 12.56 24.02 18.87
N GLN G 198 12.94 23.50 20.02
CA GLN G 198 14.35 23.39 20.36
C GLN G 198 15.05 22.41 19.43
N ARG G 199 14.33 21.39 19.01
CA ARG G 199 14.90 20.41 18.10
C ARG G 199 15.27 21.09 16.80
N HIS G 200 14.33 21.86 16.24
CA HIS G 200 14.57 22.56 14.97
C HIS G 200 15.56 23.71 15.11
N ALA G 201 15.54 24.35 16.29
CA ALA G 201 16.55 25.32 16.68
C ALA G 201 17.95 24.72 16.53
N LEU G 202 18.17 23.56 17.12
CA LEU G 202 19.49 22.95 17.04
C LEU G 202 19.77 22.52 15.61
N LEU G 203 18.72 22.13 14.90
CA LEU G 203 18.88 21.71 13.52
C LEU G 203 19.42 22.87 12.66
N HIS G 204 18.81 24.04 12.79
CA HIS G 204 19.28 25.18 12.04
C HIS G 204 20.64 25.67 12.52
N ALA G 205 20.83 25.67 13.84
CA ALA G 205 22.10 26.05 14.42
C ALA G 205 23.31 25.37 13.77
N VAL G 206 23.29 24.04 13.66
CA VAL G 206 24.43 23.35 13.02
C VAL G 206 24.34 23.45 11.50
N PHE G 207 23.17 23.82 11.00
CA PHE G 207 23.07 24.11 9.57
C PHE G 207 23.88 25.36 9.23
N ASP G 208 23.62 26.45 9.92
CA ASP G 208 24.30 27.66 9.61
C ASP G 208 25.76 27.48 9.81
N ALA G 209 26.14 26.90 10.92
CA ALA G 209 27.52 26.90 11.33
C ALA G 209 28.31 26.21 10.28
N THR G 210 27.69 25.21 9.71
CA THR G 210 28.32 24.35 8.74
C THR G 210 28.19 24.90 7.35
N GLY G 211 27.58 26.07 7.21
CA GLY G 211 27.48 26.68 5.90
C GLY G 211 26.23 26.49 5.10
N ARG G 212 25.16 25.99 5.70
CA ARG G 212 23.89 25.95 5.02
C ARG G 212 24.04 25.19 3.72
N PRO G 213 24.81 24.03 3.78
CA PRO G 213 25.00 23.37 2.49
C PRO G 213 23.74 22.78 1.92
N THR G 214 23.58 22.83 0.61
CA THR G 214 22.40 22.25 -0.04
C THR G 214 22.56 20.75 -0.11
N PRO G 215 21.45 20.02 -0.13
CA PRO G 215 21.51 18.56 -0.32
C PRO G 215 22.35 18.13 -1.51
N PRO G 216 22.91 16.93 -1.44
CA PRO G 216 23.61 16.34 -2.58
C PRO G 216 22.56 15.71 -3.46
N ASP G 217 22.91 15.39 -4.70
CA ASP G 217 21.94 14.86 -5.65
C ASP G 217 21.67 13.39 -5.40
N MET G 218 22.72 12.66 -5.04
CA MET G 218 22.62 11.24 -4.86
C MET G 218 23.44 10.81 -3.66
N LEU G 219 23.07 9.68 -3.08
CA LEU G 219 23.89 9.00 -2.10
C LEU G 219 23.61 7.53 -2.32
N ASP G 220 24.46 6.67 -1.77
CA ASP G 220 24.21 5.24 -1.82
C ASP G 220 24.71 4.59 -0.52
N GLY G 221 24.18 3.40 -0.23
CA GLY G 221 24.50 2.68 0.98
C GLY G 221 25.97 2.61 1.31
N PRO G 222 26.78 1.97 0.43
CA PRO G 222 28.22 1.87 0.66
C PRO G 222 28.88 3.22 0.98
N THR G 223 28.70 4.26 0.17
CA THR G 223 29.18 5.58 0.55
C THR G 223 28.63 5.96 1.92
N ALA G 224 27.32 5.92 2.08
CA ALA G 224 26.70 6.21 3.36
C ALA G 224 27.33 5.46 4.54
N SER G 225 27.74 4.22 4.31
CA SER G 225 28.26 3.43 5.43
C SER G 225 29.67 3.89 5.81
N VAL G 226 30.45 4.25 4.80
CA VAL G 226 31.78 4.81 4.97
C VAL G 226 31.69 6.19 5.65
N VAL G 227 30.68 6.97 5.26
CA VAL G 227 30.53 8.27 5.89
C VAL G 227 30.18 8.05 7.35
N CYS G 228 29.38 7.02 7.62
CA CYS G 228 29.00 6.68 8.98
C CYS G 228 30.23 6.54 9.89
N GLY G 229 31.20 5.78 9.42
CA GLY G 229 32.45 5.57 10.13
C GLY G 229 33.14 6.88 10.43
N LEU G 230 33.16 7.77 9.43
CA LEU G 230 33.75 9.09 9.61
C LEU G 230 33.07 9.83 10.76
N VAL G 231 31.76 9.92 10.71
CA VAL G 231 30.97 10.51 11.77
C VAL G 231 31.24 9.87 13.12
N ILE G 232 31.49 8.57 13.12
CA ILE G 232 31.79 7.89 14.38
C ILE G 232 33.13 8.40 14.86
N LEU G 233 34.10 8.42 13.94
CA LEU G 233 35.44 8.85 14.31
C LEU G 233 35.37 10.24 14.88
N ALA G 234 34.56 11.09 14.26
CA ALA G 234 34.30 12.42 14.76
C ALA G 234 33.72 12.42 16.17
N ASP G 235 32.67 11.65 16.43
CA ASP G 235 32.03 11.66 17.77
C ASP G 235 33.05 11.23 18.79
N TRP G 236 33.83 10.21 18.42
CA TRP G 236 34.76 9.64 19.38
C TRP G 236 35.79 10.67 19.79
N LEU G 237 36.56 11.15 18.82
CA LEU G 237 37.56 12.21 18.99
C LEU G 237 37.17 13.37 19.93
N VAL G 238 35.93 13.84 19.88
CA VAL G 238 35.57 15.01 20.68
C VAL G 238 34.88 14.63 21.97
N SER G 239 34.87 13.32 22.22
CA SER G 239 34.28 12.77 23.43
C SER G 239 35.29 12.50 24.54
N GLN G 240 36.58 12.60 24.21
CA GLN G 240 37.64 12.47 25.19
C GLN G 240 37.42 13.46 26.35
N GLU G 241 37.67 12.99 27.55
CA GLU G 241 37.43 13.80 28.72
C GLU G 241 38.40 14.96 28.78
N ASP G 242 39.61 14.78 28.24
CA ASP G 242 40.63 15.83 28.21
C ASP G 242 40.03 17.03 27.50
N PHE G 243 39.76 16.83 26.21
CA PHE G 243 39.11 17.83 25.38
C PHE G 243 37.91 18.53 26.01
N LEU G 244 36.92 17.75 26.42
CA LEU G 244 35.66 18.29 26.95
C LEU G 244 35.90 19.25 28.08
N LEU G 245 36.75 18.83 29.00
CA LEU G 245 37.06 19.60 30.19
C LEU G 245 37.65 20.92 29.77
N GLU G 246 38.54 20.87 28.79
CA GLU G 246 39.10 22.10 28.28
C GLU G 246 37.99 22.98 27.71
N ARG G 247 37.07 22.40 26.93
CA ARG G 247 35.99 23.17 26.29
C ARG G 247 35.01 23.74 27.31
N LEU G 248 35.04 23.15 28.50
CA LEU G 248 34.04 23.43 29.52
C LEU G 248 34.26 24.80 30.18
N THR G 249 35.53 25.19 30.23
CA THR G 249 35.92 26.47 30.76
C THR G 249 35.34 27.60 29.92
N SER G 250 35.36 27.40 28.61
CA SER G 250 35.01 28.44 27.63
C SER G 250 33.73 28.16 26.83
N LEU G 251 32.63 27.94 27.53
CA LEU G 251 31.36 27.70 26.85
C LEU G 251 30.85 29.01 26.30
N PRO G 252 29.93 28.97 25.31
CA PRO G 252 29.24 30.20 24.92
C PRO G 252 28.48 30.74 26.12
N ALA G 253 28.12 32.01 26.11
CA ALA G 253 27.39 32.54 27.24
C ALA G 253 25.90 32.49 26.95
N ASP G 254 25.56 32.24 25.68
CA ASP G 254 24.18 32.11 25.27
C ASP G 254 24.08 31.40 23.93
N GLY G 255 22.85 31.21 23.47
CA GLY G 255 22.62 30.50 22.24
C GLY G 255 22.43 31.46 21.10
N SER G 256 23.27 32.49 21.09
CA SER G 256 23.25 33.49 20.02
C SER G 256 23.99 32.95 18.81
N ALA G 257 23.56 33.36 17.63
CA ALA G 257 24.21 32.93 16.39
C ALA G 257 25.72 33.18 16.44
N SER G 258 26.13 34.33 16.95
CA SER G 258 27.55 34.71 16.96
C SER G 258 28.38 33.83 17.88
N ALA G 259 27.89 33.60 19.09
CA ALA G 259 28.63 32.83 20.11
C ALA G 259 28.80 31.39 19.68
N LEU G 260 27.89 30.93 18.84
CA LEU G 260 27.96 29.57 18.34
C LEU G 260 28.93 29.43 17.16
N ARG G 261 29.24 30.52 16.45
CA ARG G 261 30.31 30.47 15.42
C ARG G 261 31.67 30.40 16.09
N ALA G 262 31.77 31.09 17.22
CA ALA G 262 32.98 31.12 18.04
C ALA G 262 33.31 29.70 18.40
N HIS G 263 32.33 29.04 19.04
CA HIS G 263 32.49 27.67 19.47
C HIS G 263 32.91 26.76 18.33
N PHE G 264 32.20 26.84 17.20
CA PHE G 264 32.51 25.98 16.06
C PHE G 264 33.90 26.21 15.51
N GLU G 265 34.32 27.47 15.38
CA GLU G 265 35.62 27.78 14.80
C GLU G 265 36.75 27.49 15.79
N THR G 266 36.50 27.70 17.08
CA THR G 266 37.47 27.37 18.11
C THR G 266 37.72 25.88 18.11
N SER G 267 36.65 25.12 17.91
CA SER G 267 36.74 23.67 17.93
C SER G 267 37.52 23.17 16.73
N LEU G 268 37.31 23.80 15.57
CA LEU G 268 38.06 23.46 14.37
C LEU G 268 39.55 23.50 14.65
N ARG G 269 39.96 24.49 15.43
CA ARG G 269 41.37 24.64 15.76
C ARG G 269 41.87 23.54 16.67
N ARG G 270 41.09 23.21 17.69
CA ARG G 270 41.54 22.23 18.68
C ARG G 270 41.72 20.84 18.08
N ILE G 271 41.11 20.61 16.93
CA ILE G 271 41.10 19.30 16.32
C ILE G 271 42.38 18.77 15.69
N PRO G 272 43.10 19.59 14.90
CA PRO G 272 44.35 19.05 14.36
C PRO G 272 45.27 18.49 15.45
N SER G 273 45.35 19.19 16.57
CA SER G 273 46.11 18.72 17.72
C SER G 273 45.70 17.28 18.09
N LEU G 274 44.45 16.93 17.75
CA LEU G 274 43.90 15.63 18.09
C LEU G 274 44.31 14.59 17.07
N LEU G 275 44.34 14.96 15.81
CA LEU G 275 44.87 14.03 14.82
C LEU G 275 46.31 13.73 15.21
N ASP G 276 47.02 14.76 15.67
CA ASP G 276 48.39 14.62 16.16
C ASP G 276 48.44 13.65 17.32
N ALA G 277 47.62 13.94 18.33
CA ALA G 277 47.60 13.17 19.57
C ALA G 277 47.37 11.68 19.34
N ALA G 278 46.30 11.36 18.64
CA ALA G 278 45.98 9.96 18.36
C ALA G 278 46.83 9.41 17.21
N GLY G 279 47.61 10.28 16.57
CA GLY G 279 48.58 9.83 15.60
C GLY G 279 47.99 9.37 14.28
N LEU G 280 47.10 10.19 13.73
CA LEU G 280 46.34 9.81 12.56
C LEU G 280 46.88 10.37 11.25
N ARG G 281 47.81 11.33 11.36
CA ARG G 281 48.41 11.96 10.18
C ARG G 281 48.92 10.93 9.16
N PRO G 282 48.68 11.19 7.86
CA PRO G 282 48.98 10.19 6.83
C PRO G 282 50.47 9.87 6.70
N ILE G 283 50.76 8.75 6.04
CA ILE G 283 52.14 8.36 5.75
C ILE G 283 52.25 8.28 4.24
N THR G 284 53.03 9.16 3.64
CA THR G 284 53.11 9.20 2.19
C THR G 284 54.48 8.79 1.72
N VAL G 285 54.54 8.17 0.56
CA VAL G 285 55.78 7.61 0.07
C VAL G 285 55.98 8.12 -1.34
N PRO G 286 57.06 8.88 -1.55
CA PRO G 286 57.27 9.51 -2.84
C PRO G 286 57.43 8.43 -3.90
N PRO G 287 56.88 8.66 -5.09
CA PRO G 287 57.09 7.72 -6.20
C PRO G 287 58.57 7.38 -6.30
N ALA G 288 58.91 6.10 -6.29
CA ALA G 288 60.27 5.67 -6.59
C ALA G 288 60.21 4.64 -7.70
N THR G 289 61.36 4.27 -8.26
CA THR G 289 61.41 3.07 -9.09
C THR G 289 61.72 1.91 -8.15
N PHE G 290 61.85 0.71 -8.68
CA PHE G 290 62.07 -0.45 -7.83
C PHE G 290 63.44 -0.40 -7.13
N THR G 291 64.47 -0.09 -7.90
CA THR G 291 65.81 -0.02 -7.36
C THR G 291 65.94 1.19 -6.45
N GLU G 292 65.32 2.29 -6.84
CA GLU G 292 65.28 3.49 -6.02
C GLU G 292 64.78 3.17 -4.61
N SER G 293 63.67 2.46 -4.58
CA SER G 293 62.99 2.11 -3.34
C SER G 293 63.68 0.95 -2.64
N PHE G 294 64.48 0.22 -3.40
CA PHE G 294 65.21 -0.91 -2.86
C PHE G 294 66.69 -0.88 -3.26
N PRO G 295 67.49 0.02 -2.65
CA PRO G 295 68.90 0.08 -3.01
C PRO G 295 69.68 -1.19 -2.67
N HIS G 296 69.51 -1.68 -1.44
CA HIS G 296 70.34 -2.74 -0.91
C HIS G 296 70.18 -4.06 -1.64
N LEU G 297 69.32 -4.09 -2.65
CA LEU G 297 69.17 -5.25 -3.51
C LEU G 297 69.93 -5.01 -4.80
N SER G 298 71.10 -5.64 -4.91
CA SER G 298 71.96 -5.45 -6.08
C SER G 298 71.27 -5.78 -7.39
N LYS G 299 70.59 -6.93 -7.45
CA LYS G 299 69.91 -7.37 -8.66
C LYS G 299 68.45 -7.81 -8.38
N PRO G 300 67.47 -7.13 -9.01
CA PRO G 300 66.05 -7.51 -8.95
C PRO G 300 65.70 -8.84 -9.67
N ASN G 301 64.78 -9.63 -9.10
CA ASN G 301 64.35 -10.92 -9.68
C ASN G 301 63.69 -10.81 -11.05
N GLY G 302 63.39 -11.95 -11.67
CA GLY G 302 62.60 -11.97 -12.89
C GLY G 302 61.21 -11.48 -12.55
N LEU G 303 60.74 -11.91 -11.39
CA LEU G 303 59.44 -11.49 -10.87
C LEU G 303 59.43 -10.00 -10.61
N GLN G 304 60.26 -9.57 -9.65
CA GLN G 304 60.40 -8.14 -9.35
C GLN G 304 60.60 -7.27 -10.59
N ALA G 305 61.32 -7.79 -11.59
CA ALA G 305 61.53 -7.05 -12.83
C ALA G 305 60.26 -7.04 -13.67
N SER G 306 59.64 -8.20 -13.82
CA SER G 306 58.49 -8.28 -14.66
C SER G 306 57.44 -7.36 -14.12
N LEU G 307 57.25 -7.38 -12.81
CA LEU G 307 56.27 -6.52 -12.21
C LEU G 307 56.65 -5.08 -12.40
N ALA G 308 57.91 -4.76 -12.23
CA ALA G 308 58.34 -3.39 -12.34
C ALA G 308 58.15 -2.87 -13.73
N LYS G 309 58.47 -3.68 -14.72
CA LYS G 309 58.45 -3.22 -16.09
C LYS G 309 57.13 -2.87 -16.75
N HIS G 310 56.15 -3.76 -16.69
CA HIS G 310 54.96 -3.58 -17.51
C HIS G 310 53.80 -3.06 -16.72
N LEU G 311 53.96 -3.01 -15.42
CA LEU G 311 52.84 -2.63 -14.55
C LEU G 311 52.43 -1.15 -14.44
N PRO G 312 53.38 -0.21 -14.49
CA PRO G 312 52.94 1.18 -14.29
C PRO G 312 51.98 1.71 -15.37
N CYS G 313 52.07 1.13 -16.56
CA CYS G 313 51.20 1.50 -17.66
C CYS G 313 49.78 1.10 -17.33
N LEU G 314 49.68 0.01 -16.57
CA LEU G 314 48.40 -0.59 -16.23
C LEU G 314 47.75 0.09 -15.03
N CYS G 315 48.56 0.53 -14.08
CA CYS G 315 48.02 1.07 -12.84
C CYS G 315 47.60 2.51 -12.99
N THR G 316 46.47 2.70 -13.67
CA THR G 316 45.91 4.01 -14.01
C THR G 316 44.93 4.53 -12.94
N GLY G 317 44.28 3.59 -12.25
CA GLY G 317 43.32 3.90 -11.21
C GLY G 317 43.01 2.62 -10.44
N PRO G 318 41.83 2.54 -9.80
CA PRO G 318 41.47 1.39 -8.96
C PRO G 318 41.56 0.09 -9.72
N GLY G 319 42.14 -0.90 -9.07
CA GLY G 319 42.32 -2.21 -9.69
C GLY G 319 42.97 -3.18 -8.74
N LEU G 320 43.05 -4.43 -9.18
CA LEU G 320 43.58 -5.49 -8.35
C LEU G 320 44.76 -6.17 -9.00
N VAL G 321 45.74 -6.57 -8.20
CA VAL G 321 46.86 -7.36 -8.70
C VAL G 321 47.02 -8.68 -7.96
N LEU G 322 47.06 -9.77 -8.71
CA LEU G 322 47.30 -11.09 -8.15
C LEU G 322 48.69 -11.54 -8.52
N ILE G 323 49.55 -11.73 -7.52
CA ILE G 323 50.87 -12.31 -7.73
C ILE G 323 50.95 -13.70 -7.14
N THR G 324 51.15 -14.69 -8.00
CA THR G 324 51.15 -16.08 -7.63
C THR G 324 52.51 -16.69 -8.00
N ALA G 325 53.41 -16.76 -7.01
CA ALA G 325 54.79 -17.15 -7.23
C ALA G 325 55.35 -17.85 -6.00
N PRO G 326 56.29 -18.79 -6.20
CA PRO G 326 56.90 -19.58 -5.12
C PRO G 326 57.52 -18.73 -4.02
N MET G 327 57.44 -19.20 -2.78
CA MET G 327 57.97 -18.49 -1.64
C MET G 327 59.48 -18.43 -1.71
N GLY G 328 60.06 -17.44 -1.07
CA GLY G 328 61.46 -17.15 -1.26
C GLY G 328 61.74 -16.58 -2.64
N GLU G 329 60.91 -15.64 -3.09
CA GLU G 329 61.12 -14.98 -4.38
C GLU G 329 60.94 -13.46 -4.33
N GLY G 330 61.28 -12.84 -3.19
CA GLY G 330 61.12 -11.41 -3.00
C GLY G 330 59.72 -10.89 -3.23
N LYS G 331 58.70 -11.67 -2.87
CA LYS G 331 57.33 -11.22 -3.03
C LYS G 331 57.09 -10.02 -2.14
N THR G 332 57.58 -10.08 -0.91
CA THR G 332 57.30 -9.00 0.02
C THR G 332 57.72 -7.64 -0.53
N GLU G 333 58.96 -7.55 -1.01
CA GLU G 333 59.47 -6.33 -1.62
C GLU G 333 58.56 -5.93 -2.78
N ALA G 334 58.32 -6.90 -3.67
CA ALA G 334 57.50 -6.68 -4.85
C ALA G 334 56.11 -6.15 -4.51
N ALA G 335 55.52 -6.69 -3.45
CA ALA G 335 54.20 -6.25 -3.02
C ALA G 335 54.23 -4.77 -2.69
N TYR G 336 55.20 -4.36 -1.87
CA TYR G 336 55.36 -2.99 -1.42
C TYR G 336 55.33 -2.04 -2.60
N HIS G 337 55.97 -2.45 -3.69
CA HIS G 337 56.12 -1.57 -4.83
C HIS G 337 54.81 -1.41 -5.59
N VAL G 338 54.24 -2.52 -6.04
CA VAL G 338 52.93 -2.52 -6.66
C VAL G 338 51.92 -1.75 -5.81
N ALA G 339 51.98 -1.96 -4.50
CA ALA G 339 51.18 -1.18 -3.53
C ALA G 339 51.47 0.31 -3.62
N ASP G 340 52.71 0.65 -3.94
CA ASP G 340 53.06 2.04 -4.12
C ASP G 340 52.57 2.57 -5.47
N LEU G 341 52.59 1.71 -6.49
CA LEU G 341 52.09 2.07 -7.80
C LEU G 341 50.61 2.34 -7.74
N LEU G 342 49.85 1.38 -7.24
CA LEU G 342 48.39 1.49 -7.13
C LEU G 342 48.02 2.57 -6.14
N GLY G 343 48.89 2.77 -5.15
CA GLY G 343 48.68 3.80 -4.16
C GLY G 343 48.64 5.20 -4.76
N LYS G 344 49.63 5.50 -5.59
CA LYS G 344 49.70 6.81 -6.23
C LYS G 344 48.53 6.94 -7.19
N ALA G 345 48.18 5.83 -7.82
CA ALA G 345 47.20 5.89 -8.89
C ALA G 345 45.77 6.07 -8.40
N THR G 346 45.56 6.04 -7.08
CA THR G 346 44.21 6.15 -6.55
C THR G 346 44.20 7.10 -5.38
N GLY G 347 45.34 7.71 -5.14
CA GLY G 347 45.40 8.81 -4.19
C GLY G 347 45.02 8.30 -2.84
N ARG G 348 45.57 7.12 -2.55
CA ARG G 348 45.37 6.47 -1.28
C ARG G 348 46.73 6.14 -0.72
N PRO G 349 47.30 7.07 0.07
CA PRO G 349 48.61 6.87 0.67
C PRO G 349 48.63 5.68 1.64
N GLY G 350 47.51 5.44 2.34
CA GLY G 350 47.41 4.44 3.39
C GLY G 350 47.65 2.98 3.05
N ARG G 351 47.96 2.17 4.06
CA ARG G 351 48.33 0.78 3.84
C ARG G 351 47.69 -0.19 4.85
N PHE G 352 47.35 -1.38 4.39
CA PHE G 352 47.01 -2.48 5.31
C PHE G 352 47.48 -3.82 4.76
N LEU G 353 48.32 -4.50 5.52
CA LEU G 353 48.86 -5.79 5.09
C LEU G 353 48.22 -6.94 5.86
N ALA G 354 47.41 -7.74 5.17
CA ALA G 354 46.71 -8.84 5.81
C ALA G 354 47.55 -10.11 5.76
N LEU G 355 47.78 -10.69 6.94
CA LEU G 355 48.66 -11.85 7.05
C LEU G 355 48.02 -13.07 7.73
N PRO G 356 48.35 -14.29 7.25
CA PRO G 356 47.78 -15.55 7.72
C PRO G 356 47.89 -15.82 9.22
N THR G 357 48.97 -15.41 9.87
CA THR G 357 49.07 -15.63 11.31
C THR G 357 49.58 -14.41 12.06
N MET G 358 49.30 -14.36 13.36
CA MET G 358 49.83 -13.34 14.24
C MET G 358 51.34 -13.24 14.07
N ALA G 359 52.01 -14.37 14.12
CA ALA G 359 53.47 -14.41 14.10
C ALA G 359 54.03 -13.76 12.84
N THR G 360 53.51 -14.15 11.69
CA THR G 360 53.97 -13.57 10.43
C THR G 360 53.66 -12.07 10.39
N ALA G 361 52.54 -11.66 10.96
CA ALA G 361 52.17 -10.26 11.01
C ALA G 361 53.12 -9.43 11.91
N ASP G 362 53.87 -10.11 12.76
CA ASP G 362 54.88 -9.45 13.57
C ASP G 362 56.14 -9.18 12.77
N GLN G 363 56.65 -10.22 12.12
CA GLN G 363 57.81 -10.08 11.27
C GLN G 363 57.60 -8.97 10.25
N MET G 364 56.41 -8.96 9.65
CA MET G 364 56.09 -8.05 8.54
C MET G 364 55.85 -6.63 8.99
N HIS G 365 55.44 -6.49 10.24
CA HIS G 365 55.33 -5.18 10.83
C HIS G 365 56.72 -4.57 10.84
N THR G 366 57.69 -5.35 11.30
CA THR G 366 59.08 -4.91 11.27
C THR G 366 59.55 -4.64 9.83
N ARG G 367 59.53 -5.66 8.97
CA ARG G 367 59.82 -5.50 7.54
C ARG G 367 59.25 -4.20 6.95
N LEU G 368 58.00 -3.87 7.29
CA LEU G 368 57.38 -2.70 6.71
C LEU G 368 57.89 -1.44 7.37
N LYS G 369 58.09 -1.49 8.68
CA LYS G 369 58.52 -0.28 9.40
C LYS G 369 59.91 0.22 8.96
N GLU G 370 60.89 -0.68 8.93
CA GLU G 370 62.25 -0.33 8.50
C GLU G 370 62.27 0.03 7.03
N TYR G 371 61.16 -0.26 6.36
CA TYR G 371 60.92 0.21 5.00
C TYR G 371 60.30 1.61 5.02
N ALA G 372 59.50 1.89 6.04
CA ALA G 372 58.83 3.18 6.10
C ALA G 372 59.84 4.29 6.40
N ARG G 373 60.71 4.05 7.39
CA ARG G 373 61.73 5.02 7.79
C ARG G 373 62.54 5.42 6.60
N TYR G 374 62.96 4.42 5.87
CA TYR G 374 63.78 4.63 4.71
C TYR G 374 63.09 5.50 3.66
N ARG G 375 61.80 5.28 3.45
CA ARG G 375 61.10 5.81 2.26
C ARG G 375 60.48 7.20 2.40
N VAL G 376 60.38 7.71 3.62
CA VAL G 376 59.79 9.03 3.82
C VAL G 376 60.84 10.05 4.28
N GLU G 377 60.48 11.34 4.18
CA GLU G 377 61.37 12.46 4.57
C GLU G 377 61.17 12.91 6.01
N ASN G 378 61.74 14.07 6.33
CA ASN G 378 61.75 14.54 7.72
C ASN G 378 61.83 16.06 7.88
N SER G 384 53.83 11.81 14.18
CA SER G 384 52.41 11.67 14.52
C SER G 384 51.63 10.75 13.56
N SER G 385 52.29 9.73 13.05
CA SER G 385 51.67 8.78 12.14
C SER G 385 52.15 7.42 12.56
N THR G 386 51.25 6.55 13.00
CA THR G 386 51.68 5.30 13.60
C THR G 386 51.42 4.10 12.71
N LEU G 387 52.41 3.23 12.61
CA LEU G 387 52.33 2.00 11.83
C LEU G 387 51.83 0.91 12.76
N ALA G 388 50.50 0.75 12.82
CA ALA G 388 49.86 -0.11 13.81
C ALA G 388 49.97 -1.61 13.54
N LEU G 389 49.89 -2.41 14.61
CA LEU G 389 49.95 -3.87 14.48
C LEU G 389 48.65 -4.47 14.99
N LEU G 390 47.92 -5.11 14.10
CA LEU G 390 46.54 -5.52 14.41
C LEU G 390 46.30 -7.03 14.60
N HIS G 391 46.18 -7.46 15.85
CA HIS G 391 45.80 -8.84 16.21
C HIS G 391 45.61 -9.00 17.72
N SER G 392 45.11 -10.15 18.15
CA SER G 392 44.71 -10.32 19.55
C SER G 392 45.85 -10.30 20.57
N MET G 393 47.06 -10.69 20.17
CA MET G 393 48.21 -10.70 21.08
C MET G 393 49.08 -9.44 21.01
N ALA G 394 48.52 -8.38 20.43
CA ALA G 394 49.26 -7.17 20.16
C ALA G 394 49.55 -6.32 21.41
N TRP G 395 48.65 -6.28 22.38
CA TRP G 395 48.89 -5.52 23.61
C TRP G 395 49.97 -6.17 24.45
N LEU G 396 50.26 -7.42 24.11
CA LEU G 396 51.25 -8.17 24.87
C LEU G 396 52.59 -8.22 24.17
N ASN G 397 52.68 -7.60 23.01
CA ASN G 397 53.97 -7.40 22.37
C ASN G 397 54.67 -6.23 23.05
N PRO G 398 55.79 -6.53 23.73
CA PRO G 398 56.43 -5.58 24.64
C PRO G 398 56.99 -4.39 23.85
N ASP G 399 57.55 -4.70 22.68
CA ASP G 399 58.11 -3.70 21.78
C ASP G 399 57.06 -2.69 21.32
N TYR G 400 55.94 -3.22 20.84
CA TYR G 400 54.87 -2.46 20.20
C TYR G 400 54.14 -1.50 21.12
N ALA G 401 53.34 -2.06 22.03
CA ALA G 401 52.48 -1.23 22.88
C ALA G 401 53.30 -0.43 23.88
N PRO G 402 52.71 0.66 24.44
CA PRO G 402 53.28 1.45 25.54
C PRO G 402 53.14 0.74 26.89
N ALA G 403 53.86 1.22 27.90
CA ALA G 403 53.72 0.74 29.28
C ALA G 403 54.42 1.66 30.28
N PRO G 420 58.40 7.68 16.72
CA PRO G 420 58.52 7.72 15.26
C PRO G 420 57.23 7.27 14.57
N PHE G 421 57.18 5.99 14.20
CA PHE G 421 55.96 5.37 13.70
C PHE G 421 55.28 4.58 14.82
N ALA G 422 55.74 4.74 16.06
CA ALA G 422 55.25 3.97 17.20
C ALA G 422 53.77 4.23 17.51
N ALA G 423 53.13 3.31 18.22
CA ALA G 423 51.70 3.41 18.49
C ALA G 423 51.39 4.46 19.54
N THR G 424 50.13 4.86 19.61
CA THR G 424 49.69 5.78 20.65
C THR G 424 48.75 5.03 21.58
N ASP G 425 48.28 5.70 22.61
CA ASP G 425 47.26 5.12 23.45
C ASP G 425 46.00 4.96 22.63
N TRP G 426 45.66 6.01 21.89
CA TRP G 426 44.38 6.04 21.23
C TRP G 426 44.16 4.83 20.32
N LEU G 427 45.10 4.52 19.44
CA LEU G 427 44.90 3.46 18.47
C LEU G 427 44.99 2.09 19.13
N MET G 428 45.48 2.08 20.37
CA MET G 428 45.49 0.87 21.18
C MET G 428 44.07 0.59 21.67
N GLY G 429 43.20 1.61 21.59
CA GLY G 429 41.77 1.49 21.88
C GLY G 429 41.06 0.34 21.16
N ARG G 430 39.76 0.20 21.43
CA ARG G 430 39.02 -1.06 21.19
C ARG G 430 38.79 -1.45 19.73
N LYS G 431 38.20 -0.57 18.93
CA LYS G 431 38.05 -0.91 17.50
C LYS G 431 38.68 0.12 16.57
N ARG G 432 39.76 0.74 17.06
CA ARG G 432 40.41 1.86 16.37
C ARG G 432 41.57 1.47 15.44
N GLY G 433 42.14 0.29 15.66
CA GLY G 433 43.28 -0.17 14.89
C GLY G 433 43.36 0.16 13.39
N LEU G 434 42.26 0.04 12.67
CA LEU G 434 42.31 0.19 11.21
C LEU G 434 42.29 1.66 10.75
N LEU G 435 42.04 2.57 11.69
CA LEU G 435 42.08 4.00 11.45
C LEU G 435 43.51 4.56 11.37
N ALA G 436 44.48 3.78 11.82
CA ALA G 436 45.88 4.13 11.67
C ALA G 436 46.25 4.19 10.17
N PRO G 437 47.07 5.18 9.78
CA PRO G 437 47.45 5.37 8.39
C PRO G 437 48.02 4.13 7.72
N TRP G 438 49.00 3.51 8.35
CA TRP G 438 49.56 2.24 7.88
C TRP G 438 49.36 1.24 8.98
N ALA G 439 49.04 0.00 8.62
CA ALA G 439 48.80 -1.02 9.61
C ALA G 439 49.07 -2.38 8.99
N VAL G 440 49.74 -3.26 9.72
CA VAL G 440 49.83 -4.67 9.32
C VAL G 440 49.28 -5.57 10.42
N GLY G 441 48.37 -6.46 10.04
CA GLY G 441 47.67 -7.29 11.01
C GLY G 441 47.17 -8.61 10.42
N THR G 442 46.39 -9.36 11.19
CA THR G 442 45.89 -10.65 10.68
C THR G 442 44.85 -10.40 9.61
N ILE G 443 44.63 -11.39 8.75
CA ILE G 443 43.61 -11.27 7.72
C ILE G 443 42.23 -11.17 8.39
N ASP G 444 42.16 -11.58 9.63
CA ASP G 444 40.89 -11.61 10.34
C ASP G 444 40.45 -10.21 10.65
N GLN G 445 41.39 -9.32 10.92
CA GLN G 445 41.05 -7.94 11.21
C GLN G 445 40.38 -7.24 10.02
N ALA G 446 40.60 -7.74 8.81
CA ALA G 446 39.95 -7.20 7.61
C ALA G 446 38.60 -7.85 7.40
N LEU G 447 38.56 -9.17 7.46
CA LEU G 447 37.31 -9.87 7.26
C LEU G 447 36.23 -9.44 8.26
N MET G 448 36.64 -8.86 9.38
CA MET G 448 35.66 -8.43 10.35
C MET G 448 34.83 -7.25 9.85
N ALA G 449 35.30 -6.61 8.78
CA ALA G 449 34.58 -5.46 8.22
C ALA G 449 33.31 -5.90 7.48
N VAL G 450 33.40 -7.03 6.79
CA VAL G 450 32.27 -7.59 6.09
C VAL G 450 31.50 -8.67 6.88
N LEU G 451 31.55 -8.58 8.20
CA LEU G 451 30.74 -9.44 9.07
C LEU G 451 29.66 -8.57 9.68
N ARG G 452 28.46 -9.11 9.88
CA ARG G 452 27.45 -8.35 10.60
C ARG G 452 27.86 -8.27 12.05
N ALA G 453 28.35 -7.12 12.48
CA ALA G 453 28.69 -6.90 13.89
C ALA G 453 28.69 -5.39 14.17
N LYS G 454 28.37 -4.99 15.39
CA LYS G 454 28.40 -3.56 15.73
C LYS G 454 29.71 -2.90 15.31
N HIS G 455 29.63 -1.66 14.85
CA HIS G 455 30.79 -0.87 14.42
C HIS G 455 31.56 -1.39 13.22
N ASN G 456 30.89 -2.10 12.31
CA ASN G 456 31.62 -2.56 11.13
C ASN G 456 31.79 -1.44 10.12
N ALA G 457 31.11 -0.31 10.39
CA ALA G 457 31.20 0.88 9.56
C ALA G 457 32.55 1.55 9.73
N LEU G 458 33.02 1.60 10.98
CA LEU G 458 34.37 2.05 11.28
C LEU G 458 35.42 1.29 10.48
N ARG G 459 35.28 -0.03 10.48
CA ARG G 459 36.26 -0.88 9.81
C ARG G 459 36.22 -0.68 8.28
N LEU G 460 35.02 -0.43 7.74
CA LEU G 460 34.86 -0.18 6.31
C LEU G 460 35.46 1.17 5.98
N PHE G 461 35.19 2.15 6.85
CA PHE G 461 35.76 3.45 6.70
C PHE G 461 37.28 3.37 6.80
N GLY G 462 37.79 2.75 7.86
CA GLY G 462 39.23 2.62 8.05
C GLY G 462 39.99 1.98 6.88
N LEU G 463 39.30 1.12 6.15
CA LEU G 463 39.90 0.45 5.02
C LEU G 463 39.91 1.34 3.81
N ALA G 464 38.79 2.02 3.58
CA ALA G 464 38.55 2.67 2.28
C ALA G 464 39.62 3.67 1.78
N GLY G 465 40.37 4.30 2.67
CA GLY G 465 41.49 5.12 2.23
C GLY G 465 42.78 4.38 1.90
N LYS G 466 42.81 3.06 2.08
CA LYS G 466 44.06 2.30 2.02
C LYS G 466 44.25 1.50 0.74
N VAL G 467 45.49 1.19 0.42
CA VAL G 467 45.75 0.09 -0.49
C VAL G 467 45.82 -1.11 0.43
N VAL G 468 45.07 -2.15 0.15
CA VAL G 468 45.16 -3.31 1.03
C VAL G 468 45.86 -4.45 0.31
N VAL G 469 46.67 -5.18 1.07
CA VAL G 469 47.39 -6.32 0.55
C VAL G 469 47.10 -7.49 1.43
N VAL G 470 46.70 -8.60 0.83
CA VAL G 470 46.56 -9.79 1.64
C VAL G 470 47.58 -10.79 1.12
N ASP G 471 48.25 -11.48 2.04
CA ASP G 471 49.29 -12.45 1.67
C ASP G 471 48.85 -13.89 1.84
N GLU G 472 49.54 -14.80 1.18
CA GLU G 472 49.31 -16.24 1.34
C GLU G 472 47.83 -16.60 1.09
N ALA G 473 47.24 -15.97 0.09
CA ALA G 473 45.82 -16.16 -0.19
C ALA G 473 45.49 -17.59 -0.62
N HIS G 474 46.48 -18.46 -0.61
CA HIS G 474 46.26 -19.88 -0.83
C HIS G 474 45.89 -20.54 0.51
N ALA G 475 45.95 -19.76 1.59
CA ALA G 475 45.71 -20.27 2.93
C ALA G 475 44.30 -20.05 3.47
N VAL G 476 43.39 -19.53 2.63
CA VAL G 476 41.99 -19.31 2.98
C VAL G 476 41.05 -20.49 2.69
N ASP G 477 40.64 -21.19 3.74
CA ASP G 477 39.71 -22.31 3.59
C ASP G 477 38.35 -21.80 3.07
N PRO G 478 37.46 -22.70 2.61
CA PRO G 478 36.27 -22.22 1.89
C PRO G 478 35.50 -21.17 2.65
N TYR G 479 35.42 -21.33 3.97
CA TYR G 479 34.66 -20.41 4.81
C TYR G 479 35.23 -18.99 4.74
N MET G 480 36.55 -18.88 4.84
CA MET G 480 37.21 -17.59 4.86
C MET G 480 37.16 -17.00 3.49
N GLN G 481 37.16 -17.89 2.51
CA GLN G 481 37.13 -17.46 1.13
C GLN G 481 35.85 -16.67 0.81
N VAL G 482 34.72 -17.05 1.40
CA VAL G 482 33.49 -16.30 1.23
C VAL G 482 33.55 -14.92 1.88
N LEU G 483 34.05 -14.86 3.10
CA LEU G 483 34.30 -13.58 3.76
C LEU G 483 35.28 -12.76 2.95
N LEU G 484 36.34 -13.40 2.47
CA LEU G 484 37.34 -12.73 1.66
C LEU G 484 36.71 -12.17 0.38
N GLU G 485 35.95 -12.99 -0.35
CA GLU G 485 35.32 -12.52 -1.58
C GLU G 485 34.44 -11.28 -1.34
N GLN G 486 33.71 -11.27 -0.22
CA GLN G 486 32.80 -10.18 0.09
C GLN G 486 33.54 -8.89 0.42
N LEU G 487 34.61 -9.00 1.20
CA LEU G 487 35.51 -7.89 1.42
C LEU G 487 36.03 -7.32 0.10
N LEU G 488 36.40 -8.20 -0.82
CA LEU G 488 36.83 -7.79 -2.14
C LEU G 488 35.73 -7.05 -2.85
N ARG G 489 34.55 -7.65 -2.89
CA ARG G 489 33.42 -7.05 -3.55
C ARG G 489 33.15 -5.68 -2.99
N TRP G 490 33.19 -5.55 -1.67
CA TRP G 490 32.99 -4.24 -1.06
C TRP G 490 34.15 -3.29 -1.34
N LEU G 491 35.39 -3.78 -1.28
CA LEU G 491 36.51 -2.90 -1.53
C LEU G 491 36.45 -2.33 -2.93
N GLY G 492 36.15 -3.18 -3.90
CA GLY G 492 36.00 -2.77 -5.28
C GLY G 492 35.00 -1.66 -5.54
N THR G 493 34.00 -1.48 -4.68
CA THR G 493 33.05 -0.43 -4.95
C THR G 493 33.54 0.85 -4.31
N LEU G 494 34.20 0.75 -3.17
CA LEU G 494 34.70 1.95 -2.49
C LEU G 494 35.98 2.44 -3.14
N ASP G 495 36.35 1.79 -4.23
CA ASP G 495 37.44 2.21 -5.11
C ASP G 495 38.80 1.83 -4.60
N VAL G 496 38.85 1.04 -3.55
CA VAL G 496 40.14 0.71 -2.98
C VAL G 496 40.85 -0.36 -3.80
N PRO G 497 42.16 -0.17 -4.05
CA PRO G 497 42.91 -1.14 -4.85
C PRO G 497 43.47 -2.20 -3.94
N VAL G 498 43.72 -3.39 -4.50
CA VAL G 498 44.05 -4.53 -3.69
C VAL G 498 45.16 -5.34 -4.35
N VAL G 499 46.12 -5.78 -3.55
CA VAL G 499 47.14 -6.71 -4.03
C VAL G 499 46.97 -8.07 -3.36
N LEU G 500 46.83 -9.11 -4.16
CA LEU G 500 46.71 -10.46 -3.62
C LEU G 500 47.99 -11.26 -3.85
N LEU G 501 48.54 -11.84 -2.81
CA LEU G 501 49.81 -12.55 -2.88
C LEU G 501 49.62 -14.01 -2.57
N SER G 502 50.28 -14.88 -3.33
CA SER G 502 50.10 -16.29 -3.14
C SER G 502 51.25 -17.13 -3.62
N ALA G 503 51.27 -18.36 -3.14
CA ALA G 503 52.06 -19.41 -3.70
C ALA G 503 51.08 -19.90 -4.68
N THR G 504 51.22 -21.12 -5.13
CA THR G 504 50.31 -21.65 -6.12
C THR G 504 48.90 -21.61 -5.59
N LEU G 505 47.98 -21.23 -6.45
CA LEU G 505 46.58 -21.06 -6.09
C LEU G 505 45.72 -21.71 -7.14
N HIS G 506 44.64 -22.34 -6.74
CA HIS G 506 43.81 -23.05 -7.67
C HIS G 506 43.14 -22.11 -8.61
N HIS G 507 43.03 -22.49 -9.87
CA HIS G 507 42.47 -21.57 -10.86
C HIS G 507 41.02 -21.20 -10.55
N SER G 508 40.29 -22.11 -9.90
CA SER G 508 38.91 -21.85 -9.51
C SER G 508 38.85 -20.76 -8.47
N ILE G 509 39.88 -20.67 -7.64
CA ILE G 509 39.87 -19.72 -6.55
C ILE G 509 40.34 -18.34 -6.98
N ALA G 510 41.34 -18.29 -7.85
CA ALA G 510 41.75 -16.99 -8.39
C ALA G 510 40.56 -16.38 -9.13
N ASN G 511 39.80 -17.25 -9.79
CA ASN G 511 38.63 -16.82 -10.53
C ASN G 511 37.55 -16.21 -9.66
N SER G 512 37.14 -16.94 -8.63
CA SER G 512 36.15 -16.45 -7.69
C SER G 512 36.60 -15.15 -7.06
N LEU G 513 37.91 -15.01 -6.84
CA LEU G 513 38.43 -13.83 -6.17
C LEU G 513 38.42 -12.56 -7.02
N VAL G 514 38.93 -12.63 -8.25
CA VAL G 514 38.95 -11.41 -9.04
C VAL G 514 37.52 -11.09 -9.51
N LYS G 515 36.73 -12.14 -9.69
CA LYS G 515 35.33 -12.00 -10.06
C LYS G 515 34.62 -11.20 -8.98
N ALA G 516 34.95 -11.49 -7.73
CA ALA G 516 34.33 -10.79 -6.64
C ALA G 516 34.77 -9.34 -6.66
N TYR G 517 35.99 -9.11 -7.12
CA TYR G 517 36.50 -7.74 -7.11
C TYR G 517 35.85 -6.98 -8.23
N LEU G 518 35.59 -7.69 -9.32
CA LEU G 518 34.98 -7.05 -10.48
C LEU G 518 33.50 -6.72 -10.24
N GLU G 519 32.78 -7.64 -9.58
CA GLU G 519 31.37 -7.42 -9.26
C GLU G 519 31.18 -6.11 -8.50
N GLY G 520 31.96 -5.93 -7.45
CA GLY G 520 31.91 -4.72 -6.67
C GLY G 520 32.26 -3.49 -7.47
N ALA G 521 33.18 -3.62 -8.43
CA ALA G 521 33.63 -2.47 -9.20
C ALA G 521 32.61 -2.04 -10.24
N ARG G 522 31.87 -3.01 -10.77
CA ARG G 522 30.92 -2.73 -11.85
C ARG G 522 29.51 -2.58 -11.34
N GLY G 523 29.29 -2.77 -10.05
CA GLY G 523 27.99 -2.50 -9.46
C GLY G 523 26.98 -3.61 -9.65
N ARG G 524 27.36 -4.67 -10.36
CA ARG G 524 26.47 -5.80 -10.56
C ARG G 524 27.20 -7.13 -10.55
N ARG G 525 26.51 -8.17 -10.15
CA ARG G 525 27.12 -9.47 -9.98
C ARG G 525 27.23 -10.19 -11.29
N TRP G 526 27.66 -11.43 -11.27
CA TRP G 526 28.02 -12.11 -12.50
C TRP G 526 26.95 -13.07 -12.97
N ASN G 527 26.50 -12.89 -14.20
CA ASN G 527 25.51 -13.79 -14.76
C ASN G 527 26.07 -15.12 -15.18
N ARG G 528 25.29 -16.16 -14.99
CA ARG G 528 25.73 -17.53 -15.24
C ARG G 528 26.38 -17.77 -16.63
N SER G 529 25.86 -17.13 -17.66
CA SER G 529 26.32 -17.39 -19.03
C SER G 529 27.51 -16.52 -19.46
N GLU G 530 27.97 -15.67 -18.55
CA GLU G 530 29.01 -14.69 -18.84
C GLU G 530 30.40 -15.33 -18.77
N PRO G 531 31.30 -14.96 -19.68
CA PRO G 531 32.61 -15.64 -19.74
C PRO G 531 33.54 -15.31 -18.58
N GLN G 532 33.78 -16.31 -17.72
CA GLN G 532 34.64 -16.17 -16.53
C GLN G 532 35.97 -15.44 -16.75
N PRO G 533 36.31 -14.51 -15.85
CA PRO G 533 37.48 -13.62 -15.96
C PRO G 533 38.84 -14.32 -15.87
N VAL G 534 38.90 -15.55 -15.36
CA VAL G 534 40.14 -16.31 -15.22
C VAL G 534 39.85 -17.80 -15.32
N SER G 535 40.41 -18.49 -16.31
CA SER G 535 40.26 -19.95 -16.38
C SER G 535 41.61 -20.65 -16.37
N GLU G 536 42.67 -19.84 -16.34
CA GLU G 536 44.03 -20.35 -16.24
C GLU G 536 44.87 -19.41 -15.38
N VAL G 537 45.72 -20.01 -14.53
CA VAL G 537 46.72 -19.24 -13.80
C VAL G 537 48.05 -19.94 -14.02
N SER G 538 49.15 -19.19 -13.92
CA SER G 538 50.47 -19.75 -14.05
C SER G 538 51.30 -19.51 -12.79
N TYR G 539 52.26 -20.39 -12.56
CA TYR G 539 53.08 -20.35 -11.35
C TYR G 539 54.52 -20.59 -11.74
N PRO G 540 55.37 -19.54 -11.70
CA PRO G 540 55.06 -18.14 -11.38
C PRO G 540 54.22 -17.41 -12.43
N GLY G 541 53.40 -16.49 -11.95
CA GLY G 541 52.65 -15.59 -12.80
C GLY G 541 52.22 -14.37 -12.00
N TRP G 542 51.73 -13.35 -12.70
CA TRP G 542 51.09 -12.23 -12.03
C TRP G 542 49.97 -11.75 -12.94
N LEU G 543 49.12 -10.87 -12.40
CA LEU G 543 47.87 -10.51 -13.06
C LEU G 543 47.44 -9.06 -12.77
N HIS G 544 46.82 -8.41 -13.75
CA HIS G 544 46.25 -7.08 -13.51
C HIS G 544 44.80 -6.96 -13.94
N VAL G 545 43.96 -6.60 -12.98
CA VAL G 545 42.57 -6.33 -13.24
C VAL G 545 42.33 -4.83 -13.15
N ASP G 546 41.70 -4.25 -14.16
CA ASP G 546 41.42 -2.83 -14.13
C ASP G 546 39.95 -2.58 -13.90
N ALA G 547 39.62 -1.98 -12.76
CA ALA G 547 38.25 -1.81 -12.34
C ALA G 547 37.39 -1.04 -13.34
N ARG G 548 37.89 0.10 -13.81
CA ARG G 548 37.07 1.04 -14.57
C ARG G 548 36.46 0.47 -15.86
N ILE G 549 37.08 -0.56 -16.44
CA ILE G 549 36.46 -1.30 -17.55
C ILE G 549 36.49 -2.82 -17.38
N GLY G 550 37.31 -3.31 -16.46
CA GLY G 550 37.27 -4.72 -16.09
C GLY G 550 38.16 -5.61 -16.92
N LYS G 551 39.29 -5.08 -17.36
CA LYS G 551 40.18 -5.83 -18.25
C LYS G 551 41.24 -6.59 -17.47
N VAL G 552 41.17 -7.92 -17.56
CA VAL G 552 42.16 -8.79 -16.96
C VAL G 552 43.36 -8.97 -17.89
N THR G 553 44.47 -8.33 -17.55
CA THR G 553 45.73 -8.47 -18.28
C THR G 553 46.61 -9.52 -17.61
N ARG G 554 47.12 -10.48 -18.36
CA ARG G 554 47.99 -11.49 -17.77
C ARG G 554 49.45 -11.09 -17.87
N SER G 555 50.28 -11.70 -17.03
CA SER G 555 51.72 -11.64 -17.21
C SER G 555 52.03 -12.17 -18.61
N SER G 556 51.59 -13.40 -18.88
CA SER G 556 51.81 -14.08 -20.15
C SER G 556 51.70 -13.13 -21.32
N ASP G 557 50.64 -12.33 -21.32
CA ASP G 557 50.29 -11.54 -22.47
C ASP G 557 51.19 -10.34 -22.74
N VAL G 558 52.01 -9.96 -21.78
CA VAL G 558 52.89 -8.83 -21.99
C VAL G 558 54.37 -9.19 -21.97
N ASP G 559 54.70 -10.34 -21.41
CA ASP G 559 56.05 -10.90 -21.49
C ASP G 559 55.94 -12.34 -21.96
N PRO G 560 56.56 -12.65 -23.12
CA PRO G 560 56.43 -13.98 -23.70
C PRO G 560 57.30 -15.01 -22.97
N LEU G 561 58.34 -14.52 -22.30
CA LEU G 561 59.23 -15.37 -21.52
C LEU G 561 58.67 -15.57 -20.12
N PRO G 562 58.62 -16.82 -19.67
CA PRO G 562 58.25 -17.12 -18.28
C PRO G 562 59.18 -16.44 -17.27
N ILE G 563 58.61 -16.05 -16.13
CA ILE G 563 59.34 -15.36 -15.08
C ILE G 563 60.46 -16.21 -14.47
N ALA G 564 61.63 -15.60 -14.32
CA ALA G 564 62.79 -16.26 -13.73
C ALA G 564 62.63 -16.54 -12.25
N THR G 565 62.77 -17.80 -11.87
CA THR G 565 62.90 -18.13 -10.46
C THR G 565 64.16 -18.92 -10.16
N THR G 566 64.52 -18.97 -8.88
CA THR G 566 65.65 -19.73 -8.39
C THR G 566 65.68 -21.09 -9.04
N PRO G 567 66.86 -21.49 -9.55
CA PRO G 567 67.03 -22.84 -10.09
C PRO G 567 66.89 -23.89 -8.98
N ARG G 568 66.04 -24.88 -9.22
CA ARG G 568 65.85 -25.95 -8.26
C ARG G 568 65.86 -27.29 -8.97
N LYS G 569 66.70 -28.19 -8.48
CA LYS G 569 66.73 -29.56 -8.95
C LYS G 569 65.36 -30.15 -8.63
N PRO G 570 64.78 -30.88 -9.60
CA PRO G 570 63.47 -31.50 -9.42
C PRO G 570 63.44 -32.38 -8.18
N LEU G 571 62.27 -32.42 -7.57
CA LEU G 571 62.06 -33.18 -6.36
C LEU G 571 61.50 -34.53 -6.73
N GLU G 572 62.04 -35.58 -6.14
CA GLU G 572 61.52 -36.92 -6.35
C GLU G 572 60.53 -37.25 -5.24
N VAL G 573 59.40 -37.84 -5.64
CA VAL G 573 58.32 -38.17 -4.72
C VAL G 573 58.09 -39.68 -4.65
N ARG G 574 58.09 -40.22 -3.43
CA ARG G 574 58.06 -41.66 -3.27
C ARG G 574 57.02 -42.07 -2.26
N LEU G 575 55.95 -42.71 -2.73
CA LEU G 575 54.97 -43.34 -1.87
C LEU G 575 55.56 -44.62 -1.28
N VAL G 576 55.48 -44.76 0.04
CA VAL G 576 56.01 -45.96 0.67
C VAL G 576 54.96 -46.61 1.58
N ASP G 577 54.66 -47.87 1.35
CA ASP G 577 53.61 -48.52 2.14
C ASP G 577 54.02 -48.74 3.57
N VAL G 578 53.03 -48.77 4.45
CA VAL G 578 53.27 -48.92 5.88
C VAL G 578 52.20 -49.84 6.48
N PRO G 579 52.62 -50.80 7.32
CA PRO G 579 51.64 -51.68 7.96
C PRO G 579 50.74 -50.94 8.94
N VAL G 580 49.53 -51.46 9.12
CA VAL G 580 48.50 -50.82 9.94
C VAL G 580 48.15 -51.63 11.21
N LYS G 581 48.51 -51.08 12.38
CA LYS G 581 48.27 -51.72 13.68
C LYS G 581 47.15 -51.02 14.46
N GLU G 582 46.07 -51.75 14.74
CA GLU G 582 44.90 -51.18 15.42
C GLU G 582 44.41 -49.91 14.72
N GLY G 583 44.47 -49.89 13.40
CA GLY G 583 44.09 -48.70 12.68
C GLY G 583 45.22 -47.72 12.40
N ALA G 584 46.08 -47.47 13.39
CA ALA G 584 47.15 -46.46 13.24
C ALA G 584 48.38 -47.04 12.56
N LEU G 585 49.13 -46.19 11.86
CA LEU G 585 50.32 -46.65 11.16
C LEU G 585 51.49 -46.92 12.12
N ASN G 586 51.85 -48.19 12.25
CA ASN G 586 53.14 -48.53 12.86
C ASN G 586 54.24 -48.20 11.86
N ARG G 587 55.05 -47.20 12.17
CA ARG G 587 56.03 -46.70 11.21
C ARG G 587 57.41 -47.34 11.35
N SER G 588 57.60 -48.09 12.42
CA SER G 588 58.91 -48.62 12.81
C SER G 588 59.65 -49.35 11.69
N THR G 589 58.93 -50.21 10.97
CA THR G 589 59.50 -50.93 9.83
C THR G 589 60.10 -49.97 8.81
N VAL G 590 59.33 -48.97 8.42
CA VAL G 590 59.76 -48.04 7.37
C VAL G 590 60.68 -46.91 7.85
N LEU G 591 60.49 -46.48 9.10
CA LEU G 591 61.30 -45.41 9.67
C LEU G 591 62.79 -45.74 9.70
N ALA G 592 63.12 -46.91 10.24
CA ALA G 592 64.51 -47.35 10.38
C ALA G 592 65.27 -47.42 9.05
N LYS G 593 64.56 -47.55 7.94
CA LYS G 593 65.20 -47.77 6.63
C LYS G 593 65.79 -46.52 5.95
N GLU G 594 65.11 -45.38 6.06
CA GLU G 594 65.62 -44.12 5.54
C GLU G 594 66.29 -43.30 6.63
N LEU G 595 66.18 -43.79 7.86
CA LEU G 595 66.83 -43.17 9.00
C LEU G 595 68.22 -43.76 9.15
N THR G 596 68.53 -44.78 8.34
CA THR G 596 69.86 -45.40 8.37
C THR G 596 70.97 -44.42 7.99
N PRO G 597 70.93 -43.94 6.76
CA PRO G 597 72.02 -43.16 6.21
C PRO G 597 72.24 -41.90 7.00
N LEU G 598 71.18 -41.29 7.47
CA LEU G 598 71.35 -40.06 8.21
C LEU G 598 72.19 -40.39 9.41
N VAL G 599 71.88 -41.51 10.04
CA VAL G 599 72.26 -41.69 11.41
C VAL G 599 73.76 -41.60 11.55
N LYS G 600 74.47 -42.27 10.67
CA LYS G 600 75.88 -42.33 10.78
C LYS G 600 76.54 -41.22 9.99
N GLN G 601 76.25 -41.19 8.71
CA GLN G 601 76.89 -40.21 7.86
C GLN G 601 76.48 -38.86 8.38
N GLY G 602 75.24 -38.78 8.85
CA GLY G 602 74.75 -37.54 9.38
C GLY G 602 73.75 -36.98 8.40
N GLY G 603 73.29 -35.77 8.65
CA GLY G 603 72.25 -35.21 7.81
C GLY G 603 71.15 -34.54 8.60
N CYS G 604 70.18 -33.96 7.89
CA CYS G 604 69.00 -33.35 8.50
C CYS G 604 67.74 -33.82 7.79
N ALA G 605 66.92 -34.61 8.48
CA ALA G 605 65.64 -34.99 7.93
C ALA G 605 64.55 -34.55 8.88
N ALA G 606 63.36 -34.32 8.33
CA ALA G 606 62.22 -33.94 9.14
C ALA G 606 61.09 -34.95 8.94
N ILE G 607 60.46 -35.32 10.05
CA ILE G 607 59.31 -36.21 10.03
C ILE G 607 58.08 -35.39 10.38
N ILE G 608 57.14 -35.29 9.44
CA ILE G 608 55.94 -34.52 9.71
C ILE G 608 54.75 -35.47 9.74
N CYS G 609 53.94 -35.33 10.78
CA CYS G 609 52.86 -36.26 11.06
C CYS G 609 51.51 -35.57 11.10
N THR G 610 50.46 -36.33 10.78
CA THR G 610 49.11 -35.79 10.60
C THR G 610 48.46 -35.21 11.85
N THR G 611 48.66 -35.86 12.99
CA THR G 611 48.17 -35.29 14.26
C THR G 611 49.28 -35.13 15.29
N VAL G 612 48.90 -34.58 16.43
CA VAL G 612 49.85 -34.32 17.50
C VAL G 612 50.17 -35.64 18.15
N ALA G 613 49.13 -36.39 18.49
CA ALA G 613 49.29 -37.68 19.13
C ALA G 613 50.20 -38.60 18.32
N GLU G 614 49.99 -38.64 17.01
CA GLU G 614 50.82 -39.46 16.12
C GLU G 614 52.26 -39.03 16.15
N ALA G 615 52.48 -37.72 16.19
CA ALA G 615 53.83 -37.18 16.16
C ALA G 615 54.47 -37.30 17.53
N GLN G 616 53.67 -37.26 18.59
CA GLN G 616 54.17 -37.50 19.93
C GLN G 616 54.73 -38.91 20.03
N GLY G 617 54.05 -39.86 19.39
CA GLY G 617 54.52 -41.23 19.35
C GLY G 617 55.83 -41.41 18.61
N VAL G 618 55.94 -40.82 17.43
CA VAL G 618 57.16 -40.96 16.61
C VAL G 618 58.36 -40.34 17.33
N TYR G 619 58.10 -39.44 18.26
CA TYR G 619 59.13 -38.98 19.18
C TYR G 619 59.43 -40.08 20.19
N ASP G 620 58.40 -40.49 20.93
CA ASP G 620 58.50 -41.57 21.93
C ASP G 620 59.27 -42.80 21.41
N LEU G 621 59.07 -43.13 20.13
CA LEU G 621 59.77 -44.25 19.50
C LEU G 621 61.22 -43.88 19.16
N LEU G 622 61.41 -42.70 18.60
CA LEU G 622 62.76 -42.32 18.19
C LEU G 622 63.64 -41.86 19.35
N SER G 623 63.01 -41.47 20.46
CA SER G 623 63.78 -41.07 21.64
C SER G 623 64.43 -42.27 22.34
N GLN G 624 63.73 -43.41 22.36
CA GLN G 624 64.29 -44.60 22.99
C GLN G 624 65.29 -45.34 22.08
N TRP G 625 64.98 -45.44 20.79
CA TRP G 625 65.89 -46.06 19.81
C TRP G 625 67.27 -45.41 19.87
N PHE G 626 67.31 -44.10 20.12
CA PHE G 626 68.56 -43.35 20.05
C PHE G 626 69.50 -43.56 21.24
N ALA G 627 68.94 -43.83 22.41
CA ALA G 627 69.74 -44.12 23.62
C ALA G 627 70.71 -45.31 23.42
N THR G 628 70.34 -46.23 22.54
CA THR G 628 71.17 -47.39 22.20
C THR G 628 72.16 -47.05 21.09
N ALA G 633 73.97 -37.49 19.09
CA ALA G 633 74.59 -38.38 18.11
C ALA G 633 73.67 -39.56 17.71
N PRO G 634 72.62 -39.29 16.91
CA PRO G 634 72.11 -38.03 16.38
C PRO G 634 71.00 -37.39 17.24
N ASP G 635 70.78 -36.09 17.04
CA ASP G 635 69.86 -35.31 17.86
C ASP G 635 68.43 -35.23 17.31
N LEU G 636 67.46 -35.14 18.22
CA LEU G 636 66.05 -35.22 17.85
C LEU G 636 65.17 -34.19 18.56
N TYR G 637 64.25 -33.59 17.80
CA TYR G 637 63.41 -32.51 18.31
C TYR G 637 61.90 -32.73 18.07
N LEU G 638 61.08 -32.14 18.95
CA LEU G 638 59.64 -32.26 18.84
C LEU G 638 58.96 -30.90 18.80
N LEU G 639 58.14 -30.68 17.77
CA LEU G 639 57.45 -29.39 17.60
C LEU G 639 56.00 -29.53 17.12
N HIS G 640 55.08 -28.95 17.86
CA HIS G 640 53.69 -28.85 17.43
C HIS G 640 52.97 -27.74 18.19
N SER G 641 51.67 -27.63 17.98
CA SER G 641 50.93 -26.51 18.54
C SER G 641 50.78 -26.54 20.06
N ARG G 642 50.91 -27.72 20.68
CA ARG G 642 50.66 -27.85 22.13
C ARG G 642 51.90 -27.85 23.01
N PHE G 643 52.52 -26.69 23.15
CA PHE G 643 53.52 -26.44 24.18
C PHE G 643 53.08 -25.12 24.75
N PRO G 644 53.52 -24.77 25.96
CA PRO G 644 53.31 -23.39 26.40
C PRO G 644 54.01 -22.44 25.42
N ASN G 645 53.40 -21.29 25.12
CA ASN G 645 53.86 -20.33 24.10
C ASN G 645 55.35 -20.14 24.11
N ARG G 646 55.82 -19.64 25.25
CA ARG G 646 57.20 -19.29 25.43
C ARG G 646 58.04 -20.42 24.92
N GLN G 647 57.82 -21.60 25.49
CA GLN G 647 58.57 -22.78 25.09
C GLN G 647 58.45 -23.01 23.60
N ARG G 648 57.25 -22.80 23.09
CA ARG G 648 57.01 -23.04 21.69
C ARG G 648 57.92 -22.11 20.89
N THR G 649 57.98 -20.85 21.32
CA THR G 649 58.80 -19.86 20.62
C THR G 649 60.32 -20.10 20.79
N GLU G 650 60.69 -20.94 21.76
CA GLU G 650 62.10 -21.33 21.96
C GLU G 650 62.46 -22.48 21.04
N ILE G 651 61.67 -23.55 21.08
CA ILE G 651 61.94 -24.74 20.28
C ILE G 651 62.14 -24.37 18.81
N THR G 652 61.38 -23.39 18.35
CA THR G 652 61.55 -22.83 17.01
C THR G 652 62.89 -22.08 16.94
N ALA G 653 63.07 -21.13 17.85
CA ALA G 653 64.26 -20.29 17.88
C ALA G 653 65.53 -21.14 17.72
N THR G 654 65.73 -22.03 18.68
CA THR G 654 66.90 -22.89 18.69
C THR G 654 66.91 -23.93 17.57
N ILE G 655 65.94 -23.86 16.65
CA ILE G 655 65.87 -24.86 15.54
C ILE G 655 66.02 -24.25 14.15
N VAL G 656 65.64 -22.98 14.02
CA VAL G 656 65.83 -22.27 12.77
C VAL G 656 67.32 -21.92 12.65
N ASP G 657 67.93 -21.67 13.81
CA ASP G 657 69.35 -21.34 13.90
C ASP G 657 70.21 -22.56 13.55
N LEU G 658 69.57 -23.73 13.49
CA LEU G 658 70.27 -24.98 13.26
C LEU G 658 70.00 -25.52 11.86
N PHE G 659 68.75 -25.46 11.44
CA PHE G 659 68.39 -25.96 10.12
C PHE G 659 68.25 -24.85 9.08
N GLY G 660 68.25 -23.59 9.54
CA GLY G 660 68.01 -22.47 8.63
C GLY G 660 69.19 -21.78 7.98
N LYS G 661 68.86 -20.80 7.16
CA LYS G 661 69.87 -19.92 6.58
C LYS G 661 70.91 -19.34 7.56
N GLU G 662 70.53 -18.39 8.41
CA GLU G 662 71.47 -17.83 9.41
C GLU G 662 72.29 -18.82 10.26
N GLY G 663 71.92 -20.09 10.25
CA GLY G 663 72.75 -21.11 10.86
C GLY G 663 73.86 -21.49 9.92
N ALA G 664 73.49 -22.12 8.81
CA ALA G 664 74.42 -22.54 7.76
C ALA G 664 75.32 -21.39 7.26
N GLN G 665 74.88 -20.16 7.49
CA GLN G 665 75.74 -18.98 7.30
C GLN G 665 76.95 -19.10 8.21
N SER G 666 76.69 -19.28 9.50
CA SER G 666 77.74 -19.30 10.50
C SER G 666 78.19 -20.71 10.88
N GLY G 667 78.23 -21.61 9.89
CA GLY G 667 78.65 -23.00 10.08
C GLY G 667 78.08 -23.66 11.33
N ARG G 668 76.81 -23.37 11.63
CA ARG G 668 76.16 -23.84 12.86
C ARG G 668 75.25 -25.03 12.59
N ARG G 669 75.21 -25.47 11.34
CA ARG G 669 74.42 -26.64 10.99
C ARG G 669 74.96 -27.88 11.71
N PRO G 670 74.04 -28.77 12.15
CA PRO G 670 74.34 -30.04 12.81
C PRO G 670 75.45 -30.82 12.13
N THR G 671 76.44 -31.17 12.95
CA THR G 671 77.58 -31.94 12.52
C THR G 671 77.16 -33.36 12.15
N ARG G 672 76.69 -34.11 13.16
CA ARG G 672 76.13 -35.45 12.92
C ARG G 672 74.65 -35.30 12.59
N GLY G 673 73.99 -36.43 12.33
CA GLY G 673 72.59 -36.41 11.94
C GLY G 673 71.68 -35.65 12.88
N ALA G 674 70.69 -34.96 12.34
CA ALA G 674 69.72 -34.21 13.16
C ALA G 674 68.31 -34.40 12.62
N VAL G 675 67.37 -34.71 13.51
CA VAL G 675 66.04 -35.09 13.09
C VAL G 675 64.98 -34.32 13.85
N LEU G 676 64.02 -33.76 13.11
CA LEU G 676 62.90 -33.05 13.73
C LEU G 676 61.56 -33.73 13.49
N VAL G 677 60.82 -33.93 14.58
CA VAL G 677 59.46 -34.44 14.51
C VAL G 677 58.45 -33.29 14.72
N ALA G 678 57.49 -33.18 13.79
CA ALA G 678 56.51 -32.10 13.86
C ALA G 678 55.17 -32.38 13.15
N THR G 679 54.18 -31.56 13.49
CA THR G 679 52.87 -31.57 12.85
C THR G 679 52.85 -30.52 11.75
N GLN G 680 51.66 -30.14 11.31
CA GLN G 680 51.53 -29.10 10.30
C GLN G 680 51.96 -27.71 10.80
N VAL G 681 52.68 -27.66 11.91
CA VAL G 681 53.32 -26.41 12.33
C VAL G 681 54.46 -26.09 11.35
N VAL G 682 54.73 -27.04 10.46
CA VAL G 682 55.82 -26.98 9.48
C VAL G 682 55.43 -26.21 8.21
N GLU G 683 54.20 -25.70 8.17
CA GLU G 683 53.76 -24.94 7.01
C GLU G 683 53.86 -23.40 7.15
N GLN G 684 53.76 -22.87 8.36
CA GLN G 684 53.67 -21.41 8.55
C GLN G 684 54.98 -20.65 8.52
N SER G 685 55.78 -20.86 7.48
CA SER G 685 56.99 -20.06 7.27
C SER G 685 57.94 -20.13 8.47
N LEU G 686 58.63 -21.26 8.58
CA LEU G 686 59.78 -21.39 9.46
C LEU G 686 60.97 -21.58 8.51
N ASP G 687 62.06 -20.87 8.76
CA ASP G 687 63.21 -20.92 7.86
C ASP G 687 63.99 -22.23 7.99
N LEU G 688 63.63 -23.24 7.20
CA LEU G 688 64.26 -24.56 7.35
C LEU G 688 64.66 -25.22 6.04
N ASP G 689 65.96 -25.53 5.93
CA ASP G 689 66.42 -26.49 4.93
C ASP G 689 66.55 -27.84 5.58
N VAL G 690 66.32 -28.88 4.80
CA VAL G 690 66.35 -30.22 5.32
C VAL G 690 66.73 -31.16 4.19
N ASP G 691 67.52 -32.17 4.52
CA ASP G 691 68.16 -32.99 3.51
C ASP G 691 67.22 -34.07 2.97
N LEU G 692 66.23 -34.44 3.77
CA LEU G 692 65.23 -35.43 3.39
C LEU G 692 63.93 -35.24 4.16
N MET G 693 62.80 -35.42 3.50
CA MET G 693 61.52 -35.32 4.19
C MET G 693 60.58 -36.50 3.96
N ILE G 694 60.05 -37.00 5.08
CA ILE G 694 58.97 -37.97 5.04
C ILE G 694 57.69 -37.39 5.63
N SER G 695 56.57 -37.82 5.07
CA SER G 695 55.29 -37.28 5.46
C SER G 695 54.17 -38.29 5.32
N ASP G 696 53.17 -38.19 6.21
CA ASP G 696 51.90 -38.88 6.00
C ASP G 696 51.32 -38.35 4.71
N LEU G 697 50.36 -39.06 4.14
CA LEU G 697 49.67 -38.50 3.00
C LEU G 697 48.94 -37.23 3.41
N ALA G 698 48.95 -36.26 2.51
CA ALA G 698 48.25 -35.00 2.71
C ALA G 698 47.80 -34.50 1.34
N PRO G 699 46.89 -33.52 1.30
CA PRO G 699 46.51 -32.95 0.00
C PRO G 699 47.74 -32.39 -0.74
N VAL G 700 47.89 -32.68 -2.03
CA VAL G 700 49.10 -32.33 -2.78
C VAL G 700 49.56 -30.89 -2.60
N SER G 701 48.61 -29.99 -2.42
CA SER G 701 48.96 -28.59 -2.26
C SER G 701 49.60 -28.40 -0.91
N LEU G 702 49.09 -29.11 0.08
CA LEU G 702 49.70 -29.10 1.40
C LEU G 702 51.01 -29.87 1.37
N LEU G 703 51.00 -30.96 0.64
CA LEU G 703 52.17 -31.81 0.48
C LEU G 703 53.32 -31.03 -0.13
N LEU G 704 53.06 -30.37 -1.26
CA LEU G 704 54.06 -29.59 -1.97
C LEU G 704 54.61 -28.43 -1.14
N GLN G 705 53.78 -27.89 -0.26
CA GLN G 705 54.22 -26.78 0.57
C GLN G 705 55.05 -27.32 1.71
N ARG G 706 54.65 -28.49 2.22
CA ARG G 706 55.44 -29.16 3.24
C ARG G 706 56.85 -29.41 2.70
N ALA G 707 56.91 -30.09 1.57
CA ALA G 707 58.18 -30.45 0.94
C ALA G 707 58.92 -29.27 0.32
N GLY G 708 58.61 -28.05 0.75
CA GLY G 708 59.29 -26.87 0.23
C GLY G 708 60.48 -26.57 1.11
N ARG G 709 60.54 -27.29 2.22
CA ARG G 709 61.62 -27.17 3.18
C ARG G 709 62.82 -27.99 2.73
N CYS G 710 62.53 -29.16 2.14
CA CYS G 710 63.55 -30.04 1.60
C CYS G 710 64.46 -29.29 0.61
N TRP G 711 65.74 -29.20 0.93
CA TRP G 711 66.74 -28.61 0.05
C TRP G 711 66.41 -27.17 -0.33
N ARG G 712 65.94 -26.39 0.64
CA ARG G 712 65.53 -25.03 0.34
C ARG G 712 66.65 -24.10 -0.12
N HIS G 713 67.86 -24.30 0.37
CA HIS G 713 68.90 -23.33 0.11
C HIS G 713 70.10 -23.89 -0.65
N GLU G 714 69.89 -24.89 -1.50
CA GLU G 714 71.00 -25.47 -2.25
C GLU G 714 71.56 -24.44 -3.20
N HIS G 715 70.70 -23.54 -3.66
CA HIS G 715 71.10 -22.50 -4.59
C HIS G 715 72.21 -21.59 -4.03
N LEU G 716 72.25 -21.44 -2.72
CA LEU G 716 73.28 -20.63 -2.10
C LEU G 716 74.64 -21.31 -2.22
N GLY G 717 74.64 -22.65 -2.18
CA GLY G 717 75.87 -23.41 -2.17
C GLY G 717 76.66 -23.25 -0.88
N ILE G 718 75.94 -22.92 0.19
CA ILE G 718 76.56 -22.65 1.49
C ILE G 718 76.26 -23.78 2.47
N ILE G 719 75.71 -24.87 1.95
CA ILE G 719 75.31 -26.02 2.74
C ILE G 719 75.84 -27.29 2.08
N ASN G 720 76.51 -28.14 2.87
CA ASN G 720 77.14 -29.34 2.32
C ASN G 720 76.28 -30.56 2.56
N ARG G 721 75.94 -31.25 1.48
CA ARG G 721 75.10 -32.44 1.59
C ARG G 721 75.92 -33.65 2.04
N PRO G 722 75.29 -34.54 2.82
CA PRO G 722 75.92 -35.83 3.09
C PRO G 722 75.94 -36.67 1.81
N GLN G 723 76.72 -37.76 1.80
CA GLN G 723 76.90 -38.55 0.60
C GLN G 723 75.63 -39.30 0.18
N TRP G 724 74.76 -39.57 1.15
CA TRP G 724 73.47 -40.20 0.85
C TRP G 724 72.44 -39.24 0.25
N ALA G 725 72.50 -37.97 0.64
CA ALA G 725 71.61 -36.96 0.09
C ALA G 725 71.95 -36.72 -1.37
N LYS G 726 71.21 -37.36 -2.27
CA LYS G 726 71.53 -37.24 -3.69
C LYS G 726 70.70 -36.14 -4.33
N GLN G 727 69.39 -36.30 -4.36
CA GLN G 727 68.51 -35.25 -4.82
C GLN G 727 67.56 -34.88 -3.69
N PRO G 728 66.90 -33.72 -3.77
CA PRO G 728 65.84 -33.48 -2.79
C PRO G 728 64.69 -34.48 -2.96
N GLU G 729 64.49 -35.33 -1.96
CA GLU G 729 63.48 -36.38 -2.08
C GLU G 729 62.42 -36.29 -0.98
N LEU G 730 61.16 -36.54 -1.37
CA LEU G 730 60.04 -36.59 -0.44
C LEU G 730 59.50 -38.01 -0.28
N VAL G 731 59.25 -38.39 0.96
CA VAL G 731 58.76 -39.71 1.26
C VAL G 731 57.30 -39.64 1.75
N VAL G 732 56.42 -40.31 1.04
CA VAL G 732 55.00 -40.25 1.32
C VAL G 732 54.53 -41.53 2.00
N LEU G 733 54.09 -41.42 3.24
CA LEU G 733 53.65 -42.59 3.97
C LEU G 733 52.18 -42.86 3.74
N THR G 734 51.84 -44.10 3.44
CA THR G 734 50.48 -44.48 3.14
C THR G 734 50.20 -45.90 3.58
N PRO G 735 49.04 -46.12 4.18
CA PRO G 735 48.67 -47.44 4.67
C PRO G 735 48.64 -48.41 3.52
N GLU G 736 48.68 -49.69 3.83
CA GLU G 736 48.62 -50.67 2.78
C GLU G 736 47.21 -51.15 2.66
N GLN G 737 46.69 -51.09 1.45
CA GLN G 737 45.34 -51.51 1.21
C GLN G 737 45.32 -53.01 1.35
N ASN G 738 44.14 -53.55 1.66
CA ASN G 738 43.95 -54.98 1.67
C ASN G 738 43.43 -55.45 0.33
N ARG G 743 36.81 -51.46 -4.00
CA ARG G 743 38.15 -51.08 -4.45
C ARG G 743 38.32 -49.55 -4.47
N ALA G 744 38.70 -49.02 -3.31
CA ALA G 744 38.99 -47.60 -3.11
C ALA G 744 39.84 -47.46 -1.84
N PRO G 745 40.89 -46.60 -1.87
CA PRO G 745 41.98 -46.55 -0.87
C PRO G 745 41.52 -46.30 0.57
N TRP G 746 42.34 -46.61 1.57
CA TRP G 746 41.91 -46.41 2.96
C TRP G 746 42.95 -45.71 3.84
N PHE G 747 42.46 -44.84 4.74
CA PHE G 747 43.32 -44.03 5.61
C PHE G 747 42.79 -44.01 7.03
N PRO G 748 43.67 -43.81 8.02
CA PRO G 748 43.24 -43.89 9.43
C PRO G 748 42.14 -42.88 9.71
N ARG G 749 41.28 -43.13 10.69
CA ARG G 749 40.23 -42.19 11.04
C ARG G 749 40.85 -40.87 11.53
N SER G 750 42.05 -40.96 12.07
CA SER G 750 42.75 -39.79 12.60
C SER G 750 43.27 -38.84 11.53
N TRP G 751 43.46 -39.34 10.32
CA TRP G 751 43.80 -38.47 9.21
C TRP G 751 42.51 -37.93 8.66
N THR G 752 41.55 -38.84 8.49
CA THR G 752 40.28 -38.48 7.90
C THR G 752 39.50 -37.55 8.80
N SER G 753 40.01 -37.35 10.01
CA SER G 753 39.41 -36.38 10.92
C SER G 753 40.13 -35.02 10.88
N VAL G 754 41.07 -34.84 9.97
CA VAL G 754 41.60 -33.50 9.73
C VAL G 754 41.58 -33.14 8.25
N TYR G 755 41.70 -34.14 7.39
CA TYR G 755 41.53 -33.94 5.96
C TYR G 755 40.38 -34.78 5.44
N PRO G 756 39.64 -34.25 4.47
CA PRO G 756 38.60 -35.02 3.77
C PRO G 756 39.15 -36.33 3.20
N LEU G 757 38.61 -37.46 3.65
CA LEU G 757 38.96 -38.77 3.09
C LEU G 757 39.15 -38.72 1.59
N ALA G 758 38.14 -38.23 0.89
CA ALA G 758 38.19 -38.14 -0.57
C ALA G 758 39.41 -37.38 -1.08
N LEU G 759 39.83 -36.36 -0.33
CA LEU G 759 40.94 -35.53 -0.75
C LEU G 759 42.25 -36.29 -0.66
N LEU G 760 42.43 -37.02 0.45
CA LEU G 760 43.58 -37.88 0.62
C LEU G 760 43.63 -38.88 -0.53
N GLN G 761 42.52 -39.59 -0.73
CA GLN G 761 42.40 -40.55 -1.82
C GLN G 761 42.85 -40.01 -3.20
N ARG G 762 42.34 -38.84 -3.59
CA ARG G 762 42.63 -38.27 -4.91
C ARG G 762 44.08 -37.86 -5.07
N THR G 763 44.74 -37.61 -3.94
CA THR G 763 46.17 -37.32 -3.91
C THR G 763 46.96 -38.61 -4.06
N TYR G 764 46.62 -39.63 -3.27
CA TYR G 764 47.21 -40.97 -3.42
C TYR G 764 47.15 -41.42 -4.88
N THR G 765 45.94 -41.42 -5.44
CA THR G 765 45.72 -41.71 -6.86
C THR G 765 46.59 -40.85 -7.76
N LEU G 766 46.49 -39.54 -7.61
CA LEU G 766 47.27 -38.64 -8.46
C LEU G 766 48.76 -38.94 -8.43
N LEU G 767 49.28 -39.31 -7.27
CA LEU G 767 50.70 -39.53 -7.14
C LEU G 767 51.14 -40.89 -7.70
N ARG G 768 50.41 -41.94 -7.33
CA ARG G 768 50.53 -43.25 -7.96
C ARG G 768 50.57 -43.12 -9.48
N ARG G 769 49.74 -42.22 -10.01
CA ARG G 769 49.61 -41.96 -11.44
C ARG G 769 50.92 -41.60 -12.17
N ARG G 770 51.90 -41.09 -11.42
CA ARG G 770 53.15 -40.59 -12.01
C ARG G 770 54.27 -41.63 -11.99
N ASN G 771 54.04 -42.72 -11.26
CA ASN G 771 55.00 -43.82 -11.15
C ASN G 771 56.37 -43.41 -10.60
N GLY G 772 56.38 -42.79 -9.42
CA GLY G 772 57.63 -42.39 -8.80
C GLY G 772 58.44 -41.36 -9.58
N ALA G 773 57.81 -40.77 -10.60
CA ALA G 773 58.45 -39.71 -11.37
C ALA G 773 58.90 -38.57 -10.46
N PRO G 774 59.98 -37.89 -10.83
CA PRO G 774 60.37 -36.72 -10.04
C PRO G 774 59.44 -35.58 -10.38
N VAL G 775 59.23 -34.65 -9.46
CA VAL G 775 58.34 -33.55 -9.74
C VAL G 775 59.07 -32.23 -10.04
N GLN G 776 58.85 -31.74 -11.26
CA GLN G 776 59.58 -30.58 -11.76
C GLN G 776 59.05 -29.29 -11.12
N ILE G 777 59.96 -28.40 -10.74
CA ILE G 777 59.60 -27.25 -9.93
C ILE G 777 60.25 -25.96 -10.43
N PRO G 778 59.45 -24.91 -10.70
CA PRO G 778 57.99 -24.86 -10.59
C PRO G 778 57.28 -25.08 -11.92
N GLU G 779 57.26 -26.33 -12.38
CA GLU G 779 56.69 -26.64 -13.69
C GLU G 779 55.49 -27.55 -13.54
N ASP G 780 55.62 -28.56 -12.70
CA ASP G 780 54.54 -29.51 -12.51
C ASP G 780 53.64 -29.19 -11.31
N VAL G 781 54.01 -28.20 -10.50
CA VAL G 781 53.29 -27.91 -9.26
C VAL G 781 51.90 -27.28 -9.44
N GLN G 782 51.81 -26.26 -10.30
CA GLN G 782 50.52 -25.62 -10.55
C GLN G 782 49.50 -26.64 -11.01
N GLN G 783 49.87 -27.39 -12.03
CA GLN G 783 49.04 -28.46 -12.58
C GLN G 783 48.55 -29.48 -11.55
N LEU G 784 49.42 -29.83 -10.61
CA LEU G 784 49.08 -30.80 -9.59
C LEU G 784 48.04 -30.22 -8.65
N VAL G 785 48.24 -28.97 -8.25
CA VAL G 785 47.28 -28.27 -7.38
C VAL G 785 45.85 -28.32 -7.96
N ASP G 786 45.76 -28.22 -9.29
CA ASP G 786 44.47 -28.20 -9.99
C ASP G 786 43.87 -29.55 -10.22
N ASP G 787 44.63 -30.41 -10.90
CA ASP G 787 44.16 -31.74 -11.26
C ASP G 787 43.54 -32.47 -10.07
N VAL G 788 44.16 -32.34 -8.91
CA VAL G 788 43.72 -33.04 -7.70
C VAL G 788 42.24 -32.79 -7.43
N TYR G 789 41.76 -31.63 -7.87
CA TYR G 789 40.35 -31.29 -7.75
C TYR G 789 39.59 -31.55 -9.04
N ASP G 790 40.14 -31.09 -10.15
CA ASP G 790 39.44 -31.08 -11.44
C ASP G 790 39.33 -32.42 -12.15
N ASP G 791 40.08 -33.42 -11.71
CA ASP G 791 40.09 -34.70 -12.41
C ASP G 791 39.13 -35.72 -11.82
N ASP G 792 37.92 -35.75 -12.34
CA ASP G 792 36.84 -36.62 -11.85
C ASP G 792 37.27 -38.06 -11.63
N SER G 793 38.26 -38.48 -12.40
CA SER G 793 38.74 -39.84 -12.39
C SER G 793 39.70 -40.14 -11.25
N LEU G 794 40.07 -39.14 -10.47
CA LEU G 794 40.88 -39.43 -9.29
C LEU G 794 39.97 -39.88 -8.15
N ALA G 795 38.68 -39.59 -8.31
CA ALA G 795 37.68 -39.83 -7.27
C ALA G 795 37.03 -41.19 -7.39
N GLU G 796 37.68 -42.20 -6.84
CA GLU G 796 37.19 -43.56 -6.96
C GLU G 796 36.12 -43.97 -5.91
N ASP G 797 36.10 -43.28 -4.77
CA ASP G 797 35.04 -43.49 -3.77
C ASP G 797 34.02 -42.38 -3.93
N LEU G 798 33.08 -42.58 -4.87
CA LEU G 798 32.10 -41.55 -5.20
C LEU G 798 31.29 -41.07 -3.99
N GLU G 799 30.95 -41.97 -3.08
CA GLU G 799 30.25 -41.57 -1.86
C GLU G 799 31.08 -40.53 -1.10
N ALA G 800 32.31 -40.87 -0.76
CA ALA G 800 33.17 -40.01 0.06
C ALA G 800 33.55 -38.71 -0.64
N ASP G 801 33.38 -38.68 -1.95
CA ASP G 801 33.70 -37.48 -2.67
C ASP G 801 32.54 -36.50 -2.54
N MET G 802 31.32 -37.02 -2.62
CA MET G 802 30.14 -36.17 -2.48
C MET G 802 30.12 -35.54 -1.09
N GLU G 803 30.48 -36.33 -0.08
CA GLU G 803 30.47 -35.85 1.29
C GLU G 803 31.45 -34.71 1.44
N ARG G 804 32.57 -34.81 0.73
CA ARG G 804 33.59 -33.78 0.75
C ARG G 804 33.00 -32.49 0.23
N MET G 805 32.11 -32.62 -0.74
CA MET G 805 31.55 -31.47 -1.40
C MET G 805 30.51 -30.88 -0.50
N GLY G 806 29.84 -31.77 0.25
CA GLY G 806 28.85 -31.36 1.22
C GLY G 806 29.43 -30.48 2.29
N GLU G 807 30.47 -30.97 2.95
CA GLU G 807 31.20 -30.19 3.94
C GLU G 807 31.63 -28.81 3.43
N GLU G 808 32.12 -28.76 2.20
CA GLU G 808 32.58 -27.52 1.63
C GLU G 808 31.38 -26.61 1.44
N LEU G 809 30.34 -27.19 0.86
CA LEU G 809 29.04 -26.52 0.67
C LEU G 809 28.59 -25.89 2.00
N ALA G 810 28.66 -26.72 3.05
CA ALA G 810 28.31 -26.35 4.41
C ALA G 810 29.10 -25.12 4.85
N GLN G 811 30.42 -25.23 4.78
CA GLN G 811 31.26 -24.12 5.16
C GLN G 811 30.88 -22.84 4.45
N ARG G 812 30.82 -22.89 3.13
CA ARG G 812 30.50 -21.67 2.39
C ARG G 812 29.13 -21.12 2.77
N GLY G 813 28.23 -22.01 3.18
CA GLY G 813 26.89 -21.60 3.54
C GLY G 813 26.85 -20.82 4.84
N LEU G 814 27.60 -21.32 5.83
CA LEU G 814 27.69 -20.72 7.16
C LEU G 814 28.21 -19.29 7.07
N ALA G 815 29.14 -19.09 6.14
CA ALA G 815 29.75 -17.80 5.88
C ALA G 815 28.79 -16.85 5.18
N ARG G 816 28.04 -17.36 4.21
CA ARG G 816 27.05 -16.55 3.55
C ARG G 816 26.12 -15.95 4.60
N ASN G 817 25.83 -16.71 5.64
CA ASN G 817 24.95 -16.18 6.68
C ASN G 817 25.66 -15.29 7.70
N ALA G 818 26.98 -15.20 7.61
CA ALA G 818 27.73 -14.33 8.51
C ALA G 818 27.99 -12.96 7.88
N VAL G 819 27.95 -12.86 6.56
CA VAL G 819 28.43 -11.66 5.88
C VAL G 819 27.36 -10.63 5.60
N ILE G 820 27.83 -9.40 5.44
CA ILE G 820 26.97 -8.27 5.20
C ILE G 820 26.43 -8.42 3.79
N PRO G 821 25.37 -7.67 3.45
CA PRO G 821 24.84 -7.68 2.08
C PRO G 821 25.87 -7.32 1.00
N ASP G 822 25.76 -7.92 -0.20
CA ASP G 822 26.47 -7.40 -1.37
C ASP G 822 26.10 -5.92 -1.58
N PRO G 823 27.04 -5.11 -2.11
CA PRO G 823 26.82 -3.66 -2.19
C PRO G 823 25.54 -3.29 -2.96
N ASP G 824 25.14 -4.09 -3.95
CA ASP G 824 23.90 -3.82 -4.70
C ASP G 824 22.59 -4.04 -3.90
N ASP G 825 22.62 -4.92 -2.90
CA ASP G 825 21.49 -5.03 -1.97
C ASP G 825 21.58 -4.07 -0.78
N ALA G 826 22.67 -3.31 -0.67
CA ALA G 826 22.79 -2.38 0.44
C ALA G 826 22.73 -0.96 -0.06
N GLU G 827 22.39 -0.83 -1.34
CA GLU G 827 22.27 0.45 -2.05
C GLU G 827 21.54 1.57 -1.29
N ASP G 828 20.37 1.27 -0.76
CA ASP G 828 19.60 2.28 -0.07
C ASP G 828 19.10 1.86 1.29
N ASN G 829 19.65 0.75 1.79
CA ASN G 829 19.33 0.29 3.14
C ASN G 829 20.62 -0.17 3.79
N LEU G 830 20.90 0.34 4.98
CA LEU G 830 22.13 -0.04 5.67
C LEU G 830 21.83 -1.04 6.76
N ASN G 831 20.55 -1.33 6.93
CA ASN G 831 20.09 -2.14 8.04
C ASN G 831 20.65 -3.55 7.99
N GLY G 832 20.85 -4.08 6.78
CA GLY G 832 21.29 -5.44 6.64
C GLY G 832 22.73 -5.64 7.10
N LEU G 833 23.45 -4.53 7.18
CA LEU G 833 24.84 -4.50 7.57
C LEU G 833 25.06 -4.94 9.01
N THR G 834 24.13 -4.57 9.89
CA THR G 834 24.25 -4.88 11.31
C THR G 834 23.01 -5.58 11.81
N GLU G 835 22.64 -6.67 11.18
CA GLU G 835 21.42 -7.39 11.55
C GLU G 835 21.73 -8.83 11.95
N PHE G 836 21.27 -9.24 13.13
CA PHE G 836 21.30 -10.65 13.50
C PHE G 836 20.21 -11.04 14.50
N SER G 837 20.21 -12.31 14.93
CA SER G 837 19.31 -12.81 15.98
C SER G 837 19.60 -14.25 16.40
N VAL G 844 28.63 -14.09 18.99
CA VAL G 844 29.65 -13.38 18.20
C VAL G 844 30.07 -14.17 16.95
N LEU G 845 30.02 -13.51 15.79
CA LEU G 845 30.32 -14.15 14.51
C LEU G 845 31.83 -14.29 14.24
N ALA G 846 32.22 -15.42 13.69
CA ALA G 846 33.63 -15.79 13.60
C ALA G 846 34.26 -15.56 12.23
N THR G 847 35.56 -15.29 12.24
CA THR G 847 36.30 -15.05 11.02
C THR G 847 36.89 -16.35 10.49
N ARG G 848 36.66 -17.44 11.22
CA ARG G 848 37.21 -18.75 10.88
C ARG G 848 36.20 -19.82 11.20
N PHE G 849 36.21 -20.88 10.41
CA PHE G 849 35.26 -21.96 10.57
C PHE G 849 35.73 -22.97 11.62
N GLY G 850 34.80 -23.67 12.24
CA GLY G 850 35.18 -24.73 13.16
C GLY G 850 34.91 -24.51 14.63
N ALA G 851 35.30 -25.50 15.42
CA ALA G 851 35.02 -25.51 16.84
C ALA G 851 35.74 -24.37 17.54
N GLY G 852 36.92 -24.04 17.07
CA GLY G 852 37.72 -23.04 17.76
C GLY G 852 38.84 -23.64 18.58
N SER G 853 39.48 -22.80 19.38
CA SER G 853 40.55 -23.20 20.29
C SER G 853 40.38 -22.40 21.57
N VAL G 854 41.00 -22.86 22.65
CA VAL G 854 41.08 -22.05 23.87
C VAL G 854 42.48 -22.09 24.48
N ARG G 855 42.85 -20.99 25.13
CA ARG G 855 44.12 -20.88 25.82
C ARG G 855 43.99 -21.52 27.20
N VAL G 856 44.65 -22.66 27.42
CA VAL G 856 44.61 -23.25 28.75
C VAL G 856 45.91 -23.01 29.53
N LEU G 857 45.79 -22.85 30.85
CA LEU G 857 46.94 -22.68 31.72
C LEU G 857 46.99 -23.83 32.71
N CYS G 858 48.08 -24.59 32.71
CA CYS G 858 48.28 -25.64 33.71
C CYS G 858 48.77 -25.07 35.04
N TYR G 859 48.09 -25.43 36.12
CA TYR G 859 48.60 -25.17 37.46
C TYR G 859 48.83 -26.45 38.27
N TYR G 860 49.67 -26.36 39.30
CA TYR G 860 50.13 -27.53 40.04
C TYR G 860 49.64 -27.54 41.48
N VAL G 861 49.24 -28.73 41.95
CA VAL G 861 48.63 -28.87 43.27
C VAL G 861 49.11 -30.17 43.92
N ALA G 864 50.16 -32.56 47.07
CA ALA G 864 50.05 -32.52 48.53
C ALA G 864 49.99 -31.08 49.04
N GLY G 865 50.50 -30.14 48.25
CA GLY G 865 50.44 -28.74 48.61
C GLY G 865 49.80 -28.00 47.47
N ASN G 866 49.13 -26.88 47.75
CA ASN G 866 48.47 -26.13 46.69
C ASN G 866 48.74 -24.62 46.76
N ARG G 867 48.68 -23.92 45.63
CA ARG G 867 48.76 -24.49 44.27
C ARG G 867 49.84 -23.67 43.57
N TRP G 868 50.49 -24.22 42.54
CA TRP G 868 51.73 -23.60 42.05
C TRP G 868 51.94 -23.61 40.52
N LEU G 869 52.73 -22.68 39.99
CA LEU G 869 52.77 -22.41 38.54
C LEU G 869 53.83 -23.21 37.80
N ASP G 870 54.48 -24.11 38.50
CA ASP G 870 55.59 -24.86 37.93
C ASP G 870 55.63 -26.27 38.56
N PRO G 871 56.28 -27.24 37.88
CA PRO G 871 56.52 -28.56 38.49
C PRO G 871 57.12 -28.52 39.91
N GLU G 872 57.90 -27.50 40.21
CA GLU G 872 58.66 -27.47 41.46
C GLU G 872 58.00 -26.80 42.67
N CYS G 873 56.75 -26.37 42.51
CA CYS G 873 55.99 -25.61 43.53
C CYS G 873 56.67 -24.45 44.24
N THR G 874 57.66 -23.85 43.59
CA THR G 874 58.40 -22.72 44.12
C THR G 874 57.69 -21.42 43.80
N VAL G 875 57.04 -21.38 42.64
CA VAL G 875 56.36 -20.16 42.19
C VAL G 875 54.89 -20.09 42.62
N GLU G 876 54.57 -19.12 43.46
CA GLU G 876 53.23 -19.02 44.07
C GLU G 876 52.14 -18.87 43.04
N PHE G 877 50.92 -19.25 43.40
CA PHE G 877 49.80 -19.05 42.52
C PHE G 877 49.14 -17.72 42.83
N PRO G 878 49.31 -16.74 41.94
CA PRO G 878 48.81 -15.39 42.16
C PRO G 878 47.29 -15.32 42.14
N GLU G 879 46.66 -15.20 43.31
CA GLU G 879 45.25 -14.85 43.36
C GLU G 879 45.15 -13.35 43.14
N GLN G 880 46.28 -12.66 43.27
CA GLN G 880 46.36 -11.21 43.06
C GLN G 880 47.63 -10.85 42.30
N GLY G 881 47.64 -9.66 41.72
CA GLY G 881 48.78 -9.20 40.93
C GLY G 881 49.65 -8.15 41.60
N THR G 882 50.87 -8.02 41.08
CA THR G 882 51.82 -7.05 41.61
C THR G 882 51.42 -5.66 41.18
N GLY G 883 50.44 -5.08 41.85
CA GLY G 883 50.01 -3.74 41.53
C GLY G 883 49.24 -3.10 42.67
N ARG G 884 49.13 -1.77 42.62
CA ARG G 884 48.31 -1.01 43.56
C ARG G 884 46.90 -1.59 43.60
N GLU G 885 46.42 -1.88 44.81
CA GLU G 885 45.15 -2.58 45.01
C GLU G 885 45.15 -4.00 44.42
N GLY G 886 46.32 -4.62 44.42
CA GLY G 886 46.48 -6.02 44.05
C GLY G 886 46.03 -6.47 42.67
N ARG G 887 45.90 -5.53 41.73
CA ARG G 887 45.45 -5.84 40.36
C ARG G 887 46.58 -6.35 39.46
N PHE G 888 46.24 -6.87 38.28
CA PHE G 888 47.24 -7.37 37.34
C PHE G 888 47.70 -6.29 36.37
N THR G 889 48.98 -5.96 36.43
CA THR G 889 49.56 -5.07 35.45
C THR G 889 49.61 -5.83 34.12
N MET G 890 49.89 -5.13 33.03
CA MET G 890 49.95 -5.78 31.73
C MET G 890 51.24 -6.59 31.61
N ALA G 891 52.13 -6.39 32.58
CA ALA G 891 53.38 -7.12 32.63
C ALA G 891 53.18 -8.46 33.36
N ASP G 892 52.16 -8.48 34.22
CA ASP G 892 51.67 -9.72 34.84
C ASP G 892 51.02 -10.63 33.80
N CYS G 893 49.98 -10.10 33.15
CA CYS G 893 49.25 -10.80 32.10
C CYS G 893 50.23 -11.39 31.10
N ARG G 894 51.18 -10.57 30.66
CA ARG G 894 52.14 -11.03 29.67
C ARG G 894 52.93 -12.24 30.17
N ASP G 895 53.27 -12.23 31.47
CA ASP G 895 53.97 -13.34 32.10
C ASP G 895 53.13 -14.60 32.08
N LEU G 896 51.90 -14.48 32.58
CA LEU G 896 50.97 -15.59 32.61
C LEU G 896 50.71 -16.17 31.23
N VAL G 897 50.27 -15.31 30.31
CA VAL G 897 49.95 -15.77 28.97
C VAL G 897 51.11 -16.47 28.29
N ALA G 898 52.34 -16.13 28.66
CA ALA G 898 53.50 -16.76 28.02
C ALA G 898 53.50 -18.25 28.31
N ARG G 899 52.78 -18.62 29.35
CA ARG G 899 52.71 -19.99 29.84
C ARG G 899 51.52 -20.75 29.26
N THR G 900 50.50 -20.01 28.85
CA THR G 900 49.30 -20.65 28.33
C THR G 900 49.60 -21.43 27.06
N ILE G 901 48.66 -22.27 26.71
CA ILE G 901 48.84 -23.22 25.64
C ILE G 901 47.47 -23.44 25.04
N PRO G 902 47.38 -23.43 23.70
CA PRO G 902 46.12 -23.47 22.98
C PRO G 902 45.65 -24.87 22.61
N VAL G 903 44.49 -25.24 23.13
CA VAL G 903 43.92 -26.56 22.91
C VAL G 903 42.64 -26.44 22.13
N ARG G 904 42.45 -27.34 21.18
CA ARG G 904 41.23 -27.31 20.39
C ARG G 904 40.03 -27.52 21.27
N MET G 905 38.98 -26.77 20.99
CA MET G 905 37.73 -26.88 21.72
C MET G 905 37.08 -28.21 21.40
N GLY G 906 36.60 -28.89 22.44
CA GLY G 906 35.98 -30.19 22.27
C GLY G 906 34.89 -30.46 23.30
N PRO G 907 34.50 -31.73 23.43
CA PRO G 907 33.46 -32.17 24.36
C PRO G 907 33.76 -31.77 25.80
N TRP G 908 35.07 -31.71 26.08
CA TRP G 908 35.60 -31.53 27.43
C TRP G 908 35.39 -30.14 27.99
N ALA G 909 35.05 -29.21 27.11
CA ALA G 909 34.81 -27.83 27.50
C ALA G 909 33.46 -27.74 28.20
N SER G 910 32.60 -28.69 27.88
CA SER G 910 31.24 -28.78 28.41
C SER G 910 31.22 -29.53 29.75
N GLN G 911 32.37 -30.08 30.14
CA GLN G 911 32.48 -30.90 31.33
C GLN G 911 33.42 -30.26 32.35
N LEU G 912 33.37 -28.93 32.46
CA LEU G 912 34.30 -28.20 33.30
C LEU G 912 33.77 -27.97 34.70
N THR G 913 34.69 -27.89 35.66
CA THR G 913 34.33 -27.65 37.05
C THR G 913 35.00 -26.37 37.54
N GLU G 914 34.76 -26.03 38.80
CA GLU G 914 35.30 -24.82 39.41
C GLU G 914 36.83 -24.79 39.41
N ASP G 915 37.45 -25.97 39.55
CA ASP G 915 38.90 -26.05 39.57
C ASP G 915 39.51 -25.56 38.25
N ASN G 916 38.70 -25.54 37.20
CA ASN G 916 39.14 -25.08 35.88
C ASN G 916 38.77 -23.62 35.65
N HIS G 917 37.91 -23.10 36.52
CA HIS G 917 37.59 -21.70 36.52
C HIS G 917 38.60 -20.91 37.33
N PRO G 918 38.90 -19.68 36.88
CA PRO G 918 39.89 -18.79 37.48
C PRO G 918 39.34 -17.99 38.66
N PRO G 919 40.22 -17.49 39.54
CA PRO G 919 39.91 -16.79 40.79
C PRO G 919 39.17 -15.47 40.62
N GLU G 920 39.05 -14.71 41.71
CA GLU G 920 38.33 -13.44 41.73
C GLU G 920 38.99 -12.28 40.97
N ALA G 921 40.29 -12.10 41.19
CA ALA G 921 40.97 -10.97 40.56
C ALA G 921 41.12 -11.18 39.07
N TRP G 922 40.86 -12.39 38.61
CA TRP G 922 41.08 -12.75 37.21
C TRP G 922 39.92 -12.38 36.29
N ARG G 923 38.72 -12.28 36.85
CA ARG G 923 37.55 -11.95 36.05
C ARG G 923 37.54 -10.47 35.67
N GLU G 924 38.43 -9.71 36.28
CA GLU G 924 38.54 -8.29 35.97
C GLU G 924 39.41 -8.13 34.75
N SER G 925 40.56 -8.79 34.75
CA SER G 925 41.52 -8.70 33.64
C SER G 925 40.88 -9.12 32.34
N PHE G 926 41.18 -8.38 31.28
CA PHE G 926 40.62 -8.70 30.00
C PHE G 926 41.18 -10.03 29.51
N TYR G 927 42.48 -10.21 29.66
CA TYR G 927 43.18 -11.37 29.11
C TYR G 927 42.97 -12.65 29.90
N LEU G 928 42.94 -12.51 31.22
CA LEU G 928 42.86 -13.64 32.13
C LEU G 928 41.43 -14.15 32.31
N ARG G 929 40.47 -13.28 32.04
CA ARG G 929 39.06 -13.60 32.15
C ARG G 929 38.67 -14.91 31.47
N ASP G 930 39.07 -15.09 30.21
CA ASP G 930 38.63 -16.25 29.42
C ASP G 930 39.54 -17.48 29.47
N LEU G 931 40.27 -17.64 30.57
CA LEU G 931 41.25 -18.72 30.66
C LEU G 931 40.70 -20.04 31.19
N VAL G 932 41.27 -21.12 30.70
CA VAL G 932 40.90 -22.45 31.15
C VAL G 932 42.09 -23.04 31.90
N LEU G 933 41.88 -23.45 33.16
CA LEU G 933 42.96 -23.89 34.07
C LEU G 933 43.00 -25.41 34.20
N ILE G 934 44.18 -26.01 34.01
CA ILE G 934 44.31 -27.46 34.07
C ILE G 934 45.22 -27.94 35.18
N PRO G 935 44.64 -28.62 36.20
CA PRO G 935 45.48 -29.15 37.27
C PRO G 935 46.39 -30.30 36.84
N GLN G 936 47.61 -30.26 37.36
CA GLN G 936 48.50 -31.40 37.35
C GLN G 936 48.87 -31.63 38.82
N ARG G 937 48.31 -32.67 39.42
CA ARG G 937 48.57 -32.93 40.84
C ARG G 937 50.05 -33.26 41.07
N VAL G 938 50.49 -33.01 42.30
CA VAL G 938 51.86 -33.30 42.68
C VAL G 938 51.92 -33.76 44.15
N THR G 939 52.72 -34.79 44.39
CA THR G 939 52.81 -35.43 45.69
C THR G 939 53.68 -34.61 46.65
N ASP G 940 53.75 -35.05 47.90
CA ASP G 940 54.67 -34.43 48.86
C ASP G 940 56.11 -34.69 48.41
N GLU G 941 56.36 -35.84 47.78
CA GLU G 941 57.66 -36.10 47.14
C GLU G 941 57.82 -35.19 45.94
N GLY G 942 56.79 -35.13 45.11
CA GLY G 942 56.80 -34.26 43.95
C GLY G 942 56.68 -34.97 42.62
N ALA G 943 55.65 -35.79 42.48
CA ALA G 943 55.47 -36.58 41.28
C ALA G 943 54.67 -35.84 40.17
N VAL G 944 55.08 -36.05 38.91
CA VAL G 944 54.39 -35.48 37.74
C VAL G 944 53.42 -36.47 37.11
N LEU G 945 52.13 -36.29 37.35
CA LEU G 945 51.14 -37.28 36.91
C LEU G 945 49.97 -36.76 36.05
N PRO G 946 49.58 -37.53 35.02
CA PRO G 946 48.32 -37.27 34.33
C PRO G 946 47.21 -37.03 35.37
N THR G 947 46.38 -36.02 35.12
CA THR G 947 45.30 -35.65 36.04
C THR G 947 44.01 -35.34 35.27
N GLU G 948 42.87 -35.73 35.83
CA GLU G 948 41.58 -35.68 35.12
C GLU G 948 40.90 -34.33 35.19
N THR G 949 40.41 -33.91 34.02
CA THR G 949 39.74 -32.63 33.87
C THR G 949 38.76 -32.71 32.71
N GLY G 950 37.47 -32.65 33.02
CA GLY G 950 36.44 -32.79 32.02
C GLY G 950 36.48 -34.14 31.32
N GLY G 951 36.48 -35.21 32.11
CA GLY G 951 36.37 -36.55 31.54
C GLY G 951 37.55 -37.02 30.73
N ARG G 952 38.70 -36.38 30.91
CA ARG G 952 39.94 -36.87 30.32
C ARG G 952 41.11 -36.51 31.21
N GLU G 953 42.26 -37.14 30.96
CA GLU G 953 43.41 -36.97 31.84
C GLU G 953 44.56 -36.21 31.16
N TRP G 954 44.98 -35.12 31.78
CA TRP G 954 45.87 -34.16 31.15
C TRP G 954 47.28 -34.19 31.70
N LEU G 955 48.27 -34.33 30.84
CA LEU G 955 49.66 -34.33 31.32
C LEU G 955 50.61 -33.39 30.58
N LEU G 956 51.25 -32.48 31.30
CA LEU G 956 52.24 -31.59 30.66
C LEU G 956 53.65 -32.15 30.68
N ASP G 957 53.99 -32.97 29.71
CA ASP G 957 55.33 -33.51 29.61
C ASP G 957 56.28 -32.40 29.24
N PRO G 958 57.20 -32.04 30.16
CA PRO G 958 58.12 -30.92 29.94
C PRO G 958 58.95 -31.03 28.65
N CYS G 959 58.97 -32.20 28.03
CA CYS G 959 59.73 -32.40 26.79
C CYS G 959 58.83 -32.67 25.58
N LYS G 960 57.59 -33.13 25.84
CA LYS G 960 56.67 -33.55 24.77
C LYS G 960 55.36 -32.74 24.66
N GLY G 961 55.21 -31.70 25.47
CA GLY G 961 54.04 -30.86 25.38
C GLY G 961 52.87 -31.38 26.19
N LEU G 962 51.69 -31.42 25.57
CA LEU G 962 50.49 -31.83 26.29
C LEU G 962 49.98 -33.17 25.81
N ILE G 963 49.34 -33.90 26.71
CA ILE G 963 48.69 -35.14 26.34
C ILE G 963 47.41 -35.31 27.13
N PHE G 964 46.40 -35.85 26.43
CA PHE G 964 45.08 -36.08 26.99
C PHE G 964 44.26 -36.93 26.04
#